data_5PZY
#
_entry.id   5PZY
#
_cell.length_a   66.214
_cell.length_b   283.778
_cell.length_c   83.368
_cell.angle_alpha   90.000
_cell.angle_beta   97.310
_cell.angle_gamma   90.000
#
_symmetry.space_group_name_H-M   'P 1 21 1'
#
loop_
_entity.id
_entity.type
_entity.pdbx_description
1 polymer 'Fructose-1,6-bisphosphatase 1'
2 non-polymer N-[(5-bromo-1,3-thiazol-2-yl)carbamoyl]-2-chlorobenzene-1-sulfonamide
3 water water
#
_entity_poly.entity_id   1
_entity_poly.type   'polypeptide(L)'
_entity_poly.pdbx_seq_one_letter_code
;MADQAPFDTDVNTLTRFVMEEGRKARGTGELTQLLNSLCTAVKAISSAVRKAGIAHLYGIAGSTNVTGDQVKKLDVLSND
LVMNMLKSSFATCVLVSEEDKHAIIVEPEKRGKYVVCFDPLDGSSNIDCLVSVGTIFGIYRKKSTDEPSEKDALQPGRNL
VAAGYALYGSATMLVLAMDCGVNCFMLDPAIGEFILVDKDVKIKKKGKIYSLNEGYAKDFDPAVTEYIQRKKFPPDNSAP
YGARYVGSMVADVHRTLVYGGIFLYPANKKSPNGKLRLLYECNPMAYVMEKAGGMATTGKEAVLDVIPTDIHQRAPVILG
SPDDVLEFLKVYEKHSAQ
;
_entity_poly.pdbx_strand_id   A,B,C,D,E,F,G,H
#
loop_
_chem_comp.id
_chem_comp.type
_chem_comp.name
_chem_comp.formula
94V non-polymer N-[(5-bromo-1,3-thiazol-2-yl)carbamoyl]-2-chlorobenzene-1-sulfonamide 'C10 H7 Br Cl N3 O3 S2'
#
# COMPACT_ATOMS: atom_id res chain seq x y z
N ASP A 10 -18.46 -6.61 49.22
CA ASP A 10 -19.59 -5.79 48.83
C ASP A 10 -19.40 -5.13 47.46
N VAL A 11 -20.43 -5.17 46.61
CA VAL A 11 -20.35 -4.52 45.32
C VAL A 11 -20.08 -3.04 45.49
N ASN A 12 -19.34 -2.47 44.53
CA ASN A 12 -19.03 -1.05 44.51
C ASN A 12 -19.18 -0.53 43.09
N THR A 13 -19.64 0.72 42.98
CA THR A 13 -19.75 1.40 41.70
C THR A 13 -18.90 2.66 41.70
N LEU A 14 -18.65 3.18 40.49
CA LEU A 14 -17.79 4.36 40.36
C LEU A 14 -18.33 5.50 41.20
N THR A 15 -19.62 5.79 41.08
CA THR A 15 -20.18 6.92 41.82
C THR A 15 -20.05 6.70 43.32
N ARG A 16 -20.36 5.48 43.77
CA ARG A 16 -20.24 5.15 45.19
C ARG A 16 -18.79 5.19 45.66
N PHE A 17 -17.86 4.66 44.84
CA PHE A 17 -16.44 4.67 45.21
C PHE A 17 -15.94 6.10 45.40
N VAL A 18 -16.25 6.99 44.45
CA VAL A 18 -15.74 8.35 44.51
C VAL A 18 -16.37 9.11 45.69
N MET A 19 -17.67 8.93 45.94
CA MET A 19 -18.33 9.60 47.07
C MET A 19 -17.72 9.18 48.40
N GLU A 20 -17.42 7.88 48.53
CA GLU A 20 -16.83 7.38 49.76
C GLU A 20 -15.47 8.01 50.01
N GLU A 21 -14.63 8.04 48.97
CA GLU A 21 -13.33 8.69 49.09
C GLU A 21 -13.49 10.18 49.34
N GLY A 22 -14.50 10.79 48.71
CA GLY A 22 -14.72 12.21 48.92
C GLY A 22 -15.13 12.49 50.34
N ARG A 23 -16.06 11.69 50.87
CA ARG A 23 -16.47 11.83 52.26
C ARG A 23 -15.33 11.55 53.21
N LYS A 24 -14.51 10.53 52.90
CA LYS A 24 -13.38 10.20 53.74
C LYS A 24 -12.40 11.36 53.84
N ALA A 25 -12.21 12.11 52.74
CA ALA A 25 -11.31 13.27 52.73
C ALA A 25 -12.01 14.59 53.08
N ARG A 26 -13.30 14.59 53.35
CA ARG A 26 -14.00 15.83 53.70
C ARG A 26 -13.87 16.91 52.62
N GLY A 27 -13.87 16.50 51.33
CA GLY A 27 -13.87 17.48 50.26
C GLY A 27 -15.23 18.12 50.06
N THR A 28 -15.26 19.14 49.20
CA THR A 28 -16.48 19.90 48.92
C THR A 28 -17.46 19.15 48.00
N GLY A 29 -16.99 18.17 47.24
CA GLY A 29 -17.86 17.50 46.29
C GLY A 29 -17.68 17.89 44.84
N GLU A 30 -16.92 18.95 44.52
CA GLU A 30 -16.78 19.36 43.12
C GLU A 30 -16.12 18.28 42.27
N LEU A 31 -15.08 17.63 42.79
CA LEU A 31 -14.41 16.60 42.01
C LEU A 31 -15.33 15.41 41.76
N THR A 32 -16.10 15.00 42.75
CA THR A 32 -17.10 13.95 42.53
C THR A 32 -18.14 14.39 41.50
N GLN A 33 -18.58 15.65 41.56
CA GLN A 33 -19.51 16.11 40.55
C GLN A 33 -18.87 16.12 39.18
N LEU A 34 -17.58 16.45 39.13
CA LEU A 34 -16.83 16.37 37.88
C LEU A 34 -16.77 14.94 37.36
N LEU A 35 -16.31 14.01 38.20
CA LEU A 35 -16.13 12.64 37.75
C LEU A 35 -17.46 11.99 37.40
N ASN A 36 -18.53 12.32 38.14
CA ASN A 36 -19.83 11.77 37.80
C ASN A 36 -20.31 12.30 36.44
N SER A 37 -20.10 13.59 36.17
CA SER A 37 -20.45 14.15 34.87
C SER A 37 -19.64 13.50 33.75
N LEU A 38 -18.35 13.28 33.98
CA LEU A 38 -17.52 12.57 33.00
C LEU A 38 -17.99 11.14 32.79
N CYS A 39 -18.34 10.46 33.87
CA CYS A 39 -18.84 9.10 33.78
C CYS A 39 -20.06 9.02 32.89
N THR A 40 -20.95 10.01 32.98
CA THR A 40 -22.12 10.05 32.12
C THR A 40 -21.73 10.20 30.65
N ALA A 41 -20.79 11.11 30.36
CA ALA A 41 -20.35 11.29 28.98
C ALA A 41 -19.77 10.00 28.42
N VAL A 42 -19.01 9.29 29.24
CA VAL A 42 -18.38 8.05 28.81
C VAL A 42 -19.43 6.99 28.48
N LYS A 43 -20.50 6.92 29.29
CA LYS A 43 -21.55 5.96 28.96
C LYS A 43 -22.26 6.33 27.67
N ALA A 44 -22.43 7.64 27.41
CA ALA A 44 -23.03 8.07 26.16
C ALA A 44 -22.08 7.86 24.98
N ILE A 45 -20.78 8.06 25.17
CA ILE A 45 -19.85 7.74 24.08
C ILE A 45 -19.89 6.25 23.77
N SER A 46 -19.86 5.42 24.81
CA SER A 46 -19.90 3.98 24.63
C SER A 46 -21.11 3.55 23.79
N SER A 47 -22.29 4.07 24.12
CA SER A 47 -23.52 3.70 23.43
C SER A 47 -23.44 4.05 21.96
N ALA A 48 -22.87 5.23 21.66
CA ALA A 48 -22.67 5.65 20.29
C ALA A 48 -21.57 4.85 19.61
N VAL A 49 -20.48 4.57 20.31
CA VAL A 49 -19.39 3.80 19.71
C VAL A 49 -19.88 2.42 19.32
N ARG A 50 -20.75 1.82 20.16
CA ARG A 50 -21.33 0.53 19.83
C ARG A 50 -22.44 0.61 18.78
N LYS A 51 -22.73 1.80 18.24
CA LYS A 51 -23.64 1.97 17.10
C LYS A 51 -25.09 1.73 17.47
N ALA A 52 -25.48 2.01 18.71
CA ALA A 52 -26.89 1.98 19.07
C ALA A 52 -27.66 3.01 18.23
N GLY A 53 -28.77 2.58 17.64
CA GLY A 53 -29.55 3.45 16.77
C GLY A 53 -29.05 3.58 15.34
N ILE A 54 -27.99 2.89 14.95
CA ILE A 54 -27.46 3.00 13.58
C ILE A 54 -28.49 2.59 12.53
N ALA A 55 -29.43 1.72 12.91
CA ALA A 55 -30.50 1.37 11.99
C ALA A 55 -31.22 2.62 11.50
N HIS A 56 -31.28 3.65 12.34
CA HIS A 56 -31.94 4.86 11.89
C HIS A 56 -31.11 5.59 10.84
N LEU A 57 -29.78 5.49 10.90
CA LEU A 57 -28.98 6.10 9.84
C LEU A 57 -29.16 5.39 8.51
N TYR A 58 -29.50 4.11 8.52
CA TYR A 58 -29.60 3.35 7.30
C TYR A 58 -31.04 3.18 6.84
N GLY A 59 -31.95 4.04 7.30
CA GLY A 59 -33.27 4.15 6.70
C GLY A 59 -34.34 3.22 7.21
N ILE A 60 -34.24 2.77 8.48
CA ILE A 60 -35.24 1.84 8.99
C ILE A 60 -36.61 2.51 9.08
N ALA A 61 -36.67 3.83 9.24
CA ALA A 61 -37.94 4.56 9.27
C ALA A 61 -38.14 5.38 7.99
N GLY A 62 -37.44 5.03 6.92
CA GLY A 62 -37.46 5.81 5.70
C GLY A 62 -36.38 6.88 5.70
N VAL A 71 -26.58 11.56 13.52
CA VAL A 71 -26.15 11.60 12.13
C VAL A 71 -24.68 12.07 12.05
N LYS A 72 -24.15 12.52 13.19
CA LYS A 72 -22.90 13.24 13.32
C LYS A 72 -21.70 12.29 13.41
N LYS A 73 -20.51 12.80 13.10
CA LYS A 73 -19.29 12.04 13.31
C LYS A 73 -19.05 11.78 14.80
N LEU A 74 -18.47 10.61 15.11
CA LEU A 74 -18.35 10.14 16.48
C LEU A 74 -17.41 11.03 17.29
N ASP A 75 -16.25 11.37 16.74
CA ASP A 75 -15.31 12.18 17.51
C ASP A 75 -15.83 13.60 17.71
N VAL A 76 -16.64 14.11 16.78
CA VAL A 76 -17.35 15.37 17.04
C VAL A 76 -18.37 15.18 18.15
N LEU A 77 -19.14 14.08 18.09
CA LEU A 77 -20.14 13.82 19.13
C LEU A 77 -19.48 13.58 20.48
N SER A 78 -18.39 12.80 20.52
CA SER A 78 -17.67 12.55 21.76
C SER A 78 -17.20 13.86 22.39
N ASN A 79 -16.59 14.72 21.57
CA ASN A 79 -16.17 16.03 22.08
C ASN A 79 -17.35 16.81 22.63
N ASP A 80 -18.48 16.82 21.92
CA ASP A 80 -19.65 17.55 22.39
C ASP A 80 -20.18 16.97 23.71
N LEU A 81 -20.15 15.65 23.87
CA LEU A 81 -20.63 15.03 25.10
C LEU A 81 -19.76 15.42 26.30
N VAL A 82 -18.44 15.25 26.18
CA VAL A 82 -17.54 15.57 27.28
C VAL A 82 -17.59 17.06 27.61
N MET A 83 -17.46 17.90 26.58
CA MET A 83 -17.54 19.35 26.79
C MET A 83 -18.81 19.73 27.50
N ASN A 84 -19.94 19.25 27.01
CA ASN A 84 -21.21 19.72 27.55
C ASN A 84 -21.42 19.18 28.97
N MET A 85 -21.03 17.93 29.22
CA MET A 85 -21.21 17.40 30.58
C MET A 85 -20.27 18.11 31.57
N LEU A 86 -19.03 18.37 31.18
CA LEU A 86 -18.08 19.04 32.07
C LEU A 86 -18.50 20.48 32.33
N LYS A 87 -18.88 21.23 31.30
CA LYS A 87 -19.34 22.60 31.50
C LYS A 87 -20.47 22.65 32.53
N SER A 88 -21.50 21.82 32.32
CA SER A 88 -22.68 21.82 33.17
C SER A 88 -22.43 21.17 34.53
N SER A 89 -21.22 20.67 34.78
CA SER A 89 -20.92 20.07 36.07
C SER A 89 -20.75 21.12 37.17
N PHE A 90 -20.57 22.40 36.81
CA PHE A 90 -20.21 23.48 37.72
C PHE A 90 -18.90 23.22 38.43
N ALA A 91 -18.07 22.35 37.88
CA ALA A 91 -16.81 22.01 38.54
C ALA A 91 -15.57 22.40 37.75
N THR A 92 -15.71 22.98 36.56
CA THR A 92 -14.57 23.27 35.70
C THR A 92 -14.54 24.75 35.35
N CYS A 93 -13.35 25.21 34.93
CA CYS A 93 -13.23 26.59 34.46
C CYS A 93 -12.45 26.63 33.16
N VAL A 94 -11.55 25.68 32.95
CA VAL A 94 -10.76 25.61 31.74
C VAL A 94 -10.78 24.19 31.20
N LEU A 95 -11.08 24.04 29.90
CA LEU A 95 -11.17 22.74 29.25
C LEU A 95 -10.28 22.76 28.01
N VAL A 96 -9.37 21.80 27.93
CA VAL A 96 -8.51 21.60 26.77
C VAL A 96 -8.87 20.25 26.18
N SER A 97 -9.20 20.24 24.89
CA SER A 97 -9.59 19.04 24.18
C SER A 97 -8.71 18.83 22.95
N GLU A 98 -8.41 17.57 22.66
CA GLU A 98 -7.67 17.20 21.46
C GLU A 98 -8.31 17.83 20.21
N GLU A 99 -9.62 18.05 20.24
CA GLU A 99 -10.38 18.52 19.09
C GLU A 99 -10.39 20.04 18.94
N ASP A 100 -9.93 20.81 19.93
CA ASP A 100 -10.10 22.25 19.92
C ASP A 100 -8.77 22.99 20.03
N LYS A 101 -8.54 23.94 19.12
CA LYS A 101 -7.26 24.64 19.08
C LYS A 101 -7.01 25.47 20.34
N HIS A 102 -8.03 26.14 20.87
CA HIS A 102 -7.83 26.94 22.06
C HIS A 102 -8.57 26.28 23.22
N ALA A 103 -8.07 26.55 24.43
CA ALA A 103 -8.78 26.12 25.63
C ALA A 103 -10.12 26.81 25.69
N ILE A 104 -11.13 26.10 26.17
CA ILE A 104 -12.45 26.68 26.36
C ILE A 104 -12.52 27.18 27.77
N ILE A 105 -12.92 28.43 27.93
CA ILE A 105 -13.09 29.01 29.24
C ILE A 105 -14.57 28.97 29.60
N VAL A 106 -14.88 28.24 30.67
CA VAL A 106 -16.26 28.10 31.10
C VAL A 106 -16.84 29.46 31.47
N GLU A 107 -18.08 29.69 31.03
CA GLU A 107 -18.73 30.95 31.32
C GLU A 107 -18.90 31.11 32.83
N PRO A 108 -18.92 32.35 33.33
CA PRO A 108 -18.80 32.56 34.79
C PRO A 108 -19.85 31.84 35.63
N GLU A 109 -21.09 31.81 35.19
CA GLU A 109 -22.13 31.24 36.04
C GLU A 109 -21.97 29.73 36.21
N LYS A 110 -21.21 29.08 35.34
CA LYS A 110 -20.96 27.66 35.42
C LYS A 110 -19.59 27.30 36.01
N ARG A 111 -18.79 28.28 36.43
CA ARG A 111 -17.38 28.03 36.74
C ARG A 111 -17.15 27.28 38.05
N GLY A 112 -16.22 26.32 38.00
CA GLY A 112 -15.70 25.63 39.17
C GLY A 112 -14.18 25.72 39.19
N LYS A 113 -13.51 24.93 40.01
CA LYS A 113 -12.09 25.13 40.30
C LYS A 113 -11.16 24.18 39.55
N TYR A 114 -11.68 23.33 38.65
CA TYR A 114 -10.87 22.30 38.03
C TYR A 114 -10.60 22.60 36.55
N VAL A 115 -9.41 22.17 36.11
CA VAL A 115 -8.95 22.25 34.73
C VAL A 115 -8.88 20.83 34.19
N VAL A 116 -9.49 20.58 33.04
CA VAL A 116 -9.61 19.24 32.48
C VAL A 116 -9.01 19.22 31.07
N CYS A 117 -8.07 18.31 30.84
CA CYS A 117 -7.49 18.03 29.53
C CYS A 117 -7.97 16.66 29.07
N PHE A 118 -8.52 16.58 27.86
CA PHE A 118 -9.07 15.28 27.46
C PHE A 118 -8.93 15.07 25.95
N ASP A 119 -8.82 13.80 25.58
CA ASP A 119 -8.96 13.33 24.21
C ASP A 119 -10.27 12.56 24.14
N PRO A 120 -11.33 13.11 23.52
CA PRO A 120 -12.66 12.46 23.65
C PRO A 120 -12.74 11.10 22.98
N LEU A 121 -12.05 10.88 21.86
CA LEU A 121 -12.11 9.56 21.22
C LEU A 121 -10.78 9.28 20.53
N ASP A 122 -9.80 8.85 21.32
CA ASP A 122 -8.48 8.52 20.80
C ASP A 122 -8.50 7.19 20.05
N GLY A 123 -7.77 7.14 18.95
CA GLY A 123 -7.77 6.00 18.07
C GLY A 123 -8.86 6.02 17.02
N SER A 124 -9.68 7.08 16.98
CA SER A 124 -10.88 7.11 16.14
C SER A 124 -10.56 7.16 14.67
N SER A 125 -9.31 7.42 14.29
CA SER A 125 -8.96 7.40 12.87
C SER A 125 -9.22 6.03 12.25
N ASN A 126 -8.98 4.96 13.01
CA ASN A 126 -9.19 3.61 12.51
C ASN A 126 -10.51 2.99 12.99
N ILE A 127 -11.49 3.81 13.37
CA ILE A 127 -12.75 3.27 13.85
C ILE A 127 -13.51 2.53 12.75
N ASP A 128 -13.15 2.78 11.47
CA ASP A 128 -13.76 2.08 10.33
C ASP A 128 -13.50 0.59 10.39
N CYS A 129 -12.39 0.17 11.01
CA CYS A 129 -12.11 -1.25 11.13
C CYS A 129 -12.52 -1.80 12.50
N LEU A 130 -13.31 -1.03 13.27
CA LEU A 130 -13.82 -1.44 14.59
C LEU A 130 -12.70 -1.71 15.59
N VAL A 131 -11.55 -1.07 15.42
CA VAL A 131 -10.50 -1.08 16.42
C VAL A 131 -11.01 -0.51 17.74
N SER A 132 -10.46 -1.01 18.85
CA SER A 132 -10.68 -0.41 20.15
C SER A 132 -10.33 1.08 20.08
N VAL A 133 -11.18 1.90 20.68
CA VAL A 133 -10.98 3.33 20.84
C VAL A 133 -11.15 3.68 22.33
N GLY A 134 -10.92 4.94 22.66
CA GLY A 134 -10.97 5.29 24.07
C GLY A 134 -11.09 6.78 24.31
N THR A 135 -11.35 7.10 25.57
CA THR A 135 -11.37 8.46 26.07
C THR A 135 -10.27 8.62 27.10
N ILE A 136 -9.49 9.70 26.99
CA ILE A 136 -8.40 9.98 27.91
C ILE A 136 -8.65 11.33 28.58
N PHE A 137 -8.46 11.39 29.90
CA PHE A 137 -8.67 12.64 30.62
C PHE A 137 -7.63 12.79 31.74
N GLY A 138 -7.32 14.04 32.06
CA GLY A 138 -6.48 14.42 33.18
C GLY A 138 -7.05 15.67 33.82
N ILE A 139 -7.08 15.73 35.15
CA ILE A 139 -7.78 16.79 35.89
C ILE A 139 -6.77 17.52 36.78
N TYR A 140 -6.67 18.83 36.63
CA TYR A 140 -5.81 19.67 37.47
C TYR A 140 -6.63 20.63 38.31
N ARG A 141 -6.05 21.01 39.44
CA ARG A 141 -6.59 22.16 40.16
C ARG A 141 -6.05 23.43 39.51
N LYS A 142 -6.93 24.40 39.28
CA LYS A 142 -6.48 25.71 38.85
C LYS A 142 -5.57 26.29 39.93
N LYS A 143 -4.37 26.69 39.54
CA LYS A 143 -3.38 27.05 40.55
C LYS A 143 -3.45 28.54 40.92
N SER A 144 -3.40 29.42 39.92
CA SER A 144 -3.39 30.85 40.18
C SER A 144 -4.79 31.37 40.47
N THR A 145 -4.84 32.56 41.06
CA THR A 145 -6.07 33.28 41.33
C THR A 145 -6.45 34.26 40.23
N ASP A 146 -5.71 34.30 39.13
CA ASP A 146 -6.11 35.14 38.00
C ASP A 146 -7.43 34.67 37.42
N GLU A 147 -7.99 35.46 36.52
CA GLU A 147 -9.16 35.00 35.79
C GLU A 147 -8.74 33.81 34.92
N PRO A 148 -9.58 32.79 34.78
CA PRO A 148 -9.18 31.60 34.03
C PRO A 148 -8.82 31.89 32.58
N SER A 149 -7.81 31.16 32.11
CA SER A 149 -7.32 31.32 30.75
C SER A 149 -6.56 30.06 30.37
N GLU A 150 -6.17 30.00 29.10
CA GLU A 150 -5.41 28.85 28.61
C GLU A 150 -4.20 28.53 29.47
N LYS A 151 -3.61 29.55 30.11
CA LYS A 151 -2.40 29.35 30.91
C LYS A 151 -2.57 28.29 31.99
N ASP A 152 -3.78 28.18 32.55
CA ASP A 152 -4.04 27.28 33.67
C ASP A 152 -3.86 25.81 33.32
N ALA A 153 -3.87 25.46 32.03
CA ALA A 153 -3.67 24.10 31.58
C ALA A 153 -2.20 23.76 31.39
N LEU A 154 -1.30 24.73 31.49
CA LEU A 154 0.12 24.47 31.28
C LEU A 154 0.82 24.09 32.59
N GLN A 155 0.29 23.13 33.24
CA GLN A 155 0.93 22.56 34.43
C GLN A 155 1.56 21.23 34.08
N PRO A 156 2.67 20.88 34.72
CA PRO A 156 3.23 19.54 34.52
C PRO A 156 2.31 18.49 35.11
N GLY A 157 2.42 17.27 34.57
CA GLY A 157 1.61 16.16 35.04
C GLY A 157 1.74 15.88 36.53
N ARG A 158 2.86 16.29 37.15
CA ARG A 158 3.00 16.14 38.60
C ARG A 158 1.85 16.77 39.36
N ASN A 159 1.23 17.80 38.79
CA ASN A 159 0.15 18.52 39.43
C ASN A 159 -1.21 17.84 39.28
N LEU A 160 -1.29 16.73 38.53
CA LEU A 160 -2.57 16.07 38.28
C LEU A 160 -3.24 15.70 39.60
N VAL A 161 -4.53 15.99 39.69
CA VAL A 161 -5.34 15.57 40.83
C VAL A 161 -5.93 14.19 40.60
N ALA A 162 -6.30 13.91 39.36
CA ALA A 162 -6.84 12.62 38.95
C ALA A 162 -6.62 12.48 37.45
N ALA A 163 -6.61 11.24 36.99
CA ALA A 163 -6.47 10.99 35.56
C ALA A 163 -6.98 9.60 35.29
N GLY A 164 -7.28 9.34 34.02
CA GLY A 164 -7.65 7.99 33.64
C GLY A 164 -8.17 7.93 32.22
N TYR A 165 -8.79 6.79 31.91
CA TYR A 165 -9.24 6.58 30.54
C TYR A 165 -10.40 5.60 30.56
N ALA A 166 -11.24 5.73 29.54
CA ALA A 166 -12.23 4.73 29.19
C ALA A 166 -11.73 4.00 27.97
N LEU A 167 -11.79 2.69 28.00
CA LEU A 167 -11.45 1.86 26.87
C LEU A 167 -12.74 1.28 26.32
N TYR A 168 -13.07 1.62 25.07
CA TYR A 168 -14.21 1.04 24.37
C TYR A 168 -13.71 -0.15 23.56
N GLY A 169 -13.52 -1.28 24.25
CA GLY A 169 -13.04 -2.48 23.62
C GLY A 169 -14.11 -3.54 23.47
N SER A 170 -13.73 -4.80 23.67
CA SER A 170 -14.74 -5.86 23.67
C SER A 170 -15.78 -5.60 24.76
N ALA A 171 -15.34 -5.00 25.88
CA ALA A 171 -16.21 -4.38 26.84
C ALA A 171 -15.69 -2.97 27.06
N THR A 172 -16.50 -2.14 27.73
CA THR A 172 -16.12 -0.79 28.07
C THR A 172 -15.63 -0.77 29.52
N MET A 173 -14.44 -0.25 29.74
CA MET A 173 -13.87 -0.15 31.08
C MET A 173 -13.37 1.26 31.34
N LEU A 174 -13.60 1.75 32.56
CA LEU A 174 -13.04 3.01 33.03
C LEU A 174 -11.97 2.73 34.06
N VAL A 175 -10.77 3.21 33.78
CA VAL A 175 -9.61 3.09 34.64
C VAL A 175 -9.36 4.46 35.24
N LEU A 176 -9.45 4.55 36.56
CA LEU A 176 -9.36 5.82 37.27
C LEU A 176 -8.16 5.80 38.20
N ALA A 177 -7.27 6.77 38.04
CA ALA A 177 -6.10 6.91 38.88
C ALA A 177 -6.24 8.15 39.74
N MET A 178 -6.02 7.98 41.05
CA MET A 178 -6.00 9.08 42.00
C MET A 178 -4.86 8.85 42.98
N ASP A 179 -4.79 9.70 43.99
CA ASP A 179 -3.76 9.53 45.01
C ASP A 179 -3.85 8.14 45.65
N CYS A 180 -5.07 7.62 45.85
CA CYS A 180 -5.24 6.30 46.43
C CYS A 180 -4.83 5.17 45.49
N GLY A 181 -4.51 5.47 44.23
CA GLY A 181 -4.09 4.41 43.33
C GLY A 181 -5.01 4.26 42.13
N VAL A 182 -4.88 3.13 41.44
CA VAL A 182 -5.60 2.86 40.19
C VAL A 182 -6.68 1.82 40.45
N ASN A 183 -7.89 2.12 39.99
CA ASN A 183 -9.01 1.19 40.09
C ASN A 183 -9.71 1.09 38.74
N CYS A 184 -10.16 -0.13 38.40
CA CYS A 184 -10.74 -0.46 37.11
C CYS A 184 -12.20 -0.79 37.29
N PHE A 185 -13.07 -0.12 36.52
CA PHE A 185 -14.51 -0.28 36.62
C PHE A 185 -15.01 -0.79 35.28
N MET A 186 -15.78 -1.88 35.31
CA MET A 186 -16.33 -2.45 34.09
C MET A 186 -17.73 -1.90 33.89
N LEU A 187 -17.99 -1.34 32.71
CA LEU A 187 -19.32 -0.84 32.41
C LEU A 187 -20.26 -2.03 32.21
N ASP A 188 -21.30 -2.11 33.03
CA ASP A 188 -22.40 -3.06 32.81
C ASP A 188 -23.47 -2.37 32.00
N PRO A 189 -23.56 -2.65 30.69
CA PRO A 189 -24.51 -1.92 29.84
C PRO A 189 -25.96 -2.28 30.10
N ALA A 190 -26.23 -3.41 30.75
CA ALA A 190 -27.62 -3.71 31.08
C ALA A 190 -28.19 -2.71 32.08
N ILE A 191 -27.34 -2.12 32.93
CA ILE A 191 -27.83 -1.18 33.93
C ILE A 191 -27.15 0.17 33.87
N GLY A 192 -26.17 0.36 33.00
CA GLY A 192 -25.47 1.62 32.93
C GLY A 192 -24.69 1.98 34.18
N GLU A 193 -23.98 1.03 34.74
CA GLU A 193 -23.19 1.27 35.94
C GLU A 193 -21.77 0.77 35.73
N PHE A 194 -20.82 1.54 36.23
CA PHE A 194 -19.44 1.13 36.25
C PHE A 194 -19.19 0.38 37.54
N ILE A 195 -18.85 -0.89 37.41
CA ILE A 195 -18.69 -1.81 38.52
C ILE A 195 -17.21 -1.98 38.80
N LEU A 196 -16.83 -1.80 40.07
CA LEU A 196 -15.45 -2.00 40.46
C LEU A 196 -15.09 -3.47 40.34
N VAL A 197 -14.14 -3.77 39.46
CA VAL A 197 -13.74 -5.15 39.22
C VAL A 197 -12.28 -5.41 39.54
N ASP A 198 -11.42 -4.40 39.55
CA ASP A 198 -10.02 -4.58 39.91
C ASP A 198 -9.60 -3.41 40.80
N LYS A 199 -9.22 -3.73 42.03
CA LYS A 199 -8.86 -2.75 43.04
C LYS A 199 -7.35 -2.65 43.13
N ASP A 200 -6.86 -1.42 43.23
CA ASP A 200 -5.46 -1.14 43.54
C ASP A 200 -4.50 -1.90 42.61
N VAL A 201 -4.69 -1.67 41.32
CA VAL A 201 -3.95 -2.43 40.32
C VAL A 201 -2.48 -2.03 40.32
N LYS A 202 -1.62 -3.03 40.17
CA LYS A 202 -0.20 -2.82 40.05
C LYS A 202 0.31 -3.56 38.81
N ILE A 203 1.21 -2.91 38.08
CA ILE A 203 1.79 -3.52 36.89
C ILE A 203 2.88 -4.50 37.28
N LYS A 204 3.04 -5.55 36.46
CA LYS A 204 4.14 -6.50 36.63
C LYS A 204 5.47 -5.74 36.64
N LYS A 205 6.39 -6.21 37.47
CA LYS A 205 7.70 -5.57 37.52
C LYS A 205 8.40 -5.68 36.16
N LYS A 206 8.22 -6.81 35.47
CA LYS A 206 8.82 -7.06 34.16
C LYS A 206 7.85 -7.87 33.31
N GLY A 207 7.71 -7.50 32.04
CA GLY A 207 6.78 -8.13 31.14
C GLY A 207 7.46 -8.92 30.03
N LYS A 208 6.64 -9.33 29.04
CA LYS A 208 7.12 -10.13 27.93
C LYS A 208 6.59 -9.66 26.57
N ILE A 209 6.10 -8.42 26.47
CA ILE A 209 5.55 -7.87 25.24
C ILE A 209 6.10 -6.46 25.03
N TYR A 210 6.51 -6.17 23.81
CA TYR A 210 6.84 -4.81 23.45
C TYR A 210 5.84 -4.33 22.41
N SER A 211 5.60 -3.03 22.39
CA SER A 211 4.51 -2.47 21.60
C SER A 211 4.98 -1.18 20.93
N LEU A 212 5.16 -1.22 19.60
CA LEU A 212 5.45 -0.03 18.82
C LEU A 212 5.27 -0.35 17.35
N ASN A 213 5.17 0.71 16.54
CA ASN A 213 5.00 0.56 15.09
C ASN A 213 6.35 0.32 14.43
N GLU A 214 6.70 -0.96 14.24
CA GLU A 214 7.97 -1.34 13.63
C GLU A 214 8.01 -1.12 12.12
N GLY A 215 6.88 -0.76 11.50
CA GLY A 215 6.94 -0.47 10.09
C GLY A 215 7.82 0.73 9.79
N TYR A 216 7.98 1.63 10.76
CA TYR A 216 8.81 2.83 10.61
C TYR A 216 10.21 2.63 11.15
N ALA A 217 10.70 1.38 11.15
CA ALA A 217 12.02 1.08 11.67
C ALA A 217 13.11 1.87 10.95
N LYS A 218 12.92 2.19 9.66
CA LYS A 218 13.91 2.96 8.89
C LYS A 218 14.19 4.33 9.52
N ASP A 219 13.27 4.86 10.29
CA ASP A 219 13.43 6.16 10.92
C ASP A 219 13.76 6.05 12.39
N PHE A 220 13.95 4.83 12.91
CA PHE A 220 14.19 4.64 14.33
C PHE A 220 15.41 5.41 14.81
N ASP A 221 15.31 5.95 16.02
CA ASP A 221 16.51 6.36 16.75
C ASP A 221 17.40 5.13 16.92
N PRO A 222 18.73 5.30 16.89
CA PRO A 222 19.62 4.13 17.05
C PRO A 222 19.39 3.36 18.34
N ALA A 223 19.05 4.06 19.41
CA ALA A 223 18.78 3.37 20.67
C ALA A 223 17.55 2.48 20.57
N VAL A 224 16.50 2.93 19.87
CA VAL A 224 15.32 2.10 19.68
C VAL A 224 15.67 0.84 18.89
N THR A 225 16.44 1.00 17.81
CA THR A 225 16.83 -0.14 16.98
C THR A 225 17.52 -1.21 17.79
N GLU A 226 18.47 -0.81 18.64
CA GLU A 226 19.19 -1.79 19.45
C GLU A 226 18.28 -2.45 20.49
N TYR A 227 17.44 -1.66 21.14
CA TYR A 227 16.55 -2.21 22.16
C TYR A 227 15.61 -3.24 21.56
N ILE A 228 15.03 -2.95 20.39
CA ILE A 228 14.15 -3.91 19.76
C ILE A 228 14.93 -5.15 19.33
N GLN A 229 16.17 -4.95 18.85
CA GLN A 229 17.02 -6.09 18.54
C GLN A 229 17.23 -6.97 19.76
N ARG A 230 17.45 -6.37 20.93
CA ARG A 230 17.60 -7.17 22.15
C ARG A 230 16.32 -7.91 22.51
N LYS A 231 15.15 -7.34 22.18
CA LYS A 231 13.91 -8.04 22.47
C LYS A 231 13.72 -9.23 21.54
N LYS A 232 14.13 -9.10 20.28
CA LYS A 232 13.96 -10.19 19.32
C LYS A 232 15.12 -11.19 19.35
N PHE A 233 16.36 -10.71 19.52
CA PHE A 233 17.54 -11.57 19.53
C PHE A 233 18.30 -11.34 20.84
N PRO A 234 17.84 -11.89 21.95
CA PRO A 234 18.46 -11.61 23.24
C PRO A 234 19.90 -12.10 23.28
N PRO A 235 20.80 -11.34 23.92
CA PRO A 235 22.21 -11.76 23.95
C PRO A 235 22.44 -13.05 24.72
N ASP A 236 21.58 -13.36 25.69
CA ASP A 236 21.69 -14.57 26.50
C ASP A 236 20.99 -15.76 25.84
N ASN A 237 20.30 -15.53 24.73
CA ASN A 237 19.56 -16.54 23.99
C ASN A 237 18.35 -17.06 24.78
N SER A 238 17.82 -16.22 25.66
CA SER A 238 16.55 -16.51 26.30
C SER A 238 15.42 -16.27 25.30
N ALA A 239 14.19 -16.51 25.73
CA ALA A 239 13.05 -16.43 24.84
C ALA A 239 12.78 -14.99 24.42
N PRO A 240 12.43 -14.77 23.15
CA PRO A 240 12.07 -13.41 22.70
C PRO A 240 10.76 -12.94 23.30
N TYR A 241 10.63 -11.61 23.42
CA TYR A 241 9.35 -11.01 23.74
C TYR A 241 8.37 -11.19 22.59
N GLY A 242 7.08 -11.19 22.92
CA GLY A 242 6.07 -11.05 21.89
C GLY A 242 5.83 -9.60 21.52
N ALA A 243 5.30 -9.40 20.32
CA ALA A 243 4.96 -8.06 19.84
C ALA A 243 3.45 -7.94 19.68
N ARG A 244 2.91 -6.79 20.09
CA ARG A 244 1.53 -6.42 19.87
C ARG A 244 1.50 -4.92 19.61
N TYR A 245 0.74 -4.50 18.60
CA TYR A 245 0.57 -3.06 18.38
C TYR A 245 -0.80 -2.90 17.73
N VAL A 246 -1.77 -2.50 18.54
CA VAL A 246 -3.10 -2.27 18.03
C VAL A 246 -3.12 -1.01 17.19
N GLY A 247 -2.27 -0.04 17.54
CA GLY A 247 -2.28 1.26 16.91
C GLY A 247 -3.26 2.23 17.51
N SER A 248 -3.89 1.85 18.61
CA SER A 248 -4.82 2.69 19.34
C SER A 248 -4.27 2.80 20.75
N MET A 249 -3.88 4.02 21.15
CA MET A 249 -3.04 4.17 22.34
C MET A 249 -3.70 3.58 23.58
N VAL A 250 -5.00 3.83 23.77
CA VAL A 250 -5.68 3.38 24.98
C VAL A 250 -5.69 1.86 25.07
N ALA A 251 -5.89 1.18 23.94
CA ALA A 251 -5.86 -0.29 23.98
C ALA A 251 -4.48 -0.82 24.31
N ASP A 252 -3.44 -0.25 23.68
CA ASP A 252 -2.08 -0.73 23.87
C ASP A 252 -1.57 -0.44 25.29
N VAL A 253 -1.88 0.76 25.80
CA VAL A 253 -1.47 1.08 27.17
C VAL A 253 -2.20 0.21 28.17
N HIS A 254 -3.49 -0.04 27.94
CA HIS A 254 -4.21 -0.87 28.88
C HIS A 254 -3.71 -2.30 28.90
N ARG A 255 -3.38 -2.85 27.73
CA ARG A 255 -2.78 -4.16 27.69
C ARG A 255 -1.46 -4.16 28.46
N THR A 256 -0.66 -3.10 28.31
CA THR A 256 0.59 -3.00 29.06
C THR A 256 0.33 -3.03 30.57
N LEU A 257 -0.69 -2.31 31.02
CA LEU A 257 -1.03 -2.34 32.45
C LEU A 257 -1.47 -3.73 32.90
N VAL A 258 -2.28 -4.40 32.07
CA VAL A 258 -2.87 -5.67 32.46
C VAL A 258 -1.83 -6.78 32.39
N TYR A 259 -1.04 -6.81 31.33
CA TYR A 259 -0.10 -7.91 31.08
C TYR A 259 1.34 -7.58 31.37
N GLY A 260 1.69 -6.31 31.53
CA GLY A 260 3.07 -5.92 31.66
C GLY A 260 3.77 -5.84 30.32
N GLY A 261 4.99 -5.30 30.35
CA GLY A 261 5.75 -5.05 29.15
C GLY A 261 5.98 -3.56 28.96
N ILE A 262 6.16 -3.17 27.71
CA ILE A 262 6.58 -1.81 27.36
C ILE A 262 5.80 -1.34 26.15
N PHE A 263 5.40 -0.08 26.18
CA PHE A 263 4.76 0.62 25.06
C PHE A 263 5.66 1.79 24.68
N LEU A 264 6.00 1.89 23.39
CA LEU A 264 6.92 2.94 22.95
C LEU A 264 6.31 3.72 21.80
N TYR A 265 6.28 5.04 21.93
CA TYR A 265 6.07 5.94 20.79
C TYR A 265 7.20 6.95 20.88
N PRO A 266 8.39 6.57 20.43
CA PRO A 266 9.59 7.34 20.75
C PRO A 266 9.84 8.46 19.76
N ALA A 267 10.81 9.28 20.11
CA ALA A 267 11.28 10.34 19.26
C ALA A 267 12.21 9.76 18.20
N ASN A 268 12.32 10.48 17.08
CA ASN A 268 13.33 10.21 16.07
C ASN A 268 13.79 11.55 15.50
N LYS A 269 14.66 11.46 14.50
CA LYS A 269 15.20 12.66 13.86
C LYS A 269 14.12 13.38 13.08
N LYS A 270 13.18 12.63 12.49
CA LYS A 270 12.06 13.22 11.78
C LYS A 270 11.05 13.86 12.73
N SER A 271 10.95 13.36 13.96
CA SER A 271 9.96 13.84 14.93
C SER A 271 10.62 13.91 16.31
N PRO A 272 11.40 14.96 16.56
CA PRO A 272 12.23 15.01 17.78
C PRO A 272 11.44 15.13 19.08
N ASN A 273 10.16 15.47 19.03
CA ASN A 273 9.35 15.51 20.23
C ASN A 273 8.30 14.41 20.27
N GLY A 274 8.41 13.40 19.42
CA GLY A 274 7.40 12.38 19.36
C GLY A 274 6.20 12.86 18.58
N LYS A 275 5.14 12.05 18.62
CA LYS A 275 3.86 12.36 18.00
C LYS A 275 2.72 12.50 18.98
N LEU A 276 2.72 11.76 20.09
CA LEU A 276 1.60 11.81 21.02
C LEU A 276 1.60 13.13 21.78
N ARG A 277 0.41 13.58 22.20
CA ARG A 277 0.19 14.87 22.81
C ARG A 277 0.38 14.80 24.32
N LEU A 278 1.11 15.77 24.88
CA LEU A 278 1.50 15.71 26.30
C LEU A 278 0.32 15.89 27.24
N LEU A 279 -0.53 16.89 26.99
CA LEU A 279 -1.49 17.30 28.01
C LEU A 279 -2.62 16.30 28.19
N TYR A 280 -3.09 15.68 27.09
CA TYR A 280 -4.29 14.83 27.15
C TYR A 280 -4.07 13.43 26.60
N GLU A 281 -2.83 13.04 26.29
CA GLU A 281 -2.53 11.65 26.03
C GLU A 281 -1.41 11.15 26.92
N CYS A 282 -0.25 11.80 26.87
CA CYS A 282 0.93 11.29 27.57
C CYS A 282 0.80 11.47 29.09
N ASN A 283 0.47 12.67 29.56
CA ASN A 283 0.40 12.91 31.00
C ASN A 283 -0.61 12.01 31.68
N PRO A 284 -1.88 11.93 31.23
CA PRO A 284 -2.82 11.03 31.94
C PRO A 284 -2.35 9.59 31.98
N MET A 285 -1.78 9.10 30.87
CA MET A 285 -1.28 7.72 30.83
C MET A 285 -0.06 7.54 31.74
N ALA A 286 0.85 8.51 31.76
CA ALA A 286 2.00 8.44 32.65
C ALA A 286 1.57 8.44 34.10
N TYR A 287 0.56 9.26 34.43
CA TYR A 287 0.04 9.30 35.78
C TYR A 287 -0.54 7.95 36.18
N VAL A 288 -1.35 7.34 35.30
CA VAL A 288 -1.86 6.00 35.59
C VAL A 288 -0.72 5.01 35.80
N MET A 289 0.28 4.99 34.91
CA MET A 289 1.37 4.02 35.06
C MET A 289 2.07 4.15 36.41
N GLU A 290 2.41 5.37 36.80
CA GLU A 290 3.18 5.52 38.04
C GLU A 290 2.35 5.15 39.25
N LYS A 291 1.07 5.52 39.27
CA LYS A 291 0.20 5.10 40.37
C LYS A 291 0.04 3.58 40.42
N ALA A 292 0.26 2.90 39.29
CA ALA A 292 0.24 1.45 39.25
C ALA A 292 1.62 0.86 39.47
N GLY A 293 2.59 1.69 39.85
CA GLY A 293 3.94 1.24 40.09
C GLY A 293 4.78 1.06 38.84
N GLY A 294 4.34 1.58 37.70
CA GLY A 294 5.11 1.50 36.47
C GLY A 294 5.93 2.74 36.23
N MET A 295 6.50 2.82 35.03
CA MET A 295 7.33 3.96 34.66
C MET A 295 6.86 4.51 33.32
N ALA A 296 7.20 5.78 33.09
CA ALA A 296 6.89 6.50 31.87
C ALA A 296 7.93 7.59 31.69
N THR A 297 8.73 7.49 30.64
CA THR A 297 9.79 8.44 30.35
C THR A 297 9.73 8.85 28.88
N THR A 298 10.25 10.05 28.59
CA THR A 298 10.48 10.51 27.23
C THR A 298 11.81 10.05 26.65
N GLY A 299 12.64 9.40 27.46
CA GLY A 299 14.01 9.14 27.10
C GLY A 299 14.93 10.04 27.87
N LYS A 300 14.60 11.34 27.95
CA LYS A 300 15.39 12.33 28.68
C LYS A 300 14.84 12.64 30.06
N GLU A 301 13.53 12.49 30.27
CA GLU A 301 12.96 12.92 31.55
C GLU A 301 11.62 12.25 31.75
N ALA A 302 11.15 12.30 32.99
CA ALA A 302 9.81 11.85 33.33
C ALA A 302 8.77 12.65 32.57
N VAL A 303 7.80 11.94 31.97
CA VAL A 303 6.71 12.60 31.27
C VAL A 303 6.02 13.60 32.19
N LEU A 304 5.76 13.18 33.42
CA LEU A 304 5.03 13.99 34.38
C LEU A 304 5.82 15.25 34.79
N ASP A 305 7.12 15.31 34.49
CA ASP A 305 7.92 16.48 34.84
C ASP A 305 8.07 17.49 33.72
N VAL A 306 7.73 17.13 32.47
CA VAL A 306 7.84 18.10 31.39
C VAL A 306 6.87 19.22 31.66
N ILE A 307 7.38 20.45 31.64
CA ILE A 307 6.56 21.65 31.83
C ILE A 307 6.10 22.11 30.45
N PRO A 308 4.82 22.04 30.13
CA PRO A 308 4.40 22.38 28.77
C PRO A 308 4.36 23.89 28.56
N THR A 309 4.58 24.28 27.30
CA THR A 309 4.47 25.66 26.87
C THR A 309 3.35 25.85 25.85
N ASP A 310 2.81 24.76 25.30
CA ASP A 310 1.73 24.78 24.33
C ASP A 310 0.78 23.62 24.68
N ILE A 311 -0.52 23.89 24.72
CA ILE A 311 -1.46 22.86 25.17
C ILE A 311 -1.51 21.68 24.20
N HIS A 312 -1.06 21.87 22.96
CA HIS A 312 -1.04 20.78 21.98
C HIS A 312 0.37 20.31 21.70
N GLN A 313 1.33 20.61 22.57
CA GLN A 313 2.68 20.16 22.30
C GLN A 313 2.78 18.65 22.44
N ARG A 314 3.70 18.08 21.69
CA ARG A 314 3.91 16.64 21.63
C ARG A 314 5.01 16.22 22.59
N ALA A 315 5.00 14.94 22.93
CA ALA A 315 6.01 14.43 23.81
C ALA A 315 6.29 13.02 23.37
N PRO A 316 7.54 12.59 23.37
CA PRO A 316 7.82 11.16 23.23
C PRO A 316 7.43 10.45 24.51
N VAL A 317 7.00 9.19 24.38
CA VAL A 317 6.56 8.47 25.55
C VAL A 317 7.02 7.03 25.44
N ILE A 318 7.61 6.52 26.51
CA ILE A 318 7.97 5.12 26.66
C ILE A 318 7.47 4.75 28.04
N LEU A 319 6.57 3.77 28.12
CA LEU A 319 5.98 3.48 29.41
C LEU A 319 5.76 1.99 29.58
N GLY A 320 5.52 1.59 30.82
CA GLY A 320 5.23 0.21 31.12
C GLY A 320 5.91 -0.30 32.37
N SER A 321 6.21 -1.59 32.38
CA SER A 321 6.84 -2.21 33.54
C SER A 321 8.17 -1.53 33.84
N PRO A 322 8.51 -1.34 35.12
CA PRO A 322 9.77 -0.63 35.43
C PRO A 322 11.03 -1.34 34.93
N ASP A 323 11.12 -2.66 35.05
CA ASP A 323 12.32 -3.32 34.54
C ASP A 323 12.46 -3.20 33.03
N ASP A 324 11.36 -3.22 32.29
CA ASP A 324 11.49 -3.10 30.84
C ASP A 324 11.88 -1.70 30.44
N VAL A 325 11.27 -0.69 31.09
CA VAL A 325 11.62 0.71 30.81
C VAL A 325 13.07 0.99 31.21
N LEU A 326 13.53 0.43 32.34
CA LEU A 326 14.91 0.66 32.74
C LEU A 326 15.88 0.11 31.70
N GLU A 327 15.57 -1.07 31.15
CA GLU A 327 16.42 -1.65 30.13
C GLU A 327 16.43 -0.79 28.86
N PHE A 328 15.29 -0.21 28.50
CA PHE A 328 15.29 0.71 27.38
C PHE A 328 16.20 1.90 27.65
N LEU A 329 16.13 2.46 28.86
CA LEU A 329 16.95 3.62 29.20
C LEU A 329 18.44 3.26 29.21
N LYS A 330 18.78 2.04 29.66
CA LYS A 330 20.18 1.65 29.60
C LYS A 330 20.70 1.71 28.18
N VAL A 331 19.90 1.21 27.22
CA VAL A 331 20.27 1.30 25.81
C VAL A 331 20.25 2.75 25.35
N TYR A 332 19.25 3.53 25.79
CA TYR A 332 19.16 4.93 25.38
C TYR A 332 20.37 5.73 25.87
N GLU A 333 20.85 5.43 27.08
CA GLU A 333 22.02 6.13 27.60
C GLU A 333 23.29 5.67 26.88
N LYS A 334 23.36 4.39 26.50
CA LYS A 334 24.50 3.90 25.73
C LYS A 334 24.71 4.74 24.48
N HIS A 335 23.62 5.12 23.82
CA HIS A 335 23.68 5.95 22.63
C HIS A 335 23.65 7.43 22.97
N SER A 336 24.20 7.80 24.12
CA SER A 336 24.22 9.18 24.62
C SER A 336 22.86 9.87 24.45
N ASP B 10 -32.89 1.36 0.34
CA ASP B 10 -33.74 0.55 1.22
C ASP B 10 -32.92 -0.17 2.32
N VAL B 11 -33.36 -0.04 3.58
CA VAL B 11 -32.68 -0.70 4.68
C VAL B 11 -32.72 -2.23 4.49
N ASN B 12 -31.69 -2.92 4.95
CA ASN B 12 -31.72 -4.38 4.90
C ASN B 12 -31.12 -4.94 6.18
N THR B 13 -31.60 -6.11 6.56
CA THR B 13 -31.05 -6.81 7.71
C THR B 13 -30.46 -8.13 7.25
N LEU B 14 -29.71 -8.76 8.15
CA LEU B 14 -29.10 -10.04 7.84
C LEU B 14 -30.15 -11.10 7.48
N THR B 15 -31.17 -11.26 8.31
CA THR B 15 -32.17 -12.30 8.08
C THR B 15 -32.94 -12.06 6.79
N ARG B 16 -33.39 -10.81 6.59
CA ARG B 16 -34.08 -10.47 5.36
C ARG B 16 -33.16 -10.61 4.14
N PHE B 17 -31.89 -10.20 4.26
CA PHE B 17 -30.95 -10.36 3.16
C PHE B 17 -30.80 -11.83 2.76
N VAL B 18 -30.64 -12.71 3.76
CA VAL B 18 -30.43 -14.14 3.47
C VAL B 18 -31.69 -14.78 2.89
N MET B 19 -32.85 -14.43 3.42
CA MET B 19 -34.11 -14.95 2.90
C MET B 19 -34.31 -14.58 1.44
N GLU B 20 -33.90 -13.36 1.07
CA GLU B 20 -34.02 -12.93 -0.31
C GLU B 20 -33.08 -13.73 -1.21
N GLU B 21 -31.83 -13.92 -0.80
CA GLU B 21 -30.93 -14.76 -1.60
C GLU B 21 -31.47 -16.19 -1.70
N GLY B 22 -32.05 -16.69 -0.60
CA GLY B 22 -32.55 -18.06 -0.62
C GLY B 22 -33.74 -18.26 -1.54
N ARG B 23 -34.71 -17.32 -1.51
CA ARG B 23 -35.86 -17.43 -2.39
C ARG B 23 -35.44 -17.31 -3.84
N LYS B 24 -34.50 -16.41 -4.11
CA LYS B 24 -34.01 -16.21 -5.48
C LYS B 24 -33.43 -17.51 -6.04
N ALA B 25 -32.73 -18.28 -5.21
CA ALA B 25 -32.12 -19.55 -5.61
C ALA B 25 -33.06 -20.73 -5.41
N ARG B 26 -34.27 -20.51 -4.91
CA ARG B 26 -35.26 -21.57 -4.72
C ARG B 26 -34.71 -22.70 -3.85
N GLY B 27 -33.91 -22.35 -2.84
CA GLY B 27 -33.45 -23.35 -1.91
C GLY B 27 -34.51 -23.77 -0.92
N THR B 28 -34.17 -24.78 -0.14
CA THR B 28 -35.11 -25.38 0.80
C THR B 28 -35.33 -24.54 2.06
N GLY B 29 -34.41 -23.61 2.37
CA GLY B 29 -34.51 -22.81 3.57
C GLY B 29 -33.61 -23.28 4.70
N GLU B 30 -33.00 -24.45 4.55
CA GLU B 30 -32.17 -24.98 5.62
C GLU B 30 -30.97 -24.07 5.90
N LEU B 31 -30.34 -23.51 4.87
CA LEU B 31 -29.20 -22.64 5.12
C LEU B 31 -29.64 -21.37 5.82
N THR B 32 -30.79 -20.85 5.42
CA THR B 32 -31.36 -19.68 6.08
C THR B 32 -31.66 -19.98 7.55
N GLN B 33 -32.19 -21.18 7.84
CA GLN B 33 -32.46 -21.55 9.23
C GLN B 33 -31.18 -21.64 10.05
N LEU B 34 -30.11 -22.19 9.46
CA LEU B 34 -28.82 -22.23 10.15
C LEU B 34 -28.28 -20.83 10.38
N LEU B 35 -28.27 -19.99 9.33
CA LEU B 35 -27.68 -18.66 9.47
C LEU B 35 -28.46 -17.80 10.46
N ASN B 36 -29.79 -17.91 10.48
CA ASN B 36 -30.57 -17.18 11.48
C ASN B 36 -30.26 -17.67 12.89
N SER B 37 -30.10 -18.98 13.04
CA SER B 37 -29.75 -19.53 14.34
C SER B 37 -28.37 -19.05 14.77
N LEU B 38 -27.42 -19.02 13.83
CA LEU B 38 -26.08 -18.55 14.13
C LEU B 38 -26.10 -17.08 14.50
N CYS B 39 -26.89 -16.28 13.77
CA CYS B 39 -27.05 -14.87 14.07
C CYS B 39 -27.59 -14.65 15.49
N THR B 40 -28.53 -15.50 15.94
CA THR B 40 -29.03 -15.38 17.32
C THR B 40 -27.92 -15.63 18.34
N ALA B 41 -27.10 -16.67 18.12
CA ALA B 41 -26.00 -16.99 19.02
C ALA B 41 -24.95 -15.87 19.07
N VAL B 42 -24.70 -15.24 17.92
CA VAL B 42 -23.73 -14.14 17.87
C VAL B 42 -24.19 -12.98 18.74
N LYS B 43 -25.48 -12.65 18.70
CA LYS B 43 -25.98 -11.55 19.51
C LYS B 43 -25.92 -11.87 20.99
N ALA B 44 -26.11 -13.15 21.35
CA ALA B 44 -25.96 -13.54 22.74
C ALA B 44 -24.50 -13.50 23.16
N ILE B 45 -23.58 -13.87 22.24
CA ILE B 45 -22.16 -13.80 22.55
C ILE B 45 -21.75 -12.36 22.72
N SER B 46 -22.16 -11.51 21.77
CA SER B 46 -21.86 -10.10 21.86
C SER B 46 -22.33 -9.54 23.20
N SER B 47 -23.53 -9.93 23.61
CA SER B 47 -24.09 -9.42 24.86
C SER B 47 -23.25 -9.85 26.07
N ALA B 48 -22.82 -11.11 26.10
CA ALA B 48 -21.94 -11.53 27.18
C ALA B 48 -20.56 -10.90 27.06
N VAL B 49 -20.04 -10.74 25.85
CA VAL B 49 -18.71 -10.15 25.68
C VAL B 49 -18.69 -8.71 26.18
N ARG B 50 -19.75 -7.95 25.93
CA ARG B 50 -19.85 -6.57 26.40
C ARG B 50 -20.15 -6.51 27.91
N LYS B 51 -20.18 -7.66 28.59
CA LYS B 51 -20.28 -7.77 30.04
C LYS B 51 -21.66 -7.39 30.55
N ALA B 52 -22.68 -7.61 29.74
CA ALA B 52 -24.05 -7.47 30.21
C ALA B 52 -24.28 -8.46 31.35
N GLY B 53 -24.85 -7.96 32.46
CA GLY B 53 -25.06 -8.77 33.65
C GLY B 53 -23.88 -8.95 34.57
N ILE B 54 -22.75 -8.30 34.31
CA ILE B 54 -21.59 -8.49 35.18
C ILE B 54 -21.85 -8.02 36.62
N ALA B 55 -22.75 -7.04 36.81
CA ALA B 55 -23.05 -6.54 38.16
C ALA B 55 -23.59 -7.66 39.05
N HIS B 56 -24.30 -8.62 38.44
CA HIS B 56 -24.81 -9.73 39.23
C HIS B 56 -23.69 -10.66 39.65
N LEU B 57 -22.65 -10.79 38.83
CA LEU B 57 -21.50 -11.59 39.24
C LEU B 57 -20.77 -10.96 40.42
N TYR B 58 -20.81 -9.64 40.55
CA TYR B 58 -20.06 -8.96 41.59
C TYR B 58 -20.94 -8.59 42.80
N GLY B 59 -22.11 -9.24 42.94
CA GLY B 59 -22.89 -9.18 44.16
C GLY B 59 -23.92 -8.06 44.30
N ILE B 60 -24.44 -7.53 43.20
CA ILE B 60 -25.37 -6.40 43.30
C ILE B 60 -26.66 -6.79 44.02
N ALA B 61 -27.02 -8.07 43.97
CA ALA B 61 -28.19 -8.57 44.69
C ALA B 61 -27.81 -9.50 45.84
N GLY B 62 -26.59 -9.40 46.36
CA GLY B 62 -26.12 -10.26 47.45
C GLY B 62 -25.48 -11.58 47.05
N LYS B 73 -14.53 -19.08 31.34
CA LYS B 73 -15.98 -19.22 31.31
C LYS B 73 -16.63 -18.68 30.05
N LEU B 74 -16.19 -17.49 29.63
CA LEU B 74 -16.82 -16.80 28.51
C LEU B 74 -16.70 -17.59 27.22
N ASP B 75 -15.53 -18.19 26.98
CA ASP B 75 -15.38 -19.03 25.79
C ASP B 75 -16.15 -20.33 25.92
N VAL B 76 -16.32 -20.84 27.15
CA VAL B 76 -17.16 -22.01 27.40
C VAL B 76 -18.63 -21.68 27.11
N LEU B 77 -19.10 -20.53 27.58
CA LEU B 77 -20.47 -20.10 27.28
C LEU B 77 -20.66 -19.86 25.78
N SER B 78 -19.66 -19.24 25.14
CA SER B 78 -19.76 -18.99 23.70
C SER B 78 -19.95 -20.27 22.93
N ASN B 79 -19.18 -21.30 23.28
CA ASN B 79 -19.33 -22.58 22.62
C ASN B 79 -20.73 -23.15 22.85
N ASP B 80 -21.20 -23.08 24.11
CA ASP B 80 -22.52 -23.62 24.44
C ASP B 80 -23.62 -22.91 23.67
N LEU B 81 -23.49 -21.60 23.50
CA LEU B 81 -24.47 -20.85 22.72
C LEU B 81 -24.49 -21.30 21.26
N VAL B 82 -23.31 -21.36 20.62
CA VAL B 82 -23.25 -21.75 19.22
C VAL B 82 -23.72 -23.19 19.06
N MET B 83 -23.20 -24.10 19.89
CA MET B 83 -23.58 -25.49 19.83
C MET B 83 -25.10 -25.66 19.95
N ASN B 84 -25.69 -25.00 20.94
CA ASN B 84 -27.11 -25.21 21.20
C ASN B 84 -27.98 -24.64 20.10
N MET B 85 -27.63 -23.46 19.57
CA MET B 85 -28.44 -22.88 18.51
C MET B 85 -28.31 -23.66 17.21
N LEU B 86 -27.10 -24.18 16.91
CA LEU B 86 -26.92 -24.98 15.70
C LEU B 86 -27.62 -26.34 15.81
N LYS B 87 -27.50 -27.00 16.97
CA LYS B 87 -28.18 -28.27 17.18
C LYS B 87 -29.68 -28.13 16.95
N SER B 88 -30.29 -27.10 17.55
CA SER B 88 -31.72 -26.90 17.46
C SER B 88 -32.15 -26.26 16.15
N SER B 89 -31.23 -25.89 15.26
CA SER B 89 -31.65 -25.29 14.00
C SER B 89 -32.26 -26.30 13.05
N PHE B 90 -32.01 -27.59 13.30
CA PHE B 90 -32.41 -28.68 12.44
C PHE B 90 -31.78 -28.57 11.05
N ALA B 91 -30.66 -27.86 10.93
CA ALA B 91 -29.95 -27.68 9.66
C ALA B 91 -28.57 -28.29 9.65
N THR B 92 -28.11 -28.88 10.77
CA THR B 92 -26.74 -29.33 10.87
C THR B 92 -26.71 -30.80 11.29
N CYS B 93 -25.57 -31.44 11.07
CA CYS B 93 -25.39 -32.81 11.54
C CYS B 93 -24.06 -33.04 12.21
N VAL B 94 -23.01 -32.32 11.83
CA VAL B 94 -21.67 -32.46 12.39
C VAL B 94 -21.17 -31.07 12.73
N LEU B 95 -20.71 -30.88 13.96
CA LEU B 95 -20.22 -29.60 14.44
C LEU B 95 -18.80 -29.77 14.96
N VAL B 96 -17.86 -29.01 14.41
CA VAL B 96 -16.47 -28.99 14.86
C VAL B 96 -16.19 -27.65 15.50
N SER B 97 -15.70 -27.68 16.73
CA SER B 97 -15.41 -26.48 17.51
C SER B 97 -13.98 -26.53 18.02
N GLU B 98 -13.34 -25.35 18.07
CA GLU B 98 -12.04 -25.26 18.70
C GLU B 98 -12.09 -25.79 20.14
N GLU B 99 -13.26 -25.75 20.78
CA GLU B 99 -13.44 -26.11 22.17
C GLU B 99 -13.62 -27.61 22.40
N ASP B 100 -13.83 -28.41 21.35
CA ASP B 100 -14.14 -29.83 21.50
C ASP B 100 -13.10 -30.66 20.77
N LYS B 101 -12.56 -31.68 21.47
CA LYS B 101 -11.49 -32.49 20.89
C LYS B 101 -11.99 -33.30 19.71
N HIS B 102 -13.22 -33.81 19.78
CA HIS B 102 -13.84 -34.58 18.71
C HIS B 102 -15.00 -33.80 18.09
N ALA B 103 -15.36 -34.16 16.86
CA ALA B 103 -16.56 -33.60 16.28
C ALA B 103 -17.79 -33.99 17.10
N ILE B 104 -18.77 -33.09 17.16
CA ILE B 104 -20.06 -33.34 17.80
C ILE B 104 -21.03 -33.77 16.71
N ILE B 105 -21.68 -34.91 16.92
CA ILE B 105 -22.66 -35.45 15.98
C ILE B 105 -24.05 -35.07 16.48
N VAL B 106 -24.77 -34.30 15.68
CA VAL B 106 -26.11 -33.87 16.06
C VAL B 106 -27.02 -35.09 16.14
N GLU B 107 -27.85 -35.14 17.18
CA GLU B 107 -28.73 -36.28 17.38
C GLU B 107 -29.76 -36.39 16.26
N PRO B 108 -30.24 -37.61 15.98
CA PRO B 108 -30.97 -37.86 14.72
C PRO B 108 -32.18 -36.97 14.48
N GLU B 109 -32.99 -36.70 15.51
CA GLU B 109 -34.22 -35.95 15.24
C GLU B 109 -33.96 -34.48 14.93
N LYS B 110 -32.78 -33.96 15.27
CA LYS B 110 -32.40 -32.58 15.00
C LYS B 110 -31.52 -32.45 13.76
N ARG B 111 -31.27 -33.54 13.04
CA ARG B 111 -30.25 -33.53 11.99
C ARG B 111 -30.70 -32.79 10.74
N GLY B 112 -29.77 -32.04 10.16
CA GLY B 112 -29.90 -31.40 8.87
C GLY B 112 -28.69 -31.73 8.02
N LYS B 113 -28.50 -31.05 6.90
CA LYS B 113 -27.51 -31.52 5.93
C LYS B 113 -26.20 -30.74 5.97
N TYR B 114 -26.01 -29.81 6.92
CA TYR B 114 -24.81 -28.98 6.90
C TYR B 114 -23.84 -29.32 8.02
N VAL B 115 -22.55 -29.14 7.71
CA VAL B 115 -21.44 -29.28 8.64
C VAL B 115 -20.91 -27.89 8.92
N VAL B 116 -20.76 -27.55 10.20
CA VAL B 116 -20.29 -26.23 10.60
C VAL B 116 -19.04 -26.39 11.45
N CYS B 117 -17.98 -25.70 11.04
CA CYS B 117 -16.74 -25.60 11.80
C CYS B 117 -16.65 -24.18 12.36
N PHE B 118 -16.39 -24.06 13.65
CA PHE B 118 -16.38 -22.71 14.20
C PHE B 118 -15.39 -22.58 15.36
N ASP B 119 -14.87 -21.38 15.50
CA ASP B 119 -14.16 -20.93 16.70
C ASP B 119 -15.09 -19.97 17.43
N PRO B 120 -15.70 -20.38 18.55
CA PRO B 120 -16.77 -19.56 19.14
C PRO B 120 -16.31 -18.24 19.72
N LEU B 121 -15.09 -18.15 20.27
CA LEU B 121 -14.62 -16.85 20.79
C LEU B 121 -13.10 -16.79 20.61
N ASP B 122 -12.67 -16.54 19.38
CA ASP B 122 -11.26 -16.50 19.10
C ASP B 122 -10.65 -15.22 19.65
N GLY B 123 -9.44 -15.34 20.18
CA GLY B 123 -8.76 -14.26 20.85
C GLY B 123 -9.05 -14.17 22.33
N SER B 124 -9.87 -15.08 22.86
CA SER B 124 -10.35 -14.98 24.24
C SER B 124 -9.25 -15.20 25.27
N SER B 125 -8.12 -15.80 24.87
CA SER B 125 -7.01 -15.94 25.80
C SER B 125 -6.50 -14.58 26.29
N ASN B 126 -6.59 -13.55 25.44
CA ASN B 126 -6.22 -12.18 25.79
C ASN B 126 -7.42 -11.30 26.15
N ILE B 127 -8.57 -11.89 26.50
CA ILE B 127 -9.74 -11.06 26.83
C ILE B 127 -9.57 -10.26 28.12
N ASP B 128 -8.59 -10.62 28.96
CA ASP B 128 -8.36 -9.86 30.19
C ASP B 128 -8.06 -8.39 29.93
N CYS B 129 -7.46 -8.08 28.78
CA CYS B 129 -7.16 -6.69 28.45
C CYS B 129 -8.19 -6.09 27.52
N LEU B 130 -9.34 -6.76 27.33
CA LEU B 130 -10.44 -6.27 26.53
C LEU B 130 -10.07 -6.09 25.05
N VAL B 131 -9.10 -6.88 24.59
CA VAL B 131 -8.80 -6.95 23.17
C VAL B 131 -10.06 -7.34 22.40
N SER B 132 -10.16 -6.86 21.16
CA SER B 132 -11.19 -7.35 20.27
C SER B 132 -11.12 -8.87 20.19
N VAL B 133 -12.29 -9.50 20.21
CA VAL B 133 -12.40 -10.94 20.07
C VAL B 133 -13.43 -11.23 18.97
N GLY B 134 -13.60 -12.51 18.64
CA GLY B 134 -14.54 -12.82 17.58
C GLY B 134 -14.90 -14.28 17.47
N THR B 135 -15.94 -14.53 16.70
CA THR B 135 -16.41 -15.87 16.35
C THR B 135 -16.20 -16.05 14.85
N ILE B 136 -15.63 -17.17 14.46
CA ILE B 136 -15.38 -17.51 13.07
C ILE B 136 -16.18 -18.77 12.74
N PHE B 137 -16.74 -18.82 11.53
CA PHE B 137 -17.51 -20.00 11.15
C PHE B 137 -17.31 -20.31 9.66
N GLY B 138 -17.43 -21.60 9.35
CA GLY B 138 -17.46 -22.08 8.00
C GLY B 138 -18.47 -23.20 7.86
N ILE B 139 -19.25 -23.18 6.79
CA ILE B 139 -20.40 -24.08 6.66
C ILE B 139 -20.19 -24.94 5.40
N TYR B 140 -20.23 -26.26 5.58
CA TYR B 140 -20.11 -27.20 4.47
C TYR B 140 -21.41 -28.00 4.33
N ARG B 141 -21.69 -28.47 3.12
CA ARG B 141 -22.67 -29.52 2.97
C ARG B 141 -22.02 -30.86 3.29
N LYS B 142 -22.68 -31.62 4.18
CA LYS B 142 -22.46 -33.04 4.41
C LYS B 142 -21.99 -33.79 3.16
N LYS B 143 -21.18 -34.83 3.34
CA LYS B 143 -20.56 -35.55 2.23
C LYS B 143 -21.49 -36.61 1.66
N SER B 144 -21.36 -37.83 2.16
CA SER B 144 -22.16 -38.96 1.72
C SER B 144 -23.51 -38.94 2.42
N THR B 145 -24.43 -39.78 1.96
CA THR B 145 -25.72 -39.91 2.61
C THR B 145 -25.68 -40.91 3.75
N ASP B 146 -24.51 -41.47 4.02
CA ASP B 146 -24.26 -42.39 5.12
C ASP B 146 -24.47 -41.70 6.47
N GLU B 147 -24.15 -42.42 7.54
CA GLU B 147 -24.17 -41.84 8.88
C GLU B 147 -23.18 -40.68 8.99
N PRO B 148 -23.58 -39.57 9.64
CA PRO B 148 -22.66 -38.45 9.84
C PRO B 148 -21.50 -38.84 10.74
N SER B 149 -20.31 -38.32 10.42
CA SER B 149 -19.13 -38.62 11.21
C SER B 149 -18.11 -37.50 11.03
N GLU B 150 -17.03 -37.58 11.81
CA GLU B 150 -15.94 -36.62 11.73
C GLU B 150 -15.44 -36.45 10.29
N LYS B 151 -15.52 -37.52 9.48
CA LYS B 151 -15.05 -37.49 8.10
C LYS B 151 -15.73 -36.37 7.29
N ASP B 152 -16.95 -36.00 7.66
CA ASP B 152 -17.67 -34.93 6.98
C ASP B 152 -17.02 -33.57 7.19
N ALA B 153 -16.22 -33.39 8.23
CA ALA B 153 -15.55 -32.12 8.43
C ALA B 153 -14.22 -32.03 7.71
N LEU B 154 -13.73 -33.14 7.17
CA LEU B 154 -12.43 -33.19 6.51
C LEU B 154 -12.56 -32.86 5.02
N GLN B 155 -13.17 -31.71 4.72
CA GLN B 155 -13.30 -31.19 3.37
C GLN B 155 -12.38 -30.00 3.13
N PRO B 156 -11.90 -29.82 1.90
CA PRO B 156 -11.14 -28.61 1.57
C PRO B 156 -12.03 -27.39 1.59
N GLY B 157 -11.41 -26.23 1.86
CA GLY B 157 -12.14 -24.98 1.87
C GLY B 157 -12.86 -24.65 0.58
N ARG B 158 -12.39 -25.17 -0.56
CA ARG B 158 -13.10 -24.98 -1.84
C ARG B 158 -14.55 -25.44 -1.74
N ASN B 159 -14.83 -26.38 -0.84
CA ASN B 159 -16.18 -26.93 -0.66
C ASN B 159 -17.05 -26.03 0.21
N LEU B 160 -16.54 -24.93 0.74
CA LEU B 160 -17.34 -24.11 1.63
C LEU B 160 -18.57 -23.60 0.89
N VAL B 161 -19.71 -23.66 1.58
CA VAL B 161 -20.97 -23.07 1.12
C VAL B 161 -21.13 -21.64 1.61
N ALA B 162 -20.69 -21.35 2.83
CA ALA B 162 -20.72 -20.00 3.35
C ALA B 162 -19.73 -19.93 4.50
N ALA B 163 -19.24 -18.72 4.75
CA ALA B 163 -18.30 -18.52 5.84
C ALA B 163 -18.30 -17.05 6.21
N GLY B 164 -17.78 -16.80 7.40
CA GLY B 164 -17.59 -15.43 7.83
C GLY B 164 -17.23 -15.41 9.30
N TYR B 165 -17.37 -14.22 9.88
CA TYR B 165 -16.98 -14.04 11.25
C TYR B 165 -17.82 -12.92 11.84
N ALA B 166 -17.98 -12.98 13.15
CA ALA B 166 -18.46 -11.84 13.92
C ALA B 166 -17.26 -11.26 14.65
N LEU B 167 -17.13 -9.93 14.60
CA LEU B 167 -16.09 -9.20 15.31
C LEU B 167 -16.72 -8.41 16.45
N TYR B 168 -16.33 -8.73 17.69
CA TYR B 168 -16.75 -7.97 18.86
C TYR B 168 -15.63 -6.94 19.14
N GLY B 169 -15.66 -5.85 18.37
CA GLY B 169 -14.64 -4.81 18.50
C GLY B 169 -15.25 -3.57 19.14
N SER B 170 -14.89 -2.36 18.67
CA SER B 170 -15.55 -1.19 19.24
C SER B 170 -17.06 -1.23 19.03
N ALA B 171 -17.51 -1.82 17.91
CA ALA B 171 -18.87 -2.25 17.67
C ALA B 171 -18.82 -3.71 17.29
N THR B 172 -19.99 -4.32 17.16
CA THR B 172 -20.13 -5.70 16.76
C THR B 172 -20.54 -5.77 15.29
N MET B 173 -19.75 -6.46 14.48
CA MET B 173 -20.04 -6.60 13.07
C MET B 173 -19.92 -8.07 12.68
N LEU B 174 -20.84 -8.50 11.84
CA LEU B 174 -20.83 -9.84 11.25
C LEU B 174 -20.49 -9.71 9.76
N VAL B 175 -19.46 -10.44 9.33
CA VAL B 175 -19.06 -10.47 7.94
C VAL B 175 -19.49 -11.82 7.38
N LEU B 176 -20.36 -11.80 6.37
CA LEU B 176 -20.92 -13.03 5.80
C LEU B 176 -20.48 -13.11 4.34
N ALA B 177 -19.81 -14.19 3.99
CA ALA B 177 -19.38 -14.45 2.62
C ALA B 177 -20.16 -15.65 2.07
N MET B 178 -20.72 -15.50 0.87
CA MET B 178 -21.36 -16.59 0.15
C MET B 178 -20.93 -16.51 -1.31
N ASP B 179 -21.52 -17.35 -2.15
CA ASP B 179 -21.19 -17.30 -3.58
C ASP B 179 -21.49 -15.93 -4.18
N CYS B 180 -22.53 -15.27 -3.69
CA CYS B 180 -22.89 -13.93 -4.14
C CYS B 180 -21.91 -12.84 -3.69
N GLY B 181 -20.91 -13.16 -2.87
CA GLY B 181 -19.95 -12.18 -2.40
C GLY B 181 -19.94 -11.97 -0.89
N VAL B 182 -19.32 -10.90 -0.43
CA VAL B 182 -19.11 -10.62 0.99
C VAL B 182 -19.98 -9.43 1.36
N ASN B 183 -20.74 -9.55 2.46
CA ASN B 183 -21.54 -8.44 2.96
C ASN B 183 -21.29 -8.25 4.45
N CYS B 184 -21.29 -6.99 4.88
CA CYS B 184 -20.93 -6.63 6.26
C CYS B 184 -22.13 -6.06 6.98
N PHE B 185 -22.46 -6.64 8.12
CA PHE B 185 -23.66 -6.29 8.86
C PHE B 185 -23.26 -5.80 10.26
N MET B 186 -23.73 -4.62 10.63
CA MET B 186 -23.48 -4.01 11.92
C MET B 186 -24.63 -4.33 12.88
N LEU B 187 -24.29 -4.86 14.06
CA LEU B 187 -25.30 -5.10 15.07
C LEU B 187 -25.76 -3.78 15.67
N ASP B 188 -27.05 -3.49 15.57
CA ASP B 188 -27.64 -2.36 16.27
C ASP B 188 -28.14 -2.85 17.62
N PRO B 189 -27.40 -2.62 18.70
CA PRO B 189 -27.77 -3.24 19.99
C PRO B 189 -29.02 -2.63 20.60
N ALA B 190 -29.44 -1.43 20.15
CA ALA B 190 -30.70 -0.87 20.63
C ALA B 190 -31.91 -1.71 20.19
N ILE B 191 -31.80 -2.44 19.08
CA ILE B 191 -32.90 -3.23 18.56
C ILE B 191 -32.54 -4.68 18.31
N GLY B 192 -31.28 -5.07 18.54
CA GLY B 192 -30.90 -6.44 18.31
C GLY B 192 -31.04 -6.91 16.87
N GLU B 193 -30.64 -6.08 15.90
CA GLU B 193 -30.71 -6.44 14.50
C GLU B 193 -29.39 -6.15 13.78
N PHE B 194 -29.01 -7.02 12.84
CA PHE B 194 -27.82 -6.77 12.03
C PHE B 194 -28.18 -5.99 10.78
N ILE B 195 -27.67 -4.76 10.67
CA ILE B 195 -28.01 -3.86 9.57
C ILE B 195 -26.92 -3.99 8.52
N LEU B 196 -27.33 -4.23 7.27
CA LEU B 196 -26.41 -4.29 6.14
C LEU B 196 -25.81 -2.91 5.89
N VAL B 197 -24.50 -2.77 6.04
CA VAL B 197 -23.86 -1.47 5.92
C VAL B 197 -22.80 -1.41 4.84
N ASP B 198 -22.23 -2.53 4.44
CA ASP B 198 -21.26 -2.56 3.34
C ASP B 198 -21.64 -3.74 2.45
N LYS B 199 -22.00 -3.47 1.20
CA LYS B 199 -22.49 -4.49 0.28
C LYS B 199 -21.40 -4.94 -0.70
N ASP B 200 -21.30 -6.25 -0.89
CA ASP B 200 -20.48 -6.80 -1.97
C ASP B 200 -19.06 -6.24 -1.91
N VAL B 201 -18.44 -6.41 -0.74
CA VAL B 201 -17.16 -5.78 -0.44
C VAL B 201 -16.06 -6.42 -1.26
N LYS B 202 -15.11 -5.59 -1.71
CA LYS B 202 -13.91 -6.04 -2.39
C LYS B 202 -12.72 -5.44 -1.65
N ILE B 203 -11.66 -6.23 -1.47
CA ILE B 203 -10.48 -5.72 -0.78
C ILE B 203 -9.68 -4.86 -1.75
N LYS B 204 -8.99 -3.85 -1.23
CA LYS B 204 -8.07 -3.05 -2.04
C LYS B 204 -7.09 -3.99 -2.73
N LYS B 205 -6.76 -3.66 -3.97
CA LYS B 205 -5.81 -4.47 -4.72
C LYS B 205 -4.45 -4.53 -4.01
N LYS B 206 -4.04 -3.42 -3.41
CA LYS B 206 -2.77 -3.36 -2.68
C LYS B 206 -2.93 -2.42 -1.50
N GLY B 207 -2.38 -2.83 -0.35
CA GLY B 207 -2.48 -2.06 0.87
C GLY B 207 -1.15 -1.48 1.31
N LYS B 208 -1.15 -0.95 2.55
CA LYS B 208 0.03 -0.28 3.11
C LYS B 208 0.31 -0.73 4.54
N ILE B 209 -0.23 -1.87 4.95
CA ILE B 209 -0.08 -2.37 6.31
C ILE B 209 0.24 -3.85 6.23
N TYR B 210 1.23 -4.29 7.01
CA TYR B 210 1.47 -5.70 7.22
C TYR B 210 1.22 -6.03 8.68
N SER B 211 0.84 -7.29 8.93
CA SER B 211 0.36 -7.72 10.24
C SER B 211 0.96 -9.07 10.58
N LEU B 212 1.87 -9.10 11.54
CA LEU B 212 2.37 -10.38 12.07
C LEU B 212 3.13 -10.11 13.37
N ASN B 213 3.37 -11.18 14.11
CA ASN B 213 4.10 -11.15 15.38
C ASN B 213 5.60 -11.12 15.10
N GLU B 214 6.18 -9.93 15.08
CA GLU B 214 7.60 -9.77 14.80
C GLU B 214 8.50 -10.15 15.96
N GLY B 215 7.95 -10.40 17.15
CA GLY B 215 8.79 -10.86 18.24
C GLY B 215 9.43 -12.20 17.99
N TYR B 216 8.82 -13.00 17.09
CA TYR B 216 9.36 -14.30 16.72
C TYR B 216 10.22 -14.23 15.46
N ALA B 217 10.85 -13.08 15.21
CA ALA B 217 11.70 -12.92 14.03
C ALA B 217 12.85 -13.94 14.01
N LYS B 218 13.35 -14.32 15.19
CA LYS B 218 14.44 -15.29 15.27
C LYS B 218 14.09 -16.62 14.61
N ASP B 219 12.82 -16.96 14.52
CA ASP B 219 12.36 -18.22 13.95
C ASP B 219 11.89 -18.08 12.51
N PHE B 220 11.94 -16.89 11.92
CA PHE B 220 11.38 -16.72 10.59
C PHE B 220 12.11 -17.56 9.56
N ASP B 221 11.35 -18.19 8.68
CA ASP B 221 11.89 -18.71 7.44
C ASP B 221 12.48 -17.55 6.64
N PRO B 222 13.55 -17.79 5.87
CA PRO B 222 14.22 -16.68 5.18
C PRO B 222 13.31 -15.88 4.25
N ALA B 223 12.31 -16.52 3.64
CA ALA B 223 11.41 -15.78 2.76
C ALA B 223 10.60 -14.74 3.54
N VAL B 224 10.10 -15.10 4.73
CA VAL B 224 9.39 -14.14 5.57
C VAL B 224 10.32 -13.02 5.99
N THR B 225 11.54 -13.36 6.41
CA THR B 225 12.51 -12.33 6.76
C THR B 225 12.73 -11.36 5.62
N GLU B 226 12.85 -11.88 4.40
CA GLU B 226 13.08 -11.00 3.26
C GLU B 226 11.86 -10.16 2.96
N TYR B 227 10.66 -10.77 2.97
CA TYR B 227 9.46 -10.01 2.64
C TYR B 227 9.26 -8.87 3.61
N ILE B 228 9.45 -9.11 4.91
CA ILE B 228 9.28 -8.07 5.90
C ILE B 228 10.33 -6.97 5.73
N GLN B 229 11.57 -7.35 5.39
CA GLN B 229 12.59 -6.35 5.12
C GLN B 229 12.13 -5.37 4.05
N ARG B 230 11.49 -5.88 3.00
CA ARG B 230 11.00 -5.03 1.94
C ARG B 230 9.89 -4.10 2.41
N LYS B 231 9.16 -4.48 3.46
CA LYS B 231 8.09 -3.60 3.93
C LYS B 231 8.66 -2.39 4.65
N LYS B 232 9.75 -2.56 5.41
CA LYS B 232 10.34 -1.45 6.14
C LYS B 232 11.34 -0.65 5.30
N PHE B 233 12.10 -1.32 4.44
CA PHE B 233 13.14 -0.69 3.62
C PHE B 233 12.84 -0.98 2.16
N PRO B 234 11.86 -0.28 1.59
CA PRO B 234 11.46 -0.57 0.21
C PRO B 234 12.59 -0.27 -0.76
N PRO B 235 12.81 -1.16 -1.74
CA PRO B 235 13.88 -0.91 -2.71
C PRO B 235 13.54 0.20 -3.70
N ASP B 236 12.27 0.42 -4.03
CA ASP B 236 11.91 1.45 -5.00
C ASP B 236 11.72 2.81 -4.35
N ASN B 237 12.11 2.95 -3.09
CA ASN B 237 12.06 4.21 -2.34
C ASN B 237 10.65 4.74 -2.17
N SER B 238 9.66 3.85 -2.23
CA SER B 238 8.29 4.17 -1.84
C SER B 238 8.18 4.15 -0.33
N ALA B 239 7.01 4.55 0.17
CA ALA B 239 6.82 4.68 1.62
C ALA B 239 6.81 3.32 2.31
N PRO B 240 7.41 3.20 3.49
CA PRO B 240 7.33 1.95 4.25
C PRO B 240 5.89 1.69 4.66
N TYR B 241 5.53 0.41 4.75
CA TYR B 241 4.24 0.02 5.30
C TYR B 241 4.20 0.31 6.79
N GLY B 242 3.02 0.64 7.31
CA GLY B 242 2.83 0.63 8.75
C GLY B 242 2.62 -0.78 9.25
N ALA B 243 2.90 -1.00 10.53
CA ALA B 243 2.71 -2.31 11.13
C ALA B 243 1.57 -2.25 12.14
N ARG B 244 0.72 -3.28 12.12
CA ARG B 244 -0.34 -3.45 13.12
C ARG B 244 -0.46 -4.93 13.43
N TYR B 245 -0.56 -5.27 14.71
CA TYR B 245 -0.78 -6.66 15.09
C TYR B 245 -1.54 -6.67 16.42
N VAL B 246 -2.85 -6.87 16.35
CA VAL B 246 -3.66 -6.95 17.55
C VAL B 246 -3.38 -8.25 18.30
N GLY B 247 -3.04 -9.31 17.59
CA GLY B 247 -2.91 -10.59 18.23
C GLY B 247 -4.22 -11.33 18.35
N SER B 248 -5.29 -10.80 17.77
CA SER B 248 -6.59 -11.47 17.70
C SER B 248 -6.93 -11.59 16.23
N MET B 249 -7.00 -12.83 15.73
CA MET B 249 -7.01 -13.05 14.29
C MET B 249 -8.19 -12.34 13.62
N VAL B 250 -9.37 -12.35 14.25
CA VAL B 250 -10.53 -11.71 13.64
C VAL B 250 -10.30 -10.21 13.51
N ALA B 251 -9.72 -9.60 14.55
CA ALA B 251 -9.45 -8.17 14.48
C ALA B 251 -8.44 -7.85 13.39
N ASP B 252 -7.37 -8.64 13.29
CA ASP B 252 -6.37 -8.35 12.26
C ASP B 252 -6.91 -8.61 10.86
N VAL B 253 -7.62 -9.73 10.68
CA VAL B 253 -8.14 -10.04 9.36
C VAL B 253 -9.18 -9.00 8.93
N HIS B 254 -10.04 -8.56 9.84
CA HIS B 254 -11.05 -7.59 9.45
C HIS B 254 -10.42 -6.26 9.04
N ARG B 255 -9.36 -5.84 9.75
CA ARG B 255 -8.65 -4.63 9.33
C ARG B 255 -8.07 -4.81 7.93
N THR B 256 -7.49 -5.97 7.65
CA THR B 256 -6.93 -6.23 6.32
C THR B 256 -8.00 -6.13 5.23
N LEU B 257 -9.20 -6.63 5.50
CA LEU B 257 -10.30 -6.50 4.55
C LEU B 257 -10.69 -5.03 4.31
N VAL B 258 -10.80 -4.24 5.38
CA VAL B 258 -11.31 -2.86 5.30
C VAL B 258 -10.24 -1.91 4.75
N TYR B 259 -8.99 -2.02 5.19
CA TYR B 259 -7.95 -1.06 4.83
C TYR B 259 -7.00 -1.59 3.76
N GLY B 260 -7.01 -2.89 3.51
CA GLY B 260 -6.03 -3.51 2.66
C GLY B 260 -4.76 -3.80 3.41
N GLY B 261 -3.86 -4.52 2.73
CA GLY B 261 -2.60 -4.93 3.31
C GLY B 261 -2.50 -6.44 3.36
N ILE B 262 -1.69 -6.91 4.31
CA ILE B 262 -1.35 -8.33 4.39
C ILE B 262 -1.28 -8.75 5.85
N PHE B 263 -1.78 -9.96 6.13
CA PHE B 263 -1.72 -10.60 7.44
C PHE B 263 -0.95 -11.90 7.29
N LEU B 264 0.05 -12.12 8.14
CA LEU B 264 0.89 -13.32 8.06
C LEU B 264 0.91 -14.02 9.41
N TYR B 265 0.64 -15.33 9.39
CA TYR B 265 0.96 -16.23 10.49
C TYR B 265 1.60 -17.44 9.82
N PRO B 266 2.87 -17.33 9.46
CA PRO B 266 3.48 -18.28 8.54
C PRO B 266 4.10 -19.47 9.25
N ALA B 267 4.56 -20.41 8.43
CA ALA B 267 5.31 -21.56 8.90
C ALA B 267 6.74 -21.16 9.23
N ASN B 268 7.34 -21.89 10.17
CA ASN B 268 8.75 -21.73 10.52
C ASN B 268 9.33 -23.10 10.85
N LYS B 269 10.59 -23.11 11.26
CA LYS B 269 11.24 -24.38 11.59
C LYS B 269 10.65 -24.98 12.86
N LYS B 270 10.23 -24.13 13.79
CA LYS B 270 9.61 -24.61 15.03
C LYS B 270 8.19 -25.15 14.79
N SER B 271 7.49 -24.66 13.77
CA SER B 271 6.11 -25.05 13.49
C SER B 271 5.91 -25.14 11.98
N PRO B 272 6.29 -26.26 11.36
CA PRO B 272 6.28 -26.34 9.89
C PRO B 272 4.88 -26.27 9.29
N ASN B 273 3.84 -26.45 10.09
CA ASN B 273 2.46 -26.32 9.63
C ASN B 273 1.74 -25.12 10.22
N GLY B 274 2.46 -24.17 10.81
CA GLY B 274 1.79 -23.01 11.39
C GLY B 274 1.19 -23.27 12.76
N LYS B 275 0.42 -22.27 13.23
CA LYS B 275 -0.28 -22.30 14.50
C LYS B 275 -1.79 -22.20 14.37
N LEU B 276 -2.27 -21.42 13.39
CA LEU B 276 -3.70 -21.25 13.26
C LEU B 276 -4.33 -22.52 12.72
N ARG B 277 -5.59 -22.72 13.06
CA ARG B 277 -6.27 -23.96 12.73
C ARG B 277 -6.90 -23.84 11.35
N LEU B 278 -6.72 -24.89 10.53
CA LEU B 278 -7.19 -24.85 9.15
C LEU B 278 -8.71 -24.81 9.04
N LEU B 279 -9.40 -25.62 9.84
CA LEU B 279 -10.83 -25.88 9.61
C LEU B 279 -11.70 -24.70 10.06
N TYR B 280 -11.37 -24.07 11.19
CA TYR B 280 -12.25 -23.04 11.77
C TYR B 280 -11.56 -21.72 12.03
N GLU B 281 -10.32 -21.52 11.56
CA GLU B 281 -9.71 -20.19 11.53
C GLU B 281 -9.24 -19.82 10.13
N CYS B 282 -8.43 -20.68 9.50
CA CYS B 282 -7.81 -20.33 8.21
C CYS B 282 -8.81 -20.38 7.05
N ASN B 283 -9.56 -21.49 6.92
CA ASN B 283 -10.49 -21.67 5.80
C ASN B 283 -11.58 -20.59 5.72
N PRO B 284 -12.33 -20.29 6.78
CA PRO B 284 -13.33 -19.22 6.65
C PRO B 284 -12.71 -17.89 6.26
N MET B 285 -11.55 -17.57 6.83
CA MET B 285 -10.93 -16.29 6.48
C MET B 285 -10.43 -16.31 5.04
N ALA B 286 -9.90 -17.43 4.56
CA ALA B 286 -9.49 -17.52 3.16
C ALA B 286 -10.68 -17.37 2.22
N TYR B 287 -11.79 -18.02 2.56
CA TYR B 287 -12.98 -17.94 1.74
C TYR B 287 -13.50 -16.51 1.67
N VAL B 288 -13.56 -15.85 2.82
CA VAL B 288 -13.92 -14.43 2.85
C VAL B 288 -12.97 -13.64 1.98
N MET B 289 -11.67 -13.87 2.14
CA MET B 289 -10.68 -13.16 1.35
C MET B 289 -10.90 -13.41 -0.15
N GLU B 290 -11.07 -14.66 -0.54
CA GLU B 290 -11.15 -14.89 -1.97
C GLU B 290 -12.45 -14.32 -2.52
N LYS B 291 -13.54 -14.46 -1.76
CA LYS B 291 -14.80 -13.85 -2.17
C LYS B 291 -14.74 -12.33 -2.18
N ALA B 292 -13.81 -11.71 -1.45
CA ALA B 292 -13.62 -10.27 -1.50
C ALA B 292 -12.57 -9.86 -2.53
N GLY B 293 -12.10 -10.80 -3.34
CA GLY B 293 -11.08 -10.54 -4.34
C GLY B 293 -9.65 -10.56 -3.85
N GLY B 294 -9.42 -11.00 -2.60
CA GLY B 294 -8.09 -11.12 -2.05
C GLY B 294 -7.55 -12.53 -2.24
N MET B 295 -6.44 -12.80 -1.56
CA MET B 295 -5.78 -14.09 -1.68
C MET B 295 -5.45 -14.68 -0.32
N ALA B 296 -5.24 -15.99 -0.29
CA ALA B 296 -4.90 -16.65 0.97
C ALA B 296 -4.10 -17.90 0.66
N THR B 297 -2.84 -17.91 1.05
CA THR B 297 -1.93 -18.99 0.75
C THR B 297 -1.26 -19.49 2.01
N THR B 298 -0.83 -20.74 1.97
CA THR B 298 0.09 -21.29 2.97
C THR B 298 1.54 -21.02 2.60
N GLY B 299 1.78 -20.43 1.43
CA GLY B 299 3.11 -20.32 0.88
C GLY B 299 3.29 -21.28 -0.28
N LYS B 300 2.86 -22.53 -0.09
CA LYS B 300 2.98 -23.55 -1.12
C LYS B 300 1.72 -23.69 -1.96
N GLU B 301 0.56 -23.35 -1.42
CA GLU B 301 -0.71 -23.56 -2.11
C GLU B 301 -1.78 -22.68 -1.49
N ALA B 302 -2.88 -22.54 -2.21
CA ALA B 302 -4.04 -21.84 -1.68
C ALA B 302 -4.57 -22.56 -0.45
N VAL B 303 -4.83 -21.79 0.61
CA VAL B 303 -5.38 -22.36 1.85
C VAL B 303 -6.61 -23.20 1.54
N LEU B 304 -7.47 -22.71 0.64
CA LEU B 304 -8.71 -23.40 0.33
C LEU B 304 -8.51 -24.74 -0.36
N ASP B 305 -7.31 -25.03 -0.89
CA ASP B 305 -7.02 -26.30 -1.55
C ASP B 305 -6.37 -27.37 -0.66
N VAL B 306 -5.93 -27.02 0.54
CA VAL B 306 -5.42 -28.03 1.46
C VAL B 306 -6.55 -28.97 1.85
N ILE B 307 -6.34 -30.27 1.66
CA ILE B 307 -7.30 -31.29 2.06
C ILE B 307 -6.95 -31.75 3.47
N PRO B 308 -7.79 -31.49 4.47
CA PRO B 308 -7.43 -31.80 5.86
C PRO B 308 -7.52 -33.29 6.18
N THR B 309 -6.73 -33.70 7.16
CA THR B 309 -6.76 -35.05 7.68
C THR B 309 -7.11 -35.14 9.15
N ASP B 310 -7.10 -34.02 9.88
CA ASP B 310 -7.48 -33.96 11.28
C ASP B 310 -8.26 -32.67 11.49
N ILE B 311 -9.36 -32.74 12.25
CA ILE B 311 -10.19 -31.55 12.40
C ILE B 311 -9.46 -30.41 13.10
N HIS B 312 -8.40 -30.70 13.86
CA HIS B 312 -7.65 -29.69 14.59
C HIS B 312 -6.26 -29.43 14.02
N GLN B 313 -6.00 -29.85 12.78
CA GLN B 313 -4.68 -29.66 12.24
C GLN B 313 -4.44 -28.17 11.97
N ARG B 314 -3.17 -27.79 12.01
CA ARG B 314 -2.78 -26.40 11.80
C ARG B 314 -2.33 -26.18 10.37
N ALA B 315 -2.37 -24.91 9.95
CA ALA B 315 -1.95 -24.52 8.64
C ALA B 315 -1.36 -23.12 8.75
N PRO B 316 -0.25 -22.85 8.07
CA PRO B 316 0.23 -21.47 7.97
C PRO B 316 -0.67 -20.67 7.03
N VAL B 317 -0.76 -19.38 7.26
CA VAL B 317 -1.66 -18.57 6.45
C VAL B 317 -1.04 -17.21 6.18
N ILE B 318 -1.11 -16.81 4.92
CA ILE B 318 -0.77 -15.47 4.47
C ILE B 318 -1.95 -15.04 3.62
N LEU B 319 -2.60 -13.95 4.00
CA LEU B 319 -3.82 -13.56 3.31
C LEU B 319 -3.85 -12.05 3.19
N GLY B 320 -4.75 -11.56 2.35
CA GLY B 320 -4.91 -10.14 2.21
C GLY B 320 -4.99 -9.63 0.77
N SER B 321 -4.57 -8.39 0.58
CA SER B 321 -4.60 -7.77 -0.74
C SER B 321 -3.82 -8.59 -1.77
N PRO B 322 -4.36 -8.75 -2.99
CA PRO B 322 -3.68 -9.64 -3.97
C PRO B 322 -2.28 -9.20 -4.35
N ASP B 323 -2.05 -7.91 -4.58
CA ASP B 323 -0.71 -7.45 -4.93
C ASP B 323 0.28 -7.73 -3.81
N ASP B 324 -0.18 -7.60 -2.56
CA ASP B 324 0.70 -7.86 -1.42
C ASP B 324 0.96 -9.36 -1.28
N VAL B 325 -0.06 -10.20 -1.46
CA VAL B 325 0.14 -11.65 -1.39
C VAL B 325 1.02 -12.16 -2.52
N LEU B 326 0.79 -11.64 -3.75
CA LEU B 326 1.60 -12.06 -4.90
C LEU B 326 3.05 -11.67 -4.71
N GLU B 327 3.30 -10.48 -4.16
CA GLU B 327 4.67 -10.09 -3.86
C GLU B 327 5.32 -11.04 -2.86
N PHE B 328 4.58 -11.45 -1.83
CA PHE B 328 5.15 -12.42 -0.89
C PHE B 328 5.42 -13.76 -1.58
N LEU B 329 4.49 -14.22 -2.42
CA LEU B 329 4.70 -15.50 -3.07
C LEU B 329 5.93 -15.47 -3.96
N LYS B 330 6.15 -14.35 -4.65
CA LYS B 330 7.37 -14.23 -5.46
C LYS B 330 8.62 -14.34 -4.59
N VAL B 331 8.63 -13.69 -3.43
CA VAL B 331 9.76 -13.84 -2.52
C VAL B 331 9.85 -15.29 -2.05
N TYR B 332 8.71 -15.90 -1.74
CA TYR B 332 8.70 -17.29 -1.28
C TYR B 332 9.34 -18.21 -2.30
N GLU B 333 9.06 -17.99 -3.59
CA GLU B 333 9.60 -18.86 -4.63
C GLU B 333 11.08 -18.60 -4.87
N LYS B 334 11.55 -17.36 -4.70
CA LYS B 334 12.98 -17.07 -4.82
C LYS B 334 13.79 -17.97 -3.91
N HIS B 335 13.29 -18.24 -2.69
CA HIS B 335 13.98 -19.14 -1.78
C HIS B 335 13.58 -20.59 -2.04
N SER B 336 13.24 -20.89 -3.29
CA SER B 336 12.77 -22.19 -3.76
C SER B 336 11.65 -22.74 -2.90
N ASP C 10 -30.06 23.36 30.20
CA ASP C 10 -28.98 22.45 30.57
C ASP C 10 -29.50 21.10 31.05
N VAL C 11 -28.95 20.01 30.50
CA VAL C 11 -29.38 18.69 30.91
C VAL C 11 -29.03 18.45 32.37
N ASN C 12 -29.88 17.67 33.04
CA ASN C 12 -29.65 17.29 34.42
C ASN C 12 -29.98 15.81 34.55
N THR C 13 -29.28 15.16 35.45
CA THR C 13 -29.50 13.76 35.78
C THR C 13 -29.89 13.65 37.25
N LEU C 14 -30.39 12.47 37.62
CA LEU C 14 -30.78 12.21 39.00
C LEU C 14 -29.61 12.43 39.95
N THR C 15 -28.47 11.80 39.66
CA THR C 15 -27.32 11.88 40.55
C THR C 15 -26.79 13.31 40.66
N ARG C 16 -26.66 14.01 39.53
CA ARG C 16 -26.19 15.40 39.58
C ARG C 16 -27.19 16.32 40.29
N PHE C 17 -28.49 16.12 40.06
CA PHE C 17 -29.52 16.91 40.74
C PHE C 17 -29.40 16.77 42.26
N VAL C 18 -29.29 15.52 42.73
CA VAL C 18 -29.25 15.28 44.16
C VAL C 18 -27.96 15.85 44.76
N MET C 19 -26.82 15.67 44.07
CA MET C 19 -25.58 16.22 44.59
C MET C 19 -25.65 17.75 44.68
N GLU C 20 -26.24 18.39 43.67
CA GLU C 20 -26.40 19.83 43.69
C GLU C 20 -27.27 20.26 44.87
N GLU C 21 -28.43 19.61 45.06
CA GLU C 21 -29.26 19.96 46.21
C GLU C 21 -28.52 19.66 47.51
N GLY C 22 -27.74 18.58 47.54
CA GLY C 22 -27.03 18.21 48.75
C GLY C 22 -25.96 19.21 49.14
N ARG C 23 -25.17 19.68 48.17
CA ARG C 23 -24.15 20.67 48.47
C ARG C 23 -24.79 22.01 48.86
N LYS C 24 -25.86 22.41 48.18
CA LYS C 24 -26.53 23.66 48.53
C LYS C 24 -27.02 23.65 49.99
N ALA C 25 -27.48 22.51 50.49
CA ALA C 25 -27.94 22.39 51.87
C ALA C 25 -26.80 22.03 52.83
N ARG C 26 -25.58 21.82 52.33
CA ARG C 26 -24.40 21.53 53.13
C ARG C 26 -24.59 20.31 54.02
N GLY C 27 -25.31 19.29 53.53
CA GLY C 27 -25.45 18.04 54.25
C GLY C 27 -24.19 17.18 54.15
N THR C 28 -24.18 16.10 54.90
CA THR C 28 -23.00 15.24 54.96
C THR C 28 -22.81 14.36 53.73
N GLY C 29 -23.85 14.13 52.92
CA GLY C 29 -23.75 13.24 51.78
C GLY C 29 -24.40 11.89 51.99
N GLU C 30 -24.82 11.57 53.21
CA GLU C 30 -25.37 10.25 53.49
C GLU C 30 -26.65 10.00 52.70
N LEU C 31 -27.51 11.01 52.58
CA LEU C 31 -28.74 10.86 51.82
C LEU C 31 -28.46 10.68 50.33
N THR C 32 -27.46 11.42 49.82
CA THR C 32 -27.06 11.25 48.44
C THR C 32 -26.55 9.83 48.16
N GLN C 33 -25.77 9.29 49.09
CA GLN C 33 -25.28 7.91 48.94
C GLN C 33 -26.44 6.93 48.94
N LEU C 34 -27.44 7.16 49.80
CA LEU C 34 -28.61 6.30 49.83
C LEU C 34 -29.36 6.36 48.51
N LEU C 35 -29.67 7.58 48.05
CA LEU C 35 -30.45 7.75 46.84
C LEU C 35 -29.70 7.23 45.63
N ASN C 36 -28.39 7.42 45.60
CA ASN C 36 -27.61 6.85 44.50
C ASN C 36 -27.65 5.33 44.52
N SER C 37 -27.59 4.73 45.70
CA SER C 37 -27.70 3.28 45.79
C SER C 37 -29.08 2.80 45.36
N LEU C 38 -30.12 3.53 45.75
CA LEU C 38 -31.47 3.20 45.33
C LEU C 38 -31.65 3.33 43.81
N CYS C 39 -31.08 4.39 43.22
CA CYS C 39 -31.14 4.56 41.77
C CYS C 39 -30.50 3.37 41.04
N THR C 40 -29.37 2.87 41.54
CA THR C 40 -28.73 1.69 40.94
C THR C 40 -29.63 0.46 41.03
N ALA C 41 -30.25 0.22 42.19
CA ALA C 41 -31.16 -0.91 42.32
C ALA C 41 -32.34 -0.80 41.35
N VAL C 42 -32.86 0.41 41.20
CA VAL C 42 -33.98 0.64 40.30
C VAL C 42 -33.60 0.32 38.85
N LYS C 43 -32.40 0.67 38.44
CA LYS C 43 -31.99 0.34 37.07
C LYS C 43 -31.87 -1.16 36.88
N ALA C 44 -31.40 -1.88 37.92
CA ALA C 44 -31.32 -3.34 37.81
C ALA C 44 -32.70 -3.97 37.84
N ILE C 45 -33.62 -3.42 38.63
CA ILE C 45 -34.98 -3.94 38.63
C ILE C 45 -35.64 -3.72 37.27
N SER C 46 -35.51 -2.52 36.71
CA SER C 46 -36.05 -2.23 35.39
C SER C 46 -35.52 -3.21 34.36
N SER C 47 -34.21 -3.46 34.36
CA SER C 47 -33.66 -4.38 33.39
C SER C 47 -34.27 -5.77 33.55
N ALA C 48 -34.47 -6.20 34.80
CA ALA C 48 -35.11 -7.49 35.03
C ALA C 48 -36.58 -7.46 34.65
N VAL C 49 -37.28 -6.39 34.99
CA VAL C 49 -38.71 -6.30 34.68
C VAL C 49 -38.91 -6.34 33.15
N ARG C 50 -38.01 -5.71 32.39
CA ARG C 50 -38.08 -5.74 30.93
C ARG C 50 -37.57 -7.05 30.32
N LYS C 51 -37.14 -8.02 31.15
CA LYS C 51 -36.81 -9.38 30.74
C LYS C 51 -35.49 -9.48 29.97
N ALA C 52 -34.57 -8.54 30.21
CA ALA C 52 -33.23 -8.69 29.66
C ALA C 52 -32.60 -9.99 30.18
N GLY C 53 -32.08 -10.81 29.27
CA GLY C 53 -31.55 -12.09 29.66
C GLY C 53 -32.56 -13.23 29.77
N ILE C 54 -33.85 -13.00 29.47
CA ILE C 54 -34.85 -14.08 29.57
C ILE C 54 -34.51 -15.23 28.63
N ALA C 55 -33.84 -14.95 27.51
CA ALA C 55 -33.47 -16.02 26.60
C ALA C 55 -32.65 -17.10 27.29
N HIS C 56 -31.83 -16.73 28.28
CA HIS C 56 -31.07 -17.72 29.02
C HIS C 56 -31.97 -18.53 29.92
N LEU C 57 -33.06 -17.94 30.41
CA LEU C 57 -34.00 -18.72 31.20
C LEU C 57 -34.65 -19.80 30.37
N TYR C 58 -34.81 -19.58 29.06
CA TYR C 58 -35.51 -20.52 28.20
C TYR C 58 -34.55 -21.39 27.38
N GLY C 59 -33.28 -21.49 27.78
CA GLY C 59 -32.40 -22.50 27.22
C GLY C 59 -31.62 -22.13 25.98
N ILE C 60 -31.33 -20.84 25.75
CA ILE C 60 -30.59 -20.48 24.55
C ILE C 60 -29.19 -21.05 24.55
N ALA C 61 -28.65 -21.37 25.72
CA ALA C 61 -27.34 -22.02 25.84
C ALA C 61 -27.44 -23.46 26.31
N GLY C 62 -28.59 -24.11 26.09
CA GLY C 62 -28.83 -25.45 26.60
C GLY C 62 -29.48 -25.46 27.97
N LYS C 73 -37.31 -15.59 41.23
CA LYS C 73 -38.57 -14.86 41.18
C LYS C 73 -38.35 -13.35 41.19
N LEU C 74 -39.14 -12.64 40.38
CA LEU C 74 -38.87 -11.23 40.11
C LEU C 74 -38.99 -10.37 41.35
N ASP C 75 -40.04 -10.55 42.13
CA ASP C 75 -40.19 -9.70 43.30
C ASP C 75 -39.15 -10.07 44.37
N VAL C 76 -38.70 -11.33 44.39
CA VAL C 76 -37.61 -11.71 45.29
C VAL C 76 -36.30 -11.06 44.84
N LEU C 77 -36.01 -11.12 43.55
CA LEU C 77 -34.82 -10.44 43.04
C LEU C 77 -34.89 -8.94 43.29
N SER C 78 -36.07 -8.34 43.08
CA SER C 78 -36.20 -6.92 43.33
C SER C 78 -35.88 -6.58 44.79
N ASN C 79 -36.45 -7.34 45.73
CA ASN C 79 -36.18 -7.12 47.14
C ASN C 79 -34.70 -7.24 47.45
N ASP C 80 -34.03 -8.28 46.92
CA ASP C 80 -32.61 -8.45 47.17
C ASP C 80 -31.79 -7.29 46.61
N LEU C 81 -32.19 -6.77 45.45
CA LEU C 81 -31.46 -5.64 44.88
C LEU C 81 -31.53 -4.42 45.79
N VAL C 82 -32.74 -4.06 46.23
CA VAL C 82 -32.90 -2.91 47.10
C VAL C 82 -32.22 -3.14 48.45
N MET C 83 -32.43 -4.33 49.06
CA MET C 83 -31.82 -4.65 50.34
C MET C 83 -30.31 -4.54 50.27
N ASN C 84 -29.71 -5.18 49.27
CA ASN C 84 -28.27 -5.21 49.20
C ASN C 84 -27.71 -3.84 48.85
N MET C 85 -28.36 -3.11 47.94
CA MET C 85 -27.82 -1.80 47.62
C MET C 85 -27.97 -0.83 48.80
N LEU C 86 -29.12 -0.86 49.50
CA LEU C 86 -29.34 0.01 50.65
C LEU C 86 -28.46 -0.38 51.83
N LYS C 87 -28.30 -1.68 52.12
CA LYS C 87 -27.38 -2.10 53.18
C LYS C 87 -25.96 -1.59 52.92
N SER C 88 -25.46 -1.82 51.71
CA SER C 88 -24.09 -1.49 51.38
C SER C 88 -23.88 0.00 51.17
N SER C 89 -24.93 0.81 51.26
CA SER C 89 -24.76 2.26 51.11
C SER C 89 -24.12 2.89 52.33
N PHE C 90 -24.06 2.16 53.46
CA PHE C 90 -23.65 2.66 54.77
C PHE C 90 -24.51 3.82 55.24
N ALA C 91 -25.71 3.96 54.68
CA ALA C 91 -26.56 5.10 54.97
C ALA C 91 -27.85 4.75 55.68
N THR C 92 -28.11 3.47 55.96
CA THR C 92 -29.40 3.06 56.51
C THR C 92 -29.18 2.26 57.79
N CYS C 93 -30.22 2.14 58.59
CA CYS C 93 -30.08 1.27 59.76
C CYS C 93 -31.27 0.32 59.93
N VAL C 94 -32.44 0.75 59.46
CA VAL C 94 -33.63 -0.09 59.56
C VAL C 94 -34.31 -0.10 58.20
N LEU C 95 -34.63 -1.30 57.71
CA LEU C 95 -35.24 -1.50 56.39
C LEU C 95 -36.52 -2.32 56.52
N VAL C 96 -37.62 -1.76 56.03
CA VAL C 96 -38.92 -2.45 55.95
C VAL C 96 -39.26 -2.66 54.48
N SER C 97 -39.56 -3.91 54.12
CA SER C 97 -39.96 -4.29 52.78
C SER C 97 -41.26 -5.08 52.83
N GLU C 98 -42.10 -4.87 51.83
CA GLU C 98 -43.28 -5.69 51.66
C GLU C 98 -42.96 -7.18 51.67
N GLU C 99 -41.75 -7.57 51.29
CA GLU C 99 -41.38 -8.97 51.15
C GLU C 99 -40.93 -9.62 52.46
N ASP C 100 -40.69 -8.84 53.52
CA ASP C 100 -40.12 -9.35 54.76
C ASP C 100 -41.06 -9.07 55.92
N LYS C 101 -41.37 -10.12 56.69
CA LYS C 101 -42.33 -9.97 57.76
C LYS C 101 -41.83 -9.03 58.85
N HIS C 102 -40.54 -9.05 59.13
CA HIS C 102 -39.97 -8.16 60.14
C HIS C 102 -39.05 -7.13 59.49
N ALA C 103 -38.85 -6.03 60.21
CA ALA C 103 -37.87 -5.06 59.78
C ALA C 103 -36.50 -5.72 59.72
N ILE C 104 -35.70 -5.31 58.76
CA ILE C 104 -34.33 -5.79 58.64
C ILE C 104 -33.45 -4.77 59.36
N ILE C 105 -32.67 -5.23 60.33
CA ILE C 105 -31.76 -4.37 61.07
C ILE C 105 -30.39 -4.52 60.43
N VAL C 106 -29.87 -3.42 59.90
CA VAL C 106 -28.58 -3.45 59.22
C VAL C 106 -27.48 -3.76 60.24
N GLU C 107 -26.54 -4.61 59.84
CA GLU C 107 -25.46 -5.02 60.72
C GLU C 107 -24.62 -3.80 61.13
N PRO C 108 -24.01 -3.83 62.32
CA PRO C 108 -23.48 -2.58 62.93
C PRO C 108 -22.47 -1.84 62.06
N GLU C 109 -21.56 -2.54 61.41
CA GLU C 109 -20.52 -1.83 60.67
C GLU C 109 -21.05 -1.12 59.41
N LYS C 110 -22.25 -1.47 58.93
CA LYS C 110 -22.85 -0.81 57.78
C LYS C 110 -23.89 0.26 58.15
N ARG C 111 -24.06 0.55 59.44
CA ARG C 111 -25.20 1.36 59.88
C ARG C 111 -25.04 2.84 59.52
N GLY C 112 -26.13 3.43 59.08
CA GLY C 112 -26.22 4.87 58.83
C GLY C 112 -27.47 5.41 59.51
N LYS C 113 -27.90 6.63 59.20
CA LYS C 113 -28.90 7.32 60.00
C LYS C 113 -30.32 7.29 59.44
N TYR C 114 -30.56 6.63 58.31
CA TYR C 114 -31.86 6.69 57.66
C TYR C 114 -32.60 5.36 57.76
N VAL C 115 -33.94 5.47 57.81
CA VAL C 115 -34.87 4.34 57.78
C VAL C 115 -35.58 4.35 56.44
N VAL C 116 -35.65 3.20 55.76
CA VAL C 116 -36.24 3.13 54.42
C VAL C 116 -37.35 2.08 54.43
N CYS C 117 -38.56 2.49 54.07
CA CYS C 117 -39.67 1.57 53.89
C CYS C 117 -39.93 1.48 52.39
N PHE C 118 -39.96 0.25 51.85
CA PHE C 118 -40.11 0.17 50.41
C PHE C 118 -40.92 -1.05 49.99
N ASP C 119 -41.59 -0.88 48.84
CA ASP C 119 -42.20 -1.96 48.09
C ASP C 119 -41.31 -2.21 46.89
N PRO C 120 -40.56 -3.31 46.86
CA PRO C 120 -39.58 -3.47 45.78
C PRO C 120 -40.23 -3.69 44.41
N LEU C 121 -41.42 -4.32 44.32
CA LEU C 121 -42.09 -4.49 43.01
C LEU C 121 -43.61 -4.49 43.22
N ASP C 122 -44.18 -3.30 43.37
CA ASP C 122 -45.61 -3.15 43.60
C ASP C 122 -46.40 -3.40 42.31
N GLY C 123 -47.49 -4.15 42.44
CA GLY C 123 -48.30 -4.57 41.30
C GLY C 123 -47.86 -5.88 40.68
N SER C 124 -46.81 -6.52 41.22
CA SER C 124 -46.16 -7.70 40.65
C SER C 124 -47.03 -8.96 40.65
N SER C 125 -48.15 -8.98 41.39
CA SER C 125 -49.03 -10.14 41.29
C SER C 125 -49.62 -10.29 39.89
N ASN C 126 -49.90 -9.16 39.21
CA ASN C 126 -50.49 -9.19 37.88
C ASN C 126 -49.44 -9.04 36.77
N ILE C 127 -48.17 -9.30 37.07
CA ILE C 127 -47.12 -9.16 36.06
C ILE C 127 -47.29 -10.19 34.96
N ASP C 128 -48.09 -11.25 35.18
CA ASP C 128 -48.34 -12.22 34.13
C ASP C 128 -48.98 -11.58 32.91
N CYS C 129 -49.70 -10.47 33.08
CA CYS C 129 -50.31 -9.75 31.97
C CYS C 129 -49.50 -8.52 31.55
N LEU C 130 -48.27 -8.37 32.03
CA LEU C 130 -47.38 -7.26 31.66
C LEU C 130 -47.95 -5.92 32.09
N VAL C 131 -48.80 -5.94 33.11
CA VAL C 131 -49.24 -4.69 33.72
C VAL C 131 -48.01 -3.91 34.16
N SER C 132 -48.10 -2.59 34.08
CA SER C 132 -47.09 -1.73 34.65
C SER C 132 -46.84 -2.10 36.10
N VAL C 133 -45.59 -2.08 36.52
CA VAL C 133 -45.26 -2.25 37.92
C VAL C 133 -44.36 -1.11 38.35
N GLY C 134 -44.04 -1.08 39.64
CA GLY C 134 -43.21 -0.01 40.11
C GLY C 134 -42.59 -0.35 41.45
N THR C 135 -41.63 0.48 41.83
CA THR C 135 -40.98 0.45 43.13
C THR C 135 -41.38 1.69 43.91
N ILE C 136 -41.78 1.52 45.18
CA ILE C 136 -42.19 2.64 46.02
C ILE C 136 -41.27 2.67 47.22
N PHE C 137 -40.78 3.84 47.57
CA PHE C 137 -39.85 3.93 48.69
C PHE C 137 -40.16 5.17 49.52
N GLY C 138 -39.90 5.07 50.81
CA GLY C 138 -40.00 6.20 51.71
C GLY C 138 -38.86 6.24 52.71
N ILE C 139 -38.29 7.43 52.90
CA ILE C 139 -37.05 7.60 53.64
C ILE C 139 -37.29 8.50 54.83
N TYR C 140 -36.98 7.99 56.01
CA TYR C 140 -37.03 8.70 57.29
C TYR C 140 -35.62 8.83 57.88
N ARG C 141 -35.41 9.90 58.62
CA ARG C 141 -34.29 9.96 59.57
C ARG C 141 -34.66 9.16 60.81
N LYS C 142 -33.81 8.20 61.18
CA LYS C 142 -34.00 7.53 62.46
C LYS C 142 -34.15 8.57 63.56
N LYS C 143 -35.27 8.47 64.27
CA LYS C 143 -35.69 9.47 65.24
C LYS C 143 -35.26 9.13 66.68
N SER C 144 -35.46 7.89 67.09
CA SER C 144 -35.12 7.54 68.45
C SER C 144 -33.61 7.37 68.55
N THR C 145 -33.08 7.49 69.79
CA THR C 145 -31.68 7.19 70.03
C THR C 145 -31.48 5.78 70.57
N ASP C 146 -32.54 4.99 70.71
CA ASP C 146 -32.43 3.60 71.14
C ASP C 146 -31.65 2.77 70.14
N GLU C 147 -31.38 1.50 70.46
CA GLU C 147 -30.80 0.59 69.48
C GLU C 147 -31.77 0.48 68.29
N PRO C 148 -31.27 0.41 67.06
CA PRO C 148 -32.19 0.36 65.92
C PRO C 148 -33.12 -0.83 66.03
N SER C 149 -34.39 -0.60 65.71
CA SER C 149 -35.40 -1.64 65.81
C SER C 149 -36.57 -1.29 64.91
N GLU C 150 -37.49 -2.25 64.81
CA GLU C 150 -38.70 -2.09 64.00
C GLU C 150 -39.44 -0.81 64.36
N LYS C 151 -39.39 -0.40 65.64
CA LYS C 151 -40.06 0.80 66.09
C LYS C 151 -39.59 2.05 65.34
N ASP C 152 -38.34 2.05 64.85
CA ASP C 152 -37.83 3.21 64.13
C ASP C 152 -38.56 3.45 62.81
N ALA C 153 -39.23 2.43 62.27
CA ALA C 153 -39.99 2.61 61.04
C ALA C 153 -41.42 3.07 61.27
N LEU C 154 -41.87 3.12 62.51
CA LEU C 154 -43.27 3.48 62.81
C LEU C 154 -43.47 4.98 63.02
N GLN C 155 -43.01 5.81 62.09
CA GLN C 155 -43.18 7.26 62.21
C GLN C 155 -44.31 7.76 61.30
N PRO C 156 -45.01 8.84 61.65
CA PRO C 156 -45.99 9.39 60.70
C PRO C 156 -45.33 9.94 59.43
N GLY C 157 -46.11 9.89 58.34
CA GLY C 157 -45.63 10.34 57.03
C GLY C 157 -45.18 11.79 57.00
N ARG C 158 -45.72 12.63 57.91
CA ARG C 158 -45.23 13.99 58.04
C ARG C 158 -43.71 14.04 58.22
N ASN C 159 -43.12 13.00 58.81
CA ASN C 159 -41.69 12.95 59.07
C ASN C 159 -40.84 12.56 57.87
N LEU C 160 -41.41 12.24 56.71
CA LEU C 160 -40.60 11.78 55.60
C LEU C 160 -39.54 12.81 55.20
N VAL C 161 -38.34 12.30 54.91
CA VAL C 161 -37.24 13.10 54.39
C VAL C 161 -37.24 13.16 52.86
N ALA C 162 -37.58 12.04 52.21
CA ALA C 162 -37.68 11.91 50.77
C ALA C 162 -38.62 10.75 50.50
N ALA C 163 -39.25 10.77 49.33
CA ALA C 163 -40.14 9.68 48.94
C ALA C 163 -40.32 9.72 47.45
N GLY C 164 -40.75 8.60 46.88
CA GLY C 164 -41.03 8.58 45.47
C GLY C 164 -41.23 7.16 44.98
N TYR C 165 -41.20 7.03 43.66
CA TYR C 165 -41.42 5.74 43.03
C TYR C 165 -40.72 5.68 41.68
N ALA C 166 -40.36 4.48 41.28
CA ALA C 166 -40.01 4.18 39.91
C ALA C 166 -41.21 3.45 39.31
N LEU C 167 -41.63 3.91 38.15
CA LEU C 167 -42.71 3.28 37.40
C LEU C 167 -42.10 2.60 36.20
N TYR C 168 -42.26 1.27 36.13
CA TYR C 168 -41.79 0.48 34.97
C TYR C 168 -42.98 0.33 34.04
N GLY C 169 -43.28 1.39 33.31
CA GLY C 169 -44.41 1.43 32.42
C GLY C 169 -43.96 1.24 30.99
N SER C 170 -44.56 2.01 30.08
CA SER C 170 -44.06 1.96 28.70
C SER C 170 -42.63 2.43 28.63
N ALA C 171 -42.25 3.35 29.52
CA ALA C 171 -40.86 3.65 29.81
C ALA C 171 -40.67 3.60 31.33
N THR C 172 -39.42 3.68 31.78
CA THR C 172 -39.15 3.68 33.22
C THR C 172 -38.91 5.11 33.67
N MET C 173 -39.72 5.57 34.63
CA MET C 173 -39.60 6.92 35.14
C MET C 173 -39.39 6.88 36.65
N LEU C 174 -38.53 7.74 37.17
CA LEU C 174 -38.34 7.87 38.59
C LEU C 174 -38.92 9.20 39.04
N VAL C 175 -39.86 9.15 39.99
CA VAL C 175 -40.47 10.35 40.55
C VAL C 175 -39.94 10.50 41.97
N LEU C 176 -39.28 11.64 42.23
CA LEU C 176 -38.63 11.93 43.50
C LEU C 176 -39.24 13.18 44.13
N ALA C 177 -39.73 13.06 45.37
CA ALA C 177 -40.29 14.20 46.11
C ALA C 177 -39.40 14.51 47.32
N MET C 178 -39.02 15.78 47.48
CA MET C 178 -38.28 16.26 48.65
C MET C 178 -38.86 17.61 49.06
N ASP C 179 -38.22 18.25 50.04
CA ASP C 179 -38.63 19.57 50.50
C ASP C 179 -38.66 20.59 49.36
N CYS C 180 -37.70 20.49 48.42
CA CYS C 180 -37.73 21.35 47.25
C CYS C 180 -38.87 21.02 46.29
N GLY C 181 -39.59 19.91 46.48
CA GLY C 181 -40.68 19.56 45.59
C GLY C 181 -40.51 18.27 44.81
N VAL C 182 -41.32 18.10 43.75
CA VAL C 182 -41.41 16.84 43.02
C VAL C 182 -40.70 17.01 41.69
N ASN C 183 -39.80 16.08 41.36
CA ASN C 183 -39.11 16.07 40.07
C ASN C 183 -39.17 14.68 39.46
N CYS C 184 -39.34 14.65 38.13
CA CYS C 184 -39.53 13.42 37.36
C CYS C 184 -38.33 13.18 36.46
N PHE C 185 -37.75 11.99 36.58
CA PHE C 185 -36.55 11.58 35.85
C PHE C 185 -36.89 10.35 35.01
N MET C 186 -36.61 10.42 33.73
CA MET C 186 -36.86 9.35 32.78
C MET C 186 -35.57 8.54 32.62
N LEU C 187 -35.68 7.23 32.76
CA LEU C 187 -34.51 6.38 32.53
C LEU C 187 -34.19 6.29 31.03
N ASP C 188 -32.98 6.73 30.65
CA ASP C 188 -32.50 6.46 29.30
C ASP C 188 -31.77 5.13 29.36
N PRO C 189 -32.38 4.05 28.87
CA PRO C 189 -31.74 2.73 28.98
C PRO C 189 -30.57 2.55 28.05
N ALA C 190 -30.41 3.38 27.02
CA ALA C 190 -29.23 3.30 26.19
C ALA C 190 -27.96 3.66 26.95
N ILE C 191 -28.05 4.52 27.97
CA ILE C 191 -26.88 4.94 28.74
C ILE C 191 -27.04 4.66 30.22
N GLY C 192 -28.17 4.12 30.65
CA GLY C 192 -28.34 3.83 32.07
C GLY C 192 -28.28 5.05 32.94
N GLU C 193 -28.92 6.14 32.53
CA GLU C 193 -28.93 7.35 33.33
C GLU C 193 -30.37 7.86 33.44
N PHE C 194 -30.69 8.42 34.62
CA PHE C 194 -31.99 9.05 34.84
C PHE C 194 -31.90 10.51 34.45
N ILE C 195 -32.71 10.91 33.47
CA ILE C 195 -32.68 12.24 32.89
C ILE C 195 -33.83 13.06 33.46
N LEU C 196 -33.53 14.24 33.97
CA LEU C 196 -34.59 15.13 34.46
C LEU C 196 -35.43 15.64 33.30
N VAL C 197 -36.72 15.29 33.28
CA VAL C 197 -37.59 15.74 32.20
C VAL C 197 -38.77 16.59 32.68
N ASP C 198 -39.16 16.57 33.95
CA ASP C 198 -40.22 17.45 34.45
C ASP C 198 -39.81 18.01 35.81
N LYS C 199 -39.66 19.32 35.91
CA LYS C 199 -39.14 19.97 37.11
C LYS C 199 -40.24 20.59 37.97
N ASP C 200 -40.15 20.35 39.28
CA ASP C 200 -41.04 20.97 40.27
C ASP C 200 -42.51 20.81 39.88
N VAL C 201 -42.91 19.56 39.67
CA VAL C 201 -44.22 19.29 39.10
C VAL C 201 -45.32 19.62 40.10
N LYS C 202 -46.42 20.15 39.59
CA LYS C 202 -47.63 20.43 40.36
C LYS C 202 -48.81 19.75 39.68
N ILE C 203 -49.70 19.19 40.49
CA ILE C 203 -50.90 18.52 40.00
C ILE C 203 -51.96 19.55 39.62
N LYS C 204 -52.78 19.21 38.63
CA LYS C 204 -53.92 20.04 38.29
C LYS C 204 -54.82 20.28 39.50
N LYS C 205 -55.36 21.49 39.61
CA LYS C 205 -56.27 21.82 40.70
C LYS C 205 -57.51 20.94 40.70
N LYS C 206 -57.99 20.56 39.51
CA LYS C 206 -59.17 19.72 39.35
C LYS C 206 -58.95 18.85 38.12
N GLY C 207 -59.33 17.57 38.22
CA GLY C 207 -59.14 16.64 37.13
C GLY C 207 -60.44 16.18 36.50
N LYS C 208 -60.31 15.18 35.62
CA LYS C 208 -61.47 14.63 34.91
C LYS C 208 -61.48 13.11 34.87
N ILE C 209 -60.69 12.45 35.72
CA ILE C 209 -60.61 10.99 35.76
C ILE C 209 -60.73 10.54 37.21
N TYR C 210 -61.58 9.56 37.47
CA TYR C 210 -61.57 8.92 38.78
C TYR C 210 -61.14 7.48 38.61
N SER C 211 -60.48 6.96 39.65
CA SER C 211 -59.78 5.67 39.57
C SER C 211 -60.04 4.89 40.85
N LEU C 212 -60.82 3.82 40.73
CA LEU C 212 -60.99 2.86 41.82
C LEU C 212 -61.57 1.61 41.22
N ASN C 213 -61.47 0.51 41.97
CA ASN C 213 -62.01 -0.77 41.56
C ASN C 213 -63.49 -0.75 41.88
N GLU C 214 -64.31 -0.48 40.87
CA GLU C 214 -65.75 -0.41 41.05
C GLU C 214 -66.39 -1.78 41.24
N GLY C 215 -65.63 -2.87 41.16
CA GLY C 215 -66.16 -4.20 41.47
C GLY C 215 -66.58 -4.36 42.93
N TYR C 216 -66.04 -3.56 43.83
CA TYR C 216 -66.50 -3.57 45.20
C TYR C 216 -67.69 -2.64 45.43
N ALA C 217 -68.44 -2.33 44.38
CA ALA C 217 -69.55 -1.38 44.57
C ALA C 217 -70.52 -1.86 45.65
N LYS C 218 -70.73 -3.18 45.78
CA LYS C 218 -71.63 -3.73 46.80
C LYS C 218 -71.14 -3.45 48.22
N ASP C 219 -69.85 -3.21 48.42
CA ASP C 219 -69.29 -2.99 49.76
C ASP C 219 -69.03 -1.53 50.07
N PHE C 220 -69.29 -0.61 49.14
CA PHE C 220 -68.92 0.76 49.39
C PHE C 220 -69.75 1.36 50.53
N ASP C 221 -69.07 2.15 51.35
CA ASP C 221 -69.73 3.08 52.24
C ASP C 221 -70.58 4.07 51.45
N PRO C 222 -71.64 4.60 52.07
CA PRO C 222 -72.52 5.56 51.36
C PRO C 222 -71.82 6.80 50.80
N ALA C 223 -70.72 7.25 51.41
CA ALA C 223 -70.02 8.43 50.91
C ALA C 223 -69.34 8.17 49.56
N VAL C 224 -68.64 7.03 49.44
CA VAL C 224 -68.01 6.70 48.17
C VAL C 224 -69.06 6.43 47.10
N THR C 225 -70.12 5.70 47.45
CA THR C 225 -71.20 5.46 46.49
C THR C 225 -71.74 6.79 45.96
N GLU C 226 -71.95 7.77 46.85
CA GLU C 226 -72.47 9.04 46.37
C GLU C 226 -71.44 9.78 45.52
N TYR C 227 -70.18 9.80 45.96
CA TYR C 227 -69.18 10.56 45.21
C TYR C 227 -69.04 10.03 43.79
N ILE C 228 -69.05 8.70 43.63
CA ILE C 228 -68.95 8.12 42.30
C ILE C 228 -70.16 8.49 41.44
N GLN C 229 -71.35 8.48 42.06
CA GLN C 229 -72.57 8.89 41.36
C GLN C 229 -72.44 10.31 40.82
N ARG C 230 -71.84 11.22 41.60
CA ARG C 230 -71.63 12.58 41.12
C ARG C 230 -70.65 12.61 39.94
N LYS C 231 -69.71 11.68 39.89
CA LYS C 231 -68.77 11.68 38.78
C LYS C 231 -69.46 11.23 37.50
N LYS C 232 -70.38 10.27 37.60
CA LYS C 232 -71.07 9.77 36.43
C LYS C 232 -72.27 10.64 36.04
N PHE C 233 -73.00 11.15 37.01
CA PHE C 233 -74.19 11.97 36.76
C PHE C 233 -74.02 13.28 37.50
N PRO C 234 -73.22 14.20 36.98
CA PRO C 234 -72.97 15.45 37.68
C PRO C 234 -74.24 16.26 37.82
N PRO C 235 -74.49 16.80 39.01
CA PRO C 235 -75.70 17.60 39.21
C PRO C 235 -75.67 18.92 38.47
N ASP C 236 -74.48 19.47 38.21
CA ASP C 236 -74.34 20.76 37.55
C ASP C 236 -74.33 20.68 36.04
N ASN C 237 -74.62 19.51 35.46
CA ASN C 237 -74.66 19.35 34.00
C ASN C 237 -73.28 19.56 33.37
N SER C 238 -72.21 19.33 34.12
CA SER C 238 -70.89 19.24 33.52
C SER C 238 -70.70 17.85 32.91
N ALA C 239 -69.62 17.67 32.18
CA ALA C 239 -69.36 16.38 31.53
C ALA C 239 -68.96 15.35 32.58
N PRO C 240 -69.40 14.10 32.43
CA PRO C 240 -69.00 13.06 33.39
C PRO C 240 -67.50 12.81 33.32
N TYR C 241 -66.92 12.46 34.46
CA TYR C 241 -65.52 12.04 34.49
C TYR C 241 -65.37 10.71 33.75
N GLY C 242 -64.20 10.49 33.15
CA GLY C 242 -63.85 9.17 32.66
C GLY C 242 -63.25 8.30 33.76
N ALA C 243 -63.31 7.00 33.56
CA ALA C 243 -62.75 6.07 34.52
C ALA C 243 -61.53 5.39 33.91
N ARG C 244 -60.50 5.21 34.74
CA ARG C 244 -59.29 4.45 34.43
C ARG C 244 -58.93 3.72 35.72
N TYR C 245 -58.59 2.43 35.63
CA TYR C 245 -58.12 1.69 36.79
C TYR C 245 -57.24 0.55 36.29
N VAL C 246 -55.93 0.76 36.40
CA VAL C 246 -54.96 -0.25 35.97
C VAL C 246 -54.91 -1.42 36.94
N GLY C 247 -55.17 -1.18 38.23
CA GLY C 247 -54.95 -2.22 39.22
C GLY C 247 -53.53 -2.25 39.74
N SER C 248 -52.70 -1.30 39.32
CA SER C 248 -51.34 -1.16 39.80
C SER C 248 -51.17 0.22 40.38
N MET C 249 -50.92 0.31 41.68
CA MET C 249 -51.03 1.59 42.37
C MET C 249 -50.07 2.63 41.78
N VAL C 250 -48.85 2.22 41.43
CA VAL C 250 -47.89 3.20 40.92
C VAL C 250 -48.40 3.80 39.62
N ALA C 251 -48.94 2.95 38.74
CA ALA C 251 -49.43 3.41 37.46
C ALA C 251 -50.63 4.34 37.64
N ASP C 252 -51.56 3.97 38.51
CA ASP C 252 -52.75 4.77 38.78
C ASP C 252 -52.42 6.09 39.48
N VAL C 253 -51.52 6.07 40.45
CA VAL C 253 -51.16 7.32 41.10
C VAL C 253 -50.40 8.24 40.13
N HIS C 254 -49.49 7.67 39.33
CA HIS C 254 -48.72 8.48 38.40
C HIS C 254 -49.61 9.14 37.35
N ARG C 255 -50.60 8.42 36.81
CA ARG C 255 -51.55 9.04 35.90
C ARG C 255 -52.29 10.17 36.58
N THR C 256 -52.69 9.95 37.83
CA THR C 256 -53.35 10.99 38.59
C THR C 256 -52.42 12.20 38.73
N LEU C 257 -51.14 11.95 38.98
CA LEU C 257 -50.19 13.06 39.08
C LEU C 257 -50.08 13.81 37.76
N VAL C 258 -49.96 13.07 36.66
CA VAL C 258 -49.68 13.69 35.36
C VAL C 258 -50.92 14.38 34.80
N TYR C 259 -52.08 13.72 34.90
CA TYR C 259 -53.30 14.24 34.29
C TYR C 259 -54.25 14.89 35.28
N GLY C 260 -54.04 14.70 36.59
CA GLY C 260 -55.01 15.15 37.55
C GLY C 260 -56.17 14.18 37.68
N GLY C 261 -57.04 14.47 38.65
CA GLY C 261 -58.15 13.59 38.97
C GLY C 261 -58.02 13.03 40.37
N ILE C 262 -58.58 11.85 40.56
CA ILE C 262 -58.66 11.27 41.89
C ILE C 262 -58.47 9.75 41.79
N PHE C 263 -57.76 9.19 42.77
CA PHE C 263 -57.58 7.75 42.94
C PHE C 263 -58.16 7.35 44.30
N LEU C 264 -58.97 6.29 44.32
CA LEU C 264 -59.60 5.84 45.56
C LEU C 264 -59.32 4.37 45.75
N TYR C 265 -58.85 3.99 46.94
CA TYR C 265 -58.90 2.60 47.41
C TYR C 265 -59.43 2.55 48.84
N PRO C 266 -60.75 2.58 49.02
CA PRO C 266 -61.34 2.62 50.36
C PRO C 266 -61.47 1.21 50.91
N ALA C 267 -61.89 1.13 52.17
CA ALA C 267 -62.04 -0.18 52.80
C ALA C 267 -63.26 -0.91 52.24
N ASN C 268 -63.22 -2.24 52.29
CA ASN C 268 -64.34 -3.09 51.92
C ASN C 268 -64.40 -4.27 52.90
N LYS C 269 -65.33 -5.20 52.67
CA LYS C 269 -65.51 -6.32 53.60
C LYS C 269 -64.29 -7.23 53.63
N LYS C 270 -63.60 -7.36 52.51
CA LYS C 270 -62.36 -8.11 52.48
C LYS C 270 -61.23 -7.36 53.19
N SER C 271 -61.34 -6.04 53.25
CA SER C 271 -60.26 -5.18 53.74
C SER C 271 -60.84 -4.07 54.60
N PRO C 272 -61.25 -4.37 55.84
CA PRO C 272 -61.95 -3.34 56.64
C PRO C 272 -61.07 -2.18 57.09
N ASN C 273 -59.74 -2.33 57.08
CA ASN C 273 -58.81 -1.24 57.32
C ASN C 273 -58.16 -0.79 56.03
N GLY C 274 -58.79 -1.11 54.91
CA GLY C 274 -58.24 -0.86 53.60
C GLY C 274 -57.28 -1.95 53.18
N LYS C 275 -56.72 -1.75 51.99
CA LYS C 275 -55.89 -2.78 51.41
C LYS C 275 -54.47 -2.34 51.16
N LEU C 276 -54.25 -1.06 50.81
CA LEU C 276 -52.89 -0.60 50.53
C LEU C 276 -52.13 -0.42 51.84
N ARG C 277 -50.81 -0.59 51.76
CA ARG C 277 -49.98 -0.55 52.97
C ARG C 277 -49.60 0.88 53.31
N LEU C 278 -49.73 1.22 54.60
CA LEU C 278 -49.48 2.60 55.01
C LEU C 278 -48.02 2.95 54.84
N LEU C 279 -47.12 2.04 55.24
CA LEU C 279 -45.73 2.44 55.46
C LEU C 279 -44.99 2.67 54.14
N TYR C 280 -45.22 1.79 53.16
CA TYR C 280 -44.45 1.81 51.94
C TYR C 280 -45.32 1.82 50.68
N GLU C 281 -46.62 2.08 50.80
CA GLU C 281 -47.45 2.41 49.64
C GLU C 281 -48.17 3.74 49.87
N CYS C 282 -48.96 3.89 50.94
CA CYS C 282 -49.76 5.09 51.11
C CYS C 282 -48.91 6.30 51.47
N ASN C 283 -48.04 6.20 52.47
CA ASN C 283 -47.25 7.36 52.89
C ASN C 283 -46.39 7.92 51.76
N PRO C 284 -45.56 7.13 51.06
CA PRO C 284 -44.77 7.72 49.98
C PRO C 284 -45.62 8.41 48.94
N MET C 285 -46.77 7.82 48.58
CA MET C 285 -47.63 8.41 47.56
C MET C 285 -48.29 9.68 48.05
N ALA C 286 -48.73 9.66 49.30
CA ALA C 286 -49.30 10.85 49.91
C ALA C 286 -48.27 11.97 49.97
N TYR C 287 -47.02 11.61 50.26
CA TYR C 287 -45.95 12.61 50.30
C TYR C 287 -45.71 13.23 48.92
N VAL C 288 -45.62 12.40 47.87
CA VAL C 288 -45.50 12.92 46.51
C VAL C 288 -46.68 13.84 46.19
N MET C 289 -47.90 13.36 46.48
CA MET C 289 -49.09 14.17 46.21
C MET C 289 -49.02 15.52 46.90
N GLU C 290 -48.71 15.55 48.20
CA GLU C 290 -48.75 16.82 48.91
C GLU C 290 -47.63 17.74 48.45
N LYS C 291 -46.42 17.22 48.20
CA LYS C 291 -45.40 18.09 47.64
C LYS C 291 -45.75 18.59 46.23
N ALA C 292 -46.64 17.89 45.50
CA ALA C 292 -47.09 18.35 44.18
C ALA C 292 -48.33 19.22 44.28
N GLY C 293 -48.75 19.62 45.48
CA GLY C 293 -49.92 20.45 45.65
C GLY C 293 -51.24 19.71 45.65
N GLY C 294 -51.21 18.38 45.74
CA GLY C 294 -52.42 17.59 45.83
C GLY C 294 -52.78 17.24 47.26
N MET C 295 -53.72 16.30 47.40
CA MET C 295 -54.21 15.90 48.70
C MET C 295 -54.23 14.38 48.80
N ALA C 296 -54.20 13.90 50.04
CA ALA C 296 -54.24 12.47 50.35
C ALA C 296 -54.86 12.31 51.72
N THR C 297 -56.03 11.67 51.79
CA THR C 297 -56.81 11.50 53.01
C THR C 297 -57.23 10.04 53.16
N THR C 298 -57.44 9.64 54.41
CA THR C 298 -58.10 8.37 54.70
C THR C 298 -59.61 8.50 54.72
N GLY C 299 -60.14 9.70 54.61
CA GLY C 299 -61.54 9.99 54.89
C GLY C 299 -61.64 10.68 56.24
N LYS C 300 -60.92 10.15 57.23
CA LYS C 300 -60.95 10.70 58.58
C LYS C 300 -59.81 11.67 58.84
N GLU C 301 -58.68 11.54 58.16
CA GLU C 301 -57.50 12.35 58.43
C GLU C 301 -56.54 12.25 57.25
N ALA C 302 -55.58 13.16 57.23
CA ALA C 302 -54.48 13.08 56.28
C ALA C 302 -53.73 11.78 56.46
N VAL C 303 -53.41 11.13 55.33
CA VAL C 303 -52.60 9.92 55.39
C VAL C 303 -51.29 10.18 56.13
N LEU C 304 -50.65 11.32 55.85
CA LEU C 304 -49.34 11.61 56.41
C LEU C 304 -49.38 11.85 57.91
N ASP C 305 -50.57 12.05 58.49
CA ASP C 305 -50.74 12.23 59.93
C ASP C 305 -51.05 10.94 60.67
N VAL C 306 -51.31 9.84 59.97
CA VAL C 306 -51.56 8.58 60.68
C VAL C 306 -50.29 8.13 61.37
N ILE C 307 -50.41 7.84 62.67
CA ILE C 307 -49.30 7.30 63.44
C ILE C 307 -49.39 5.78 63.37
N PRO C 308 -48.46 5.10 62.74
CA PRO C 308 -48.56 3.65 62.59
C PRO C 308 -48.25 2.94 63.89
N THR C 309 -48.78 1.73 64.01
CA THR C 309 -48.46 0.82 65.09
C THR C 309 -47.83 -0.48 64.62
N ASP C 310 -47.99 -0.85 63.34
CA ASP C 310 -47.47 -2.09 62.78
C ASP C 310 -46.92 -1.82 61.38
N ILE C 311 -45.75 -2.40 61.07
CA ILE C 311 -45.06 -2.04 59.85
C ILE C 311 -45.80 -2.46 58.59
N HIS C 312 -46.70 -3.44 58.68
CA HIS C 312 -47.48 -3.87 57.54
C HIS C 312 -48.94 -3.46 57.66
N GLN C 313 -49.26 -2.51 58.53
CA GLN C 313 -50.66 -2.15 58.69
C GLN C 313 -51.19 -1.45 57.43
N ARG C 314 -52.47 -1.64 57.17
CA ARG C 314 -53.13 -1.10 55.98
C ARG C 314 -53.88 0.18 56.31
N ALA C 315 -54.23 0.93 55.26
CA ALA C 315 -54.97 2.19 55.35
C ALA C 315 -55.87 2.38 54.14
N PRO C 316 -57.06 2.94 54.30
CA PRO C 316 -57.82 3.41 53.13
C PRO C 316 -57.18 4.67 52.60
N VAL C 317 -57.31 4.91 51.31
CA VAL C 317 -56.65 6.07 50.69
C VAL C 317 -57.52 6.67 49.59
N ILE C 318 -57.65 8.00 49.62
CA ILE C 318 -58.24 8.80 48.56
C ILE C 318 -57.27 9.95 48.31
N LEU C 319 -56.74 10.06 47.10
CA LEU C 319 -55.73 11.08 46.84
C LEU C 319 -55.82 11.65 45.43
N GLY C 320 -55.20 12.80 45.25
CA GLY C 320 -55.17 13.45 43.95
C GLY C 320 -55.36 14.95 43.98
N SER C 321 -55.94 15.47 42.90
CA SER C 321 -56.15 16.90 42.74
C SER C 321 -56.90 17.46 43.94
N PRO C 322 -56.54 18.66 44.41
CA PRO C 322 -57.16 19.18 45.64
C PRO C 322 -58.66 19.38 45.53
N ASP C 323 -59.17 19.87 44.40
CA ASP C 323 -60.61 20.07 44.26
C ASP C 323 -61.37 18.74 44.28
N ASP C 324 -60.78 17.70 43.73
CA ASP C 324 -61.48 16.41 43.71
C ASP C 324 -61.48 15.75 45.11
N VAL C 325 -60.36 15.82 45.82
CA VAL C 325 -60.32 15.27 47.18
C VAL C 325 -61.21 16.09 48.12
N LEU C 326 -61.19 17.42 47.98
CA LEU C 326 -62.06 18.26 48.81
C LEU C 326 -63.52 17.95 48.56
N GLU C 327 -63.90 17.72 47.30
CA GLU C 327 -65.28 17.38 46.99
C GLU C 327 -65.67 16.06 47.62
N PHE C 328 -64.78 15.07 47.57
CA PHE C 328 -65.07 13.81 48.25
C PHE C 328 -65.24 14.04 49.75
N LEU C 329 -64.41 14.90 50.32
CA LEU C 329 -64.50 15.17 51.76
C LEU C 329 -65.82 15.85 52.12
N LYS C 330 -66.32 16.76 51.27
CA LYS C 330 -67.64 17.31 51.54
C LYS C 330 -68.70 16.22 51.58
N VAL C 331 -68.65 15.28 50.63
CA VAL C 331 -69.60 14.17 50.64
C VAL C 331 -69.38 13.29 51.87
N TYR C 332 -68.12 13.02 52.20
CA TYR C 332 -67.81 12.21 53.37
C TYR C 332 -68.39 12.85 54.64
N GLU C 333 -68.33 14.18 54.73
CA GLU C 333 -68.88 14.87 55.90
C GLU C 333 -70.40 14.86 55.89
N LYS C 334 -71.02 14.87 54.70
CA LYS C 334 -72.47 14.75 54.61
C LYS C 334 -72.97 13.49 55.32
N HIS C 335 -72.24 12.40 55.17
CA HIS C 335 -72.59 11.14 55.80
C HIS C 335 -71.94 10.96 57.16
N SER C 336 -71.74 12.07 57.88
CA SER C 336 -71.09 12.12 59.19
C SER C 336 -69.60 11.84 59.01
N ASP D 10 -36.56 -27.17 24.00
CA ASP D 10 -35.73 -26.45 23.02
C ASP D 10 -36.13 -24.99 22.91
N VAL D 11 -35.15 -24.08 23.04
CA VAL D 11 -35.46 -22.68 22.91
C VAL D 11 -35.98 -22.40 21.50
N ASN D 12 -36.93 -21.47 21.40
CA ASN D 12 -37.50 -21.11 20.12
C ASN D 12 -37.64 -19.60 20.04
N THR D 13 -37.50 -19.07 18.82
CA THR D 13 -37.65 -17.66 18.56
C THR D 13 -38.81 -17.43 17.60
N LEU D 14 -39.27 -16.19 17.50
CA LEU D 14 -40.36 -15.89 16.56
C LEU D 14 -39.97 -16.24 15.13
N THR D 15 -38.79 -15.77 14.69
CA THR D 15 -38.36 -16.01 13.32
C THR D 15 -38.16 -17.49 13.06
N ARG D 16 -37.54 -18.20 14.00
CA ARG D 16 -37.35 -19.62 13.82
C ARG D 16 -38.70 -20.33 13.80
N PHE D 17 -39.62 -19.91 14.69
CA PHE D 17 -40.95 -20.50 14.72
C PHE D 17 -41.69 -20.31 13.42
N VAL D 18 -41.70 -19.07 12.92
CA VAL D 18 -42.46 -18.82 11.71
C VAL D 18 -41.81 -19.56 10.53
N MET D 19 -40.48 -19.61 10.47
CA MET D 19 -39.85 -20.38 9.41
C MET D 19 -40.19 -21.86 9.50
N GLU D 20 -40.19 -22.42 10.71
CA GLU D 20 -40.53 -23.83 10.86
C GLU D 20 -41.93 -24.12 10.33
N GLU D 21 -42.91 -23.29 10.71
CA GLU D 21 -44.24 -23.47 10.17
C GLU D 21 -44.27 -23.27 8.67
N GLY D 22 -43.49 -22.32 8.16
CA GLY D 22 -43.51 -22.07 6.73
C GLY D 22 -43.01 -23.27 5.94
N ARG D 23 -41.89 -23.85 6.36
CA ARG D 23 -41.38 -25.03 5.67
C ARG D 23 -42.34 -26.21 5.80
N LYS D 24 -42.98 -26.38 6.97
CA LYS D 24 -43.94 -27.47 7.12
C LYS D 24 -45.08 -27.35 6.11
N ALA D 25 -45.54 -26.13 5.86
CA ALA D 25 -46.62 -25.87 4.93
C ALA D 25 -46.15 -25.61 3.50
N ARG D 26 -44.84 -25.61 3.27
CA ARG D 26 -44.27 -25.48 1.93
C ARG D 26 -44.74 -24.22 1.21
N GLY D 27 -44.90 -23.12 1.96
CA GLY D 27 -45.24 -21.85 1.34
C GLY D 27 -44.05 -21.21 0.62
N THR D 28 -44.33 -20.08 -0.03
CA THR D 28 -43.29 -19.40 -0.82
C THR D 28 -42.33 -18.59 0.02
N GLY D 29 -42.66 -18.28 1.28
CA GLY D 29 -41.82 -17.47 2.14
C GLY D 29 -42.24 -16.01 2.30
N GLU D 30 -43.19 -15.52 1.50
CA GLU D 30 -43.55 -14.11 1.58
C GLU D 30 -44.07 -13.76 2.97
N LEU D 31 -44.89 -14.64 3.55
CA LEU D 31 -45.47 -14.37 4.85
C LEU D 31 -44.40 -14.28 5.94
N THR D 32 -43.43 -15.19 5.88
CA THR D 32 -42.28 -15.15 6.76
C THR D 32 -41.48 -13.86 6.58
N GLN D 33 -41.25 -13.44 5.34
CA GLN D 33 -40.58 -12.17 5.10
C GLN D 33 -41.36 -11.03 5.68
N LEU D 34 -42.69 -11.06 5.54
CA LEU D 34 -43.51 -10.00 6.12
C LEU D 34 -43.37 -9.96 7.65
N LEU D 35 -43.54 -11.11 8.31
CA LEU D 35 -43.54 -11.12 9.77
C LEU D 35 -42.17 -10.75 10.32
N ASN D 36 -41.11 -11.18 9.63
CA ASN D 36 -39.76 -10.82 10.06
C ASN D 36 -39.56 -9.31 9.95
N SER D 37 -40.07 -8.72 8.89
CA SER D 37 -40.01 -7.27 8.75
C SER D 37 -40.82 -6.58 9.82
N LEU D 38 -42.02 -7.11 10.11
CA LEU D 38 -42.86 -6.53 11.14
C LEU D 38 -42.18 -6.58 12.50
N CYS D 39 -41.55 -7.72 12.79
CA CYS D 39 -40.82 -7.94 14.03
C CYS D 39 -39.66 -6.96 14.19
N THR D 40 -38.96 -6.63 13.09
CA THR D 40 -37.91 -5.62 13.16
C THR D 40 -38.50 -4.25 13.49
N ALA D 41 -39.63 -3.89 12.87
CA ALA D 41 -40.26 -2.62 13.20
C ALA D 41 -40.70 -2.58 14.68
N VAL D 42 -41.21 -3.69 15.20
CA VAL D 42 -41.69 -3.78 16.57
C VAL D 42 -40.55 -3.60 17.57
N LYS D 43 -39.38 -4.19 17.28
CA LYS D 43 -38.24 -3.98 18.17
C LYS D 43 -37.81 -2.53 18.15
N ALA D 44 -37.85 -1.89 16.99
CA ALA D 44 -37.49 -0.49 16.91
C ALA D 44 -38.54 0.39 17.59
N ILE D 45 -39.82 0.03 17.50
CA ILE D 45 -40.84 0.78 18.23
C ILE D 45 -40.60 0.66 19.73
N SER D 46 -40.34 -0.57 20.20
CA SER D 46 -40.11 -0.80 21.62
C SER D 46 -38.96 0.07 22.15
N SER D 47 -37.86 0.13 21.41
CA SER D 47 -36.71 0.92 21.81
C SER D 47 -37.08 2.40 21.94
N ALA D 48 -37.90 2.92 21.01
CA ALA D 48 -38.31 4.32 21.11
C ALA D 48 -39.30 4.56 22.24
N VAL D 49 -40.24 3.62 22.44
CA VAL D 49 -41.23 3.75 23.51
C VAL D 49 -40.54 3.75 24.87
N ARG D 50 -39.52 2.91 25.03
CA ARG D 50 -38.74 2.83 26.23
C ARG D 50 -37.78 4.00 26.37
N LYS D 51 -37.81 4.97 25.45
CA LYS D 51 -37.09 6.25 25.54
C LYS D 51 -35.58 6.10 25.43
N ALA D 52 -35.08 5.09 24.74
CA ALA D 52 -33.64 5.00 24.50
C ALA D 52 -33.17 6.18 23.67
N GLY D 53 -32.10 6.85 24.14
CA GLY D 53 -31.55 8.03 23.49
C GLY D 53 -32.24 9.34 23.84
N ILE D 54 -33.22 9.31 24.75
CA ILE D 54 -33.93 10.52 25.14
C ILE D 54 -32.97 11.55 25.75
N ALA D 55 -31.83 11.10 26.32
CA ALA D 55 -30.86 12.06 26.84
C ALA D 55 -30.42 13.01 25.74
N HIS D 56 -30.37 12.54 24.49
CA HIS D 56 -29.97 13.44 23.42
C HIS D 56 -31.04 14.47 23.14
N LEU D 57 -32.31 14.15 23.37
CA LEU D 57 -33.37 15.14 23.22
C LEU D 57 -33.30 16.23 24.29
N TYR D 58 -32.72 15.93 25.44
CA TYR D 58 -32.69 16.90 26.53
C TYR D 58 -31.34 17.61 26.64
N GLY D 59 -30.52 17.55 25.60
CA GLY D 59 -29.34 18.39 25.50
C GLY D 59 -28.07 17.84 26.11
N ILE D 60 -27.91 16.51 26.19
CA ILE D 60 -26.72 15.94 26.79
C ILE D 60 -25.47 16.25 25.98
N ALA D 61 -25.61 16.54 24.68
CA ALA D 61 -24.50 16.97 23.85
C ALA D 61 -24.62 18.46 23.50
N GLY D 62 -25.35 19.23 24.32
CA GLY D 62 -25.63 20.61 24.01
C GLY D 62 -26.92 20.71 23.21
N LYS D 73 -44.29 12.81 18.10
CA LYS D 73 -43.37 12.00 17.29
C LYS D 73 -43.46 10.48 17.40
N LEU D 74 -43.81 9.92 18.58
CA LEU D 74 -43.78 8.47 18.73
C LEU D 74 -44.78 7.78 17.81
N ASP D 75 -45.99 8.32 17.68
CA ASP D 75 -46.91 7.67 16.77
C ASP D 75 -46.50 7.88 15.31
N VAL D 76 -45.88 9.03 14.99
CA VAL D 76 -45.39 9.26 13.62
C VAL D 76 -44.23 8.34 13.31
N LEU D 77 -43.27 8.21 14.22
CA LEU D 77 -42.14 7.30 14.01
C LEU D 77 -42.60 5.84 13.91
N SER D 78 -43.51 5.42 14.78
CA SER D 78 -44.03 4.07 14.75
C SER D 78 -44.68 3.77 13.39
N ASN D 79 -45.50 4.70 12.90
CA ASN D 79 -46.10 4.53 11.58
C ASN D 79 -45.03 4.44 10.50
N ASP D 80 -44.00 5.28 10.58
CA ASP D 80 -42.92 5.23 9.58
C ASP D 80 -42.15 3.92 9.65
N LEU D 81 -41.94 3.40 10.87
CA LEU D 81 -41.20 2.14 11.01
C LEU D 81 -41.98 0.99 10.39
N VAL D 82 -43.26 0.87 10.74
CA VAL D 82 -44.07 -0.21 10.19
C VAL D 82 -44.20 -0.02 8.68
N MET D 83 -44.59 1.19 8.25
CA MET D 83 -44.76 1.47 6.82
C MET D 83 -43.51 1.13 6.04
N ASN D 84 -42.35 1.57 6.54
CA ASN D 84 -41.14 1.37 5.76
C ASN D 84 -40.71 -0.09 5.75
N MET D 85 -40.84 -0.80 6.89
CA MET D 85 -40.44 -2.21 6.90
C MET D 85 -41.38 -3.07 6.06
N LEU D 86 -42.68 -2.75 6.06
CA LEU D 86 -43.62 -3.53 5.26
C LEU D 86 -43.41 -3.30 3.76
N LYS D 87 -43.28 -2.03 3.35
CA LYS D 87 -43.01 -1.69 1.96
C LYS D 87 -41.77 -2.43 1.46
N SER D 88 -40.67 -2.36 2.21
CA SER D 88 -39.43 -3.00 1.77
C SER D 88 -39.41 -4.51 1.97
N SER D 89 -40.47 -5.10 2.55
CA SER D 89 -40.50 -6.54 2.74
C SER D 89 -40.73 -7.30 1.43
N PHE D 90 -41.16 -6.62 0.37
CA PHE D 90 -41.54 -7.30 -0.87
C PHE D 90 -42.66 -8.30 -0.64
N ALA D 91 -43.44 -8.13 0.43
CA ALA D 91 -44.51 -9.06 0.75
C ALA D 91 -45.88 -8.41 0.73
N THR D 92 -45.98 -7.10 0.47
CA THR D 92 -47.24 -6.39 0.60
C THR D 92 -47.58 -5.59 -0.66
N CYS D 93 -48.85 -5.21 -0.75
CA CYS D 93 -49.28 -4.35 -1.84
C CYS D 93 -50.14 -3.21 -1.33
N VAL D 94 -50.88 -3.43 -0.24
CA VAL D 94 -51.77 -2.41 0.30
C VAL D 94 -51.58 -2.34 1.81
N LEU D 95 -51.37 -1.15 2.32
CA LEU D 95 -51.12 -0.94 3.73
C LEU D 95 -52.16 0.03 4.22
N VAL D 96 -52.91 -0.37 5.25
CA VAL D 96 -53.89 0.50 5.89
C VAL D 96 -53.40 0.78 7.31
N SER D 97 -53.31 2.07 7.65
CA SER D 97 -52.85 2.52 8.95
C SER D 97 -53.87 3.46 9.57
N GLU D 98 -54.00 3.37 10.89
CA GLU D 98 -54.73 4.37 11.65
C GLU D 98 -54.22 5.78 11.37
N GLU D 99 -52.94 5.92 11.02
CA GLU D 99 -52.29 7.21 10.84
C GLU D 99 -52.51 7.84 9.47
N ASP D 100 -53.04 7.10 8.49
CA ASP D 100 -53.14 7.57 7.11
C ASP D 100 -54.59 7.58 6.62
N LYS D 101 -55.02 8.72 6.06
CA LYS D 101 -56.42 8.89 5.64
C LYS D 101 -56.81 7.89 4.56
N HIS D 102 -55.91 7.65 3.61
CA HIS D 102 -56.16 6.69 2.54
C HIS D 102 -55.23 5.51 2.68
N ALA D 103 -55.61 4.42 2.04
CA ALA D 103 -54.73 3.26 1.96
C ALA D 103 -53.47 3.62 1.20
N ILE D 104 -52.36 3.01 1.62
CA ILE D 104 -51.08 3.20 0.96
C ILE D 104 -50.89 2.05 -0.03
N ILE D 105 -50.62 2.39 -1.28
CA ILE D 105 -50.36 1.41 -2.32
C ILE D 105 -48.87 1.28 -2.49
N VAL D 106 -48.36 0.07 -2.27
CA VAL D 106 -46.94 -0.19 -2.46
C VAL D 106 -46.57 -0.06 -3.92
N GLU D 107 -45.44 0.58 -4.20
CA GLU D 107 -45.00 0.77 -5.58
C GLU D 107 -44.74 -0.59 -6.24
N PRO D 108 -44.91 -0.67 -7.58
CA PRO D 108 -44.98 -1.99 -8.24
C PRO D 108 -43.76 -2.88 -8.01
N GLU D 109 -42.55 -2.32 -8.02
CA GLU D 109 -41.37 -3.16 -7.93
C GLU D 109 -41.21 -3.78 -6.54
N LYS D 110 -41.90 -3.23 -5.54
CA LYS D 110 -41.89 -3.79 -4.20
C LYS D 110 -43.13 -4.63 -3.91
N ARG D 111 -44.01 -4.85 -4.89
CA ARG D 111 -45.32 -5.39 -4.59
C ARG D 111 -45.26 -6.86 -4.22
N GLY D 112 -46.02 -7.22 -3.21
CA GLY D 112 -46.18 -8.59 -2.81
C GLY D 112 -47.66 -8.83 -2.63
N LYS D 113 -48.02 -9.96 -2.04
CA LYS D 113 -49.40 -10.42 -2.12
C LYS D 113 -50.24 -10.14 -0.88
N TYR D 114 -49.71 -9.46 0.13
CA TYR D 114 -50.49 -9.32 1.35
C TYR D 114 -50.97 -7.89 1.56
N VAL D 115 -52.12 -7.80 2.21
CA VAL D 115 -52.72 -6.54 2.64
C VAL D 115 -52.56 -6.51 4.15
N VAL D 116 -52.02 -5.42 4.69
CA VAL D 116 -51.77 -5.31 6.12
C VAL D 116 -52.50 -4.09 6.64
N CYS D 117 -53.35 -4.30 7.65
CA CYS D 117 -54.03 -3.23 8.37
C CYS D 117 -53.40 -3.14 9.76
N PHE D 118 -52.99 -1.95 10.15
CA PHE D 118 -52.29 -1.89 11.43
C PHE D 118 -52.58 -0.57 12.14
N ASP D 119 -52.49 -0.64 13.47
CA ASP D 119 -52.41 0.53 14.33
C ASP D 119 -50.99 0.59 14.89
N PRO D 120 -50.13 1.50 14.41
CA PRO D 120 -48.72 1.42 14.80
C PRO D 120 -48.47 1.72 16.27
N LEU D 121 -49.28 2.59 16.88
CA LEU D 121 -49.06 2.85 18.30
C LEU D 121 -50.41 3.11 18.96
N ASP D 122 -51.11 2.04 19.27
CA ASP D 122 -52.39 2.16 19.96
C ASP D 122 -52.19 2.52 21.43
N GLY D 123 -53.01 3.44 21.91
CA GLY D 123 -52.93 3.97 23.25
C GLY D 123 -52.02 5.17 23.42
N SER D 124 -51.36 5.63 22.35
CA SER D 124 -50.33 6.65 22.46
C SER D 124 -50.89 8.01 22.86
N SER D 125 -52.21 8.20 22.76
CA SER D 125 -52.81 9.46 23.19
C SER D 125 -52.57 9.69 24.68
N ASN D 126 -52.51 8.63 25.48
CA ASN D 126 -52.22 8.73 26.91
C ASN D 126 -50.76 8.35 27.24
N ILE D 127 -49.85 8.41 26.27
CA ILE D 127 -48.47 7.99 26.52
C ILE D 127 -47.70 8.88 27.49
N ASP D 128 -48.18 10.10 27.79
CA ASP D 128 -47.52 10.96 28.78
C ASP D 128 -47.51 10.34 30.17
N CYS D 129 -48.49 9.49 30.49
CA CYS D 129 -48.49 8.89 31.82
C CYS D 129 -47.82 7.53 31.85
N LEU D 130 -47.14 7.15 30.75
CA LEU D 130 -46.40 5.89 30.60
C LEU D 130 -47.29 4.67 30.69
N VAL D 131 -48.58 4.81 30.39
CA VAL D 131 -49.47 3.66 30.21
C VAL D 131 -48.91 2.74 29.12
N SER D 132 -49.20 1.44 29.25
CA SER D 132 -48.90 0.50 28.18
C SER D 132 -49.49 0.97 26.87
N VAL D 133 -48.71 0.83 25.81
CA VAL D 133 -49.14 1.11 24.46
C VAL D 133 -48.86 -0.14 23.65
N GLY D 134 -49.31 -0.14 22.39
CA GLY D 134 -49.04 -1.34 21.61
C GLY D 134 -49.24 -1.11 20.13
N THR D 135 -48.78 -2.09 19.37
CA THR D 135 -48.96 -2.15 17.92
C THR D 135 -49.91 -3.31 17.60
N ILE D 136 -50.93 -3.05 16.78
CA ILE D 136 -51.92 -4.03 16.36
C ILE D 136 -51.82 -4.19 14.84
N PHE D 137 -51.89 -5.43 14.35
CA PHE D 137 -51.80 -5.71 12.93
C PHE D 137 -52.69 -6.87 12.52
N GLY D 138 -53.16 -6.82 11.27
CA GLY D 138 -53.86 -7.94 10.67
C GLY D 138 -53.46 -8.14 9.22
N ILE D 139 -53.21 -9.37 8.82
CA ILE D 139 -52.63 -9.67 7.51
C ILE D 139 -53.68 -10.42 6.70
N TYR D 140 -54.00 -9.87 5.53
CA TYR D 140 -54.91 -10.52 4.57
C TYR D 140 -54.16 -10.85 3.29
N ARG D 141 -54.69 -11.82 2.56
CA ARG D 141 -54.23 -12.06 1.21
C ARG D 141 -55.05 -11.17 0.28
N LYS D 142 -54.37 -10.45 -0.62
CA LYS D 142 -55.10 -9.74 -1.67
C LYS D 142 -55.85 -10.76 -2.53
N LYS D 143 -57.15 -10.53 -2.74
CA LYS D 143 -58.04 -11.54 -3.33
C LYS D 143 -58.06 -11.52 -4.86
N SER D 144 -58.28 -10.36 -5.48
CA SER D 144 -58.32 -10.24 -6.94
C SER D 144 -56.95 -9.93 -7.55
N THR D 145 -56.84 -10.13 -8.85
CA THR D 145 -55.66 -9.71 -9.59
C THR D 145 -55.78 -8.29 -10.14
N ASP D 146 -56.81 -7.53 -9.75
CA ASP D 146 -56.89 -6.16 -10.20
C ASP D 146 -55.68 -5.36 -9.70
N GLU D 147 -55.58 -4.13 -10.19
CA GLU D 147 -54.58 -3.22 -9.66
C GLU D 147 -54.90 -2.97 -8.18
N PRO D 148 -53.89 -2.93 -7.30
CA PRO D 148 -54.17 -2.72 -5.87
C PRO D 148 -54.86 -1.39 -5.60
N SER D 149 -55.81 -1.43 -4.68
CA SER D 149 -56.59 -0.26 -4.32
C SER D 149 -57.11 -0.46 -2.91
N GLU D 150 -57.73 0.59 -2.36
CA GLU D 150 -58.28 0.51 -1.00
C GLU D 150 -59.23 -0.67 -0.84
N LYS D 151 -59.95 -1.00 -1.91
CA LYS D 151 -60.97 -2.04 -1.88
C LYS D 151 -60.39 -3.37 -1.44
N ASP D 152 -59.09 -3.60 -1.69
CA ASP D 152 -58.45 -4.84 -1.31
C ASP D 152 -58.39 -5.02 0.21
N ALA D 153 -58.51 -3.93 0.97
CA ALA D 153 -58.51 -3.97 2.43
C ALA D 153 -59.88 -4.19 3.04
N LEU D 154 -60.94 -4.15 2.23
CA LEU D 154 -62.30 -4.27 2.75
C LEU D 154 -62.73 -5.74 2.78
N GLN D 155 -61.93 -6.56 3.48
CA GLN D 155 -62.31 -7.94 3.67
C GLN D 155 -62.83 -8.16 5.09
N PRO D 156 -63.78 -9.08 5.26
CA PRO D 156 -64.22 -9.40 6.63
C PRO D 156 -63.08 -10.05 7.37
N GLY D 157 -63.09 -9.85 8.70
CA GLY D 157 -62.05 -10.42 9.53
C GLY D 157 -61.91 -11.92 9.39
N ARG D 158 -62.99 -12.60 8.97
CA ARG D 158 -62.94 -14.03 8.68
C ARG D 158 -61.82 -14.39 7.72
N ASN D 159 -61.43 -13.45 6.85
CA ASN D 159 -60.42 -13.70 5.83
C ASN D 159 -58.99 -13.56 6.33
N LEU D 160 -58.78 -13.18 7.60
CA LEU D 160 -57.44 -12.90 8.07
C LEU D 160 -56.55 -14.13 7.91
N VAL D 161 -55.33 -13.88 7.45
CA VAL D 161 -54.32 -14.93 7.40
C VAL D 161 -53.47 -14.96 8.68
N ALA D 162 -53.22 -13.81 9.29
CA ALA D 162 -52.53 -13.74 10.58
C ALA D 162 -52.92 -12.44 11.22
N ALA D 163 -52.84 -12.41 12.56
CA ALA D 163 -53.13 -11.19 13.30
C ALA D 163 -52.46 -11.27 14.67
N GLY D 164 -52.25 -10.10 15.27
CA GLY D 164 -51.73 -10.07 16.61
C GLY D 164 -51.36 -8.68 17.04
N TYR D 165 -50.56 -8.63 18.10
CA TYR D 165 -50.20 -7.34 18.68
C TYR D 165 -48.85 -7.45 19.38
N ALA D 166 -48.18 -6.32 19.45
CA ALA D 166 -47.05 -6.13 20.34
C ALA D 166 -47.55 -5.28 21.50
N LEU D 167 -47.29 -5.74 22.71
CA LEU D 167 -47.63 -4.97 23.89
C LEU D 167 -46.31 -4.46 24.49
N TYR D 168 -46.17 -3.13 24.52
CA TYR D 168 -45.01 -2.47 25.16
C TYR D 168 -45.43 -2.15 26.59
N GLY D 169 -45.34 -3.17 27.44
CA GLY D 169 -45.74 -3.07 28.82
C GLY D 169 -44.54 -3.07 29.75
N SER D 170 -44.63 -3.77 30.87
CA SER D 170 -43.48 -3.90 31.75
C SER D 170 -42.36 -4.68 31.06
N ALA D 171 -42.76 -5.59 30.18
CA ALA D 171 -41.90 -6.19 29.17
C ALA D 171 -42.56 -6.02 27.82
N THR D 172 -41.82 -6.35 26.76
CA THR D 172 -42.37 -6.28 25.42
C THR D 172 -42.73 -7.67 24.97
N MET D 173 -43.98 -7.84 24.57
CA MET D 173 -44.45 -9.14 24.09
C MET D 173 -45.15 -9.03 22.75
N LEU D 174 -44.87 -9.99 21.89
CA LEU D 174 -45.58 -10.12 20.62
C LEU D 174 -46.52 -11.32 20.73
N VAL D 175 -47.80 -11.06 20.50
CA VAL D 175 -48.79 -12.14 20.48
C VAL D 175 -49.19 -12.35 19.03
N LEU D 176 -48.96 -13.56 18.52
CA LEU D 176 -49.19 -13.87 17.10
C LEU D 176 -50.23 -14.99 16.96
N ALA D 177 -51.30 -14.72 16.24
CA ALA D 177 -52.34 -15.70 15.97
C ALA D 177 -52.29 -16.07 14.49
N MET D 178 -52.27 -17.36 14.22
CA MET D 178 -52.37 -17.91 12.87
C MET D 178 -53.31 -19.10 12.94
N ASP D 179 -53.44 -19.82 11.84
CA ASP D 179 -54.28 -21.02 11.83
C ASP D 179 -53.84 -22.03 12.89
N CYS D 180 -52.54 -22.14 13.12
CA CYS D 180 -52.01 -23.06 14.11
C CYS D 180 -52.34 -22.66 15.55
N GLY D 181 -52.93 -21.51 15.77
CA GLY D 181 -53.29 -21.05 17.09
C GLY D 181 -52.55 -19.78 17.45
N VAL D 182 -52.59 -19.45 18.74
CA VAL D 182 -52.04 -18.21 19.28
C VAL D 182 -50.79 -18.57 20.06
N ASN D 183 -49.69 -17.88 19.76
CA ASN D 183 -48.41 -18.08 20.46
C ASN D 183 -47.87 -16.72 20.92
N CYS D 184 -47.25 -16.71 22.10
CA CYS D 184 -46.75 -15.49 22.74
C CYS D 184 -45.24 -15.51 22.81
N PHE D 185 -44.61 -14.43 22.35
CA PHE D 185 -43.16 -14.31 22.30
C PHE D 185 -42.73 -13.07 23.09
N MET D 186 -41.84 -13.28 24.04
CA MET D 186 -41.31 -12.22 24.88
C MET D 186 -40.03 -11.66 24.28
N LEU D 187 -39.96 -10.33 24.13
CA LEU D 187 -38.74 -9.73 23.62
C LEU D 187 -37.65 -9.74 24.70
N ASP D 188 -36.52 -10.39 24.42
CA ASP D 188 -35.34 -10.27 25.24
C ASP D 188 -34.56 -9.05 24.73
N PRO D 189 -34.63 -7.92 25.43
CA PRO D 189 -33.98 -6.71 24.90
C PRO D 189 -32.46 -6.78 24.96
N ALA D 190 -31.87 -7.68 25.75
CA ALA D 190 -30.43 -7.81 25.73
C ALA D 190 -29.90 -8.34 24.39
N ILE D 191 -30.68 -9.11 23.64
CA ILE D 191 -30.19 -9.70 22.40
C ILE D 191 -31.10 -9.44 21.20
N GLY D 192 -32.20 -8.72 21.36
CA GLY D 192 -33.09 -8.46 20.24
C GLY D 192 -33.73 -9.70 19.64
N GLU D 193 -34.19 -10.62 20.47
CA GLU D 193 -34.87 -11.82 19.99
C GLU D 193 -36.18 -11.99 20.73
N PHE D 194 -37.19 -12.43 19.99
CA PHE D 194 -38.49 -12.76 20.57
C PHE D 194 -38.47 -14.23 20.96
N ILE D 195 -38.60 -14.50 22.25
CA ILE D 195 -38.47 -15.86 22.77
C ILE D 195 -39.87 -16.42 22.94
N LEU D 196 -40.11 -17.61 22.41
CA LEU D 196 -41.40 -18.28 22.59
C LEU D 196 -41.54 -18.68 24.05
N VAL D 197 -42.52 -18.10 24.75
CA VAL D 197 -42.70 -18.39 26.16
C VAL D 197 -44.08 -18.99 26.47
N ASP D 198 -45.09 -18.80 25.61
CA ASP D 198 -46.41 -19.42 25.79
C ASP D 198 -46.88 -19.98 24.44
N LYS D 199 -47.05 -21.30 24.38
CA LYS D 199 -47.46 -21.99 23.16
C LYS D 199 -48.95 -22.26 23.21
N ASP D 200 -49.61 -22.02 22.07
CA ASP D 200 -50.98 -22.45 21.80
C ASP D 200 -51.92 -22.01 22.92
N VAL D 201 -51.89 -20.72 23.25
CA VAL D 201 -52.61 -20.26 24.44
C VAL D 201 -54.10 -20.32 24.18
N LYS D 202 -54.86 -20.63 25.22
CA LYS D 202 -56.31 -20.65 25.20
C LYS D 202 -56.82 -19.80 26.35
N ILE D 203 -57.88 -19.02 26.09
CA ILE D 203 -58.48 -18.17 27.11
C ILE D 203 -59.37 -19.04 28.01
N LYS D 204 -59.45 -18.66 29.29
CA LYS D 204 -60.37 -19.30 30.23
C LYS D 204 -61.79 -19.27 29.69
N LYS D 205 -62.51 -20.36 29.94
CA LYS D 205 -63.92 -20.43 29.55
C LYS D 205 -64.73 -19.31 30.18
N LYS D 206 -64.39 -18.92 31.40
CA LYS D 206 -65.12 -17.87 32.09
C LYS D 206 -64.15 -17.10 32.99
N GLY D 207 -64.27 -15.77 33.03
CA GLY D 207 -63.40 -14.95 33.82
C GLY D 207 -64.09 -14.32 35.03
N LYS D 208 -63.35 -13.43 35.70
CA LYS D 208 -63.81 -12.77 36.93
C LYS D 208 -63.55 -11.27 36.89
N ILE D 209 -63.31 -10.71 35.71
CA ILE D 209 -62.97 -9.31 35.50
C ILE D 209 -63.77 -8.81 34.31
N TYR D 210 -64.37 -7.63 34.46
CA TYR D 210 -64.96 -6.92 33.33
C TYR D 210 -64.15 -5.65 33.13
N SER D 211 -64.11 -5.17 31.89
CA SER D 211 -63.22 -4.06 31.56
C SER D 211 -63.97 -3.13 30.62
N LEU D 212 -64.33 -1.94 31.11
CA LEU D 212 -64.91 -0.90 30.27
C LEU D 212 -64.82 0.43 30.98
N ASN D 213 -65.04 1.51 30.23
CA ASN D 213 -65.03 2.85 30.82
C ASN D 213 -66.36 3.13 31.51
N GLU D 214 -66.45 2.92 32.83
CA GLU D 214 -67.70 3.21 33.52
C GLU D 214 -67.98 4.70 33.74
N GLY D 215 -67.04 5.59 33.42
CA GLY D 215 -67.33 7.00 33.59
C GLY D 215 -68.44 7.49 32.68
N TYR D 216 -68.63 6.83 31.55
CA TYR D 216 -69.68 7.19 30.60
C TYR D 216 -70.96 6.39 30.78
N ALA D 217 -71.25 5.93 32.01
CA ALA D 217 -72.46 5.14 32.29
C ALA D 217 -73.74 5.89 31.97
N LYS D 218 -73.74 7.23 32.06
CA LYS D 218 -74.92 8.02 31.74
C LYS D 218 -75.37 7.81 30.30
N ASP D 219 -74.45 7.41 29.42
CA ASP D 219 -74.75 7.18 28.02
C ASP D 219 -74.86 5.70 27.66
N PHE D 220 -74.71 4.78 28.62
CA PHE D 220 -74.75 3.35 28.32
C PHE D 220 -76.08 2.94 27.68
N ASP D 221 -76.03 2.02 26.74
CA ASP D 221 -77.22 1.30 26.32
C ASP D 221 -77.78 0.53 27.51
N PRO D 222 -79.12 0.42 27.65
CA PRO D 222 -79.69 -0.25 28.84
C PRO D 222 -79.17 -1.66 29.08
N ALA D 223 -78.84 -2.38 28.01
CA ALA D 223 -78.25 -3.71 28.14
C ALA D 223 -76.88 -3.63 28.79
N VAL D 224 -76.07 -2.64 28.44
CA VAL D 224 -74.76 -2.52 29.08
C VAL D 224 -74.92 -2.18 30.55
N THR D 225 -75.83 -1.24 30.86
CA THR D 225 -76.13 -0.90 32.25
C THR D 225 -76.53 -2.14 33.05
N GLU D 226 -77.43 -2.96 32.50
CA GLU D 226 -77.88 -4.12 33.24
C GLU D 226 -76.78 -5.17 33.37
N TYR D 227 -76.01 -5.43 32.31
CA TYR D 227 -74.97 -6.45 32.41
C TYR D 227 -73.92 -6.09 33.46
N ILE D 228 -73.46 -4.84 33.45
CA ILE D 228 -72.43 -4.42 34.41
C ILE D 228 -72.99 -4.47 35.83
N GLN D 229 -74.25 -4.05 36.01
CA GLN D 229 -74.92 -4.17 37.30
C GLN D 229 -74.89 -5.60 37.83
N ARG D 230 -75.07 -6.58 36.95
CA ARG D 230 -75.01 -7.99 37.36
C ARG D 230 -73.62 -8.44 37.73
N LYS D 231 -72.57 -7.85 37.14
CA LYS D 231 -71.22 -8.23 37.51
C LYS D 231 -70.90 -7.75 38.92
N LYS D 232 -71.44 -6.59 39.31
CA LYS D 232 -71.21 -5.98 40.61
C LYS D 232 -72.18 -6.47 41.68
N PHE D 233 -73.43 -6.76 41.29
CA PHE D 233 -74.48 -7.21 42.20
C PHE D 233 -75.07 -8.53 41.70
N PRO D 234 -74.35 -9.63 41.87
CA PRO D 234 -74.81 -10.92 41.33
C PRO D 234 -76.13 -11.32 41.96
N PRO D 235 -77.02 -11.94 41.18
CA PRO D 235 -78.31 -12.37 41.77
C PRO D 235 -78.16 -13.53 42.75
N ASP D 236 -77.20 -14.43 42.52
CA ASP D 236 -76.98 -15.58 43.39
C ASP D 236 -75.94 -15.28 44.47
N ASN D 237 -75.15 -16.29 44.86
CA ASN D 237 -74.15 -16.16 45.91
C ASN D 237 -72.72 -16.13 45.39
N SER D 238 -72.52 -15.84 44.10
CA SER D 238 -71.16 -15.72 43.60
C SER D 238 -70.55 -14.36 43.93
N ALA D 239 -69.24 -14.33 43.94
CA ALA D 239 -68.53 -13.09 44.24
C ALA D 239 -68.63 -12.13 43.06
N PRO D 240 -68.75 -10.84 43.32
CA PRO D 240 -68.75 -9.86 42.23
C PRO D 240 -67.41 -9.85 41.51
N TYR D 241 -67.46 -9.55 40.21
CA TYR D 241 -66.25 -9.42 39.42
C TYR D 241 -65.38 -8.22 39.85
N GLY D 242 -64.09 -8.34 39.63
CA GLY D 242 -63.25 -7.17 39.72
C GLY D 242 -63.33 -6.33 38.47
N ALA D 243 -62.98 -5.06 38.60
CA ALA D 243 -62.94 -4.14 37.47
C ALA D 243 -61.50 -3.74 37.20
N ARG D 244 -61.14 -3.72 35.92
CA ARG D 244 -59.85 -3.23 35.44
C ARG D 244 -60.14 -2.47 34.16
N TYR D 245 -59.57 -1.28 34.01
CA TYR D 245 -59.70 -0.57 32.73
C TYR D 245 -58.45 0.30 32.57
N VAL D 246 -57.49 -0.21 31.79
CA VAL D 246 -56.26 0.54 31.52
C VAL D 246 -56.54 1.71 30.60
N GLY D 247 -57.51 1.58 29.70
CA GLY D 247 -57.75 2.62 28.73
C GLY D 247 -56.86 2.50 27.53
N SER D 248 -56.09 1.43 27.47
CA SER D 248 -55.26 1.10 26.34
C SER D 248 -55.71 -0.24 25.82
N MET D 249 -56.21 -0.28 24.58
CA MET D 249 -56.90 -1.47 24.11
C MET D 249 -56.00 -2.70 24.20
N VAL D 250 -54.74 -2.56 23.80
CA VAL D 250 -53.85 -3.71 23.78
C VAL D 250 -53.62 -4.25 25.18
N ALA D 251 -53.41 -3.37 26.16
CA ALA D 251 -53.19 -3.84 27.53
C ALA D 251 -54.43 -4.54 28.06
N ASP D 252 -55.60 -3.91 27.88
CA ASP D 252 -56.85 -4.48 28.37
C ASP D 252 -57.19 -5.78 27.65
N VAL D 253 -56.98 -5.83 26.34
CA VAL D 253 -57.26 -7.09 25.65
C VAL D 253 -56.27 -8.17 26.08
N HIS D 254 -54.98 -7.82 26.22
CA HIS D 254 -54.02 -8.85 26.62
C HIS D 254 -54.32 -9.38 28.01
N ARG D 255 -54.68 -8.50 28.95
CA ARG D 255 -55.08 -9.00 30.27
C ARG D 255 -56.30 -9.91 30.15
N THR D 256 -57.27 -9.53 29.31
CA THR D 256 -58.43 -10.39 29.09
C THR D 256 -58.00 -11.74 28.54
N LEU D 257 -57.02 -11.75 27.64
CA LEU D 257 -56.52 -13.02 27.10
C LEU D 257 -55.88 -13.88 28.20
N VAL D 258 -55.03 -13.27 29.03
CA VAL D 258 -54.21 -14.00 29.99
C VAL D 258 -55.03 -14.45 31.20
N TYR D 259 -55.87 -13.57 31.72
CA TYR D 259 -56.60 -13.85 32.96
C TYR D 259 -58.03 -14.29 32.72
N GLY D 260 -58.55 -14.14 31.50
CA GLY D 260 -59.95 -14.37 31.22
C GLY D 260 -60.77 -13.16 31.65
N GLY D 261 -62.06 -13.21 31.33
CA GLY D 261 -62.97 -12.12 31.60
C GLY D 261 -63.51 -11.53 30.31
N ILE D 262 -63.94 -10.27 30.36
CA ILE D 262 -64.64 -9.62 29.26
C ILE D 262 -64.16 -8.19 29.13
N PHE D 263 -64.00 -7.75 27.89
CA PHE D 263 -63.65 -6.38 27.53
C PHE D 263 -64.77 -5.79 26.69
N LEU D 264 -65.23 -4.59 27.02
CA LEU D 264 -66.36 -4.00 26.31
C LEU D 264 -66.01 -2.61 25.84
N TYR D 265 -66.22 -2.37 24.55
CA TYR D 265 -66.31 -1.01 24.01
C TYR D 265 -67.53 -0.98 23.11
N PRO D 266 -68.71 -0.92 23.71
CA PRO D 266 -69.95 -1.22 22.99
C PRO D 266 -70.57 0.02 22.34
N ALA D 267 -71.62 -0.24 21.56
CA ALA D 267 -72.41 0.82 20.96
C ALA D 267 -73.36 1.43 21.99
N ASN D 268 -73.75 2.67 21.73
CA ASN D 268 -74.84 3.33 22.43
C ASN D 268 -75.56 4.22 21.44
N LYS D 269 -76.55 4.97 21.96
CA LYS D 269 -77.33 5.85 21.10
C LYS D 269 -76.49 6.98 20.54
N LYS D 270 -75.49 7.47 21.31
CA LYS D 270 -74.60 8.52 20.84
C LYS D 270 -73.60 8.03 19.81
N SER D 271 -73.23 6.76 19.88
CA SER D 271 -72.24 6.18 18.96
C SER D 271 -72.73 4.81 18.60
N PRO D 272 -73.69 4.72 17.67
CA PRO D 272 -74.35 3.44 17.38
C PRO D 272 -73.44 2.42 16.75
N ASN D 273 -72.27 2.84 16.29
CA ASN D 273 -71.30 1.91 15.73
C ASN D 273 -70.05 1.76 16.60
N GLY D 274 -70.10 2.21 17.87
CA GLY D 274 -68.92 2.12 18.69
C GLY D 274 -67.91 3.23 18.44
N LYS D 275 -66.71 3.05 19.03
CA LYS D 275 -65.59 3.99 18.87
C LYS D 275 -64.35 3.36 18.26
N LEU D 276 -64.07 2.10 18.56
CA LEU D 276 -62.87 1.46 18.02
C LEU D 276 -63.04 1.18 16.52
N ARG D 277 -61.91 1.09 15.82
CA ARG D 277 -61.88 0.93 14.37
C ARG D 277 -61.87 -0.54 14.01
N LEU D 278 -62.70 -0.91 13.03
CA LEU D 278 -62.89 -2.33 12.70
C LEU D 278 -61.62 -2.97 12.14
N LEU D 279 -60.93 -2.29 11.22
CA LEU D 279 -59.91 -2.99 10.43
C LEU D 279 -58.63 -3.28 11.21
N TYR D 280 -58.22 -2.36 12.06
CA TYR D 280 -56.90 -2.51 12.68
C TYR D 280 -56.96 -2.44 14.19
N GLU D 281 -58.16 -2.49 14.79
CA GLU D 281 -58.28 -2.73 16.23
C GLU D 281 -59.20 -3.93 16.46
N CYS D 282 -60.45 -3.87 15.95
CA CYS D 282 -61.42 -4.89 16.35
C CYS D 282 -61.10 -6.25 15.73
N ASN D 283 -60.91 -6.29 14.39
CA ASN D 283 -60.67 -7.57 13.73
C ASN D 283 -59.43 -8.32 14.22
N PRO D 284 -58.24 -7.71 14.29
CA PRO D 284 -57.11 -8.49 14.81
C PRO D 284 -57.33 -8.98 16.22
N MET D 285 -57.94 -8.17 17.10
CA MET D 285 -58.21 -8.66 18.46
C MET D 285 -59.28 -9.75 18.46
N ALA D 286 -60.31 -9.59 17.60
CA ALA D 286 -61.32 -10.62 17.48
C ALA D 286 -60.72 -11.93 17.02
N TYR D 287 -59.79 -11.84 16.07
CA TYR D 287 -59.14 -13.02 15.51
C TYR D 287 -58.27 -13.72 16.55
N VAL D 288 -57.46 -12.95 17.29
CA VAL D 288 -56.69 -13.52 18.40
C VAL D 288 -57.62 -14.24 19.36
N MET D 289 -58.71 -13.56 19.75
CA MET D 289 -59.65 -14.15 20.70
C MET D 289 -60.22 -15.47 20.18
N GLU D 290 -60.68 -15.49 18.92
CA GLU D 290 -61.31 -16.70 18.42
C GLU D 290 -60.30 -17.82 18.26
N LYS D 291 -59.07 -17.52 17.82
CA LYS D 291 -58.07 -18.56 17.78
C LYS D 291 -57.70 -19.05 19.19
N ALA D 292 -57.95 -18.25 20.22
CA ALA D 292 -57.72 -18.65 21.59
C ALA D 292 -58.94 -19.27 22.26
N GLY D 293 -60.01 -19.55 21.51
CA GLY D 293 -61.20 -20.10 22.11
C GLY D 293 -62.12 -19.07 22.75
N GLY D 294 -61.90 -17.79 22.45
CA GLY D 294 -62.76 -16.73 22.94
C GLY D 294 -63.80 -16.34 21.91
N MET D 295 -64.47 -15.23 22.20
CA MET D 295 -65.52 -14.72 21.34
C MET D 295 -65.35 -13.22 21.18
N ALA D 296 -65.96 -12.69 20.12
CA ALA D 296 -65.90 -11.26 19.86
C ALA D 296 -67.12 -10.85 19.05
N THR D 297 -68.01 -10.02 19.62
CA THR D 297 -69.27 -9.68 18.97
C THR D 297 -69.43 -8.17 18.98
N THR D 298 -70.21 -7.67 18.03
CA THR D 298 -70.67 -6.28 18.08
C THR D 298 -71.95 -6.16 18.90
N GLY D 299 -72.51 -7.28 19.35
CA GLY D 299 -73.86 -7.27 19.90
C GLY D 299 -74.83 -7.90 18.93
N LYS D 300 -74.69 -7.56 17.65
CA LYS D 300 -75.54 -8.10 16.58
C LYS D 300 -74.91 -9.28 15.85
N GLU D 301 -73.58 -9.35 15.77
CA GLU D 301 -72.92 -10.37 14.99
C GLU D 301 -71.47 -10.48 15.43
N ALA D 302 -70.83 -11.57 15.04
CA ALA D 302 -69.40 -11.73 15.28
C ALA D 302 -68.63 -10.61 14.58
N VAL D 303 -67.67 -10.04 15.31
CA VAL D 303 -66.84 -8.97 14.76
C VAL D 303 -66.23 -9.43 13.44
N LEU D 304 -65.80 -10.69 13.38
CA LEU D 304 -65.14 -11.18 12.17
C LEU D 304 -66.10 -11.29 10.98
N ASP D 305 -67.41 -11.21 11.19
CA ASP D 305 -68.33 -11.35 10.06
C ASP D 305 -68.73 -10.01 9.46
N VAL D 306 -68.39 -8.89 10.10
CA VAL D 306 -68.74 -7.60 9.52
C VAL D 306 -67.99 -7.41 8.21
N ILE D 307 -68.73 -7.07 7.16
CA ILE D 307 -68.14 -6.75 5.86
C ILE D 307 -67.89 -5.25 5.84
N PRO D 308 -66.64 -4.80 5.81
CA PRO D 308 -66.41 -3.35 5.87
C PRO D 308 -66.73 -2.68 4.55
N THR D 309 -67.12 -1.41 4.64
CA THR D 309 -67.31 -0.54 3.48
C THR D 309 -66.39 0.67 3.50
N ASP D 310 -65.72 0.94 4.62
CA ASP D 310 -64.76 2.03 4.72
C ASP D 310 -63.58 1.55 5.57
N ILE D 311 -62.35 1.86 5.14
CA ILE D 311 -61.19 1.36 5.86
C ILE D 311 -61.09 1.91 7.28
N HIS D 312 -61.75 3.04 7.56
CA HIS D 312 -61.71 3.62 8.90
C HIS D 312 -63.05 3.50 9.64
N GLN D 313 -63.94 2.62 9.19
CA GLN D 313 -65.22 2.51 9.85
C GLN D 313 -65.06 1.90 11.23
N ARG D 314 -65.99 2.24 12.12
CA ARG D 314 -65.99 1.82 13.51
C ARG D 314 -66.87 0.59 13.72
N ALA D 315 -66.63 -0.06 14.86
CA ALA D 315 -67.41 -1.20 15.22
C ALA D 315 -67.48 -1.27 16.74
N PRO D 316 -68.62 -1.62 17.31
CA PRO D 316 -68.63 -1.99 18.72
C PRO D 316 -67.98 -3.36 18.87
N VAL D 317 -67.37 -3.58 20.02
CA VAL D 317 -66.69 -4.85 20.25
C VAL D 317 -66.92 -5.25 21.70
N ILE D 318 -67.27 -6.51 21.91
CA ILE D 318 -67.36 -7.16 23.20
C ILE D 318 -66.64 -8.48 23.06
N LEU D 319 -65.56 -8.68 23.83
CA LEU D 319 -64.75 -9.86 23.59
C LEU D 319 -64.22 -10.42 24.90
N GLY D 320 -63.77 -11.66 24.82
CA GLY D 320 -63.20 -12.31 25.98
C GLY D 320 -63.67 -13.73 26.13
N SER D 321 -63.74 -14.20 27.38
CA SER D 321 -64.14 -15.57 27.66
C SER D 321 -65.51 -15.85 27.05
N PRO D 322 -65.71 -17.03 26.45
CA PRO D 322 -67.01 -17.28 25.78
C PRO D 322 -68.20 -17.24 26.73
N ASP D 323 -68.07 -17.77 27.96
CA ASP D 323 -69.22 -17.71 28.88
C ASP D 323 -69.61 -16.28 29.20
N ASP D 324 -68.63 -15.38 29.32
CA ASP D 324 -68.97 -13.99 29.62
C ASP D 324 -69.57 -13.25 28.43
N VAL D 325 -69.02 -13.45 27.22
CA VAL D 325 -69.62 -12.85 26.04
C VAL D 325 -71.00 -13.41 25.78
N LEU D 326 -71.19 -14.73 25.94
CA LEU D 326 -72.51 -15.30 25.73
C LEU D 326 -73.50 -14.74 26.73
N GLU D 327 -73.08 -14.54 27.98
CA GLU D 327 -73.95 -13.92 28.98
C GLU D 327 -74.29 -12.49 28.60
N PHE D 328 -73.29 -11.73 28.11
CA PHE D 328 -73.59 -10.40 27.62
C PHE D 328 -74.61 -10.43 26.47
N LEU D 329 -74.48 -11.38 25.54
CA LEU D 329 -75.43 -11.45 24.44
C LEU D 329 -76.84 -11.76 24.94
N LYS D 330 -76.94 -12.58 25.99
CA LYS D 330 -78.23 -12.83 26.62
C LYS D 330 -78.90 -11.54 27.11
N VAL D 331 -78.14 -10.70 27.84
CA VAL D 331 -78.70 -9.44 28.32
C VAL D 331 -78.97 -8.49 27.15
N TYR D 332 -78.05 -8.43 26.18
CA TYR D 332 -78.23 -7.59 25.01
C TYR D 332 -79.48 -7.98 24.23
N GLU D 333 -79.75 -9.28 24.14
CA GLU D 333 -80.96 -9.71 23.43
C GLU D 333 -82.21 -9.34 24.21
N LYS D 334 -82.10 -9.35 25.55
CA LYS D 334 -83.22 -8.99 26.43
C LYS D 334 -83.79 -7.61 26.10
N HIS D 335 -82.92 -6.65 25.80
CA HIS D 335 -83.34 -5.29 25.49
C HIS D 335 -83.56 -5.05 23.99
N SER D 336 -83.97 -6.08 23.24
CA SER D 336 -84.15 -5.94 21.79
C SER D 336 -85.59 -6.27 21.36
N ASP E 10 32.29 -10.71 -48.37
CA ASP E 10 31.58 -9.44 -48.14
C ASP E 10 30.88 -9.39 -46.77
N VAL E 11 31.10 -8.31 -46.02
CA VAL E 11 30.44 -8.17 -44.73
C VAL E 11 28.93 -8.10 -44.92
N ASN E 12 28.19 -8.60 -43.93
CA ASN E 12 26.73 -8.53 -43.95
C ASN E 12 26.20 -8.21 -42.57
N THR E 13 25.07 -7.50 -42.53
CA THR E 13 24.39 -7.19 -41.28
C THR E 13 23.00 -7.80 -41.30
N LEU E 14 22.38 -7.84 -40.11
CA LEU E 14 21.04 -8.42 -39.98
C LEU E 14 20.05 -7.71 -40.89
N THR E 15 20.02 -6.37 -40.83
CA THR E 15 19.02 -5.64 -41.61
C THR E 15 19.24 -5.84 -43.11
N ARG E 16 20.49 -5.77 -43.56
CA ARG E 16 20.79 -5.98 -44.97
C ARG E 16 20.46 -7.41 -45.39
N PHE E 17 20.80 -8.39 -44.54
CA PHE E 17 20.53 -9.78 -44.88
C PHE E 17 19.03 -10.01 -45.05
N VAL E 18 18.24 -9.51 -44.11
CA VAL E 18 16.80 -9.76 -44.18
C VAL E 18 16.22 -9.04 -45.40
N MET E 19 16.69 -7.82 -45.69
CA MET E 19 16.21 -7.08 -46.85
C MET E 19 16.52 -7.83 -48.14
N GLU E 20 17.73 -8.43 -48.21
CA GLU E 20 18.14 -9.18 -49.39
C GLU E 20 17.26 -10.43 -49.58
N GLU E 21 17.00 -11.18 -48.52
CA GLU E 21 16.08 -12.30 -48.65
C GLU E 21 14.68 -11.81 -49.02
N GLY E 22 14.28 -10.66 -48.50
CA GLY E 22 12.96 -10.13 -48.78
C GLY E 22 12.78 -9.74 -50.24
N ARG E 23 13.80 -9.07 -50.82
CA ARG E 23 13.72 -8.72 -52.23
C ARG E 23 13.74 -9.96 -53.12
N LYS E 24 14.58 -10.94 -52.76
CA LYS E 24 14.64 -12.17 -53.53
C LYS E 24 13.31 -12.89 -53.55
N ALA E 25 12.60 -12.89 -52.42
CA ALA E 25 11.30 -13.54 -52.35
C ALA E 25 10.17 -12.62 -52.76
N ARG E 26 10.49 -11.36 -53.09
CA ARG E 26 9.51 -10.41 -53.59
C ARG E 26 8.35 -10.23 -52.61
N GLY E 27 8.64 -10.26 -51.31
CA GLY E 27 7.63 -9.98 -50.32
C GLY E 27 7.31 -8.49 -50.27
N THR E 28 6.28 -8.15 -49.48
CA THR E 28 5.79 -6.78 -49.33
C THR E 28 6.66 -5.91 -48.42
N GLY E 29 7.52 -6.52 -47.59
CA GLY E 29 8.31 -5.78 -46.65
C GLY E 29 7.84 -5.85 -45.21
N GLU E 30 6.65 -6.41 -44.97
CA GLU E 30 6.09 -6.41 -43.63
C GLU E 30 6.93 -7.23 -42.64
N LEU E 31 7.43 -8.39 -43.07
CA LEU E 31 8.24 -9.19 -42.15
C LEU E 31 9.56 -8.49 -41.84
N THR E 32 10.16 -7.85 -42.86
CA THR E 32 11.37 -7.08 -42.68
C THR E 32 11.17 -5.94 -41.68
N GLN E 33 10.02 -5.26 -41.76
CA GLN E 33 9.73 -4.22 -40.78
C GLN E 33 9.64 -4.81 -39.39
N LEU E 34 9.01 -5.99 -39.25
CA LEU E 34 8.93 -6.60 -37.93
C LEU E 34 10.30 -6.99 -37.39
N LEU E 35 11.12 -7.67 -38.20
CA LEU E 35 12.40 -8.17 -37.72
C LEU E 35 13.35 -7.01 -37.39
N ASN E 36 13.29 -5.94 -38.17
CA ASN E 36 14.11 -4.77 -37.85
C ASN E 36 13.69 -4.13 -36.53
N SER E 37 12.39 -4.05 -36.27
CA SER E 37 11.93 -3.53 -34.98
C SER E 37 12.33 -4.46 -33.84
N LEU E 38 12.24 -5.77 -34.03
CA LEU E 38 12.67 -6.69 -33.00
C LEU E 38 14.17 -6.56 -32.74
N CYS E 39 14.94 -6.45 -33.82
CA CYS E 39 16.38 -6.24 -33.70
C CYS E 39 16.68 -4.99 -32.88
N THR E 40 15.91 -3.92 -33.07
CA THR E 40 16.09 -2.70 -32.28
C THR E 40 15.78 -2.92 -30.80
N ALA E 41 14.68 -3.62 -30.50
CA ALA E 41 14.35 -3.92 -29.11
C ALA E 41 15.45 -4.76 -28.48
N VAL E 42 15.98 -5.72 -29.24
CA VAL E 42 17.03 -6.59 -28.71
C VAL E 42 18.27 -5.77 -28.35
N LYS E 43 18.62 -4.76 -29.16
CA LYS E 43 19.75 -3.92 -28.83
C LYS E 43 19.50 -3.07 -27.59
N ALA E 44 18.27 -2.59 -27.39
CA ALA E 44 17.96 -1.83 -26.18
C ALA E 44 17.95 -2.73 -24.96
N ILE E 45 17.45 -3.97 -25.10
CA ILE E 45 17.50 -4.92 -23.99
C ILE E 45 18.95 -5.23 -23.62
N SER E 46 19.79 -5.49 -24.63
CA SER E 46 21.20 -5.77 -24.39
C SER E 46 21.87 -4.65 -23.59
N SER E 47 21.61 -3.41 -23.99
CA SER E 47 22.21 -2.26 -23.31
C SER E 47 21.76 -2.21 -21.85
N ALA E 48 20.49 -2.50 -21.61
CA ALA E 48 20.01 -2.49 -20.23
C ALA E 48 20.59 -3.67 -19.44
N VAL E 49 20.63 -4.85 -20.04
CA VAL E 49 21.18 -6.03 -19.36
C VAL E 49 22.65 -5.84 -19.03
N ARG E 50 23.41 -5.19 -19.92
CA ARG E 50 24.80 -4.86 -19.61
C ARG E 50 24.93 -3.70 -18.60
N LYS E 51 23.83 -3.17 -18.08
CA LYS E 51 23.83 -2.15 -17.02
C LYS E 51 24.37 -0.81 -17.49
N ALA E 52 24.23 -0.50 -18.78
CA ALA E 52 24.55 0.84 -19.22
C ALA E 52 23.66 1.84 -18.52
N GLY E 53 24.27 2.84 -17.88
CA GLY E 53 23.55 3.82 -17.11
C GLY E 53 23.26 3.45 -15.66
N ILE E 54 23.74 2.31 -15.17
CA ILE E 54 23.44 1.94 -13.79
C ILE E 54 23.98 2.98 -12.80
N ALA E 55 25.02 3.73 -13.18
CA ALA E 55 25.54 4.75 -12.28
C ALA E 55 24.46 5.73 -11.87
N HIS E 56 23.49 5.99 -12.74
CA HIS E 56 22.41 6.91 -12.41
C HIS E 56 21.44 6.37 -11.39
N LEU E 57 21.19 5.05 -11.39
CA LEU E 57 20.35 4.46 -10.34
C LEU E 57 21.04 4.52 -8.99
N TYR E 58 22.36 4.57 -8.96
CA TYR E 58 23.12 4.58 -7.71
C TYR E 58 23.53 5.97 -7.29
N GLY E 59 22.89 7.01 -7.83
CA GLY E 59 23.03 8.36 -7.31
C GLY E 59 24.19 9.16 -7.84
N ILE E 60 24.65 8.87 -9.06
CA ILE E 60 25.85 9.56 -9.56
C ILE E 60 25.57 11.04 -9.73
N ALA E 61 24.31 11.40 -9.99
CA ALA E 61 23.91 12.79 -10.07
C ALA E 61 23.03 13.20 -8.90
N GLY E 62 23.07 12.45 -7.81
CA GLY E 62 22.19 12.67 -6.69
C GLY E 62 20.87 11.91 -6.79
N VAL E 71 12.85 3.04 -12.16
CA VAL E 71 12.21 2.28 -11.09
C VAL E 71 11.78 0.93 -11.65
N LYS E 72 12.03 0.73 -12.94
CA LYS E 72 11.49 -0.39 -13.71
C LYS E 72 12.49 -1.55 -13.75
N LYS E 73 12.04 -2.74 -13.34
CA LYS E 73 12.88 -3.92 -13.37
C LYS E 73 13.20 -4.32 -14.82
N LEU E 74 14.25 -5.12 -14.99
CA LEU E 74 14.73 -5.42 -16.33
C LEU E 74 13.67 -6.17 -17.15
N ASP E 75 13.01 -7.15 -16.55
CA ASP E 75 12.04 -7.95 -17.29
C ASP E 75 10.80 -7.15 -17.68
N VAL E 76 10.40 -6.16 -16.87
CA VAL E 76 9.31 -5.27 -17.27
C VAL E 76 9.75 -4.38 -18.44
N LEU E 77 10.95 -3.78 -18.34
CA LEU E 77 11.44 -2.92 -19.42
C LEU E 77 11.62 -3.69 -20.71
N SER E 78 12.18 -4.90 -20.64
CA SER E 78 12.30 -5.75 -21.82
C SER E 78 10.94 -5.97 -22.48
N ASN E 79 9.93 -6.30 -21.68
CA ASN E 79 8.60 -6.54 -22.22
C ASN E 79 8.06 -5.31 -22.91
N ASP E 80 8.24 -4.14 -22.30
CA ASP E 80 7.75 -2.89 -22.89
C ASP E 80 8.47 -2.58 -24.19
N LEU E 81 9.77 -2.89 -24.26
CA LEU E 81 10.54 -2.65 -25.48
C LEU E 81 10.04 -3.51 -26.63
N VAL E 82 9.90 -4.80 -26.41
CA VAL E 82 9.41 -5.68 -27.47
C VAL E 82 7.97 -5.32 -27.82
N MET E 83 7.11 -5.17 -26.80
CA MET E 83 5.72 -4.79 -27.05
C MET E 83 5.65 -3.50 -27.86
N ASN E 84 6.39 -2.47 -27.44
CA ASN E 84 6.26 -1.20 -28.13
C ASN E 84 6.87 -1.24 -29.52
N MET E 85 8.02 -1.93 -29.67
CA MET E 85 8.66 -1.98 -30.99
C MET E 85 7.86 -2.81 -31.99
N LEU E 86 7.26 -3.92 -31.54
CA LEU E 86 6.42 -4.72 -32.43
C LEU E 86 5.13 -4.00 -32.78
N LYS E 87 4.48 -3.38 -31.80
CA LYS E 87 3.26 -2.62 -32.08
C LYS E 87 3.51 -1.56 -33.14
N SER E 88 4.53 -0.72 -32.95
CA SER E 88 4.77 0.36 -33.88
C SER E 88 5.42 -0.09 -35.19
N SER E 89 5.70 -1.39 -35.32
CA SER E 89 6.21 -1.90 -36.60
C SER E 89 5.13 -1.97 -37.66
N PHE E 90 3.86 -1.85 -37.27
CA PHE E 90 2.68 -2.01 -38.13
C PHE E 90 2.63 -3.37 -38.81
N ALA E 91 3.33 -4.36 -38.27
CA ALA E 91 3.41 -5.66 -38.91
C ALA E 91 2.76 -6.77 -38.08
N THR E 92 2.22 -6.45 -36.90
CA THR E 92 1.69 -7.46 -35.99
C THR E 92 0.22 -7.17 -35.69
N CYS E 93 -0.48 -8.19 -35.18
CA CYS E 93 -1.85 -8.02 -34.70
C CYS E 93 -2.09 -8.72 -33.36
N VAL E 94 -1.35 -9.77 -33.05
CA VAL E 94 -1.49 -10.50 -31.79
C VAL E 94 -0.11 -10.75 -31.19
N LEU E 95 0.05 -10.40 -29.91
CA LEU E 95 1.34 -10.55 -29.22
C LEU E 95 1.15 -11.40 -27.97
N VAL E 96 1.95 -12.46 -27.88
CA VAL E 96 1.97 -13.30 -26.69
C VAL E 96 3.31 -13.14 -26.00
N SER E 97 3.26 -12.76 -24.73
CA SER E 97 4.43 -12.53 -23.91
C SER E 97 4.37 -13.35 -22.63
N GLU E 98 5.52 -13.86 -22.22
CA GLU E 98 5.62 -14.50 -20.92
C GLU E 98 5.11 -13.60 -19.81
N GLU E 99 5.23 -12.26 -19.95
CA GLU E 99 4.90 -11.31 -18.90
C GLU E 99 3.43 -10.97 -18.80
N ASP E 100 2.60 -11.37 -19.75
CA ASP E 100 1.20 -10.98 -19.79
C ASP E 100 0.29 -12.21 -19.74
N LYS E 101 -0.72 -12.14 -18.87
CA LYS E 101 -1.64 -13.26 -18.71
C LYS E 101 -2.40 -13.55 -19.99
N HIS E 102 -2.85 -12.50 -20.68
CA HIS E 102 -3.61 -12.61 -21.91
C HIS E 102 -2.85 -12.06 -23.10
N ALA E 103 -3.20 -12.56 -24.28
CA ALA E 103 -2.66 -12.01 -25.51
C ALA E 103 -3.10 -10.56 -25.64
N ILE E 104 -2.21 -9.75 -26.21
CA ILE E 104 -2.49 -8.36 -26.51
C ILE E 104 -2.91 -8.25 -27.97
N ILE E 105 -4.05 -7.60 -28.19
CA ILE E 105 -4.55 -7.36 -29.53
C ILE E 105 -4.15 -5.93 -29.91
N VAL E 106 -3.32 -5.82 -30.95
CA VAL E 106 -2.85 -4.52 -31.39
C VAL E 106 -4.03 -3.67 -31.85
N GLU E 107 -4.00 -2.38 -31.53
CA GLU E 107 -5.11 -1.52 -31.91
C GLU E 107 -5.27 -1.46 -33.42
N PRO E 108 -6.49 -1.18 -33.91
CA PRO E 108 -6.78 -1.40 -35.33
C PRO E 108 -5.84 -0.69 -36.30
N GLU E 109 -5.47 0.56 -36.03
CA GLU E 109 -4.69 1.35 -36.99
C GLU E 109 -3.23 0.89 -37.11
N LYS E 110 -2.72 0.15 -36.13
CA LYS E 110 -1.36 -0.38 -36.15
C LYS E 110 -1.28 -1.85 -36.55
N ARG E 111 -2.42 -2.45 -36.90
CA ARG E 111 -2.48 -3.89 -37.08
C ARG E 111 -1.78 -4.36 -38.35
N GLY E 112 -1.06 -5.47 -38.25
CA GLY E 112 -0.46 -6.11 -39.40
C GLY E 112 -0.79 -7.58 -39.43
N LYS E 113 -0.10 -8.36 -40.26
CA LYS E 113 -0.52 -9.72 -40.58
C LYS E 113 0.21 -10.80 -39.79
N TYR E 114 1.07 -10.42 -38.85
CA TYR E 114 1.88 -11.41 -38.14
C TYR E 114 1.49 -11.53 -36.66
N VAL E 115 1.63 -12.74 -36.13
CA VAL E 115 1.44 -13.04 -34.72
C VAL E 115 2.79 -13.37 -34.12
N VAL E 116 3.13 -12.72 -33.01
CA VAL E 116 4.44 -12.89 -32.40
C VAL E 116 4.28 -13.38 -30.97
N CYS E 117 4.93 -14.50 -30.65
CA CYS E 117 5.05 -15.01 -29.29
C CYS E 117 6.49 -14.85 -28.82
N PHE E 118 6.69 -14.28 -27.63
CA PHE E 118 8.04 -14.04 -27.18
C PHE E 118 8.19 -14.17 -25.67
N ASP E 119 9.40 -14.53 -25.25
CA ASP E 119 9.84 -14.38 -23.88
C ASP E 119 10.85 -13.23 -23.86
N PRO E 120 10.49 -12.06 -23.35
CA PRO E 120 11.38 -10.90 -23.53
C PRO E 120 12.72 -11.02 -22.82
N LEU E 121 12.79 -11.70 -21.66
CA LEU E 121 14.06 -11.85 -20.95
C LEU E 121 14.05 -13.20 -20.23
N ASP E 122 14.36 -14.26 -20.99
CA ASP E 122 14.37 -15.60 -20.39
C ASP E 122 15.58 -15.79 -19.50
N GLY E 123 15.35 -16.38 -18.33
CA GLY E 123 16.37 -16.55 -17.33
C GLY E 123 16.53 -15.41 -16.35
N SER E 124 15.67 -14.38 -16.44
CA SER E 124 15.87 -13.15 -15.67
C SER E 124 15.72 -13.36 -14.17
N SER E 125 15.13 -14.47 -13.72
CA SER E 125 15.11 -14.74 -12.28
C SER E 125 16.53 -14.89 -11.76
N ASN E 126 17.42 -15.46 -12.56
CA ASN E 126 18.78 -15.71 -12.15
C ASN E 126 19.76 -14.63 -12.61
N ILE E 127 19.25 -13.47 -13.03
CA ILE E 127 20.13 -12.41 -13.48
C ILE E 127 20.92 -11.84 -12.30
N ASP E 128 20.47 -12.12 -11.07
CA ASP E 128 21.14 -11.66 -9.85
C ASP E 128 22.57 -12.16 -9.77
N CYS E 129 22.85 -13.30 -10.38
CA CYS E 129 24.19 -13.87 -10.42
C CYS E 129 24.89 -13.59 -11.75
N LEU E 130 24.31 -12.69 -12.57
CA LEU E 130 24.88 -12.30 -13.85
C LEU E 130 24.99 -13.48 -14.80
N VAL E 131 24.15 -14.49 -14.60
CA VAL E 131 24.02 -15.56 -15.56
C VAL E 131 23.56 -15.00 -16.91
N SER E 132 23.95 -15.67 -17.99
CA SER E 132 23.40 -15.40 -19.32
C SER E 132 21.88 -15.41 -19.29
N VAL E 133 21.29 -14.45 -19.98
CA VAL E 133 19.85 -14.34 -20.17
C VAL E 133 19.58 -14.20 -21.67
N GLY E 134 18.31 -14.14 -22.04
CA GLY E 134 18.02 -14.06 -23.45
C GLY E 134 16.60 -13.64 -23.79
N THR E 135 16.41 -13.36 -25.07
CA THR E 135 15.11 -13.08 -25.63
C THR E 135 14.79 -14.18 -26.65
N ILE E 136 13.59 -14.74 -26.54
CA ILE E 136 13.12 -15.79 -27.44
C ILE E 136 11.87 -15.28 -28.14
N PHE E 137 11.76 -15.51 -29.44
CA PHE E 137 10.59 -15.06 -30.18
C PHE E 137 10.20 -16.09 -31.24
N GLY E 138 8.90 -16.10 -31.57
CA GLY E 138 8.37 -16.92 -32.63
C GLY E 138 7.33 -16.14 -33.43
N ILE E 139 7.38 -16.26 -34.74
CA ILE E 139 6.58 -15.41 -35.61
C ILE E 139 5.70 -16.30 -36.47
N TYR E 140 4.39 -16.10 -36.38
CA TYR E 140 3.39 -16.79 -37.20
C TYR E 140 2.70 -15.79 -38.10
N ARG E 141 2.24 -16.27 -39.25
CA ARG E 141 1.28 -15.54 -40.05
C ARG E 141 -0.12 -15.86 -39.54
N LYS E 142 -0.90 -14.82 -39.27
CA LYS E 142 -2.30 -14.98 -38.94
C LYS E 142 -3.04 -15.66 -40.08
N LYS E 143 -3.84 -16.67 -39.75
CA LYS E 143 -4.43 -17.60 -40.71
C LYS E 143 -5.79 -17.14 -41.28
N SER E 144 -6.74 -16.78 -40.42
CA SER E 144 -8.03 -16.29 -40.91
C SER E 144 -7.99 -14.79 -41.20
N THR E 145 -9.05 -14.31 -41.83
CA THR E 145 -9.31 -12.88 -41.95
C THR E 145 -10.28 -12.39 -40.85
N ASP E 146 -10.63 -13.25 -39.89
CA ASP E 146 -11.46 -12.87 -38.74
C ASP E 146 -10.81 -11.83 -37.82
N GLU E 147 -11.56 -11.36 -36.82
CA GLU E 147 -10.98 -10.45 -35.84
C GLU E 147 -9.80 -11.10 -35.11
N PRO E 148 -8.71 -10.37 -34.91
CA PRO E 148 -7.59 -10.91 -34.14
C PRO E 148 -8.00 -11.16 -32.70
N SER E 149 -7.53 -12.27 -32.15
CA SER E 149 -7.83 -12.66 -30.79
C SER E 149 -6.75 -13.64 -30.33
N GLU E 150 -6.83 -14.00 -29.04
CA GLU E 150 -5.86 -14.95 -28.48
C GLU E 150 -5.77 -16.22 -29.31
N LYS E 151 -6.89 -16.65 -29.90
CA LYS E 151 -6.92 -17.91 -30.64
C LYS E 151 -5.92 -17.92 -31.79
N ASP E 152 -5.62 -16.75 -32.37
CA ASP E 152 -4.66 -16.70 -33.47
C ASP E 152 -3.26 -17.10 -33.06
N ALA E 153 -2.94 -17.07 -31.78
CA ALA E 153 -1.61 -17.44 -31.31
C ALA E 153 -1.46 -18.93 -31.05
N LEU E 154 -2.56 -19.68 -31.08
CA LEU E 154 -2.58 -21.11 -30.78
C LEU E 154 -2.31 -21.95 -32.02
N GLN E 155 -1.20 -21.67 -32.69
CA GLN E 155 -0.82 -22.47 -33.83
C GLN E 155 0.32 -23.43 -33.45
N PRO E 156 0.42 -24.59 -34.09
CA PRO E 156 1.58 -25.46 -33.88
C PRO E 156 2.84 -24.85 -34.47
N GLY E 157 3.98 -25.23 -33.88
CA GLY E 157 5.26 -24.69 -34.33
C GLY E 157 5.55 -24.92 -35.80
N ARG E 158 4.98 -25.98 -36.38
CA ARG E 158 5.12 -26.23 -37.81
C ARG E 158 4.71 -25.02 -38.63
N ASN E 159 3.81 -24.19 -38.10
CA ASN E 159 3.36 -22.99 -38.79
C ASN E 159 4.34 -21.82 -38.68
N LEU E 160 5.44 -21.96 -37.93
CA LEU E 160 6.32 -20.82 -37.73
C LEU E 160 6.86 -20.32 -39.07
N VAL E 161 6.81 -18.99 -39.23
CA VAL E 161 7.39 -18.33 -40.39
C VAL E 161 8.83 -17.91 -40.11
N ALA E 162 9.10 -17.49 -38.89
CA ALA E 162 10.45 -17.17 -38.47
C ALA E 162 10.49 -17.29 -36.96
N ALA E 163 11.68 -17.57 -36.44
CA ALA E 163 11.88 -17.70 -35.01
C ALA E 163 13.35 -17.54 -34.71
N GLY E 164 13.65 -17.29 -33.44
CA GLY E 164 15.03 -17.22 -33.03
C GLY E 164 15.14 -16.70 -31.61
N TYR E 165 16.35 -16.29 -31.28
CA TYR E 165 16.63 -15.81 -29.94
C TYR E 165 17.81 -14.85 -29.95
N ALA E 166 17.79 -13.96 -28.98
CA ALA E 166 18.94 -13.15 -28.61
C ALA E 166 19.55 -13.75 -27.35
N LEU E 167 20.84 -14.01 -27.38
CA LEU E 167 21.56 -14.48 -26.19
C LEU E 167 22.41 -13.33 -25.70
N TYR E 168 22.13 -12.85 -24.49
CA TYR E 168 22.95 -11.82 -23.86
C TYR E 168 23.95 -12.53 -22.96
N GLY E 169 24.99 -13.05 -23.60
CA GLY E 169 26.03 -13.80 -22.90
C GLY E 169 27.31 -13.00 -22.75
N SER E 170 28.48 -13.65 -22.91
CA SER E 170 29.74 -12.89 -22.87
C SER E 170 29.79 -11.84 -23.98
N ALA E 171 29.14 -12.13 -25.10
CA ALA E 171 28.75 -11.16 -26.12
C ALA E 171 27.26 -11.33 -26.35
N THR E 172 26.69 -10.44 -27.16
CA THR E 172 25.28 -10.56 -27.55
C THR E 172 25.21 -11.15 -28.97
N MET E 173 24.42 -12.23 -29.12
CA MET E 173 24.25 -12.86 -30.43
C MET E 173 22.79 -13.04 -30.74
N LEU E 174 22.43 -12.79 -32.00
CA LEU E 174 21.09 -13.03 -32.50
C LEU E 174 21.14 -14.23 -33.43
N VAL E 175 20.35 -15.25 -33.12
CA VAL E 175 20.25 -16.43 -33.97
C VAL E 175 18.88 -16.38 -34.63
N LEU E 176 18.87 -16.33 -35.96
CA LEU E 176 17.62 -16.18 -36.70
C LEU E 176 17.46 -17.39 -37.60
N ALA E 177 16.35 -18.10 -37.42
CA ALA E 177 16.01 -19.24 -38.26
C ALA E 177 14.79 -18.91 -39.13
N MET E 178 14.93 -19.17 -40.42
CA MET E 178 13.87 -18.97 -41.39
C MET E 178 13.88 -20.16 -42.33
N ASP E 179 13.07 -20.05 -43.40
CA ASP E 179 13.05 -21.07 -44.44
C ASP E 179 14.43 -21.30 -45.02
N CYS E 180 15.21 -20.23 -45.21
CA CYS E 180 16.55 -20.36 -45.75
C CYS E 180 17.54 -20.98 -44.77
N GLY E 181 17.15 -21.23 -43.52
CA GLY E 181 18.08 -21.82 -42.57
C GLY E 181 18.41 -20.96 -41.36
N VAL E 182 19.50 -21.30 -40.68
CA VAL E 182 19.88 -20.66 -39.43
C VAL E 182 21.11 -19.80 -39.66
N ASN E 183 21.05 -18.55 -39.22
CA ASN E 183 22.16 -17.62 -39.33
C ASN E 183 22.41 -16.93 -38.00
N CYS E 184 23.69 -16.75 -37.68
CA CYS E 184 24.12 -16.22 -36.38
C CYS E 184 24.75 -14.85 -36.58
N PHE E 185 24.24 -13.86 -35.85
CA PHE E 185 24.70 -12.47 -35.96
C PHE E 185 25.24 -12.00 -34.61
N MET E 186 26.45 -11.48 -34.63
CA MET E 186 27.09 -10.98 -33.42
C MET E 186 26.83 -9.48 -33.33
N LEU E 187 26.35 -9.03 -32.19
CA LEU E 187 26.16 -7.59 -31.99
C LEU E 187 27.52 -6.94 -31.75
N ASP E 188 27.88 -6.01 -32.62
CA ASP E 188 29.03 -5.15 -32.40
C ASP E 188 28.56 -3.92 -31.64
N PRO E 189 28.81 -3.84 -30.34
CA PRO E 189 28.26 -2.71 -29.56
C PRO E 189 28.92 -1.38 -29.85
N ALA E 190 30.12 -1.34 -30.45
CA ALA E 190 30.71 -0.06 -30.82
C ALA E 190 29.88 0.66 -31.88
N ILE E 191 29.17 -0.08 -32.73
CA ILE E 191 28.43 0.54 -33.83
C ILE E 191 26.97 0.16 -33.83
N GLY E 192 26.50 -0.66 -32.90
CA GLY E 192 25.09 -0.99 -32.87
C GLY E 192 24.56 -1.68 -34.11
N GLU E 193 25.33 -2.64 -34.64
CA GLU E 193 24.88 -3.44 -35.77
C GLU E 193 25.15 -4.90 -35.47
N PHE E 194 24.24 -5.75 -35.94
CA PHE E 194 24.39 -7.20 -35.87
C PHE E 194 25.13 -7.67 -37.12
N ILE E 195 26.30 -8.24 -36.91
CA ILE E 195 27.21 -8.67 -37.98
C ILE E 195 27.03 -10.16 -38.17
N LEU E 196 26.83 -10.57 -39.42
CA LEU E 196 26.71 -11.98 -39.77
C LEU E 196 28.05 -12.68 -39.61
N VAL E 197 28.11 -13.63 -38.69
CA VAL E 197 29.36 -14.34 -38.41
C VAL E 197 29.26 -15.84 -38.63
N ASP E 198 28.07 -16.43 -38.67
CA ASP E 198 27.90 -17.85 -39.02
C ASP E 198 26.71 -18.00 -39.97
N LYS E 199 26.99 -18.48 -41.18
CA LYS E 199 25.98 -18.60 -42.25
C LYS E 199 25.51 -20.05 -42.35
N ASP E 200 24.19 -20.23 -42.45
CA ASP E 200 23.58 -21.51 -42.75
C ASP E 200 24.08 -22.61 -41.81
N VAL E 201 23.90 -22.34 -40.52
CA VAL E 201 24.48 -23.15 -39.45
C VAL E 201 23.79 -24.52 -39.39
N LYS E 202 24.58 -25.57 -39.15
CA LYS E 202 24.06 -26.92 -38.94
C LYS E 202 24.63 -27.51 -37.67
N ILE E 203 23.79 -28.24 -36.91
CA ILE E 203 24.24 -28.85 -35.66
C ILE E 203 25.01 -30.13 -35.94
N LYS E 204 26.00 -30.43 -35.08
CA LYS E 204 26.69 -31.71 -35.15
C LYS E 204 25.69 -32.85 -35.10
N LYS E 205 25.95 -33.91 -35.88
CA LYS E 205 25.07 -35.07 -35.89
C LYS E 205 25.02 -35.75 -34.53
N LYS E 206 26.13 -35.77 -33.81
CA LYS E 206 26.17 -36.34 -32.47
C LYS E 206 27.16 -35.53 -31.63
N GLY E 207 26.77 -35.23 -30.39
CA GLY E 207 27.57 -34.41 -29.51
C GLY E 207 28.17 -35.19 -28.36
N LYS E 208 28.74 -34.44 -27.41
CA LYS E 208 29.40 -35.03 -26.25
C LYS E 208 29.01 -34.33 -24.96
N ILE E 209 27.90 -33.61 -24.95
CA ILE E 209 27.45 -32.86 -23.78
C ILE E 209 25.97 -33.13 -23.59
N TYR E 210 25.56 -33.41 -22.35
CA TYR E 210 24.15 -33.45 -21.98
C TYR E 210 23.87 -32.37 -20.96
N SER E 211 22.63 -31.86 -20.97
CA SER E 211 22.29 -30.68 -20.19
C SER E 211 20.91 -30.88 -19.57
N LEU E 212 20.86 -31.04 -18.25
CA LEU E 212 19.60 -31.04 -17.52
C LEU E 212 19.89 -30.84 -16.04
N ASN E 213 18.85 -30.45 -15.31
CA ASN E 213 18.98 -30.18 -13.87
C ASN E 213 18.91 -31.52 -13.15
N GLU E 214 20.08 -32.08 -12.82
CA GLU E 214 20.07 -33.37 -12.17
C GLU E 214 19.60 -33.34 -10.73
N GLY E 215 19.35 -32.17 -10.16
CA GLY E 215 18.81 -32.12 -8.81
C GLY E 215 17.44 -32.76 -8.67
N TYR E 216 16.69 -32.86 -9.78
CA TYR E 216 15.38 -33.53 -9.79
C TYR E 216 15.50 -35.01 -10.08
N ALA E 217 16.63 -35.63 -9.74
CA ALA E 217 16.81 -37.05 -9.99
C ALA E 217 15.77 -37.92 -9.27
N LYS E 218 15.34 -37.52 -8.07
CA LYS E 218 14.33 -38.25 -7.31
C LYS E 218 13.00 -38.33 -8.04
N ASP E 219 12.73 -37.40 -8.96
CA ASP E 219 11.47 -37.34 -9.71
C ASP E 219 11.57 -37.80 -11.16
N PHE E 220 12.75 -38.20 -11.63
CA PHE E 220 12.94 -38.57 -13.02
C PHE E 220 12.13 -39.80 -13.45
N ASP E 221 11.61 -39.74 -14.67
CA ASP E 221 11.12 -40.90 -15.37
C ASP E 221 12.24 -41.94 -15.51
N PRO E 222 11.89 -43.23 -15.49
CA PRO E 222 12.93 -44.28 -15.61
C PRO E 222 13.75 -44.17 -16.89
N ALA E 223 13.16 -43.71 -18.00
CA ALA E 223 13.90 -43.56 -19.25
C ALA E 223 14.94 -42.45 -19.15
N VAL E 224 14.58 -41.34 -18.52
CA VAL E 224 15.55 -40.28 -18.30
C VAL E 224 16.69 -40.79 -17.42
N THR E 225 16.34 -41.51 -16.35
CA THR E 225 17.36 -42.10 -15.50
C THR E 225 18.27 -43.03 -16.29
N GLU E 226 17.70 -43.87 -17.16
CA GLU E 226 18.55 -44.78 -17.92
C GLU E 226 19.44 -44.04 -18.91
N TYR E 227 18.88 -43.07 -19.64
CA TYR E 227 19.68 -42.35 -20.63
C TYR E 227 20.84 -41.62 -19.96
N ILE E 228 20.58 -40.95 -18.84
CA ILE E 228 21.64 -40.23 -18.15
C ILE E 228 22.69 -41.20 -17.61
N GLN E 229 22.24 -42.35 -17.07
CA GLN E 229 23.18 -43.40 -16.70
C GLN E 229 24.03 -43.85 -17.88
N ARG E 230 23.42 -43.97 -19.06
CA ARG E 230 24.15 -44.39 -20.26
C ARG E 230 25.16 -43.35 -20.69
N LYS E 231 24.86 -42.06 -20.47
CA LYS E 231 25.81 -41.00 -20.82
C LYS E 231 27.00 -40.97 -19.86
N LYS E 232 26.79 -41.28 -18.58
CA LYS E 232 27.87 -41.27 -17.60
C LYS E 232 28.67 -42.57 -17.64
N PHE E 233 28.01 -43.70 -17.87
CA PHE E 233 28.63 -45.03 -17.92
C PHE E 233 28.30 -45.66 -19.27
N PRO E 234 29.01 -45.31 -20.33
CA PRO E 234 28.69 -45.86 -21.64
C PRO E 234 28.97 -47.35 -21.67
N PRO E 235 28.09 -48.16 -22.26
CA PRO E 235 28.35 -49.60 -22.30
C PRO E 235 29.47 -50.02 -23.23
N ASP E 236 29.66 -49.32 -24.35
CA ASP E 236 30.60 -49.73 -25.40
C ASP E 236 32.01 -49.18 -25.23
N ASN E 237 32.43 -48.81 -24.02
CA ASN E 237 33.78 -48.30 -23.79
C ASN E 237 34.05 -46.99 -24.53
N SER E 238 33.00 -46.25 -24.88
CA SER E 238 33.19 -44.89 -25.36
C SER E 238 33.41 -43.94 -24.18
N ALA E 239 33.81 -42.71 -24.51
CA ALA E 239 34.07 -41.73 -23.46
C ALA E 239 32.77 -41.24 -22.85
N PRO E 240 32.72 -41.04 -21.53
CA PRO E 240 31.51 -40.47 -20.93
C PRO E 240 31.32 -39.03 -21.40
N TYR E 241 30.05 -38.64 -21.54
CA TYR E 241 29.74 -37.26 -21.90
C TYR E 241 30.06 -36.30 -20.77
N GLY E 242 30.36 -35.05 -21.14
CA GLY E 242 30.38 -34.00 -20.15
C GLY E 242 28.99 -33.45 -19.90
N ALA E 243 28.82 -32.82 -18.74
CA ALA E 243 27.56 -32.21 -18.35
C ALA E 243 27.72 -30.69 -18.26
N ARG E 244 26.72 -29.96 -18.76
CA ARG E 244 26.63 -28.51 -18.60
C ARG E 244 25.19 -28.17 -18.32
N TYR E 245 24.95 -27.30 -17.35
CA TYR E 245 23.58 -26.82 -17.13
C TYR E 245 23.66 -25.43 -16.53
N VAL E 246 23.50 -24.43 -17.39
CA VAL E 246 23.50 -23.04 -16.98
C VAL E 246 22.22 -22.71 -16.24
N GLY E 247 21.12 -23.36 -16.59
CA GLY E 247 19.84 -23.00 -16.01
C GLY E 247 19.16 -21.85 -16.70
N SER E 248 19.72 -21.36 -17.79
CA SER E 248 19.07 -20.35 -18.61
C SER E 248 18.95 -20.96 -20.00
N MET E 249 17.71 -21.14 -20.46
CA MET E 249 17.44 -22.01 -21.61
C MET E 249 18.18 -21.54 -22.87
N VAL E 250 18.23 -20.23 -23.10
CA VAL E 250 18.90 -19.72 -24.30
C VAL E 250 20.38 -20.08 -24.27
N ALA E 251 21.02 -19.95 -23.10
CA ALA E 251 22.43 -20.26 -22.99
C ALA E 251 22.68 -21.74 -23.27
N ASP E 252 21.89 -22.61 -22.65
CA ASP E 252 22.07 -24.05 -22.83
C ASP E 252 21.74 -24.47 -24.26
N VAL E 253 20.66 -23.93 -24.82
CA VAL E 253 20.31 -24.30 -26.20
C VAL E 253 21.36 -23.79 -27.18
N HIS E 254 21.87 -22.57 -26.99
CA HIS E 254 22.86 -22.07 -27.92
C HIS E 254 24.15 -22.88 -27.85
N ARG E 255 24.59 -23.24 -26.65
CA ARG E 255 25.76 -24.11 -26.53
C ARG E 255 25.50 -25.42 -27.26
N THR E 256 24.29 -25.97 -27.12
CA THR E 256 23.93 -27.20 -27.80
C THR E 256 24.03 -27.04 -29.30
N LEU E 257 23.53 -25.93 -29.82
CA LEU E 257 23.64 -25.65 -31.25
C LEU E 257 25.09 -25.54 -31.70
N VAL E 258 25.91 -24.85 -30.91
CA VAL E 258 27.28 -24.57 -31.34
C VAL E 258 28.18 -25.79 -31.14
N TYR E 259 28.03 -26.50 -30.02
CA TYR E 259 28.92 -27.63 -29.74
C TYR E 259 28.27 -28.97 -30.00
N GLY E 260 26.95 -29.03 -30.17
CA GLY E 260 26.25 -30.30 -30.29
C GLY E 260 25.99 -30.92 -28.93
N GLY E 261 25.21 -32.01 -28.95
CA GLY E 261 24.81 -32.67 -27.73
C GLY E 261 23.30 -32.65 -27.56
N ILE E 262 22.86 -32.70 -26.30
CA ILE E 262 21.45 -32.85 -26.01
C ILE E 262 21.09 -31.97 -24.83
N PHE E 263 19.91 -31.36 -24.90
CA PHE E 263 19.35 -30.59 -23.82
C PHE E 263 18.01 -31.22 -23.45
N LEU E 264 17.81 -31.48 -22.15
CA LEU E 264 16.59 -32.12 -21.69
C LEU E 264 15.99 -31.30 -20.57
N TYR E 265 14.71 -31.00 -20.70
CA TYR E 265 13.88 -30.58 -19.57
C TYR E 265 12.63 -31.46 -19.65
N PRO E 266 12.73 -32.72 -19.24
CA PRO E 266 11.68 -33.70 -19.55
C PRO E 266 10.54 -33.73 -18.54
N ALA E 267 9.53 -34.54 -18.85
CA ALA E 267 8.43 -34.72 -17.92
C ALA E 267 8.85 -35.58 -16.75
N ASN E 268 8.15 -35.39 -15.63
CA ASN E 268 8.28 -36.22 -14.45
C ASN E 268 6.88 -36.39 -13.86
N LYS E 269 6.81 -37.06 -12.70
CA LYS E 269 5.52 -37.25 -12.06
C LYS E 269 4.98 -35.93 -11.51
N LYS E 270 5.89 -35.04 -11.08
CA LYS E 270 5.48 -33.73 -10.55
C LYS E 270 5.00 -32.76 -11.64
N SER E 271 5.51 -32.88 -12.86
CA SER E 271 5.14 -31.97 -13.96
C SER E 271 5.01 -32.75 -15.25
N PRO E 272 3.89 -33.46 -15.44
CA PRO E 272 3.75 -34.35 -16.60
C PRO E 272 3.70 -33.61 -17.91
N ASN E 273 3.54 -32.29 -17.87
CA ASN E 273 3.53 -31.48 -19.07
C ASN E 273 4.81 -30.66 -19.18
N GLY E 274 5.84 -31.04 -18.43
CA GLY E 274 7.08 -30.32 -18.46
C GLY E 274 6.98 -29.03 -17.67
N LYS E 275 8.01 -28.21 -17.78
CA LYS E 275 8.01 -26.91 -17.11
C LYS E 275 8.12 -25.74 -18.07
N LEU E 276 8.87 -25.89 -19.16
CA LEU E 276 9.07 -24.81 -20.11
C LEU E 276 7.81 -24.58 -20.94
N ARG E 277 7.62 -23.33 -21.38
CA ARG E 277 6.40 -22.96 -22.07
C ARG E 277 6.49 -23.26 -23.56
N LEU E 278 5.42 -23.85 -24.11
CA LEU E 278 5.47 -24.33 -25.49
C LEU E 278 5.56 -23.19 -26.50
N LEU E 279 4.80 -22.10 -26.30
CA LEU E 279 4.60 -21.10 -27.36
C LEU E 279 5.83 -20.20 -27.58
N TYR E 280 6.49 -19.78 -26.51
CA TYR E 280 7.54 -18.77 -26.63
C TYR E 280 8.86 -19.24 -26.01
N GLU E 281 8.98 -20.53 -25.69
CA GLU E 281 10.27 -21.12 -25.36
C GLU E 281 10.52 -22.37 -26.20
N CYS E 282 9.63 -23.36 -26.13
CA CYS E 282 9.89 -24.65 -26.78
C CYS E 282 9.75 -24.57 -28.30
N ASN E 283 8.66 -23.99 -28.79
CA ASN E 283 8.47 -23.91 -30.23
C ASN E 283 9.57 -23.13 -30.93
N PRO E 284 9.92 -21.90 -30.53
CA PRO E 284 11.01 -21.22 -31.24
C PRO E 284 12.32 -21.98 -31.23
N MET E 285 12.64 -22.63 -30.10
CA MET E 285 13.88 -23.40 -30.03
C MET E 285 13.82 -24.66 -30.90
N ALA E 286 12.66 -25.35 -30.92
CA ALA E 286 12.52 -26.52 -31.77
C ALA E 286 12.65 -26.17 -33.24
N TYR E 287 12.10 -25.03 -33.64
CA TYR E 287 12.25 -24.57 -35.03
C TYR E 287 13.71 -24.24 -35.35
N VAL E 288 14.41 -23.52 -34.47
CA VAL E 288 15.83 -23.27 -34.71
C VAL E 288 16.59 -24.59 -34.85
N MET E 289 16.37 -25.50 -33.90
CA MET E 289 17.02 -26.80 -33.93
C MET E 289 16.72 -27.53 -35.23
N GLU E 290 15.45 -27.55 -35.64
CA GLU E 290 15.11 -28.35 -36.82
C GLU E 290 15.71 -27.75 -38.09
N LYS E 291 15.65 -26.41 -38.26
CA LYS E 291 16.25 -25.78 -39.44
C LYS E 291 17.76 -25.95 -39.49
N ALA E 292 18.40 -26.20 -38.36
CA ALA E 292 19.82 -26.47 -38.29
C ALA E 292 20.15 -27.95 -38.36
N GLY E 293 19.17 -28.81 -38.66
CA GLY E 293 19.44 -30.23 -38.76
C GLY E 293 19.41 -31.00 -37.46
N GLY E 294 18.89 -30.42 -36.38
CA GLY E 294 18.70 -31.14 -35.13
C GLY E 294 17.29 -31.65 -34.96
N MET E 295 17.00 -32.11 -33.75
CA MET E 295 15.68 -32.62 -33.42
C MET E 295 15.23 -32.04 -32.10
N ALA E 296 13.92 -32.08 -31.89
CA ALA E 296 13.33 -31.60 -30.66
C ALA E 296 12.03 -32.36 -30.43
N THR E 297 11.97 -33.14 -29.37
CA THR E 297 10.82 -34.00 -29.10
C THR E 297 10.32 -33.76 -27.68
N THR E 298 9.04 -34.03 -27.48
CA THR E 298 8.48 -34.13 -26.14
C THR E 298 8.65 -35.51 -25.55
N GLY E 299 9.17 -36.44 -26.34
CA GLY E 299 9.20 -37.84 -25.99
C GLY E 299 8.14 -38.60 -26.77
N LYS E 300 6.93 -38.04 -26.80
CA LYS E 300 5.82 -38.68 -27.50
C LYS E 300 5.66 -38.16 -28.92
N GLU E 301 6.11 -36.94 -29.19
CA GLU E 301 5.89 -36.32 -30.50
C GLU E 301 6.85 -35.16 -30.66
N ALA E 302 7.00 -34.73 -31.92
CA ALA E 302 7.76 -33.52 -32.23
C ALA E 302 7.12 -32.30 -31.59
N VAL E 303 7.96 -31.48 -30.96
CA VAL E 303 7.50 -30.24 -30.31
C VAL E 303 6.69 -29.41 -31.29
N LEU E 304 7.16 -29.29 -32.53
CA LEU E 304 6.52 -28.47 -33.53
C LEU E 304 5.16 -28.99 -33.97
N ASP E 305 4.83 -30.25 -33.64
CA ASP E 305 3.53 -30.80 -34.00
C ASP E 305 2.50 -30.66 -32.89
N VAL E 306 2.90 -30.25 -31.68
CA VAL E 306 1.93 -30.06 -30.61
C VAL E 306 1.00 -28.92 -30.98
N ILE E 307 -0.30 -29.19 -30.95
CA ILE E 307 -1.32 -28.17 -31.18
C ILE E 307 -1.72 -27.62 -29.81
N PRO E 308 -1.42 -26.35 -29.52
CA PRO E 308 -1.70 -25.82 -28.18
C PRO E 308 -3.18 -25.51 -28.01
N THR E 309 -3.60 -25.55 -26.75
CA THR E 309 -4.94 -25.13 -26.38
C THR E 309 -4.96 -23.93 -25.44
N ASP E 310 -3.82 -23.57 -24.86
CA ASP E 310 -3.70 -22.37 -24.03
C ASP E 310 -2.35 -21.72 -24.32
N ILE E 311 -2.34 -20.39 -24.46
CA ILE E 311 -1.12 -19.72 -24.90
C ILE E 311 0.04 -19.84 -23.90
N HIS E 312 -0.25 -20.18 -22.64
CA HIS E 312 0.80 -20.34 -21.62
C HIS E 312 1.03 -21.80 -21.21
N GLN E 313 0.59 -22.76 -22.02
CA GLN E 313 0.74 -24.15 -21.62
C GLN E 313 2.20 -24.59 -21.65
N ARG E 314 2.53 -25.57 -20.82
CA ARG E 314 3.89 -26.06 -20.72
C ARG E 314 4.04 -27.31 -21.60
N ALA E 315 5.29 -27.65 -21.89
CA ALA E 315 5.59 -28.80 -22.72
C ALA E 315 6.92 -29.39 -22.28
N PRO E 316 7.06 -30.72 -22.28
CA PRO E 316 8.40 -31.31 -22.14
C PRO E 316 9.20 -31.13 -23.41
N VAL E 317 10.52 -31.05 -23.27
CA VAL E 317 11.38 -30.83 -24.42
C VAL E 317 12.68 -31.59 -24.25
N ILE E 318 13.09 -32.30 -25.32
CA ILE E 318 14.40 -32.90 -25.45
C ILE E 318 14.92 -32.50 -26.84
N LEU E 319 16.05 -31.81 -26.90
CA LEU E 319 16.52 -31.32 -28.18
C LEU E 319 18.04 -31.37 -28.25
N GLY E 320 18.54 -31.27 -29.48
CA GLY E 320 19.96 -31.27 -29.76
C GLY E 320 20.36 -32.07 -30.98
N SER E 321 21.58 -32.62 -30.96
CA SER E 321 22.08 -33.39 -32.08
C SER E 321 21.12 -34.53 -32.42
N PRO E 322 20.91 -34.83 -33.71
CA PRO E 322 19.91 -35.85 -34.06
C PRO E 322 20.21 -37.23 -33.50
N ASP E 323 21.48 -37.66 -33.50
CA ASP E 323 21.82 -38.96 -32.92
C ASP E 323 21.53 -39.03 -31.44
N ASP E 324 21.72 -37.92 -30.73
CA ASP E 324 21.47 -37.94 -29.30
C ASP E 324 19.98 -37.97 -29.00
N VAL E 325 19.18 -37.21 -29.74
CA VAL E 325 17.74 -37.29 -29.52
C VAL E 325 17.22 -38.66 -29.94
N LEU E 326 17.74 -39.22 -31.05
CA LEU E 326 17.32 -40.55 -31.47
C LEU E 326 17.72 -41.62 -30.45
N GLU E 327 18.91 -41.49 -29.86
CA GLU E 327 19.31 -42.41 -28.82
C GLU E 327 18.41 -42.30 -27.59
N PHE E 328 18.03 -41.07 -27.21
CA PHE E 328 17.09 -40.90 -26.12
C PHE E 328 15.73 -41.50 -26.45
N LEU E 329 15.26 -41.28 -27.68
CA LEU E 329 13.94 -41.77 -28.08
C LEU E 329 13.86 -43.31 -28.04
N LYS E 330 14.94 -43.99 -28.44
CA LYS E 330 15.01 -45.44 -28.34
C LYS E 330 14.83 -45.90 -26.90
N VAL E 331 15.52 -45.25 -25.98
CA VAL E 331 15.40 -45.55 -24.56
C VAL E 331 13.99 -45.22 -24.08
N TYR E 332 13.40 -44.13 -24.59
CA TYR E 332 12.04 -43.77 -24.21
C TYR E 332 11.06 -44.88 -24.58
N GLU E 333 11.25 -45.52 -25.75
CA GLU E 333 10.35 -46.57 -26.18
C GLU E 333 10.54 -47.85 -25.37
N LYS E 334 11.78 -48.16 -24.96
CA LYS E 334 12.04 -49.34 -24.13
C LYS E 334 11.19 -49.35 -22.87
N HIS E 335 10.99 -48.19 -22.27
CA HIS E 335 10.17 -48.05 -21.07
C HIS E 335 8.71 -47.80 -21.39
N SER E 336 8.23 -48.41 -22.47
CA SER E 336 6.87 -48.28 -22.98
C SER E 336 6.67 -46.89 -23.58
N ASP F 10 25.55 7.60 -0.80
CA ASP F 10 26.52 8.22 -1.69
C ASP F 10 27.09 7.23 -2.69
N VAL F 11 27.08 7.59 -3.98
CA VAL F 11 27.65 6.71 -4.99
C VAL F 11 29.15 6.55 -4.73
N ASN F 12 29.66 5.36 -5.02
CA ASN F 12 31.08 5.08 -4.86
C ASN F 12 31.57 4.28 -6.05
N THR F 13 32.82 4.49 -6.40
CA THR F 13 33.43 3.76 -7.50
C THR F 13 34.55 2.89 -6.96
N LEU F 14 35.02 1.97 -7.79
CA LEU F 14 36.12 1.12 -7.39
C LEU F 14 37.32 1.96 -6.99
N THR F 15 37.71 2.89 -7.88
CA THR F 15 38.92 3.68 -7.67
C THR F 15 38.78 4.55 -6.43
N ARG F 16 37.64 5.21 -6.28
CA ARG F 16 37.44 6.05 -5.12
C ARG F 16 37.39 5.20 -3.84
N PHE F 17 36.75 4.04 -3.89
CA PHE F 17 36.67 3.15 -2.74
C PHE F 17 38.05 2.72 -2.27
N VAL F 18 38.89 2.29 -3.21
CA VAL F 18 40.22 1.81 -2.85
C VAL F 18 41.08 2.94 -2.31
N MET F 19 40.98 4.14 -2.91
CA MET F 19 41.72 5.28 -2.39
C MET F 19 41.33 5.58 -0.95
N GLU F 20 40.03 5.45 -0.65
CA GLU F 20 39.57 5.73 0.71
C GLU F 20 40.13 4.72 1.71
N GLU F 21 40.11 3.43 1.36
CA GLU F 21 40.72 2.42 2.23
C GLU F 21 42.23 2.65 2.36
N GLY F 22 42.89 3.05 1.28
CA GLY F 22 44.33 3.25 1.33
C GLY F 22 44.74 4.45 2.17
N ARG F 23 44.04 5.57 2.02
CA ARG F 23 44.37 6.75 2.84
C ARG F 23 44.10 6.48 4.30
N LYS F 24 43.01 5.78 4.61
CA LYS F 24 42.71 5.46 5.99
C LYS F 24 43.82 4.62 6.63
N ALA F 25 44.39 3.68 5.88
CA ALA F 25 45.45 2.81 6.37
C ALA F 25 46.85 3.40 6.22
N ARG F 26 46.96 4.64 5.73
CA ARG F 26 48.23 5.36 5.63
C ARG F 26 49.26 4.56 4.81
N GLY F 27 48.79 3.85 3.79
CA GLY F 27 49.69 3.12 2.91
C GLY F 27 50.42 4.01 1.96
N THR F 28 51.36 3.40 1.24
CA THR F 28 52.19 4.14 0.30
C THR F 28 51.50 4.47 -1.00
N GLY F 29 50.40 3.78 -1.33
CA GLY F 29 49.69 3.98 -2.58
C GLY F 29 49.98 2.95 -3.66
N GLU F 30 50.99 2.10 -3.47
CA GLU F 30 51.34 1.12 -4.50
C GLU F 30 50.18 0.17 -4.75
N LEU F 31 49.46 -0.22 -3.69
CA LEU F 31 48.31 -1.10 -3.85
C LEU F 31 47.17 -0.41 -4.62
N THR F 32 46.93 0.88 -4.38
CA THR F 32 45.93 1.60 -5.16
C THR F 32 46.30 1.69 -6.64
N GLN F 33 47.57 2.01 -6.93
CA GLN F 33 48.03 2.05 -8.33
C GLN F 33 47.94 0.69 -8.98
N LEU F 34 48.23 -0.36 -8.22
CA LEU F 34 48.12 -1.70 -8.74
C LEU F 34 46.68 -1.99 -9.14
N LEU F 35 45.76 -1.77 -8.20
CA LEU F 35 44.37 -2.12 -8.42
C LEU F 35 43.76 -1.27 -9.54
N ASN F 36 44.16 0.00 -9.64
CA ASN F 36 43.68 0.88 -10.70
C ASN F 36 44.16 0.40 -12.07
N SER F 37 45.41 -0.02 -12.17
CA SER F 37 45.92 -0.53 -13.42
C SER F 37 45.19 -1.79 -13.82
N LEU F 38 44.94 -2.67 -12.85
CA LEU F 38 44.18 -3.88 -13.13
C LEU F 38 42.76 -3.55 -13.58
N CYS F 39 42.13 -2.57 -12.92
CA CYS F 39 40.79 -2.12 -13.30
C CYS F 39 40.77 -1.63 -14.75
N THR F 40 41.83 -0.94 -15.18
CA THR F 40 41.92 -0.52 -16.58
C THR F 40 42.03 -1.72 -17.51
N ALA F 41 42.84 -2.71 -17.16
CA ALA F 41 42.93 -3.89 -18.00
C ALA F 41 41.59 -4.64 -18.10
N VAL F 42 40.86 -4.73 -16.98
CA VAL F 42 39.62 -5.49 -16.96
C VAL F 42 38.57 -4.87 -17.86
N LYS F 43 38.50 -3.54 -17.89
CA LYS F 43 37.57 -2.86 -18.77
C LYS F 43 37.95 -3.08 -20.24
N ALA F 44 39.25 -3.15 -20.54
CA ALA F 44 39.66 -3.41 -21.92
C ALA F 44 39.33 -4.84 -22.32
N ILE F 45 39.44 -5.78 -21.38
CA ILE F 45 39.08 -7.17 -21.67
C ILE F 45 37.57 -7.29 -21.92
N SER F 46 36.77 -6.69 -21.03
CA SER F 46 35.33 -6.67 -21.16
C SER F 46 34.90 -6.13 -22.51
N SER F 47 35.51 -5.02 -22.93
CA SER F 47 35.17 -4.44 -24.22
C SER F 47 35.47 -5.42 -25.34
N ALA F 48 36.60 -6.13 -25.23
CA ALA F 48 36.96 -7.13 -26.23
C ALA F 48 36.04 -8.34 -26.14
N VAL F 49 35.70 -8.75 -24.92
CA VAL F 49 34.82 -9.91 -24.73
C VAL F 49 33.44 -9.63 -25.31
N ARG F 50 32.93 -8.41 -25.13
CA ARG F 50 31.63 -8.03 -25.70
C ARG F 50 31.71 -7.79 -27.21
N LYS F 51 32.89 -8.01 -27.83
CA LYS F 51 33.08 -8.01 -29.28
C LYS F 51 32.96 -6.62 -29.91
N ALA F 52 33.32 -5.57 -29.17
CA ALA F 52 33.46 -4.25 -29.76
C ALA F 52 34.51 -4.29 -30.87
N GLY F 53 34.16 -3.74 -32.03
CA GLY F 53 35.05 -3.75 -33.16
C GLY F 53 35.03 -5.01 -34.00
N ILE F 54 34.19 -6.00 -33.67
CA ILE F 54 34.16 -7.22 -34.45
C ILE F 54 33.82 -6.95 -35.92
N ALA F 55 33.03 -5.89 -36.17
CA ALA F 55 32.68 -5.55 -37.55
C ALA F 55 33.92 -5.36 -38.40
N HIS F 56 35.02 -4.89 -37.80
CA HIS F 56 36.27 -4.72 -38.55
C HIS F 56 36.92 -6.06 -38.86
N LEU F 57 36.77 -7.06 -38.00
CA LEU F 57 37.28 -8.39 -38.34
C LEU F 57 36.54 -8.99 -39.52
N TYR F 58 35.29 -8.62 -39.70
CA TYR F 58 34.46 -9.22 -40.73
C TYR F 58 34.35 -8.35 -41.97
N GLY F 59 35.26 -7.37 -42.11
CA GLY F 59 35.42 -6.65 -43.35
C GLY F 59 34.55 -5.41 -43.54
N ILE F 60 34.17 -4.70 -42.47
CA ILE F 60 33.29 -3.56 -42.68
C ILE F 60 34.00 -2.46 -43.47
N ALA F 61 35.33 -2.42 -43.42
CA ALA F 61 36.14 -1.51 -44.21
C ALA F 61 36.95 -2.22 -45.30
N GLY F 62 36.52 -3.41 -45.73
CA GLY F 62 37.28 -4.20 -46.69
C GLY F 62 38.29 -5.14 -46.05
N LYS F 73 43.50 -15.71 -29.80
CA LYS F 73 43.85 -14.30 -29.70
C LYS F 73 43.30 -13.64 -28.44
N LEU F 74 42.02 -13.90 -28.14
CA LEU F 74 41.35 -13.19 -27.05
C LEU F 74 42.05 -13.43 -25.71
N ASP F 75 42.41 -14.68 -25.43
CA ASP F 75 43.13 -15.00 -24.20
C ASP F 75 44.57 -14.49 -24.25
N VAL F 76 45.17 -14.48 -25.44
CA VAL F 76 46.48 -13.88 -25.63
C VAL F 76 46.39 -12.36 -25.43
N LEU F 77 45.38 -11.73 -26.02
CA LEU F 77 45.15 -10.30 -25.84
C LEU F 77 44.86 -9.97 -24.37
N SER F 78 44.02 -10.80 -23.72
CA SER F 78 43.73 -10.56 -22.31
C SER F 78 45.00 -10.60 -21.47
N ASN F 79 45.84 -11.62 -21.70
CA ASN F 79 47.11 -11.73 -20.99
C ASN F 79 47.99 -10.50 -21.24
N ASP F 80 48.06 -10.04 -22.48
CA ASP F 80 48.90 -8.89 -22.80
C ASP F 80 48.41 -7.65 -22.07
N LEU F 81 47.09 -7.46 -21.98
CA LEU F 81 46.54 -6.30 -21.29
C LEU F 81 46.91 -6.32 -19.79
N VAL F 82 46.66 -7.44 -19.11
CA VAL F 82 46.98 -7.51 -17.69
C VAL F 82 48.47 -7.36 -17.47
N MET F 83 49.26 -8.14 -18.21
CA MET F 83 50.71 -8.08 -18.11
C MET F 83 51.22 -6.66 -18.31
N ASN F 84 50.71 -5.98 -19.34
CA ASN F 84 51.23 -4.67 -19.64
C ASN F 84 50.80 -3.63 -18.62
N MET F 85 49.53 -3.68 -18.19
CA MET F 85 49.06 -2.67 -17.24
C MET F 85 49.73 -2.84 -15.88
N LEU F 86 49.93 -4.09 -15.45
CA LEU F 86 50.57 -4.34 -14.16
C LEU F 86 52.05 -3.97 -14.18
N LYS F 87 52.77 -4.35 -15.25
CA LYS F 87 54.16 -3.94 -15.38
C LYS F 87 54.30 -2.42 -15.29
N SER F 88 53.48 -1.69 -16.05
CA SER F 88 53.62 -0.24 -16.10
C SER F 88 53.06 0.45 -14.87
N SER F 89 52.46 -0.29 -13.94
CA SER F 89 51.93 0.29 -12.72
C SER F 89 53.01 0.68 -11.73
N PHE F 90 54.25 0.21 -11.91
CA PHE F 90 55.34 0.41 -10.97
C PHE F 90 55.01 -0.16 -9.58
N ALA F 91 54.07 -1.10 -9.51
CA ALA F 91 53.66 -1.68 -8.24
C ALA F 91 53.95 -3.16 -8.12
N THR F 92 54.55 -3.77 -9.14
CA THR F 92 54.79 -5.21 -9.16
C THR F 92 56.26 -5.53 -9.37
N CYS F 93 56.63 -6.76 -9.01
CA CYS F 93 57.98 -7.25 -9.28
C CYS F 93 57.94 -8.65 -9.88
N VAL F 94 56.93 -9.45 -9.54
CA VAL F 94 56.78 -10.81 -10.08
C VAL F 94 55.35 -11.04 -10.51
N LEU F 95 55.16 -11.54 -11.73
CA LEU F 95 53.85 -11.80 -12.31
C LEU F 95 53.78 -13.26 -12.75
N VAL F 96 52.78 -13.98 -12.26
CA VAL F 96 52.50 -15.35 -12.68
C VAL F 96 51.16 -15.38 -13.41
N SER F 97 51.16 -15.91 -14.63
CA SER F 97 49.96 -16.01 -15.44
C SER F 97 49.73 -17.44 -15.90
N GLU F 98 48.46 -17.83 -16.00
CA GLU F 98 48.08 -19.10 -16.61
C GLU F 98 48.65 -19.24 -18.02
N GLU F 99 48.85 -18.12 -18.72
CA GLU F 99 49.30 -18.11 -20.10
C GLU F 99 50.81 -18.22 -20.27
N ASP F 100 51.60 -18.11 -19.19
CA ASP F 100 53.04 -18.02 -19.30
C ASP F 100 53.71 -19.16 -18.57
N LYS F 101 54.65 -19.82 -19.25
CA LYS F 101 55.28 -21.03 -18.70
C LYS F 101 56.06 -20.72 -17.43
N HIS F 102 56.78 -19.61 -17.40
CA HIS F 102 57.54 -19.21 -16.22
C HIS F 102 56.97 -17.93 -15.64
N ALA F 103 57.28 -17.69 -14.38
CA ALA F 103 56.96 -16.40 -13.79
C ALA F 103 57.69 -15.30 -14.57
N ILE F 104 57.06 -14.13 -14.65
CA ILE F 104 57.66 -12.96 -15.29
C ILE F 104 58.29 -12.12 -14.19
N ILE F 105 59.56 -11.78 -14.37
CA ILE F 105 60.26 -10.89 -13.45
C ILE F 105 60.22 -9.49 -14.06
N VAL F 106 59.58 -8.56 -13.36
CA VAL F 106 59.49 -7.17 -13.83
C VAL F 106 60.88 -6.56 -13.94
N GLU F 107 61.14 -5.86 -15.04
CA GLU F 107 62.45 -5.23 -15.22
C GLU F 107 62.66 -4.16 -14.15
N PRO F 108 63.93 -3.86 -13.82
CA PRO F 108 64.21 -3.10 -12.58
C PRO F 108 63.53 -1.75 -12.44
N GLU F 109 63.47 -0.91 -13.48
CA GLU F 109 62.91 0.43 -13.26
C GLU F 109 61.41 0.43 -13.07
N LYS F 110 60.72 -0.65 -13.43
CA LYS F 110 59.28 -0.75 -13.22
C LYS F 110 58.95 -1.51 -11.94
N ARG F 111 59.96 -1.89 -11.16
CA ARG F 111 59.74 -2.80 -10.04
C ARG F 111 59.05 -2.12 -8.87
N GLY F 112 58.07 -2.81 -8.33
CA GLY F 112 57.40 -2.43 -7.11
C GLY F 112 57.37 -3.66 -6.24
N LYS F 113 56.60 -3.64 -5.17
CA LYS F 113 56.76 -4.63 -4.12
C LYS F 113 55.73 -5.76 -4.14
N TYR F 114 54.87 -5.84 -5.16
CA TYR F 114 53.80 -6.84 -5.13
C TYR F 114 53.98 -7.95 -6.15
N VAL F 115 53.47 -9.12 -5.79
CA VAL F 115 53.40 -10.29 -6.67
C VAL F 115 51.94 -10.53 -7.05
N VAL F 116 51.67 -10.66 -8.34
CA VAL F 116 50.30 -10.82 -8.84
C VAL F 116 50.22 -12.13 -9.60
N CYS F 117 49.30 -12.99 -9.19
CA CYS F 117 48.99 -14.23 -9.88
C CYS F 117 47.62 -14.06 -10.50
N PHE F 118 47.51 -14.37 -11.79
CA PHE F 118 46.24 -14.10 -12.45
C PHE F 118 45.97 -15.13 -13.54
N ASP F 119 44.68 -15.34 -13.78
CA ASP F 119 44.17 -16.00 -14.98
C ASP F 119 43.50 -14.93 -15.82
N PRO F 120 44.07 -14.55 -16.96
CA PRO F 120 43.54 -13.38 -17.68
C PRO F 120 42.14 -13.58 -18.25
N LEU F 121 41.82 -14.79 -18.74
CA LEU F 121 40.48 -15.01 -19.31
C LEU F 121 40.10 -16.47 -19.03
N ASP F 122 39.67 -16.71 -17.80
CA ASP F 122 39.29 -18.05 -17.38
C ASP F 122 38.00 -18.44 -18.06
N GLY F 123 37.94 -19.70 -18.52
CA GLY F 123 36.79 -20.22 -19.20
C GLY F 123 36.76 -20.00 -20.69
N SER F 124 37.79 -19.37 -21.25
CA SER F 124 37.75 -18.95 -22.64
C SER F 124 37.72 -20.10 -23.63
N SER F 125 38.02 -21.33 -23.19
CA SER F 125 37.99 -22.47 -24.11
C SER F 125 36.59 -22.69 -24.70
N ASN F 126 35.52 -22.41 -23.95
CA ASN F 126 34.16 -22.52 -24.44
C ASN F 126 33.56 -21.17 -24.84
N ILE F 127 34.39 -20.15 -25.10
CA ILE F 127 33.85 -18.84 -25.46
C ILE F 127 33.15 -18.86 -26.82
N ASP F 128 33.37 -19.91 -27.61
CA ASP F 128 32.65 -20.05 -28.88
C ASP F 128 31.13 -20.09 -28.66
N CYS F 129 30.67 -20.53 -27.48
CA CYS F 129 29.24 -20.57 -27.19
C CYS F 129 28.78 -19.36 -26.39
N LEU F 130 29.63 -18.33 -26.26
CA LEU F 130 29.32 -17.11 -25.52
C LEU F 130 29.03 -17.39 -24.05
N VAL F 131 29.59 -18.47 -23.51
CA VAL F 131 29.55 -18.71 -22.08
C VAL F 131 30.24 -17.56 -21.33
N SER F 132 29.78 -17.30 -20.10
CA SER F 132 30.50 -16.39 -19.21
C SER F 132 31.96 -16.81 -19.09
N VAL F 133 32.83 -15.79 -19.11
CA VAL F 133 34.25 -15.93 -18.86
C VAL F 133 34.64 -14.90 -17.79
N GLY F 134 35.89 -14.95 -17.34
CA GLY F 134 36.28 -13.99 -16.31
C GLY F 134 37.78 -13.89 -16.15
N THR F 135 38.17 -12.88 -15.39
CA THR F 135 39.56 -12.68 -15.00
C THR F 135 39.67 -12.89 -13.49
N ILE F 136 40.65 -13.68 -13.07
CA ILE F 136 40.90 -13.99 -11.66
C ILE F 136 42.29 -13.48 -11.28
N PHE F 137 42.40 -12.88 -10.09
CA PHE F 137 43.70 -12.36 -9.67
C PHE F 137 43.91 -12.55 -8.17
N GLY F 138 45.17 -12.70 -7.78
CA GLY F 138 45.59 -12.72 -6.39
C GLY F 138 46.88 -11.93 -6.18
N ILE F 139 46.93 -11.13 -5.14
CA ILE F 139 48.02 -10.17 -4.94
C ILE F 139 48.72 -10.52 -3.62
N TYR F 140 50.03 -10.73 -3.69
CA TYR F 140 50.86 -10.97 -2.52
C TYR F 140 51.85 -9.82 -2.35
N ARG F 141 52.23 -9.58 -1.10
CA ARG F 141 53.37 -8.72 -0.81
C ARG F 141 54.65 -9.53 -1.01
N LYS F 142 55.66 -8.90 -1.62
CA LYS F 142 56.94 -9.59 -1.73
C LYS F 142 57.50 -9.81 -0.33
N LYS F 143 57.78 -11.06 0.00
CA LYS F 143 58.14 -11.42 1.37
C LYS F 143 59.65 -11.33 1.59
N SER F 144 60.43 -11.89 0.67
CA SER F 144 61.87 -11.86 0.85
C SER F 144 62.43 -10.50 0.47
N THR F 145 63.62 -10.21 0.98
CA THR F 145 64.36 -9.01 0.63
C THR F 145 65.40 -9.24 -0.46
N ASP F 146 65.50 -10.48 -0.96
CA ASP F 146 66.40 -10.79 -2.07
C ASP F 146 65.93 -10.11 -3.35
N GLU F 147 66.71 -10.29 -4.41
CA GLU F 147 66.24 -9.90 -5.72
C GLU F 147 64.99 -10.72 -6.04
N PRO F 148 63.97 -10.13 -6.66
CA PRO F 148 62.73 -10.86 -6.91
C PRO F 148 62.94 -12.10 -7.76
N SER F 149 62.19 -13.16 -7.43
CA SER F 149 62.26 -14.43 -8.15
C SER F 149 60.95 -15.16 -8.01
N GLU F 150 60.81 -16.24 -8.79
CA GLU F 150 59.59 -17.05 -8.77
C GLU F 150 59.21 -17.50 -7.37
N LYS F 151 60.18 -17.76 -6.50
CA LYS F 151 59.84 -18.24 -5.16
C LYS F 151 58.93 -17.25 -4.44
N ASP F 152 59.01 -15.97 -4.79
CA ASP F 152 58.12 -14.97 -4.19
C ASP F 152 56.66 -15.23 -4.55
N ALA F 153 56.41 -15.99 -5.62
CA ALA F 153 55.07 -16.39 -5.99
C ALA F 153 54.64 -17.71 -5.35
N LEU F 154 55.55 -18.44 -4.72
CA LEU F 154 55.20 -19.73 -4.10
C LEU F 154 54.81 -19.57 -2.63
N GLN F 155 53.90 -18.67 -2.36
CA GLN F 155 53.41 -18.44 -1.02
C GLN F 155 52.04 -19.08 -0.85
N PRO F 156 51.70 -19.52 0.36
CA PRO F 156 50.34 -20.02 0.60
C PRO F 156 49.32 -18.91 0.48
N GLY F 157 48.09 -19.29 0.13
CA GLY F 157 47.01 -18.34 0.02
C GLY F 157 46.75 -17.53 1.27
N ARG F 158 47.15 -18.04 2.45
CA ARG F 158 47.02 -17.25 3.68
C ARG F 158 47.70 -15.89 3.58
N ASN F 159 48.76 -15.77 2.78
CA ASN F 159 49.53 -14.55 2.65
C ASN F 159 48.90 -13.53 1.71
N LEU F 160 47.75 -13.83 1.11
CA LEU F 160 47.15 -12.92 0.15
C LEU F 160 46.80 -11.60 0.82
N VAL F 161 47.15 -10.51 0.12
CA VAL F 161 46.81 -9.15 0.53
C VAL F 161 45.47 -8.73 -0.06
N ALA F 162 45.19 -9.15 -1.28
CA ALA F 162 43.91 -8.89 -1.91
C ALA F 162 43.73 -9.90 -3.02
N ALA F 163 42.48 -10.16 -3.35
CA ALA F 163 42.18 -11.09 -4.43
C ALA F 163 40.79 -10.79 -4.94
N GLY F 164 40.48 -11.32 -6.11
CA GLY F 164 39.14 -11.17 -6.64
C GLY F 164 39.04 -11.66 -8.07
N TYR F 165 37.96 -11.25 -8.71
CA TYR F 165 37.74 -11.68 -10.08
C TYR F 165 36.85 -10.67 -10.77
N ALA F 166 36.98 -10.62 -12.09
CA ALA F 166 36.02 -9.93 -12.92
C ALA F 166 35.20 -11.00 -13.62
N LEU F 167 33.87 -10.82 -13.62
CA LEU F 167 32.96 -11.71 -14.32
C LEU F 167 32.43 -10.98 -15.54
N TYR F 168 32.72 -11.51 -16.73
CA TYR F 168 32.15 -10.99 -17.99
C TYR F 168 30.94 -11.86 -18.30
N GLY F 169 29.85 -11.57 -17.60
CA GLY F 169 28.61 -12.31 -17.73
C GLY F 169 27.58 -11.49 -18.48
N SER F 170 26.31 -11.58 -18.07
CA SER F 170 25.29 -10.72 -18.67
C SER F 170 25.60 -9.24 -18.44
N ALA F 171 26.22 -8.91 -17.31
CA ALA F 171 26.89 -7.64 -17.11
C ALA F 171 28.30 -7.94 -16.63
N THR F 172 29.13 -6.90 -16.54
CA THR F 172 30.49 -7.07 -16.04
C THR F 172 30.59 -6.60 -14.60
N MET F 173 31.04 -7.49 -13.72
CA MET F 173 31.17 -7.17 -12.32
C MET F 173 32.57 -7.54 -11.83
N LEU F 174 33.13 -6.64 -11.02
CA LEU F 174 34.40 -6.84 -10.35
C LEU F 174 34.11 -7.09 -8.88
N VAL F 175 34.58 -8.24 -8.38
CA VAL F 175 34.44 -8.61 -6.97
C VAL F 175 35.83 -8.51 -6.34
N LEU F 176 35.98 -7.63 -5.35
CA LEU F 176 37.27 -7.38 -4.70
C LEU F 176 37.20 -7.76 -3.23
N ALA F 177 38.08 -8.65 -2.81
CA ALA F 177 38.22 -9.05 -1.40
C ALA F 177 39.52 -8.48 -0.83
N MET F 178 39.41 -7.82 0.32
CA MET F 178 40.56 -7.30 1.07
C MET F 178 40.34 -7.60 2.54
N ASP F 179 41.20 -7.04 3.40
CA ASP F 179 41.05 -7.21 4.83
C ASP F 179 39.66 -6.79 5.29
N CYS F 180 39.14 -5.69 4.72
CA CYS F 180 37.84 -5.15 5.08
C CYS F 180 36.65 -6.00 4.62
N GLY F 181 36.88 -7.06 3.84
CA GLY F 181 35.81 -7.93 3.36
C GLY F 181 35.73 -7.91 1.84
N VAL F 182 34.59 -8.41 1.34
CA VAL F 182 34.35 -8.59 -0.09
C VAL F 182 33.34 -7.54 -0.52
N ASN F 183 33.65 -6.80 -1.60
CA ASN F 183 32.77 -5.79 -2.17
C ASN F 183 32.58 -6.01 -3.68
N CYS F 184 31.37 -5.75 -4.18
CA CYS F 184 31.02 -6.01 -5.59
C CYS F 184 30.79 -4.72 -6.35
N PHE F 185 31.49 -4.59 -7.47
CA PHE F 185 31.45 -3.40 -8.30
C PHE F 185 30.93 -3.77 -9.68
N MET F 186 29.88 -3.08 -10.12
CA MET F 186 29.30 -3.29 -11.44
C MET F 186 29.87 -2.27 -12.43
N LEU F 187 30.35 -2.75 -13.57
CA LEU F 187 30.81 -1.84 -14.61
C LEU F 187 29.61 -1.18 -15.30
N ASP F 188 29.55 0.17 -15.28
CA ASP F 188 28.63 0.95 -16.08
C ASP F 188 29.33 1.21 -17.41
N PRO F 189 28.98 0.50 -18.48
CA PRO F 189 29.71 0.69 -19.75
C PRO F 189 29.46 2.02 -20.42
N ALA F 190 28.38 2.74 -20.09
CA ALA F 190 28.20 4.06 -20.68
C ALA F 190 29.29 5.03 -20.25
N ILE F 191 29.87 4.85 -19.07
CA ILE F 191 30.87 5.77 -18.56
C ILE F 191 32.16 5.08 -18.19
N GLY F 192 32.24 3.77 -18.33
CA GLY F 192 33.50 3.09 -18.03
C GLY F 192 33.96 3.23 -16.59
N GLU F 193 33.05 3.10 -15.63
CA GLU F 193 33.35 3.18 -14.19
C GLU F 193 32.73 2.00 -13.47
N PHE F 194 33.43 1.47 -12.46
CA PHE F 194 32.92 0.37 -11.65
C PHE F 194 32.15 0.92 -10.46
N ILE F 195 30.84 0.64 -10.41
CA ILE F 195 29.97 1.22 -9.40
C ILE F 195 29.77 0.23 -8.28
N LEU F 196 30.02 0.67 -7.04
CA LEU F 196 29.83 -0.18 -5.86
C LEU F 196 28.35 -0.48 -5.70
N VAL F 197 27.98 -1.76 -5.79
CA VAL F 197 26.58 -2.13 -5.70
C VAL F 197 26.28 -3.09 -4.55
N ASP F 198 27.25 -3.84 -4.06
CA ASP F 198 27.08 -4.73 -2.90
C ASP F 198 28.28 -4.55 -1.99
N LYS F 199 28.03 -4.05 -0.79
CA LYS F 199 29.08 -3.75 0.17
C LYS F 199 29.17 -4.88 1.18
N ASP F 200 30.39 -5.31 1.47
CA ASP F 200 30.68 -6.23 2.56
C ASP F 200 29.82 -7.49 2.48
N VAL F 201 29.91 -8.16 1.33
CA VAL F 201 29.03 -9.27 1.03
C VAL F 201 29.37 -10.46 1.92
N LYS F 202 28.33 -11.18 2.35
CA LYS F 202 28.50 -12.42 3.11
C LYS F 202 27.69 -13.51 2.43
N ILE F 203 28.27 -14.69 2.32
CA ILE F 203 27.62 -15.83 1.71
C ILE F 203 26.61 -16.44 2.70
N LYS F 204 25.53 -16.99 2.14
CA LYS F 204 24.57 -17.75 2.94
C LYS F 204 25.27 -18.85 3.71
N LYS F 205 24.81 -19.07 4.96
CA LYS F 205 25.32 -20.16 5.78
C LYS F 205 25.09 -21.50 5.11
N LYS F 206 23.95 -21.66 4.44
CA LYS F 206 23.60 -22.89 3.77
C LYS F 206 22.80 -22.58 2.51
N GLY F 207 23.12 -23.29 1.42
CA GLY F 207 22.47 -23.08 0.15
C GLY F 207 21.62 -24.25 -0.28
N LYS F 208 21.16 -24.18 -1.53
CA LYS F 208 20.28 -25.19 -2.11
C LYS F 208 20.72 -25.58 -3.52
N ILE F 209 21.96 -25.31 -3.89
CA ILE F 209 22.49 -25.59 -5.23
C ILE F 209 23.86 -26.23 -5.04
N TYR F 210 24.12 -27.32 -5.76
CA TYR F 210 25.45 -27.90 -5.85
C TYR F 210 25.93 -27.77 -7.28
N SER F 211 27.25 -27.71 -7.45
CA SER F 211 27.82 -27.37 -8.75
C SER F 211 29.04 -28.24 -9.01
N LEU F 212 28.92 -29.18 -9.95
CA LEU F 212 30.06 -29.95 -10.43
C LEU F 212 29.68 -30.66 -11.73
N ASN F 213 30.70 -31.09 -12.46
CA ASN F 213 30.52 -31.81 -13.72
C ASN F 213 30.21 -33.26 -13.40
N GLU F 214 28.93 -33.60 -13.37
CA GLU F 214 28.53 -34.96 -13.02
C GLU F 214 28.83 -35.95 -14.14
N GLY F 215 29.27 -35.48 -15.31
CA GLY F 215 29.70 -36.38 -16.38
C GLY F 215 30.91 -37.22 -16.01
N TYR F 216 31.71 -36.77 -15.05
CA TYR F 216 32.85 -37.51 -14.55
C TYR F 216 32.46 -38.47 -13.42
N ALA F 217 31.18 -38.88 -13.38
CA ALA F 217 30.69 -39.74 -12.30
C ALA F 217 31.43 -41.07 -12.25
N LYS F 218 31.81 -41.61 -13.42
CA LYS F 218 32.53 -42.88 -13.43
C LYS F 218 33.85 -42.79 -12.69
N ASP F 219 34.43 -41.59 -12.57
CA ASP F 219 35.73 -41.39 -11.96
C ASP F 219 35.67 -40.84 -10.54
N PHE F 220 34.47 -40.57 -10.04
CA PHE F 220 34.32 -39.92 -8.75
C PHE F 220 34.96 -40.73 -7.63
N ASP F 221 35.58 -40.03 -6.69
CA ASP F 221 35.89 -40.62 -5.41
C ASP F 221 34.58 -41.07 -4.74
N PRO F 222 34.60 -42.17 -3.99
CA PRO F 222 33.37 -42.62 -3.34
C PRO F 222 32.74 -41.57 -2.43
N ALA F 223 33.56 -40.73 -1.78
CA ALA F 223 33.02 -39.67 -0.93
C ALA F 223 32.26 -38.64 -1.76
N VAL F 224 32.79 -38.27 -2.93
CA VAL F 224 32.07 -37.38 -3.82
C VAL F 224 30.77 -38.01 -4.29
N THR F 225 30.82 -39.29 -4.69
CA THR F 225 29.59 -39.98 -5.10
C THR F 225 28.54 -39.91 -4.01
N GLU F 226 28.94 -40.14 -2.76
CA GLU F 226 28.00 -40.13 -1.65
C GLU F 226 27.44 -38.73 -1.38
N TYR F 227 28.31 -37.71 -1.38
CA TYR F 227 27.85 -36.36 -1.09
C TYR F 227 26.82 -35.88 -2.10
N ILE F 228 27.06 -36.12 -3.39
CA ILE F 228 26.11 -35.70 -4.41
C ILE F 228 24.81 -36.48 -4.28
N GLN F 229 24.89 -37.78 -4.02
CA GLN F 229 23.68 -38.56 -3.83
C GLN F 229 22.84 -38.03 -2.68
N ARG F 230 23.49 -37.54 -1.61
CA ARG F 230 22.72 -36.91 -0.54
C ARG F 230 22.04 -35.63 -1.01
N LYS F 231 22.63 -34.91 -1.98
CA LYS F 231 21.97 -33.72 -2.46
C LYS F 231 20.72 -34.08 -3.24
N LYS F 232 20.73 -35.24 -3.92
CA LYS F 232 19.56 -35.66 -4.69
C LYS F 232 18.53 -36.37 -3.82
N PHE F 233 18.97 -37.15 -2.83
CA PHE F 233 18.06 -37.91 -1.95
C PHE F 233 18.43 -37.57 -0.51
N PRO F 234 17.95 -36.44 -0.01
CA PRO F 234 18.41 -35.94 1.31
C PRO F 234 18.09 -36.91 2.44
N PRO F 235 19.03 -37.11 3.37
CA PRO F 235 18.78 -38.03 4.48
C PRO F 235 17.79 -37.51 5.51
N ASP F 236 17.76 -36.20 5.77
CA ASP F 236 16.88 -35.63 6.77
C ASP F 236 15.53 -35.18 6.20
N ASN F 237 15.15 -35.67 5.02
CA ASN F 237 13.88 -35.35 4.36
C ASN F 237 13.78 -33.88 3.98
N SER F 238 14.91 -33.18 3.81
CA SER F 238 14.84 -31.83 3.30
C SER F 238 14.62 -31.86 1.79
N ALA F 239 14.35 -30.70 1.22
CA ALA F 239 14.08 -30.63 -0.21
C ALA F 239 15.37 -30.90 -1.00
N PRO F 240 15.29 -31.61 -2.12
CA PRO F 240 16.50 -31.84 -2.92
C PRO F 240 17.06 -30.53 -3.46
N TYR F 241 18.39 -30.47 -3.52
CA TYR F 241 19.09 -29.33 -4.11
C TYR F 241 18.90 -29.32 -5.62
N GLY F 242 18.99 -28.13 -6.20
CA GLY F 242 19.14 -28.00 -7.63
C GLY F 242 20.58 -28.15 -8.09
N ALA F 243 20.75 -28.45 -9.38
CA ALA F 243 22.06 -28.56 -9.99
C ALA F 243 22.29 -27.42 -10.98
N ARG F 244 23.49 -26.83 -10.95
CA ARG F 244 23.93 -25.86 -11.94
C ARG F 244 25.40 -26.10 -12.20
N TYR F 245 25.78 -26.08 -13.49
CA TYR F 245 27.19 -26.17 -13.81
C TYR F 245 27.42 -25.47 -15.14
N VAL F 246 27.93 -24.24 -15.06
CA VAL F 246 28.20 -23.45 -16.24
C VAL F 246 29.39 -24.00 -17.00
N GLY F 247 30.35 -24.58 -16.29
CA GLY F 247 31.61 -24.97 -16.86
C GLY F 247 32.63 -23.85 -16.91
N SER F 248 32.30 -22.68 -16.37
CA SER F 248 33.21 -21.55 -16.30
C SER F 248 33.39 -21.21 -14.84
N MET F 249 34.62 -21.38 -14.34
CA MET F 249 34.83 -21.37 -12.90
C MET F 249 34.36 -20.07 -12.27
N VAL F 250 34.59 -18.93 -12.93
CA VAL F 250 34.21 -17.64 -12.35
C VAL F 250 32.70 -17.52 -12.22
N ALA F 251 31.96 -17.97 -13.25
CA ALA F 251 30.50 -17.92 -13.19
C ALA F 251 29.96 -18.86 -12.12
N ASP F 252 30.51 -20.07 -12.01
CA ASP F 252 30.01 -21.00 -11.00
C ASP F 252 30.33 -20.51 -9.59
N VAL F 253 31.54 -20.02 -9.37
CA VAL F 253 31.91 -19.53 -8.05
C VAL F 253 31.13 -18.27 -7.69
N HIS F 254 30.92 -17.38 -8.67
CA HIS F 254 30.18 -16.16 -8.35
C HIS F 254 28.75 -16.48 -7.95
N ARG F 255 28.10 -17.37 -8.69
CA ARG F 255 26.75 -17.81 -8.32
C ARG F 255 26.76 -18.43 -6.93
N THR F 256 27.81 -19.20 -6.61
CA THR F 256 27.93 -19.76 -5.27
C THR F 256 27.96 -18.67 -4.21
N LEU F 257 28.71 -17.60 -4.47
CA LEU F 257 28.79 -16.48 -3.53
C LEU F 257 27.45 -15.78 -3.37
N VAL F 258 26.74 -15.54 -4.47
CA VAL F 258 25.52 -14.72 -4.46
C VAL F 258 24.31 -15.48 -3.94
N TYR F 259 24.15 -16.75 -4.33
CA TYR F 259 22.98 -17.54 -3.99
C TYR F 259 23.23 -18.52 -2.86
N GLY F 260 24.48 -18.78 -2.53
CA GLY F 260 24.83 -19.84 -1.61
C GLY F 260 24.87 -21.18 -2.32
N GLY F 261 25.36 -22.18 -1.59
CA GLY F 261 25.55 -23.53 -2.12
C GLY F 261 27.00 -23.95 -2.15
N ILE F 262 27.33 -24.89 -3.02
CA ILE F 262 28.65 -25.50 -3.03
C ILE F 262 29.12 -25.70 -4.47
N PHE F 263 30.41 -25.46 -4.68
CA PHE F 263 31.08 -25.71 -5.96
C PHE F 263 32.18 -26.74 -5.71
N LEU F 264 32.23 -27.75 -6.57
CA LEU F 264 33.19 -28.83 -6.44
C LEU F 264 33.94 -29.06 -7.76
N TYR F 265 35.27 -29.11 -7.68
CA TYR F 265 36.11 -29.72 -8.72
C TYR F 265 37.12 -30.61 -8.01
N PRO F 266 36.71 -31.78 -7.54
CA PRO F 266 37.52 -32.55 -6.61
C PRO F 266 38.51 -33.52 -7.27
N ALA F 267 39.35 -34.12 -6.41
CA ALA F 267 40.31 -35.13 -6.82
C ALA F 267 39.62 -36.48 -7.06
N ASN F 268 40.22 -37.28 -7.93
CA ASN F 268 39.78 -38.65 -8.18
C ASN F 268 41.01 -39.51 -8.49
N LYS F 269 40.77 -40.77 -8.86
CA LYS F 269 41.89 -41.66 -9.15
C LYS F 269 42.66 -41.23 -10.40
N LYS F 270 41.95 -40.67 -11.40
CA LYS F 270 42.62 -40.26 -12.62
C LYS F 270 43.44 -38.97 -12.44
N SER F 271 43.05 -38.11 -11.51
CA SER F 271 43.71 -36.82 -11.30
C SER F 271 43.81 -36.57 -9.81
N PRO F 272 44.81 -37.17 -9.16
CA PRO F 272 44.87 -37.11 -7.69
C PRO F 272 45.13 -35.71 -7.14
N ASN F 273 45.50 -34.73 -7.97
CA ASN F 273 45.67 -33.37 -7.51
C ASN F 273 44.60 -32.42 -8.02
N GLY F 274 43.51 -32.92 -8.57
CA GLY F 274 42.53 -32.00 -9.11
C GLY F 274 42.90 -31.46 -10.46
N LYS F 275 42.12 -30.47 -10.89
CA LYS F 275 42.28 -29.81 -12.17
C LYS F 275 42.56 -28.33 -12.09
N LEU F 276 41.92 -27.62 -11.18
CA LEU F 276 42.09 -26.16 -11.11
C LEU F 276 43.47 -25.82 -10.55
N ARG F 277 43.98 -24.67 -10.96
CA ARG F 277 45.34 -24.26 -10.62
C ARG F 277 45.35 -23.51 -9.30
N LEU F 278 46.33 -23.83 -8.46
CA LEU F 278 46.30 -23.34 -7.09
C LEU F 278 46.47 -21.82 -7.03
N LEU F 279 47.44 -21.30 -7.77
CA LEU F 279 47.93 -19.94 -7.57
C LEU F 279 46.96 -18.89 -8.10
N TYR F 280 46.32 -19.13 -9.24
CA TYR F 280 45.51 -18.11 -9.88
C TYR F 280 44.07 -18.57 -10.15
N GLU F 281 43.67 -19.73 -9.65
CA GLU F 281 42.25 -20.08 -9.67
C GLU F 281 41.74 -20.44 -8.28
N CYS F 282 42.36 -21.41 -7.62
CA CYS F 282 41.86 -21.87 -6.34
C CYS F 282 42.13 -20.86 -5.23
N ASN F 283 43.37 -20.39 -5.10
CA ASN F 283 43.68 -19.49 -3.99
C ASN F 283 42.86 -18.22 -4.01
N PRO F 284 42.78 -17.46 -5.11
CA PRO F 284 41.97 -16.24 -5.08
C PRO F 284 40.49 -16.49 -4.76
N MET F 285 39.90 -17.57 -5.29
CA MET F 285 38.51 -17.86 -4.99
C MET F 285 38.34 -18.28 -3.54
N ALA F 286 39.28 -19.08 -3.03
CA ALA F 286 39.26 -19.44 -1.62
C ALA F 286 39.33 -18.21 -0.75
N TYR F 287 40.15 -17.23 -1.15
CA TYR F 287 40.25 -15.99 -0.39
C TYR F 287 38.94 -15.23 -0.39
N VAL F 288 38.33 -15.07 -1.58
CA VAL F 288 37.02 -14.41 -1.63
C VAL F 288 36.02 -15.16 -0.75
N MET F 289 35.96 -16.48 -0.89
CA MET F 289 35.02 -17.25 -0.09
C MET F 289 35.24 -17.03 1.40
N GLU F 290 36.49 -17.14 1.87
CA GLU F 290 36.72 -17.08 3.31
C GLU F 290 36.44 -15.68 3.87
N LYS F 291 36.84 -14.63 3.14
CA LYS F 291 36.50 -13.27 3.54
C LYS F 291 35.01 -12.99 3.49
N ALA F 292 34.24 -13.73 2.70
CA ALA F 292 32.79 -13.60 2.68
C ALA F 292 32.13 -14.58 3.65
N GLY F 293 32.90 -15.21 4.53
CA GLY F 293 32.37 -16.12 5.52
C GLY F 293 32.11 -17.53 5.04
N GLY F 294 32.57 -17.89 3.85
CA GLY F 294 32.44 -19.24 3.36
C GLY F 294 33.71 -20.02 3.61
N MET F 295 33.78 -21.20 3.00
CA MET F 295 34.90 -22.09 3.19
C MET F 295 35.40 -22.60 1.85
N ALA F 296 36.65 -23.07 1.85
CA ALA F 296 37.27 -23.62 0.65
C ALA F 296 38.32 -24.62 1.08
N THR F 297 38.13 -25.90 0.74
CA THR F 297 39.00 -26.98 1.17
C THR F 297 39.44 -27.79 -0.05
N THR F 298 40.59 -28.44 0.09
CA THR F 298 41.03 -29.46 -0.84
C THR F 298 40.48 -30.82 -0.50
N GLY F 299 39.74 -30.93 0.61
CA GLY F 299 39.34 -32.21 1.15
C GLY F 299 40.17 -32.53 2.36
N LYS F 300 41.49 -32.33 2.24
CA LYS F 300 42.40 -32.58 3.35
C LYS F 300 42.72 -31.33 4.16
N GLU F 301 42.63 -30.14 3.57
CA GLU F 301 43.00 -28.92 4.27
C GLU F 301 42.41 -27.73 3.54
N ALA F 302 42.43 -26.59 4.24
CA ALA F 302 42.03 -25.32 3.66
C ALA F 302 42.91 -25.00 2.46
N VAL F 303 42.29 -24.57 1.35
CA VAL F 303 43.05 -24.22 0.16
C VAL F 303 44.13 -23.20 0.49
N LEU F 304 43.80 -22.22 1.32
CA LEU F 304 44.73 -21.16 1.64
C LEU F 304 45.93 -21.66 2.44
N ASP F 305 45.87 -22.88 2.96
CA ASP F 305 46.97 -23.44 3.74
C ASP F 305 47.93 -24.31 2.92
N VAL F 306 47.59 -24.64 1.67
CA VAL F 306 48.52 -25.35 0.81
C VAL F 306 49.71 -24.45 0.48
N ILE F 307 50.90 -24.96 0.75
CA ILE F 307 52.14 -24.27 0.39
C ILE F 307 52.59 -24.79 -0.97
N PRO F 308 52.62 -23.96 -2.01
CA PRO F 308 52.90 -24.44 -3.36
C PRO F 308 54.38 -24.71 -3.59
N THR F 309 54.64 -25.61 -4.54
CA THR F 309 55.97 -25.90 -5.04
C THR F 309 56.14 -25.60 -6.52
N ASP F 310 55.06 -25.42 -7.26
CA ASP F 310 55.05 -25.10 -8.69
C ASP F 310 53.96 -24.07 -8.94
N ILE F 311 54.29 -23.04 -9.73
CA ILE F 311 53.32 -21.98 -9.98
C ILE F 311 52.11 -22.49 -10.76
N HIS F 312 52.26 -23.62 -11.46
CA HIS F 312 51.17 -24.19 -12.25
C HIS F 312 50.63 -25.49 -11.67
N GLN F 313 50.89 -25.78 -10.41
CA GLN F 313 50.40 -27.01 -9.80
C GLN F 313 48.88 -26.97 -9.64
N ARG F 314 48.28 -28.15 -9.63
CA ARG F 314 46.83 -28.24 -9.50
C ARG F 314 46.45 -28.49 -8.06
N ALA F 315 45.17 -28.21 -7.74
CA ALA F 315 44.64 -28.49 -6.42
C ALA F 315 43.16 -28.79 -6.59
N PRO F 316 42.63 -29.79 -5.88
CA PRO F 316 41.18 -29.96 -5.86
C PRO F 316 40.57 -28.88 -5.02
N VAL F 317 39.32 -28.53 -5.31
CA VAL F 317 38.67 -27.47 -4.57
C VAL F 317 37.21 -27.83 -4.35
N ILE F 318 36.74 -27.65 -3.12
CA ILE F 318 35.34 -27.73 -2.74
C ILE F 318 35.08 -26.46 -1.94
N LEU F 319 34.16 -25.62 -2.40
CA LEU F 319 34.01 -24.33 -1.76
C LEU F 319 32.55 -23.91 -1.77
N GLY F 320 32.24 -22.89 -0.96
CA GLY F 320 30.90 -22.37 -0.87
C GLY F 320 30.44 -22.12 0.56
N SER F 321 29.13 -22.23 0.77
CA SER F 321 28.54 -21.98 2.07
C SER F 321 29.14 -22.90 3.13
N PRO F 322 29.37 -22.39 4.34
CA PRO F 322 30.06 -23.22 5.35
C PRO F 322 29.32 -24.51 5.69
N ASP F 323 28.00 -24.49 5.85
CA ASP F 323 27.28 -25.71 6.18
C ASP F 323 27.42 -26.76 5.08
N ASP F 324 27.43 -26.31 3.82
CA ASP F 324 27.53 -27.26 2.70
C ASP F 324 28.93 -27.85 2.59
N VAL F 325 29.96 -27.01 2.78
CA VAL F 325 31.34 -27.53 2.77
C VAL F 325 31.57 -28.46 3.95
N LEU F 326 31.04 -28.12 5.13
CA LEU F 326 31.20 -28.99 6.29
C LEU F 326 30.53 -30.33 6.05
N GLU F 327 29.34 -30.31 5.46
CA GLU F 327 28.66 -31.57 5.20
C GLU F 327 29.50 -32.43 4.26
N PHE F 328 30.08 -31.82 3.23
CA PHE F 328 30.97 -32.59 2.36
C PHE F 328 32.18 -33.12 3.14
N LEU F 329 32.81 -32.26 3.96
CA LEU F 329 34.01 -32.67 4.69
C LEU F 329 33.72 -33.81 5.66
N LYS F 330 32.56 -33.75 6.32
CA LYS F 330 32.14 -34.87 7.17
C LYS F 330 32.02 -36.16 6.37
N VAL F 331 31.44 -36.09 5.17
CA VAL F 331 31.39 -37.27 4.30
C VAL F 331 32.78 -37.68 3.86
N TYR F 332 33.63 -36.69 3.54
CA TYR F 332 34.99 -36.99 3.09
C TYR F 332 35.82 -37.68 4.17
N GLU F 333 35.75 -37.19 5.41
CA GLU F 333 36.56 -37.75 6.49
C GLU F 333 36.04 -39.09 6.98
N LYS F 334 34.73 -39.33 6.92
CA LYS F 334 34.22 -40.66 7.24
C LYS F 334 34.81 -41.72 6.33
N HIS F 335 35.08 -41.41 5.07
CA HIS F 335 35.73 -42.36 4.18
C HIS F 335 37.24 -42.32 4.40
N SER F 336 37.63 -42.05 5.65
CA SER F 336 39.02 -41.90 6.12
C SER F 336 39.64 -40.60 5.61
N ASP G 10 4.69 7.83 -31.37
CA ASP G 10 5.39 6.60 -31.75
C ASP G 10 6.84 6.89 -32.13
N VAL G 11 7.75 6.15 -31.51
CA VAL G 11 9.15 6.28 -31.85
C VAL G 11 9.34 5.88 -33.31
N ASN G 12 10.31 6.52 -33.95
CA ASN G 12 10.71 6.17 -35.30
C ASN G 12 12.23 6.16 -35.36
N THR G 13 12.74 5.27 -36.20
CA THR G 13 14.16 5.16 -36.46
C THR G 13 14.43 5.38 -37.94
N LEU G 14 15.70 5.61 -38.28
CA LEU G 14 16.05 5.86 -39.67
C LEU G 14 15.63 4.72 -40.58
N THR G 15 15.99 3.49 -40.22
CA THR G 15 15.68 2.36 -41.07
C THR G 15 14.17 2.18 -41.23
N ARG G 16 13.43 2.32 -40.13
CA ARG G 16 11.98 2.17 -40.21
C ARG G 16 11.36 3.30 -41.03
N PHE G 17 11.85 4.53 -40.85
CA PHE G 17 11.32 5.66 -41.62
C PHE G 17 11.50 5.42 -43.11
N VAL G 18 12.69 4.98 -43.51
CA VAL G 18 12.98 4.81 -44.92
C VAL G 18 12.16 3.67 -45.51
N MET G 19 11.98 2.57 -44.76
CA MET G 19 11.13 1.47 -45.23
C MET G 19 9.66 1.90 -45.39
N GLU G 20 9.16 2.72 -44.46
CA GLU G 20 7.77 3.17 -44.57
C GLU G 20 7.57 4.05 -45.80
N GLU G 21 8.46 5.02 -46.02
CA GLU G 21 8.40 5.81 -47.25
C GLU G 21 8.63 4.94 -48.48
N GLY G 22 9.51 3.96 -48.37
CA GLY G 22 9.78 3.08 -49.48
C GLY G 22 8.59 2.22 -49.84
N ARG G 23 7.95 1.62 -48.83
CA ARG G 23 6.76 0.83 -49.09
C ARG G 23 5.61 1.72 -49.57
N LYS G 24 5.47 2.90 -48.98
CA LYS G 24 4.41 3.81 -49.40
C LYS G 24 4.51 4.10 -50.89
N ALA G 25 5.72 4.26 -51.41
CA ALA G 25 5.94 4.55 -52.82
C ALA G 25 6.08 3.29 -53.67
N ARG G 26 6.09 2.11 -53.05
CA ARG G 26 6.17 0.84 -53.77
C ARG G 26 7.37 0.78 -54.71
N GLY G 27 8.50 1.30 -54.25
CA GLY G 27 9.76 1.15 -54.95
C GLY G 27 10.30 -0.25 -54.75
N THR G 28 11.42 -0.54 -55.43
CA THR G 28 11.97 -1.89 -55.36
C THR G 28 12.76 -2.18 -54.08
N GLY G 29 13.20 -1.17 -53.32
CA GLY G 29 14.01 -1.40 -52.13
C GLY G 29 15.50 -1.09 -52.30
N GLU G 30 15.94 -0.82 -53.54
CA GLU G 30 17.34 -0.55 -53.79
C GLU G 30 17.80 0.70 -53.07
N LEU G 31 16.96 1.75 -53.05
CA LEU G 31 17.35 2.97 -52.35
C LEU G 31 17.43 2.72 -50.85
N THR G 32 16.48 1.95 -50.30
CA THR G 32 16.50 1.58 -48.89
C THR G 32 17.74 0.79 -48.53
N GLN G 33 18.13 -0.15 -49.40
CA GLN G 33 19.36 -0.89 -49.14
C GLN G 33 20.57 0.02 -49.15
N LEU G 34 20.61 0.96 -50.10
CA LEU G 34 21.72 1.90 -50.16
C LEU G 34 21.79 2.73 -48.88
N LEU G 35 20.64 3.32 -48.49
CA LEU G 35 20.59 4.19 -47.32
C LEU G 35 20.87 3.42 -46.04
N ASN G 36 20.42 2.17 -45.95
CA ASN G 36 20.73 1.39 -44.76
C ASN G 36 22.24 1.15 -44.66
N SER G 37 22.89 0.89 -45.81
CA SER G 37 24.34 0.70 -45.83
C SER G 37 25.07 1.98 -45.44
N LEU G 38 24.61 3.12 -45.92
CA LEU G 38 25.25 4.38 -45.58
C LEU G 38 25.15 4.65 -44.08
N CYS G 39 23.99 4.39 -43.50
CA CYS G 39 23.78 4.53 -42.07
C CYS G 39 24.75 3.67 -41.28
N THR G 40 25.00 2.45 -41.77
CA THR G 40 25.96 1.58 -41.09
C THR G 40 27.34 2.16 -41.14
N ALA G 41 27.75 2.66 -42.32
CA ALA G 41 29.06 3.30 -42.43
C ALA G 41 29.16 4.53 -41.53
N VAL G 42 28.07 5.31 -41.44
CA VAL G 42 28.07 6.50 -40.62
C VAL G 42 28.25 6.13 -39.14
N LYS G 43 27.65 5.03 -38.69
CA LYS G 43 27.84 4.64 -37.29
C LYS G 43 29.29 4.20 -37.04
N ALA G 44 29.91 3.56 -38.02
CA ALA G 44 31.31 3.18 -37.85
C ALA G 44 32.22 4.40 -37.87
N ILE G 45 31.91 5.38 -38.70
CA ILE G 45 32.73 6.58 -38.72
C ILE G 45 32.62 7.31 -37.38
N SER G 46 31.39 7.46 -36.90
CA SER G 46 31.15 8.11 -35.61
C SER G 46 31.97 7.44 -34.51
N SER G 47 31.99 6.10 -34.49
CA SER G 47 32.74 5.38 -33.48
C SER G 47 34.23 5.67 -33.58
N ALA G 48 34.77 5.75 -34.80
CA ALA G 48 36.18 6.08 -34.98
C ALA G 48 36.47 7.55 -34.67
N VAL G 49 35.58 8.45 -35.08
CA VAL G 49 35.80 9.87 -34.78
C VAL G 49 35.82 10.11 -33.26
N ARG G 50 34.95 9.42 -32.52
CA ARG G 50 34.93 9.53 -31.07
C ARG G 50 36.08 8.80 -30.40
N LYS G 51 36.99 8.20 -31.19
CA LYS G 51 38.23 7.61 -30.71
C LYS G 51 38.01 6.34 -29.89
N ALA G 52 36.92 5.61 -30.15
CA ALA G 52 36.74 4.33 -29.48
C ALA G 52 37.90 3.40 -29.85
N GLY G 53 38.54 2.81 -28.85
CA GLY G 53 39.68 1.94 -29.08
C GLY G 53 41.02 2.64 -29.18
N ILE G 54 41.07 3.96 -28.99
CA ILE G 54 42.33 4.68 -29.08
C ILE G 54 43.37 4.15 -28.10
N ALA G 55 42.93 3.62 -26.96
CA ALA G 55 43.88 3.10 -25.98
C ALA G 55 44.80 2.04 -26.58
N HIS G 56 44.30 1.28 -27.57
CA HIS G 56 45.13 0.28 -28.22
C HIS G 56 46.15 0.93 -29.15
N LEU G 57 45.85 2.09 -29.70
CA LEU G 57 46.87 2.78 -30.47
C LEU G 57 48.01 3.24 -29.59
N TYR G 58 47.72 3.51 -28.31
CA TYR G 58 48.71 4.06 -27.39
C TYR G 58 49.32 2.99 -26.49
N GLY G 59 49.20 1.71 -26.85
CA GLY G 59 49.97 0.70 -26.19
C GLY G 59 49.35 0.11 -24.94
N ILE G 60 48.01 0.10 -24.82
CA ILE G 60 47.42 -0.42 -23.59
C ILE G 60 47.74 -1.89 -23.42
N ALA G 61 47.99 -2.61 -24.50
CA ALA G 61 48.34 -4.03 -24.46
C ALA G 61 49.78 -4.28 -24.88
N GLY G 62 50.63 -3.26 -24.83
CA GLY G 62 51.99 -3.38 -25.33
C GLY G 62 52.03 -3.03 -26.81
N LYS G 73 44.66 6.31 -40.64
CA LYS G 73 44.12 7.68 -40.68
C LYS G 73 42.61 7.68 -40.77
N LEU G 74 41.97 8.69 -40.17
CA LEU G 74 40.51 8.70 -40.09
C LEU G 74 39.88 8.82 -41.46
N ASP G 75 40.37 9.76 -42.28
CA ASP G 75 39.73 9.97 -43.57
C ASP G 75 39.97 8.80 -44.51
N VAL G 76 41.11 8.11 -44.38
CA VAL G 76 41.31 6.90 -45.15
C VAL G 76 40.32 5.84 -44.70
N LEU G 77 40.21 5.65 -43.39
CA LEU G 77 39.27 4.69 -42.84
C LEU G 77 37.83 5.05 -43.15
N SER G 78 37.46 6.33 -43.02
CA SER G 78 36.08 6.73 -43.32
C SER G 78 35.73 6.44 -44.78
N ASN G 79 36.64 6.77 -45.70
CA ASN G 79 36.42 6.48 -47.11
C ASN G 79 36.26 4.98 -47.33
N ASP G 80 37.13 4.18 -46.72
CA ASP G 80 37.06 2.73 -46.84
C ASP G 80 35.76 2.19 -46.26
N LEU G 81 35.27 2.77 -45.16
CA LEU G 81 33.98 2.36 -44.64
C LEU G 81 32.87 2.68 -45.63
N VAL G 82 32.80 3.93 -46.10
CA VAL G 82 31.73 4.30 -47.01
C VAL G 82 31.84 3.53 -48.32
N MET G 83 33.04 3.49 -48.90
CA MET G 83 33.22 2.76 -50.16
C MET G 83 32.75 1.32 -50.02
N ASN G 84 33.17 0.65 -48.95
CA ASN G 84 32.89 -0.77 -48.86
C ASN G 84 31.43 -1.07 -48.63
N MET G 85 30.76 -0.26 -47.80
CA MET G 85 29.35 -0.50 -47.54
C MET G 85 28.50 -0.22 -48.77
N LEU G 86 28.88 0.80 -49.55
CA LEU G 86 28.13 1.12 -50.78
C LEU G 86 28.35 0.07 -51.86
N LYS G 87 29.61 -0.36 -52.07
CA LYS G 87 29.87 -1.42 -53.05
C LYS G 87 29.04 -2.66 -52.76
N SER G 88 29.08 -3.14 -51.51
CA SER G 88 28.42 -4.35 -51.08
C SER G 88 26.92 -4.18 -50.89
N SER G 89 26.39 -2.97 -51.05
CA SER G 89 24.97 -2.77 -50.95
C SER G 89 24.21 -3.25 -52.19
N PHE G 90 24.93 -3.53 -53.28
CA PHE G 90 24.37 -3.90 -54.59
C PHE G 90 23.44 -2.83 -55.15
N ALA G 91 23.55 -1.60 -54.66
CA ALA G 91 22.64 -0.53 -55.06
C ALA G 91 23.32 0.59 -55.83
N THR G 92 24.64 0.53 -56.04
CA THR G 92 25.35 1.64 -56.64
C THR G 92 26.15 1.16 -57.85
N CYS G 93 26.54 2.10 -58.71
CA CYS G 93 27.39 1.70 -59.82
C CYS G 93 28.58 2.64 -59.99
N VAL G 94 28.41 3.90 -59.62
CA VAL G 94 29.46 4.89 -59.74
C VAL G 94 29.57 5.60 -58.39
N LEU G 95 30.77 5.68 -57.84
CA LEU G 95 31.01 6.30 -56.55
C LEU G 95 32.07 7.37 -56.71
N VAL G 96 31.76 8.59 -56.29
CA VAL G 96 32.71 9.69 -56.27
C VAL G 96 32.98 10.05 -54.82
N SER G 97 34.26 10.08 -54.45
CA SER G 97 34.70 10.45 -53.11
C SER G 97 35.74 11.54 -53.16
N GLU G 98 35.65 12.48 -52.21
CA GLU G 98 36.68 13.51 -52.04
C GLU G 98 38.07 12.89 -51.90
N GLU G 99 38.16 11.66 -51.41
CA GLU G 99 39.43 10.99 -51.20
C GLU G 99 40.00 10.32 -52.44
N ASP G 100 39.22 10.22 -53.52
CA ASP G 100 39.64 9.45 -54.69
C ASP G 100 39.76 10.37 -55.89
N LYS G 101 40.89 10.28 -56.58
CA LYS G 101 41.15 11.18 -57.68
C LYS G 101 40.20 10.92 -58.84
N HIS G 102 39.91 9.66 -59.12
CA HIS G 102 38.96 9.28 -60.17
C HIS G 102 37.72 8.68 -59.56
N ALA G 103 36.62 8.74 -60.30
CA ALA G 103 35.42 8.03 -59.87
C ALA G 103 35.74 6.55 -59.79
N ILE G 104 35.09 5.89 -58.83
CA ILE G 104 35.20 4.46 -58.62
C ILE G 104 34.03 3.78 -59.31
N ILE G 105 34.34 2.82 -60.17
CA ILE G 105 33.33 2.06 -60.90
C ILE G 105 33.12 0.74 -60.18
N VAL G 106 31.91 0.50 -59.70
CA VAL G 106 31.60 -0.75 -59.00
C VAL G 106 31.73 -1.93 -59.95
N GLU G 107 32.31 -3.03 -59.46
CA GLU G 107 32.45 -4.23 -60.28
C GLU G 107 31.07 -4.74 -60.71
N PRO G 108 30.99 -5.43 -61.86
CA PRO G 108 29.66 -5.69 -62.46
C PRO G 108 28.67 -6.41 -61.57
N GLU G 109 29.11 -7.44 -60.84
CA GLU G 109 28.18 -8.28 -60.10
C GLU G 109 27.55 -7.60 -58.90
N LYS G 110 28.15 -6.51 -58.42
CA LYS G 110 27.60 -5.73 -57.31
C LYS G 110 26.88 -4.49 -57.79
N ARG G 111 26.74 -4.31 -59.10
CA ARG G 111 26.26 -3.05 -59.65
C ARG G 111 24.75 -2.87 -59.39
N GLY G 112 24.37 -1.65 -59.04
CA GLY G 112 22.98 -1.25 -58.92
C GLY G 112 22.79 0.06 -59.66
N LYS G 113 21.68 0.76 -59.45
CA LYS G 113 21.35 1.85 -60.34
C LYS G 113 21.72 3.24 -59.82
N TYR G 114 22.37 3.35 -58.67
CA TYR G 114 22.57 4.67 -58.10
C TYR G 114 24.02 5.11 -58.22
N VAL G 115 24.17 6.45 -58.32
CA VAL G 115 25.45 7.15 -58.32
C VAL G 115 25.58 7.91 -57.00
N VAL G 116 26.69 7.71 -56.29
CA VAL G 116 26.88 8.30 -54.97
C VAL G 116 28.12 9.16 -54.99
N CYS G 117 27.95 10.45 -54.68
CA CYS G 117 29.04 11.40 -54.50
C CYS G 117 29.11 11.71 -53.01
N PHE G 118 30.28 11.56 -52.41
CA PHE G 118 30.31 11.79 -50.97
C PHE G 118 31.65 12.36 -50.54
N ASP G 119 31.61 13.09 -49.42
CA ASP G 119 32.80 13.47 -48.66
C ASP G 119 32.80 12.65 -47.38
N PRO G 120 33.70 11.67 -47.23
CA PRO G 120 33.59 10.76 -46.08
C PRO G 120 33.90 11.40 -44.73
N LEU G 121 34.80 12.40 -44.67
CA LEU G 121 35.09 13.08 -43.40
C LEU G 121 35.46 14.56 -43.70
N ASP G 122 34.43 15.37 -43.92
CA ASP G 122 34.63 16.78 -44.21
C ASP G 122 34.98 17.56 -42.94
N GLY G 123 35.96 18.45 -43.06
CA GLY G 123 36.50 19.17 -41.94
C GLY G 123 37.67 18.49 -41.28
N SER G 124 38.06 17.31 -41.77
CA SER G 124 39.07 16.50 -41.10
C SER G 124 40.46 17.14 -41.07
N SER G 125 40.73 18.17 -41.88
CA SER G 125 42.05 18.80 -41.78
C SER G 125 42.26 19.41 -40.40
N ASN G 126 41.20 19.95 -39.80
CA ASN G 126 41.27 20.55 -38.47
C ASN G 126 40.79 19.61 -37.37
N ILE G 127 40.70 18.30 -37.63
CA ILE G 127 40.25 17.36 -36.61
C ILE G 127 41.26 17.25 -35.46
N ASP G 128 42.48 17.77 -35.67
CA ASP G 128 43.48 17.85 -34.62
C ASP G 128 43.00 18.67 -33.43
N CYS G 129 42.10 19.63 -33.69
CA CYS G 129 41.53 20.46 -32.64
C CYS G 129 40.15 19.98 -32.21
N LEU G 130 39.76 18.76 -32.61
CA LEU G 130 38.48 18.17 -32.22
C LEU G 130 37.32 19.02 -32.70
N VAL G 131 37.54 19.77 -33.77
CA VAL G 131 36.45 20.46 -34.43
C VAL G 131 35.41 19.44 -34.87
N SER G 132 34.13 19.86 -34.90
CA SER G 132 33.12 19.03 -35.53
C SER G 132 33.54 18.68 -36.95
N VAL G 133 33.31 17.42 -37.31
CA VAL G 133 33.52 16.94 -38.66
C VAL G 133 32.21 16.29 -39.12
N GLY G 134 32.17 15.87 -40.38
CA GLY G 134 30.93 15.32 -40.88
C GLY G 134 31.10 14.51 -42.14
N THR G 135 30.03 13.80 -42.50
CA THR G 135 29.92 13.05 -43.75
C THR G 135 28.84 13.69 -44.60
N ILE G 136 29.16 13.97 -45.87
CA ILE G 136 28.21 14.58 -46.79
C ILE G 136 28.01 13.60 -47.95
N PHE G 137 26.76 13.40 -48.36
CA PHE G 137 26.48 12.51 -49.47
C PHE G 137 25.34 13.07 -50.32
N GLY G 138 25.40 12.76 -51.62
CA GLY G 138 24.34 13.03 -52.58
C GLY G 138 24.15 11.82 -53.49
N ILE G 139 22.89 11.44 -53.72
CA ILE G 139 22.55 10.18 -54.39
C ILE G 139 21.76 10.49 -55.65
N TYR G 140 22.26 10.01 -56.79
CA TYR G 140 21.62 10.15 -58.08
C TYR G 140 21.22 8.79 -58.65
N ARG G 141 20.14 8.76 -59.43
CA ARG G 141 19.90 7.62 -60.33
C ARG G 141 20.80 7.78 -61.55
N LYS G 142 21.53 6.73 -61.90
CA LYS G 142 22.30 6.77 -63.14
C LYS G 142 21.35 7.08 -64.28
N LYS G 143 21.66 8.15 -65.02
CA LYS G 143 20.76 8.72 -66.03
C LYS G 143 21.03 8.15 -67.43
N SER G 144 22.30 8.04 -67.81
CA SER G 144 22.66 7.56 -69.13
C SER G 144 22.55 6.05 -69.20
N THR G 145 22.43 5.53 -70.43
CA THR G 145 22.44 4.08 -70.63
C THR G 145 23.82 3.56 -71.00
N ASP G 146 24.81 4.42 -71.13
CA ASP G 146 26.16 3.96 -71.42
C ASP G 146 26.69 3.09 -70.29
N GLU G 147 27.82 2.48 -70.54
CA GLU G 147 28.49 1.74 -69.48
C GLU G 147 28.84 2.71 -68.35
N PRO G 148 28.75 2.29 -67.09
CA PRO G 148 29.00 3.25 -66.00
C PRO G 148 30.40 3.84 -66.09
N SER G 149 30.48 5.14 -65.86
CA SER G 149 31.75 5.86 -65.91
C SER G 149 31.60 7.14 -65.11
N GLU G 150 32.73 7.85 -64.97
CA GLU G 150 32.79 9.10 -64.23
C GLU G 150 31.71 10.09 -64.68
N LYS G 151 31.37 10.06 -65.98
CA LYS G 151 30.38 10.98 -66.55
C LYS G 151 29.02 10.87 -65.89
N ASP G 152 28.68 9.69 -65.37
CA ASP G 152 27.40 9.48 -64.70
C ASP G 152 27.23 10.33 -63.46
N ALA G 153 28.33 10.78 -62.87
CA ALA G 153 28.33 11.60 -61.68
C ALA G 153 28.22 13.08 -61.98
N LEU G 154 28.32 13.46 -63.26
CA LEU G 154 28.31 14.89 -63.60
C LEU G 154 26.90 15.38 -63.81
N GLN G 155 26.06 15.08 -62.91
CA GLN G 155 24.70 15.53 -63.09
C GLN G 155 24.43 16.75 -62.23
N PRO G 156 23.57 17.64 -62.73
CA PRO G 156 23.21 18.82 -61.94
C PRO G 156 22.46 18.42 -60.68
N GLY G 157 22.61 19.25 -59.64
CA GLY G 157 21.96 19.01 -58.35
C GLY G 157 20.46 18.88 -58.41
N ARG G 158 19.81 19.47 -59.44
CA ARG G 158 18.37 19.28 -59.62
C ARG G 158 17.99 17.81 -59.72
N ASN G 159 18.90 16.96 -60.20
CA ASN G 159 18.61 15.54 -60.40
C ASN G 159 18.70 14.70 -59.13
N LEU G 160 19.09 15.29 -57.99
CA LEU G 160 19.27 14.50 -56.78
C LEU G 160 17.97 13.79 -56.39
N VAL G 161 18.13 12.53 -56.04
CA VAL G 161 17.07 11.68 -55.49
C VAL G 161 17.03 11.74 -53.96
N ALA G 162 18.20 11.82 -53.32
CA ALA G 162 18.28 12.02 -51.88
C ALA G 162 19.66 12.60 -51.59
N ALA G 163 19.75 13.28 -50.45
CA ALA G 163 20.99 13.88 -50.01
C ALA G 163 20.89 14.16 -48.53
N GLY G 164 22.06 14.34 -47.92
CA GLY G 164 22.07 14.73 -46.52
C GLY G 164 23.47 14.62 -45.95
N TYR G 165 23.53 14.68 -44.63
CA TYR G 165 24.81 14.67 -43.97
C TYR G 165 24.68 14.09 -42.60
N ALA G 166 25.78 13.51 -42.13
CA ALA G 166 25.99 13.18 -40.72
C ALA G 166 26.96 14.19 -40.13
N LEU G 167 26.60 14.75 -38.98
CA LEU G 167 27.43 15.67 -38.22
C LEU G 167 27.96 14.95 -36.99
N TYR G 168 29.28 14.79 -36.87
CA TYR G 168 29.89 14.18 -35.67
C TYR G 168 30.32 15.33 -34.77
N GLY G 169 29.34 15.86 -34.05
CA GLY G 169 29.57 16.96 -33.15
C GLY G 169 29.50 16.57 -31.69
N SER G 170 28.88 17.42 -30.88
CA SER G 170 28.67 17.08 -29.47
C SER G 170 27.83 15.83 -29.36
N ALA G 171 26.95 15.62 -30.34
CA ALA G 171 26.30 14.36 -30.61
C ALA G 171 26.42 14.08 -32.11
N THR G 172 26.05 12.87 -32.51
CA THR G 172 26.06 12.51 -33.91
C THR G 172 24.63 12.54 -34.45
N MET G 173 24.42 13.35 -35.49
CA MET G 173 23.11 13.49 -36.09
C MET G 173 23.18 13.24 -37.59
N LEU G 174 22.17 12.55 -38.11
CA LEU G 174 22.02 12.35 -39.54
C LEU G 174 20.84 13.18 -40.02
N VAL G 175 21.08 14.05 -40.98
CA VAL G 175 20.06 14.86 -41.62
C VAL G 175 19.84 14.30 -43.02
N LEU G 176 18.61 13.89 -43.33
CA LEU G 176 18.29 13.23 -44.58
C LEU G 176 17.23 14.05 -45.31
N ALA G 177 17.53 14.45 -46.53
CA ALA G 177 16.58 15.18 -47.38
C ALA G 177 16.17 14.27 -48.54
N MET G 178 14.85 14.19 -48.76
CA MET G 178 14.29 13.49 -49.92
C MET G 178 13.16 14.35 -50.46
N ASP G 179 12.41 13.81 -51.42
CA ASP G 179 11.29 14.54 -51.98
C ASP G 179 10.27 14.88 -50.90
N CYS G 180 10.08 13.98 -49.93
CA CYS G 180 9.13 14.23 -48.84
C CYS G 180 9.58 15.33 -47.86
N GLY G 181 10.80 15.84 -47.97
CA GLY G 181 11.29 16.88 -47.09
C GLY G 181 12.50 16.43 -46.30
N VAL G 182 12.83 17.21 -45.27
CA VAL G 182 14.05 17.05 -44.46
C VAL G 182 13.69 16.50 -43.10
N ASN G 183 14.36 15.42 -42.70
CA ASN G 183 14.15 14.84 -41.38
C ASN G 183 15.50 14.64 -40.67
N CYS G 184 15.51 14.87 -39.37
CA CYS G 184 16.73 14.83 -38.55
C CYS G 184 16.66 13.67 -37.58
N PHE G 185 17.68 12.83 -37.60
CA PHE G 185 17.76 11.62 -36.79
C PHE G 185 18.97 11.73 -35.87
N MET G 186 18.75 11.57 -34.57
CA MET G 186 19.82 11.63 -33.58
C MET G 186 20.34 10.21 -33.32
N LEU G 187 21.65 10.02 -33.46
CA LEU G 187 22.23 8.71 -33.18
C LEU G 187 22.25 8.46 -31.67
N ASP G 188 21.61 7.37 -31.24
CA ASP G 188 21.70 6.89 -29.87
C ASP G 188 22.83 5.86 -29.81
N PRO G 189 24.01 6.23 -29.31
CA PRO G 189 25.14 5.29 -29.32
C PRO G 189 25.03 4.13 -28.35
N ALA G 190 24.16 4.20 -27.32
CA ALA G 190 23.97 3.03 -26.46
C ALA G 190 23.32 1.87 -27.21
N ILE G 191 22.55 2.13 -28.27
CA ILE G 191 21.90 1.06 -29.02
C ILE G 191 22.22 1.11 -30.50
N GLY G 192 23.04 2.05 -30.95
CA GLY G 192 23.37 2.09 -32.36
C GLY G 192 22.18 2.30 -33.26
N GLU G 193 21.28 3.20 -32.88
CA GLU G 193 20.12 3.45 -33.70
C GLU G 193 19.94 4.95 -33.88
N PHE G 194 19.50 5.35 -35.08
CA PHE G 194 19.21 6.75 -35.39
C PHE G 194 17.75 7.05 -35.07
N ILE G 195 17.51 7.94 -34.13
CA ILE G 195 16.18 8.25 -33.62
C ILE G 195 15.66 9.50 -34.31
N LEU G 196 14.46 9.42 -34.88
CA LEU G 196 13.86 10.59 -35.51
C LEU G 196 13.46 11.61 -34.45
N VAL G 197 14.09 12.78 -34.46
CA VAL G 197 13.81 13.81 -33.46
C VAL G 197 13.27 15.10 -34.06
N ASP G 198 13.48 15.38 -35.34
CA ASP G 198 12.90 16.58 -35.96
C ASP G 198 12.30 16.19 -37.30
N LYS G 199 10.97 16.35 -37.45
CA LYS G 199 10.24 15.90 -38.63
C LYS G 199 9.97 17.07 -39.56
N ASP G 200 10.21 16.87 -40.87
CA ASP G 200 9.79 17.82 -41.90
C ASP G 200 10.29 19.23 -41.57
N VAL G 201 11.60 19.33 -41.39
CA VAL G 201 12.22 20.54 -40.88
C VAL G 201 12.14 21.67 -41.90
N LYS G 202 11.90 22.88 -41.41
CA LYS G 202 11.93 24.08 -42.24
C LYS G 202 12.87 25.10 -41.61
N ILE G 203 13.62 25.80 -42.47
CA ILE G 203 14.53 26.84 -42.03
C ILE G 203 13.73 28.12 -41.78
N LYS G 204 14.17 28.92 -40.81
CA LYS G 204 13.55 30.23 -40.61
C LYS G 204 13.61 31.06 -41.88
N LYS G 205 12.56 31.83 -42.11
CA LYS G 205 12.53 32.74 -43.25
C LYS G 205 13.67 33.76 -43.18
N LYS G 206 14.00 34.26 -41.99
CA LYS G 206 15.09 35.21 -41.83
C LYS G 206 15.80 34.96 -40.50
N GLY G 207 17.13 34.96 -40.55
CA GLY G 207 17.94 34.67 -39.39
C GLY G 207 18.70 35.88 -38.88
N LYS G 208 19.61 35.62 -37.92
CA LYS G 208 20.36 36.67 -37.25
C LYS G 208 21.84 36.34 -37.14
N ILE G 209 22.33 35.41 -37.97
CA ILE G 209 23.72 34.98 -37.95
C ILE G 209 24.21 34.91 -39.38
N TYR G 210 25.40 35.45 -39.62
CA TYR G 210 26.10 35.21 -40.86
C TYR G 210 27.38 34.43 -40.58
N SER G 211 27.79 33.64 -41.57
CA SER G 211 28.90 32.69 -41.37
C SER G 211 29.80 32.69 -42.61
N LEU G 212 31.02 33.20 -42.46
CA LEU G 212 32.05 33.08 -43.50
C LEU G 212 33.39 33.44 -42.88
N ASN G 213 34.47 33.07 -43.57
CA ASN G 213 35.83 33.38 -43.14
C ASN G 213 36.17 34.80 -43.57
N GLU G 214 36.08 35.74 -42.63
CA GLU G 214 36.39 37.14 -42.92
C GLU G 214 37.89 37.39 -43.06
N GLY G 215 38.73 36.40 -42.78
CA GLY G 215 40.14 36.58 -43.05
C GLY G 215 40.44 36.84 -44.51
N TYR G 216 39.54 36.44 -45.41
CA TYR G 216 39.69 36.75 -46.82
C TYR G 216 39.03 38.06 -47.20
N ALA G 217 38.81 38.96 -46.23
CA ALA G 217 38.15 40.22 -46.55
C ALA G 217 38.91 41.00 -47.61
N LYS G 218 40.25 40.89 -47.64
CA LYS G 218 41.07 41.57 -48.64
C LYS G 218 40.75 41.10 -50.06
N ASP G 219 40.21 39.90 -50.24
CA ASP G 219 39.92 39.37 -51.57
C ASP G 219 38.46 39.46 -51.97
N PHE G 220 37.56 39.89 -51.07
CA PHE G 220 36.12 39.84 -51.38
C PHE G 220 35.76 40.78 -52.54
N ASP G 221 34.89 40.29 -53.43
CA ASP G 221 34.24 41.14 -54.42
C ASP G 221 33.36 42.20 -53.73
N PRO G 222 33.11 43.33 -54.39
CA PRO G 222 32.35 44.41 -53.72
C PRO G 222 30.98 44.02 -53.20
N ALA G 223 30.27 43.07 -53.81
CA ALA G 223 28.95 42.67 -53.30
C ALA G 223 29.05 42.00 -51.94
N VAL G 224 30.03 41.12 -51.75
CA VAL G 224 30.23 40.50 -50.44
C VAL G 224 30.64 41.55 -49.42
N THR G 225 31.56 42.45 -49.79
CA THR G 225 31.94 43.51 -48.87
C THR G 225 30.74 44.31 -48.43
N GLU G 226 29.87 44.68 -49.37
CA GLU G 226 28.70 45.46 -48.98
C GLU G 226 27.75 44.65 -48.11
N TYR G 227 27.50 43.38 -48.46
CA TYR G 227 26.54 42.60 -47.70
C TYR G 227 26.99 42.45 -46.27
N ILE G 228 28.28 42.16 -46.07
CA ILE G 228 28.78 41.97 -44.71
C ILE G 228 28.67 43.27 -43.93
N GLN G 229 28.99 44.40 -44.58
CA GLN G 229 28.86 45.70 -43.93
C GLN G 229 27.44 45.94 -43.44
N ARG G 230 26.44 45.55 -44.23
CA ARG G 230 25.03 45.72 -43.84
C ARG G 230 24.68 44.85 -42.65
N LYS G 231 25.33 43.70 -42.49
CA LYS G 231 25.02 42.84 -41.35
C LYS G 231 25.58 43.42 -40.06
N LYS G 232 26.74 44.08 -40.13
CA LYS G 232 27.43 44.65 -38.98
C LYS G 232 26.94 46.05 -38.63
N PHE G 233 26.63 46.86 -39.63
CA PHE G 233 26.16 48.23 -39.43
C PHE G 233 24.85 48.36 -40.19
N PRO G 234 23.74 47.86 -39.64
CA PRO G 234 22.48 47.84 -40.40
C PRO G 234 22.00 49.25 -40.69
N PRO G 235 21.53 49.51 -41.93
CA PRO G 235 21.09 50.87 -42.28
C PRO G 235 19.78 51.27 -41.63
N ASP G 236 18.89 50.30 -41.36
CA ASP G 236 17.59 50.56 -40.77
C ASP G 236 17.63 50.58 -39.25
N ASN G 237 18.83 50.64 -38.67
CA ASN G 237 19.00 50.73 -37.22
C ASN G 237 18.41 49.51 -36.50
N SER G 238 18.35 48.39 -37.20
CA SER G 238 18.06 47.11 -36.57
C SER G 238 19.34 46.58 -35.92
N ALA G 239 19.19 45.51 -35.14
CA ALA G 239 20.33 44.96 -34.43
C ALA G 239 21.29 44.29 -35.40
N PRO G 240 22.60 44.38 -35.17
CA PRO G 240 23.55 43.67 -36.04
C PRO G 240 23.38 42.18 -35.91
N TYR G 241 23.66 41.46 -37.00
CA TYR G 241 23.70 40.01 -36.94
C TYR G 241 24.92 39.57 -36.13
N GLY G 242 24.79 38.43 -35.46
CA GLY G 242 25.96 37.80 -34.88
C GLY G 242 26.72 36.99 -35.90
N ALA G 243 27.98 36.73 -35.62
CA ALA G 243 28.85 35.95 -36.48
C ALA G 243 29.22 34.63 -35.83
N ARG G 244 29.23 33.55 -36.63
CA ARG G 244 29.75 32.25 -36.24
C ARG G 244 30.45 31.65 -37.45
N TYR G 245 31.63 31.04 -37.25
CA TYR G 245 32.31 30.33 -38.35
C TYR G 245 33.19 29.24 -37.73
N VAL G 246 32.69 28.02 -37.77
CA VAL G 246 33.43 26.89 -37.21
C VAL G 246 34.60 26.53 -38.12
N GLY G 247 34.46 26.75 -39.43
CA GLY G 247 35.45 26.29 -40.38
C GLY G 247 35.24 24.87 -40.83
N SER G 248 34.12 24.26 -40.44
CA SER G 248 33.72 22.93 -40.87
C SER G 248 32.34 23.03 -41.49
N MET G 249 32.23 22.70 -42.79
CA MET G 249 31.01 23.04 -43.52
C MET G 249 29.77 22.37 -42.93
N VAL G 250 29.87 21.09 -42.54
CA VAL G 250 28.68 20.42 -42.04
C VAL G 250 28.19 21.10 -40.77
N ALA G 251 29.14 21.48 -39.89
CA ALA G 251 28.81 22.17 -38.65
C ALA G 251 28.17 23.51 -38.91
N ASP G 252 28.75 24.29 -39.83
CA ASP G 252 28.22 25.62 -40.15
C ASP G 252 26.86 25.54 -40.82
N VAL G 253 26.71 24.63 -41.79
CA VAL G 253 25.44 24.52 -42.48
C VAL G 253 24.35 24.03 -41.54
N HIS G 254 24.70 23.08 -40.66
CA HIS G 254 23.69 22.56 -39.75
C HIS G 254 23.18 23.64 -38.79
N ARG G 255 24.06 24.50 -38.27
CA ARG G 255 23.59 25.61 -37.45
C ARG G 255 22.68 26.53 -38.25
N THR G 256 23.04 26.81 -39.51
CA THR G 256 22.20 27.64 -40.37
C THR G 256 20.82 27.02 -40.55
N LEU G 257 20.75 25.70 -40.72
CA LEU G 257 19.45 25.04 -40.82
C LEU G 257 18.67 25.19 -39.52
N VAL G 258 19.35 25.02 -38.38
CA VAL G 258 18.66 24.97 -37.09
C VAL G 258 18.28 26.37 -36.59
N TYR G 259 19.18 27.34 -36.74
CA TYR G 259 18.94 28.68 -36.19
C TYR G 259 18.55 29.70 -37.25
N GLY G 260 18.71 29.37 -38.53
CA GLY G 260 18.52 30.35 -39.56
C GLY G 260 19.75 31.23 -39.66
N GLY G 261 19.76 32.06 -40.68
CA GLY G 261 20.88 32.90 -41.02
C GLY G 261 21.43 32.55 -42.38
N ILE G 262 22.70 32.86 -42.61
CA ILE G 262 23.29 32.74 -43.93
C ILE G 262 24.71 32.23 -43.80
N PHE G 263 25.10 31.38 -44.75
CA PHE G 263 26.46 30.87 -44.85
C PHE G 263 27.00 31.27 -46.22
N LEU G 264 28.23 31.81 -46.26
CA LEU G 264 28.87 32.23 -47.49
C LEU G 264 30.25 31.60 -47.54
N TYR G 265 30.59 31.00 -48.68
CA TYR G 265 31.99 30.70 -48.99
C TYR G 265 32.25 31.16 -50.42
N PRO G 266 32.54 32.44 -50.61
CA PRO G 266 32.66 32.99 -51.96
C PRO G 266 34.05 32.71 -52.51
N ALA G 267 34.27 33.08 -53.76
CA ALA G 267 35.59 32.90 -54.35
C ALA G 267 36.56 33.91 -53.77
N ASN G 268 37.85 33.55 -53.76
CA ASN G 268 38.91 34.49 -53.37
C ASN G 268 40.12 34.25 -54.27
N LYS G 269 41.24 34.96 -54.01
CA LYS G 269 42.40 34.84 -54.89
C LYS G 269 43.05 33.47 -54.84
N LYS G 270 43.01 32.80 -53.70
CA LYS G 270 43.47 31.42 -53.64
C LYS G 270 42.49 30.46 -54.31
N SER G 271 41.21 30.85 -54.41
CA SER G 271 40.15 29.97 -54.90
C SER G 271 39.22 30.75 -55.83
N PRO G 272 39.68 31.03 -57.06
CA PRO G 272 38.89 31.91 -57.94
C PRO G 272 37.61 31.29 -58.45
N ASN G 273 37.47 29.96 -58.36
CA ASN G 273 36.27 29.21 -58.69
C ASN G 273 35.54 28.74 -57.45
N GLY G 274 35.85 29.37 -56.32
CA GLY G 274 35.38 29.00 -55.00
C GLY G 274 36.28 27.94 -54.41
N LYS G 275 35.91 27.54 -53.20
CA LYS G 275 36.69 26.56 -52.46
C LYS G 275 35.92 25.28 -52.22
N LEU G 276 34.63 25.36 -51.93
CA LEU G 276 33.86 24.18 -51.64
C LEU G 276 33.59 23.38 -52.93
N ARG G 277 33.50 22.07 -52.80
CA ARG G 277 33.36 21.19 -53.96
C ARG G 277 31.89 21.06 -54.33
N LEU G 278 31.61 21.17 -55.63
CA LEU G 278 30.22 21.19 -56.11
C LEU G 278 29.55 19.83 -55.89
N LEU G 279 30.27 18.73 -56.20
CA LEU G 279 29.61 17.44 -56.33
C LEU G 279 29.23 16.84 -54.98
N TYR G 280 30.08 17.00 -53.98
CA TYR G 280 29.85 16.31 -52.73
C TYR G 280 29.92 17.26 -51.55
N GLU G 281 29.96 18.57 -51.79
CA GLU G 281 29.75 19.51 -50.69
C GLU G 281 28.59 20.45 -51.00
N CYS G 282 28.68 21.22 -52.09
CA CYS G 282 27.67 22.25 -52.36
C CYS G 282 26.33 21.64 -52.77
N ASN G 283 26.34 20.70 -53.71
CA ASN G 283 25.08 20.13 -54.18
C ASN G 283 24.26 19.51 -53.05
N PRO G 284 24.79 18.60 -52.22
CA PRO G 284 23.94 18.04 -51.16
C PRO G 284 23.39 19.06 -50.18
N MET G 285 24.20 20.06 -49.81
CA MET G 285 23.73 21.07 -48.86
C MET G 285 22.68 21.96 -49.48
N ALA G 286 22.87 22.36 -50.75
CA ALA G 286 21.84 23.14 -51.43
C ALA G 286 20.54 22.34 -51.53
N TYR G 287 20.63 21.05 -51.76
CA TYR G 287 19.44 20.21 -51.83
C TYR G 287 18.73 20.18 -50.48
N VAL G 288 19.47 19.99 -49.38
CA VAL G 288 18.87 20.04 -48.05
C VAL G 288 18.21 21.39 -47.83
N MET G 289 18.93 22.47 -48.17
CA MET G 289 18.42 23.83 -47.98
C MET G 289 17.11 24.03 -48.73
N GLU G 290 17.08 23.64 -50.01
CA GLU G 290 15.88 23.89 -50.80
C GLU G 290 14.75 23.02 -50.31
N LYS G 291 15.03 21.77 -49.96
CA LYS G 291 13.98 20.93 -49.39
C LYS G 291 13.50 21.46 -48.06
N ALA G 292 14.33 22.23 -47.35
CA ALA G 292 13.93 22.83 -46.09
C ALA G 292 13.37 24.22 -46.26
N GLY G 293 13.11 24.65 -47.50
CA GLY G 293 12.58 25.97 -47.76
C GLY G 293 13.59 27.09 -47.80
N GLY G 294 14.89 26.77 -47.86
CA GLY G 294 15.92 27.76 -47.98
C GLY G 294 16.39 27.96 -49.41
N MET G 295 17.48 28.70 -49.55
CA MET G 295 18.05 28.99 -50.86
C MET G 295 19.53 28.70 -50.86
N ALA G 296 20.07 28.48 -52.06
CA ALA G 296 21.50 28.24 -52.21
C ALA G 296 21.91 28.69 -53.60
N THR G 297 22.81 29.66 -53.66
CA THR G 297 23.24 30.27 -54.91
C THR G 297 24.76 30.33 -55.03
N THR G 298 25.22 30.40 -56.27
CA THR G 298 26.61 30.76 -56.55
C THR G 298 26.79 32.25 -56.65
N GLY G 299 25.69 33.01 -56.66
CA GLY G 299 25.75 34.40 -57.05
C GLY G 299 25.15 34.60 -58.43
N LYS G 300 25.53 33.77 -59.39
CA LYS G 300 24.97 33.87 -60.75
C LYS G 300 23.79 32.95 -60.97
N GLU G 301 23.71 31.85 -60.22
CA GLU G 301 22.67 30.88 -60.44
C GLU G 301 22.53 30.00 -59.21
N ALA G 302 21.42 29.28 -59.15
CA ALA G 302 21.21 28.30 -58.10
C ALA G 302 22.26 27.23 -58.19
N VAL G 303 22.82 26.86 -57.04
CA VAL G 303 23.81 25.79 -56.98
C VAL G 303 23.27 24.54 -57.68
N LEU G 304 22.01 24.20 -57.44
CA LEU G 304 21.42 22.98 -57.98
C LEU G 304 21.28 23.02 -59.51
N ASP G 305 21.40 24.18 -60.15
CA ASP G 305 21.30 24.28 -61.60
C ASP G 305 22.65 24.28 -62.29
N VAL G 306 23.76 24.38 -61.57
CA VAL G 306 25.07 24.32 -62.23
C VAL G 306 25.24 22.96 -62.87
N ILE G 307 25.61 22.93 -64.14
CA ILE G 307 25.91 21.69 -64.84
C ILE G 307 27.42 21.44 -64.71
N PRO G 308 27.83 20.42 -63.99
CA PRO G 308 29.25 20.17 -63.76
C PRO G 308 29.94 19.53 -64.95
N THR G 309 31.24 19.79 -65.06
CA THR G 309 32.12 19.17 -66.05
C THR G 309 33.25 18.34 -65.46
N ASP G 310 33.57 18.53 -64.18
CA ASP G 310 34.68 17.84 -63.52
C ASP G 310 34.21 17.42 -62.12
N ILE G 311 34.54 16.18 -61.75
CA ILE G 311 33.95 15.63 -60.52
C ILE G 311 34.49 16.30 -59.25
N HIS G 312 35.67 16.92 -59.32
CA HIS G 312 36.22 17.60 -58.15
C HIS G 312 36.17 19.11 -58.31
N GLN G 313 35.34 19.62 -59.22
CA GLN G 313 35.31 21.07 -59.46
C GLN G 313 34.73 21.80 -58.24
N ARG G 314 35.15 23.04 -58.06
CA ARG G 314 34.73 23.87 -56.93
C ARG G 314 33.64 24.84 -57.37
N ALA G 315 32.93 25.41 -56.38
CA ALA G 315 31.90 26.41 -56.65
C ALA G 315 31.81 27.38 -55.47
N PRO G 316 31.59 28.67 -55.71
CA PRO G 316 31.23 29.57 -54.61
C PRO G 316 29.82 29.27 -54.15
N VAL G 317 29.55 29.52 -52.88
CA VAL G 317 28.24 29.16 -52.35
C VAL G 317 27.78 30.20 -51.34
N ILE G 318 26.52 30.58 -51.45
CA ILE G 318 25.80 31.39 -50.48
C ILE G 318 24.48 30.67 -50.22
N LEU G 319 24.23 30.29 -48.97
CA LEU G 319 23.01 29.53 -48.68
C LEU G 319 22.48 29.88 -47.29
N GLY G 320 21.24 29.44 -47.04
CA GLY G 320 20.60 29.69 -45.76
C GLY G 320 19.16 30.16 -45.88
N SER G 321 18.71 30.99 -44.94
CA SER G 321 17.35 31.49 -44.93
C SER G 321 17.05 32.25 -46.21
N PRO G 322 15.85 32.08 -46.77
CA PRO G 322 15.56 32.67 -48.10
C PRO G 322 15.60 34.19 -48.12
N ASP G 323 15.06 34.86 -47.10
CA ASP G 323 15.12 36.31 -47.07
C ASP G 323 16.54 36.85 -46.99
N ASP G 324 17.45 36.14 -46.30
CA ASP G 324 18.83 36.59 -46.21
C ASP G 324 19.56 36.39 -47.54
N VAL G 325 19.33 35.26 -48.20
CA VAL G 325 19.95 35.02 -49.50
C VAL G 325 19.40 36.01 -50.52
N LEU G 326 18.11 36.31 -50.46
CA LEU G 326 17.52 37.28 -51.38
C LEU G 326 18.10 38.67 -51.15
N GLU G 327 18.31 39.06 -49.89
CA GLU G 327 18.95 40.34 -49.64
C GLU G 327 20.35 40.38 -50.24
N PHE G 328 21.12 39.29 -50.10
CA PHE G 328 22.44 39.25 -50.73
C PHE G 328 22.36 39.34 -52.24
N LEU G 329 21.40 38.62 -52.84
CA LEU G 329 21.28 38.62 -54.30
C LEU G 329 20.95 40.02 -54.81
N LYS G 330 20.15 40.79 -54.07
CA LYS G 330 19.90 42.18 -54.44
C LYS G 330 21.20 42.97 -54.50
N VAL G 331 22.06 42.80 -53.49
CA VAL G 331 23.35 43.48 -53.50
C VAL G 331 24.22 42.95 -54.63
N TYR G 332 24.15 41.65 -54.90
CA TYR G 332 24.95 41.09 -56.00
C TYR G 332 24.56 41.73 -57.32
N GLU G 333 23.26 41.90 -57.56
CA GLU G 333 22.77 42.48 -58.80
C GLU G 333 23.01 43.99 -58.84
N LYS G 334 23.03 44.63 -57.67
CA LYS G 334 23.42 46.03 -57.58
C LYS G 334 24.79 46.28 -58.19
N HIS G 335 25.71 45.34 -58.01
CA HIS G 335 27.04 45.42 -58.59
C HIS G 335 27.12 44.76 -59.96
N SER G 336 26.02 44.80 -60.72
CA SER G 336 25.90 44.19 -62.04
C SER G 336 26.04 42.68 -61.93
N ASP H 10 55.45 3.86 -22.84
CA ASP H 10 54.49 3.33 -21.85
C ASP H 10 53.14 4.06 -21.85
N VAL H 11 52.06 3.30 -21.93
CA VAL H 11 50.72 3.88 -21.88
C VAL H 11 50.52 4.55 -20.53
N ASN H 12 49.79 5.66 -20.53
CA ASN H 12 49.48 6.35 -19.29
C ASN H 12 48.03 6.79 -19.34
N THR H 13 47.37 6.80 -18.20
CA THR H 13 46.01 7.27 -18.07
C THR H 13 45.99 8.45 -17.12
N LEU H 14 44.86 9.17 -17.12
CA LEU H 14 44.71 10.35 -16.29
C LEU H 14 44.92 10.01 -14.80
N THR H 15 44.21 8.99 -14.31
CA THR H 15 44.29 8.63 -12.89
C THR H 15 45.68 8.12 -12.51
N ARG H 16 46.28 7.27 -13.37
CA ARG H 16 47.63 6.81 -13.09
C ARG H 16 48.60 7.99 -13.11
N PHE H 17 48.42 8.92 -14.05
CA PHE H 17 49.26 10.11 -14.11
C PHE H 17 49.18 10.92 -12.83
N VAL H 18 47.96 11.18 -12.34
CA VAL H 18 47.82 12.02 -11.17
C VAL H 18 48.41 11.33 -9.94
N MET H 19 48.23 10.02 -9.82
CA MET H 19 48.80 9.28 -8.70
C MET H 19 50.34 9.32 -8.72
N GLU H 20 50.94 9.21 -9.91
CA GLU H 20 52.39 9.29 -10.01
C GLU H 20 52.90 10.69 -9.66
N GLU H 21 52.22 11.73 -10.15
CA GLU H 21 52.57 13.09 -9.72
C GLU H 21 52.33 13.26 -8.23
N GLY H 22 51.25 12.67 -7.72
CA GLY H 22 50.93 12.82 -6.31
C GLY H 22 51.94 12.13 -5.42
N ARG H 23 52.29 10.90 -5.75
CA ARG H 23 53.29 10.21 -4.94
C ARG H 23 54.65 10.90 -5.06
N LYS H 24 55.01 11.39 -6.25
CA LYS H 24 56.27 12.10 -6.41
C LYS H 24 56.35 13.33 -5.51
N ALA H 25 55.23 14.04 -5.34
CA ALA H 25 55.19 15.22 -4.48
C ALA H 25 54.84 14.89 -3.04
N ARG H 26 54.54 13.61 -2.76
CA ARG H 26 54.28 13.12 -1.41
C ARG H 26 53.14 13.88 -0.74
N GLY H 27 52.14 14.25 -1.53
CA GLY H 27 50.93 14.87 -1.01
C GLY H 27 50.05 13.86 -0.32
N THR H 28 48.97 14.36 0.29
CA THR H 28 48.08 13.49 1.06
C THR H 28 47.13 12.68 0.19
N GLY H 29 46.91 13.08 -1.06
CA GLY H 29 45.95 12.40 -1.91
C GLY H 29 44.63 13.12 -2.12
N GLU H 30 44.36 14.23 -1.38
CA GLU H 30 43.06 14.88 -1.53
C GLU H 30 42.88 15.41 -2.96
N LEU H 31 43.95 15.94 -3.58
CA LEU H 31 43.85 16.42 -4.96
C LEU H 31 43.59 15.28 -5.94
N THR H 32 44.26 14.16 -5.75
CA THR H 32 44.02 12.98 -6.58
C THR H 32 42.58 12.50 -6.43
N GLN H 33 42.05 12.48 -5.20
CA GLN H 33 40.65 12.11 -5.02
C GLN H 33 39.72 13.12 -5.69
N LEU H 34 40.05 14.40 -5.61
CA LEU H 34 39.24 15.41 -6.29
C LEU H 34 39.24 15.17 -7.79
N LEU H 35 40.42 15.02 -8.39
CA LEU H 35 40.56 14.89 -9.84
C LEU H 35 39.95 13.58 -10.33
N ASN H 36 40.09 12.51 -9.58
CA ASN H 36 39.47 11.26 -9.99
C ASN H 36 37.96 11.38 -9.99
N SER H 37 37.40 12.05 -8.98
CA SER H 37 35.96 12.29 -8.94
C SER H 37 35.52 13.19 -10.09
N LEU H 38 36.29 14.24 -10.38
CA LEU H 38 35.96 15.14 -11.47
C LEU H 38 35.94 14.43 -12.81
N CYS H 39 36.95 13.57 -13.04
CA CYS H 39 37.03 12.77 -14.25
C CYS H 39 35.79 11.88 -14.42
N THR H 40 35.29 11.31 -13.31
CA THR H 40 34.08 10.49 -13.35
C THR H 40 32.87 11.31 -13.77
N ALA H 41 32.72 12.51 -13.22
CA ALA H 41 31.63 13.40 -13.64
C ALA H 41 31.74 13.75 -15.12
N VAL H 42 32.96 13.98 -15.61
CA VAL H 42 33.19 14.38 -17.01
C VAL H 42 32.78 13.26 -17.97
N LYS H 43 33.08 12.00 -17.61
CA LYS H 43 32.65 10.90 -18.46
C LYS H 43 31.13 10.77 -18.47
N ALA H 44 30.48 11.01 -17.33
CA ALA H 44 29.03 10.93 -17.32
C ALA H 44 28.41 12.06 -18.14
N ILE H 45 29.01 13.25 -18.08
CA ILE H 45 28.54 14.37 -18.91
C ILE H 45 28.71 14.02 -20.39
N SER H 46 29.89 13.48 -20.74
CA SER H 46 30.18 13.09 -22.11
C SER H 46 29.11 12.14 -22.65
N SER H 47 28.76 11.13 -21.84
CA SER H 47 27.74 10.17 -22.27
C SER H 47 26.40 10.85 -22.52
N ALA H 48 26.03 11.80 -21.66
CA ALA H 48 24.76 12.51 -21.84
C ALA H 48 24.81 13.46 -23.03
N VAL H 49 25.95 14.14 -23.23
CA VAL H 49 26.08 15.07 -24.36
C VAL H 49 26.00 14.33 -25.68
N ARG H 50 26.62 13.14 -25.76
CA ARG H 50 26.53 12.29 -26.95
C ARG H 50 25.18 11.64 -27.09
N LYS H 51 24.24 11.93 -26.19
CA LYS H 51 22.85 11.51 -26.32
C LYS H 51 22.66 9.99 -26.15
N ALA H 52 23.54 9.33 -25.39
CA ALA H 52 23.31 7.94 -25.05
C ALA H 52 22.01 7.82 -24.25
N GLY H 53 21.14 6.90 -24.69
CA GLY H 53 19.84 6.72 -24.09
C GLY H 53 18.73 7.63 -24.57
N ILE H 54 19.00 8.50 -25.55
CA ILE H 54 17.96 9.42 -26.03
C ILE H 54 16.75 8.66 -26.56
N ALA H 55 16.94 7.43 -27.05
CA ALA H 55 15.80 6.67 -27.56
C ALA H 55 14.72 6.44 -26.50
N HIS H 56 15.09 6.33 -25.22
CA HIS H 56 14.06 6.16 -24.20
C HIS H 56 13.25 7.43 -24.01
N LEU H 57 13.89 8.58 -24.19
CA LEU H 57 13.15 9.84 -24.13
C LEU H 57 12.15 9.96 -25.27
N TYR H 58 12.42 9.29 -26.40
CA TYR H 58 11.53 9.38 -27.56
C TYR H 58 10.57 8.19 -27.67
N GLY H 59 10.38 7.44 -26.59
CA GLY H 59 9.30 6.49 -26.49
C GLY H 59 9.61 5.09 -26.97
N ILE H 60 10.88 4.67 -26.93
CA ILE H 60 11.25 3.36 -27.46
C ILE H 60 10.60 2.26 -26.64
N ALA H 61 10.28 2.53 -25.38
CA ALA H 61 9.57 1.59 -24.53
C ALA H 61 8.15 2.06 -24.25
N GLY H 62 7.60 2.93 -25.09
CA GLY H 62 6.29 3.49 -24.85
C GLY H 62 6.35 4.75 -24.01
N LYS H 73 17.75 21.11 -19.32
CA LYS H 73 18.10 19.95 -18.51
C LYS H 73 19.55 19.50 -18.60
N LEU H 74 20.12 19.52 -19.81
CA LEU H 74 21.46 18.97 -20.01
C LEU H 74 22.49 19.74 -19.18
N ASP H 75 22.40 21.06 -19.15
CA ASP H 75 23.32 21.82 -18.30
C ASP H 75 23.00 21.62 -16.80
N VAL H 76 21.72 21.39 -16.47
CA VAL H 76 21.34 21.05 -15.09
C VAL H 76 21.90 19.69 -14.69
N LEU H 77 21.77 18.69 -15.57
CA LEU H 77 22.31 17.37 -15.27
C LEU H 77 23.83 17.44 -15.07
N SER H 78 24.51 18.22 -15.91
CA SER H 78 25.96 18.39 -15.82
C SER H 78 26.36 19.00 -14.47
N ASN H 79 25.65 20.05 -14.06
CA ASN H 79 25.89 20.67 -12.77
C ASN H 79 25.67 19.68 -11.63
N ASP H 80 24.59 18.89 -11.71
CA ASP H 80 24.31 17.89 -10.66
C ASP H 80 25.39 16.81 -10.62
N LEU H 81 25.89 16.40 -11.78
CA LEU H 81 26.96 15.41 -11.80
C LEU H 81 28.22 15.96 -11.16
N VAL H 82 28.66 17.15 -11.58
CA VAL H 82 29.90 17.72 -11.05
C VAL H 82 29.76 18.00 -9.56
N MET H 83 28.67 18.68 -9.17
CA MET H 83 28.43 18.98 -7.77
C MET H 83 28.49 17.73 -6.91
N ASN H 84 27.79 16.68 -7.34
CA ASN H 84 27.65 15.50 -6.51
C ASN H 84 28.93 14.71 -6.43
N MET H 85 29.68 14.62 -7.52
CA MET H 85 30.94 13.88 -7.45
C MET H 85 31.98 14.64 -6.60
N LEU H 86 31.99 15.98 -6.66
CA LEU H 86 32.97 16.72 -5.89
C LEU H 86 32.65 16.66 -4.38
N LYS H 87 31.38 16.89 -4.01
CA LYS H 87 30.96 16.77 -2.62
C LYS H 87 31.33 15.40 -2.06
N SER H 88 30.96 14.34 -2.76
CA SER H 88 31.21 13.02 -2.23
C SER H 88 32.68 12.62 -2.33
N SER H 89 33.54 13.48 -2.90
CA SER H 89 34.97 13.19 -2.98
C SER H 89 35.69 13.36 -1.65
N PHE H 90 35.08 14.04 -0.68
CA PHE H 90 35.70 14.38 0.59
C PHE H 90 36.96 15.23 0.42
N ALA H 91 37.10 15.91 -0.72
CA ALA H 91 38.28 16.72 -0.96
C ALA H 91 37.98 18.21 -1.11
N THR H 92 36.71 18.63 -1.03
CA THR H 92 36.34 20.02 -1.31
C THR H 92 35.53 20.61 -0.16
N CYS H 93 35.42 21.95 -0.15
CA CYS H 93 34.59 22.61 0.84
C CYS H 93 33.69 23.72 0.30
N VAL H 94 34.08 24.36 -0.81
CA VAL H 94 33.32 25.43 -1.43
C VAL H 94 33.28 25.18 -2.94
N LEU H 95 32.10 25.25 -3.54
CA LEU H 95 31.89 24.97 -4.97
C LEU H 95 31.17 26.16 -5.60
N VAL H 96 31.76 26.73 -6.64
CA VAL H 96 31.14 27.79 -7.43
C VAL H 96 30.89 27.25 -8.82
N SER H 97 29.65 27.36 -9.29
CA SER H 97 29.23 26.87 -10.59
C SER H 97 28.55 27.99 -11.35
N GLU H 98 28.69 27.96 -12.68
CA GLU H 98 27.95 28.90 -13.50
C GLU H 98 26.44 28.82 -13.23
N GLU H 99 25.94 27.65 -12.81
CA GLU H 99 24.52 27.40 -12.64
C GLU H 99 23.96 27.87 -11.31
N ASP H 100 24.79 28.21 -10.33
CA ASP H 100 24.30 28.55 -9.00
C ASP H 100 24.73 29.96 -8.66
N LYS H 101 23.79 30.79 -8.24
CA LYS H 101 24.12 32.19 -7.92
C LYS H 101 25.04 32.28 -6.71
N HIS H 102 24.89 31.39 -5.74
CA HIS H 102 25.75 31.37 -4.56
C HIS H 102 26.67 30.16 -4.57
N ALA H 103 27.78 30.30 -3.84
CA ALA H 103 28.68 29.19 -3.58
C ALA H 103 27.97 28.11 -2.78
N ILE H 104 28.33 26.87 -3.06
CA ILE H 104 27.80 25.73 -2.34
C ILE H 104 28.83 25.38 -1.27
N ILE H 105 28.38 25.29 -0.03
CA ILE H 105 29.24 24.91 1.08
C ILE H 105 29.02 23.44 1.35
N VAL H 106 30.06 22.64 1.17
CA VAL H 106 29.94 21.23 1.46
C VAL H 106 29.69 21.05 2.95
N GLU H 107 28.72 20.19 3.27
CA GLU H 107 28.38 19.97 4.68
C GLU H 107 29.57 19.38 5.44
N PRO H 108 29.65 19.62 6.76
CA PRO H 108 30.93 19.42 7.47
C PRO H 108 31.55 18.04 7.32
N GLU H 109 30.79 16.94 7.32
CA GLU H 109 31.45 15.64 7.34
C GLU H 109 32.10 15.27 6.01
N LYS H 110 31.74 15.92 4.92
CA LYS H 110 32.36 15.68 3.62
C LYS H 110 33.40 16.72 3.26
N ARG H 111 33.72 17.62 4.19
CA ARG H 111 34.56 18.77 3.87
C ARG H 111 35.99 18.34 3.64
N GLY H 112 36.60 18.91 2.62
CA GLY H 112 38.00 18.74 2.35
C GLY H 112 38.59 20.12 2.13
N LYS H 113 39.80 20.18 1.62
CA LYS H 113 40.59 21.40 1.68
C LYS H 113 40.62 22.23 0.40
N TYR H 114 39.89 21.85 -0.65
CA TYR H 114 39.98 22.54 -1.94
C TYR H 114 38.71 23.30 -2.32
N VAL H 115 38.91 24.41 -3.06
CA VAL H 115 37.82 25.19 -3.63
C VAL H 115 37.83 25.02 -5.15
N VAL H 116 36.67 24.68 -5.73
CA VAL H 116 36.56 24.36 -7.15
C VAL H 116 35.55 25.31 -7.79
N CYS H 117 35.98 26.01 -8.82
CA CYS H 117 35.09 26.83 -9.63
C CYS H 117 34.94 26.17 -10.98
N PHE H 118 33.71 25.97 -11.43
CA PHE H 118 33.52 25.28 -12.69
C PHE H 118 32.33 25.85 -13.42
N ASP H 119 32.38 25.71 -14.75
CA ASP H 119 31.25 25.86 -15.66
C ASP H 119 30.91 24.46 -16.18
N PRO H 120 29.81 23.83 -15.73
CA PRO H 120 29.63 22.40 -16.01
C PRO H 120 29.35 22.09 -17.48
N LEU H 121 28.70 23.02 -18.22
CA LEU H 121 28.46 22.75 -19.63
C LEU H 121 28.52 24.10 -20.36
N ASP H 122 29.74 24.55 -20.63
CA ASP H 122 29.93 25.78 -21.36
C ASP H 122 29.54 25.59 -22.82
N GLY H 123 28.83 26.58 -23.37
CA GLY H 123 28.33 26.55 -24.74
C GLY H 123 26.97 25.91 -24.93
N SER H 124 26.32 25.47 -23.84
CA SER H 124 25.10 24.68 -23.92
C SER H 124 23.91 25.48 -24.40
N SER H 125 23.96 26.82 -24.39
CA SER H 125 22.84 27.60 -24.92
C SER H 125 22.65 27.32 -26.41
N ASN H 126 23.74 27.05 -27.13
CA ASN H 126 23.69 26.72 -28.55
C ASN H 126 23.73 25.20 -28.80
N ILE H 127 23.36 24.42 -27.79
CA ILE H 127 23.42 22.96 -27.88
C ILE H 127 22.47 22.42 -28.94
N ASP H 128 21.46 23.20 -29.34
CA ASP H 128 20.50 22.76 -30.34
C ASP H 128 21.14 22.47 -31.68
N CYS H 129 22.26 23.12 -32.00
CA CYS H 129 22.95 22.89 -33.27
C CYS H 129 24.12 21.94 -33.15
N LEU H 130 24.26 21.26 -32.02
CA LEU H 130 25.30 20.25 -31.80
C LEU H 130 26.71 20.83 -31.89
N VAL H 131 26.83 22.15 -31.65
CA VAL H 131 28.13 22.77 -31.48
C VAL H 131 28.89 22.08 -30.34
N SER H 132 30.23 22.04 -30.46
CA SER H 132 31.06 21.58 -29.36
C SER H 132 30.71 22.33 -28.08
N VAL H 133 30.68 21.58 -26.97
CA VAL H 133 30.48 22.12 -25.64
C VAL H 133 31.61 21.62 -24.74
N GLY H 134 31.64 22.11 -23.50
CA GLY H 134 32.72 21.70 -22.62
C GLY H 134 32.49 22.01 -21.14
N THR H 135 33.32 21.40 -20.33
CA THR H 135 33.35 21.64 -18.89
C THR H 135 34.66 22.31 -18.53
N ILE H 136 34.60 23.38 -17.76
CA ILE H 136 35.76 24.15 -17.35
C ILE H 136 35.86 24.09 -15.84
N PHE H 137 37.06 23.89 -15.32
CA PHE H 137 37.22 23.84 -13.87
C PHE H 137 38.54 24.48 -13.48
N GLY H 138 38.55 25.07 -12.28
CA GLY H 138 39.74 25.59 -11.64
C GLY H 138 39.70 25.29 -10.15
N ILE H 139 40.83 24.85 -9.61
CA ILE H 139 40.91 24.31 -8.25
C ILE H 139 41.86 25.18 -7.43
N TYR H 140 41.36 25.71 -6.32
CA TYR H 140 42.14 26.51 -5.39
C TYR H 140 42.19 25.76 -4.07
N ARG H 141 43.27 25.98 -3.32
CA ARG H 141 43.35 25.51 -1.95
C ARG H 141 42.67 26.53 -1.04
N LYS H 142 41.88 26.06 -0.09
CA LYS H 142 41.29 26.94 0.89
C LYS H 142 42.42 27.54 1.74
N LYS H 143 42.40 28.86 1.88
CA LYS H 143 43.53 29.58 2.44
C LYS H 143 43.48 29.72 3.96
N SER H 144 42.33 30.11 4.51
CA SER H 144 42.21 30.25 5.95
C SER H 144 41.53 29.01 6.55
N THR H 145 41.60 28.93 7.88
CA THR H 145 40.85 27.94 8.63
C THR H 145 39.47 28.46 9.06
N ASP H 146 39.07 29.64 8.60
CA ASP H 146 37.75 30.14 8.95
C ASP H 146 36.65 29.18 8.45
N GLU H 147 35.42 29.47 8.87
CA GLU H 147 34.30 28.71 8.36
C GLU H 147 34.20 28.93 6.85
N PRO H 148 33.98 27.87 6.07
CA PRO H 148 33.91 28.04 4.61
C PRO H 148 32.77 28.96 4.20
N SER H 149 33.04 29.82 3.24
CA SER H 149 32.06 30.77 2.75
C SER H 149 32.46 31.21 1.34
N GLU H 150 31.60 32.01 0.70
CA GLU H 150 31.90 32.49 -0.63
C GLU H 150 33.27 33.16 -0.72
N LYS H 151 33.71 33.84 0.35
CA LYS H 151 34.97 34.58 0.30
C LYS H 151 36.17 33.70 -0.06
N ASP H 152 36.12 32.41 0.26
CA ASP H 152 37.22 31.51 -0.04
C ASP H 152 37.41 31.27 -1.54
N ALA H 153 36.38 31.55 -2.35
CA ALA H 153 36.47 31.41 -3.81
C ALA H 153 36.98 32.65 -4.51
N LEU H 154 37.13 33.77 -3.79
CA LEU H 154 37.57 35.03 -4.38
C LEU H 154 39.09 35.18 -4.37
N GLN H 155 39.78 34.16 -4.92
CA GLN H 155 41.24 34.22 -5.03
C GLN H 155 41.64 34.57 -6.46
N PRO H 156 42.74 35.29 -6.62
CA PRO H 156 43.24 35.54 -7.96
C PRO H 156 43.71 34.23 -8.56
N GLY H 157 43.62 34.15 -9.90
CA GLY H 157 43.98 32.94 -10.62
C GLY H 157 45.40 32.48 -10.38
N ARG H 158 46.31 33.39 -9.99
CA ARG H 158 47.65 33.01 -9.60
C ARG H 158 47.62 31.93 -8.54
N ASN H 159 46.55 31.88 -7.74
CA ASN H 159 46.45 30.94 -6.63
C ASN H 159 46.02 29.54 -7.07
N LEU H 160 45.68 29.35 -8.34
CA LEU H 160 45.17 28.07 -8.80
C LEU H 160 46.19 26.96 -8.55
N VAL H 161 45.69 25.83 -8.07
CA VAL H 161 46.49 24.62 -7.88
C VAL H 161 46.47 23.75 -9.13
N ALA H 162 45.32 23.70 -9.79
CA ALA H 162 45.16 22.99 -11.05
C ALA H 162 43.94 23.58 -11.75
N ALA H 163 43.94 23.48 -13.07
CA ALA H 163 42.80 23.97 -13.85
C ALA H 163 42.82 23.25 -15.17
N GLY H 164 41.68 23.29 -15.84
CA GLY H 164 41.61 22.69 -17.16
C GLY H 164 40.18 22.62 -17.65
N TYR H 165 39.99 21.78 -18.66
CA TYR H 165 38.68 21.70 -19.24
C TYR H 165 38.52 20.37 -19.94
N ALA H 166 37.28 19.94 -20.05
CA ALA H 166 36.90 18.85 -20.94
C ALA H 166 36.19 19.44 -22.15
N LEU H 167 36.60 19.00 -23.33
CA LEU H 167 35.98 19.40 -24.60
C LEU H 167 35.19 18.21 -25.12
N TYR H 168 33.87 18.37 -25.24
CA TYR H 168 33.00 17.36 -25.81
C TYR H 168 32.86 17.69 -27.30
N GLY H 169 33.89 17.34 -28.06
CA GLY H 169 33.93 17.71 -29.46
C GLY H 169 33.71 16.53 -30.39
N SER H 170 34.44 16.48 -31.49
CA SER H 170 34.36 15.31 -32.34
C SER H 170 34.80 14.08 -31.57
N ALA H 171 35.74 14.27 -30.66
CA ALA H 171 36.04 13.33 -29.58
C ALA H 171 36.02 14.12 -28.29
N THR H 172 36.09 13.42 -27.16
CA THR H 172 36.13 14.08 -25.84
C THR H 172 37.55 14.11 -25.32
N MET H 173 38.03 15.30 -25.02
CA MET H 173 39.38 15.46 -24.52
C MET H 173 39.37 16.21 -23.20
N LEU H 174 40.22 15.77 -22.27
CA LEU H 174 40.43 16.45 -20.99
C LEU H 174 41.81 17.08 -21.03
N VAL H 175 41.87 18.38 -20.83
CA VAL H 175 43.13 19.11 -20.77
C VAL H 175 43.37 19.52 -19.32
N LEU H 176 44.49 19.05 -18.74
CA LEU H 176 44.78 19.28 -17.32
C LEU H 176 46.08 20.07 -17.19
N ALA H 177 45.99 21.21 -16.54
CA ALA H 177 47.15 22.06 -16.28
C ALA H 177 47.47 22.00 -14.79
N MET H 178 48.72 21.75 -14.48
CA MET H 178 49.22 21.82 -13.10
C MET H 178 50.57 22.54 -13.17
N ASP H 179 51.26 22.60 -12.02
CA ASP H 179 52.59 23.18 -11.99
C ASP H 179 53.54 22.45 -12.92
N CYS H 180 53.36 21.13 -13.06
CA CYS H 180 54.18 20.35 -13.98
C CYS H 180 53.89 20.66 -15.44
N GLY H 181 52.87 21.48 -15.74
CA GLY H 181 52.56 21.84 -17.10
C GLY H 181 51.19 21.36 -17.56
N VAL H 182 50.97 21.34 -18.86
CA VAL H 182 49.69 21.03 -19.47
C VAL H 182 49.77 19.67 -20.11
N ASN H 183 48.81 18.80 -19.81
CA ASN H 183 48.74 17.48 -20.41
C ASN H 183 47.34 17.23 -20.97
N CYS H 184 47.28 16.54 -22.11
CA CYS H 184 46.02 16.29 -22.82
C CYS H 184 45.66 14.82 -22.83
N PHE H 185 44.43 14.54 -22.42
CA PHE H 185 43.95 13.17 -22.27
C PHE H 185 42.73 12.96 -23.14
N MET H 186 42.76 11.93 -23.97
CA MET H 186 41.64 11.60 -24.84
C MET H 186 40.79 10.51 -24.20
N LEU H 187 39.48 10.78 -24.07
CA LEU H 187 38.58 9.75 -23.54
C LEU H 187 38.36 8.65 -24.56
N ASP H 188 38.77 7.42 -24.23
CA ASP H 188 38.46 6.22 -25.00
C ASP H 188 37.16 5.66 -24.47
N PRO H 189 36.05 5.88 -25.19
CA PRO H 189 34.74 5.47 -24.67
C PRO H 189 34.50 3.97 -24.67
N ALA H 190 35.29 3.18 -25.39
CA ALA H 190 35.11 1.74 -25.30
C ALA H 190 35.48 1.21 -23.92
N ILE H 191 36.40 1.88 -23.22
CA ILE H 191 36.85 1.43 -21.91
C ILE H 191 36.71 2.50 -20.83
N GLY H 192 36.22 3.69 -21.16
CA GLY H 192 36.01 4.71 -20.15
C GLY H 192 37.27 5.16 -19.43
N GLU H 193 38.36 5.34 -20.18
CA GLU H 193 39.63 5.81 -19.62
C GLU H 193 40.12 7.00 -20.42
N PHE H 194 40.71 7.96 -19.72
CA PHE H 194 41.36 9.10 -20.34
C PHE H 194 42.82 8.74 -20.60
N ILE H 195 43.22 8.72 -21.87
CA ILE H 195 44.53 8.27 -22.29
C ILE H 195 45.42 9.48 -22.54
N LEU H 196 46.62 9.48 -21.96
CA LEU H 196 47.58 10.55 -22.19
C LEU H 196 48.04 10.52 -23.64
N VAL H 197 47.72 11.59 -24.40
CA VAL H 197 48.04 11.63 -25.83
C VAL H 197 48.98 12.77 -26.19
N ASP H 198 49.00 13.83 -25.38
CA ASP H 198 49.94 14.92 -25.61
C ASP H 198 50.51 15.39 -24.27
N LYS H 199 51.81 15.23 -24.10
CA LYS H 199 52.50 15.53 -22.86
C LYS H 199 53.12 16.92 -22.91
N ASP H 200 52.96 17.68 -21.83
CA ASP H 200 53.69 18.94 -21.61
C ASP H 200 53.57 19.87 -22.83
N VAL H 201 52.33 20.11 -23.26
CA VAL H 201 52.11 20.80 -24.53
C VAL H 201 52.45 22.28 -24.37
N LYS H 202 53.01 22.86 -25.43
CA LYS H 202 53.35 24.28 -25.46
C LYS H 202 52.66 24.91 -26.66
N ILE H 203 52.16 26.12 -26.48
CA ILE H 203 51.50 26.84 -27.56
C ILE H 203 52.57 27.47 -28.45
N LYS H 204 52.27 27.56 -29.76
CA LYS H 204 53.15 28.26 -30.70
C LYS H 204 53.39 29.69 -30.27
N LYS H 205 54.62 30.15 -30.50
CA LYS H 205 55.00 31.54 -30.20
C LYS H 205 54.10 32.53 -30.92
N LYS H 206 53.68 32.20 -32.15
CA LYS H 206 52.83 33.07 -32.96
C LYS H 206 51.92 32.23 -33.85
N GLY H 207 50.66 32.65 -34.01
CA GLY H 207 49.69 31.91 -34.78
C GLY H 207 49.27 32.59 -36.07
N LYS H 208 48.22 32.03 -36.68
CA LYS H 208 47.69 32.53 -37.94
C LYS H 208 46.17 32.63 -37.95
N ILE H 209 45.54 32.60 -36.77
CA ILE H 209 44.08 32.57 -36.62
C ILE H 209 43.67 33.57 -35.55
N TYR H 210 42.67 34.39 -35.85
CA TYR H 210 42.05 35.22 -34.82
C TYR H 210 40.61 34.78 -34.65
N SER H 211 40.10 34.96 -33.44
CA SER H 211 38.82 34.38 -33.03
C SER H 211 38.09 35.40 -32.17
N LEU H 212 37.00 35.95 -32.69
CA LEU H 212 36.13 36.83 -31.93
C LEU H 212 34.83 36.98 -32.70
N ASN H 213 33.79 37.47 -32.03
CA ASN H 213 32.53 37.66 -32.74
C ASN H 213 32.59 38.98 -33.51
N GLU H 214 32.89 38.92 -34.82
CA GLU H 214 32.96 40.16 -35.58
C GLU H 214 31.59 40.76 -35.88
N GLY H 215 30.50 40.05 -35.57
CA GLY H 215 29.19 40.62 -35.81
C GLY H 215 28.90 41.87 -35.00
N TYR H 216 29.54 42.01 -33.84
CA TYR H 216 29.32 43.20 -33.02
C TYR H 216 30.35 44.29 -33.25
N ALA H 217 30.93 44.34 -34.46
CA ALA H 217 31.97 45.30 -34.79
C ALA H 217 31.54 46.74 -34.55
N LYS H 218 30.24 47.02 -34.69
CA LYS H 218 29.74 48.38 -34.46
C LYS H 218 30.03 48.87 -33.04
N ASP H 219 30.18 47.93 -32.11
CA ASP H 219 30.38 48.21 -30.69
C ASP H 219 31.82 48.04 -30.25
N PHE H 220 32.73 47.69 -31.16
CA PHE H 220 34.11 47.44 -30.78
C PHE H 220 34.76 48.65 -30.12
N ASP H 221 35.58 48.37 -29.12
CA ASP H 221 36.54 49.36 -28.69
C ASP H 221 37.47 49.69 -29.86
N PRO H 222 37.84 50.97 -30.04
CA PRO H 222 38.64 51.33 -31.23
C PRO H 222 39.92 50.53 -31.36
N ALA H 223 40.50 50.10 -30.23
CA ALA H 223 41.70 49.27 -30.29
C ALA H 223 41.41 47.90 -30.91
N VAL H 224 40.29 47.30 -30.55
CA VAL H 224 39.92 46.01 -31.14
C VAL H 224 39.68 46.19 -32.63
N THR H 225 38.97 47.24 -33.02
CA THR H 225 38.75 47.53 -34.43
C THR H 225 40.07 47.63 -35.17
N GLU H 226 41.04 48.35 -34.61
CA GLU H 226 42.30 48.50 -35.31
C GLU H 226 43.08 47.20 -35.38
N TYR H 227 43.14 46.46 -34.27
CA TYR H 227 43.89 45.21 -34.26
C TYR H 227 43.35 44.23 -35.30
N ILE H 228 42.02 44.12 -35.39
CA ILE H 228 41.40 43.18 -36.32
C ILE H 228 41.66 43.60 -37.76
N GLN H 229 41.60 44.92 -38.04
CA GLN H 229 41.93 45.44 -39.35
C GLN H 229 43.33 45.01 -39.78
N ARG H 230 44.28 45.02 -38.86
CA ARG H 230 45.64 44.60 -39.18
C ARG H 230 45.75 43.11 -39.49
N LYS H 231 44.90 42.28 -38.89
CA LYS H 231 44.95 40.85 -39.19
C LYS H 231 44.41 40.57 -40.58
N LYS H 232 43.42 41.35 -41.02
CA LYS H 232 42.82 41.18 -42.34
C LYS H 232 43.61 41.89 -43.43
N PHE H 233 44.15 43.09 -43.12
CA PHE H 233 44.90 43.89 -44.09
C PHE H 233 46.26 44.18 -43.48
N PRO H 234 47.16 43.21 -43.47
CA PRO H 234 48.47 43.41 -42.84
C PRO H 234 49.23 44.51 -43.54
N PRO H 235 49.95 45.35 -42.79
CA PRO H 235 50.70 46.43 -43.44
C PRO H 235 51.88 45.94 -44.28
N ASP H 236 52.51 44.82 -43.92
CA ASP H 236 53.63 44.29 -44.69
C ASP H 236 53.14 43.32 -45.77
N ASN H 237 53.99 42.36 -46.15
CA ASN H 237 53.70 41.36 -47.16
C ASN H 237 53.39 40.00 -46.52
N SER H 238 52.98 40.00 -45.25
CA SER H 238 52.55 38.73 -44.69
C SER H 238 51.11 38.43 -45.08
N ALA H 239 50.76 37.20 -44.97
CA ALA H 239 49.42 36.78 -45.34
C ALA H 239 48.42 37.16 -44.25
N PRO H 240 47.20 37.55 -44.62
CA PRO H 240 46.18 37.83 -43.61
C PRO H 240 45.88 36.60 -42.78
N TYR H 241 45.51 36.83 -41.53
CA TYR H 241 45.07 35.72 -40.69
C TYR H 241 43.72 35.20 -41.18
N GLY H 242 43.51 33.90 -40.99
CA GLY H 242 42.20 33.35 -41.12
C GLY H 242 41.38 33.57 -39.86
N ALA H 243 40.06 33.47 -40.01
CA ALA H 243 39.13 33.65 -38.90
C ALA H 243 38.40 32.35 -38.59
N ARG H 244 38.24 32.07 -37.29
CA ARG H 244 37.41 30.98 -36.78
C ARG H 244 36.74 31.49 -35.51
N TYR H 245 35.43 31.21 -35.38
CA TYR H 245 34.73 31.55 -34.13
C TYR H 245 33.53 30.61 -33.97
N VAL H 246 33.73 29.57 -33.15
CA VAL H 246 32.70 28.57 -32.88
C VAL H 246 31.60 29.15 -32.02
N GLY H 247 31.92 30.13 -31.18
CA GLY H 247 30.93 30.66 -30.27
C GLY H 247 30.79 29.87 -28.99
N SER H 248 31.65 28.88 -28.79
CA SER H 248 31.72 28.07 -27.59
C SER H 248 33.15 28.18 -27.09
N MET H 249 33.33 28.79 -25.91
CA MET H 249 34.68 29.20 -25.50
C MET H 249 35.66 28.02 -25.46
N VAL H 250 35.22 26.86 -24.98
CA VAL H 250 36.14 25.74 -24.83
C VAL H 250 36.69 25.30 -26.17
N ALA H 251 35.84 25.25 -27.21
CA ALA H 251 36.32 24.84 -28.51
C ALA H 251 37.30 25.87 -29.07
N ASP H 252 36.94 27.14 -29.01
CA ASP H 252 37.81 28.18 -29.57
C ASP H 252 39.13 28.26 -28.81
N VAL H 253 39.09 28.15 -27.48
CA VAL H 253 40.33 28.19 -26.71
C VAL H 253 41.18 26.95 -26.96
N HIS H 254 40.55 25.77 -27.06
CA HIS H 254 41.33 24.57 -27.35
C HIS H 254 42.00 24.66 -28.72
N ARG H 255 41.30 25.21 -29.72
CA ARG H 255 41.91 25.38 -31.04
C ARG H 255 43.09 26.33 -30.96
N THR H 256 42.92 27.41 -30.22
CA THR H 256 44.01 28.36 -30.03
C THR H 256 45.22 27.66 -29.41
N LEU H 257 44.97 26.77 -28.46
CA LEU H 257 46.07 26.01 -27.85
C LEU H 257 46.76 25.10 -28.86
N VAL H 258 45.98 24.38 -29.67
CA VAL H 258 46.54 23.39 -30.60
C VAL H 258 47.16 24.07 -31.81
N TYR H 259 46.50 25.10 -32.37
CA TYR H 259 46.95 25.73 -33.60
C TYR H 259 47.67 27.06 -33.39
N GLY H 260 47.61 27.66 -32.20
CA GLY H 260 48.13 28.98 -32.00
C GLY H 260 47.16 30.03 -32.52
N GLY H 261 47.50 31.27 -32.26
CA GLY H 261 46.66 32.36 -32.64
C GLY H 261 46.12 33.07 -31.43
N ILE H 262 44.99 33.74 -31.61
CA ILE H 262 44.48 34.64 -30.59
C ILE H 262 42.96 34.51 -30.49
N PHE H 263 42.47 34.54 -29.26
CA PHE H 263 41.04 34.53 -28.95
C PHE H 263 40.72 35.77 -28.15
N LEU H 264 39.67 36.49 -28.56
CA LEU H 264 39.28 37.74 -27.93
C LEU H 264 37.79 37.70 -27.57
N TYR H 265 37.48 38.00 -26.32
CA TYR H 265 36.12 38.36 -25.92
C TYR H 265 36.31 39.63 -25.12
N PRO H 266 36.48 40.75 -25.83
CA PRO H 266 37.04 41.96 -25.22
C PRO H 266 36.01 42.88 -24.58
N ALA H 267 36.52 43.89 -23.88
CA ALA H 267 35.70 44.93 -23.32
C ALA H 267 35.33 45.97 -24.38
N ASN H 268 34.17 46.60 -24.21
CA ASN H 268 33.77 47.75 -25.00
C ASN H 268 32.97 48.68 -24.10
N LYS H 269 32.44 49.76 -24.69
CA LYS H 269 31.67 50.70 -23.86
C LYS H 269 30.37 50.11 -23.37
N LYS H 270 29.75 49.19 -24.12
CA LYS H 270 28.51 48.57 -23.65
C LYS H 270 28.75 47.62 -22.49
N SER H 271 29.93 47.01 -22.43
CA SER H 271 30.26 46.04 -21.39
C SER H 271 31.71 46.29 -21.00
N PRO H 272 31.96 47.29 -20.16
CA PRO H 272 33.35 47.69 -19.88
C PRO H 272 34.15 46.62 -19.16
N ASN H 273 33.50 45.57 -18.66
CA ASN H 273 34.21 44.46 -18.04
C ASN H 273 34.09 43.16 -18.82
N GLY H 274 33.65 43.20 -20.08
CA GLY H 274 33.51 41.96 -20.81
C GLY H 274 32.23 41.20 -20.51
N LYS H 275 32.18 39.97 -21.03
CA LYS H 275 31.02 39.10 -20.84
C LYS H 275 31.36 37.78 -20.15
N LEU H 276 32.54 37.22 -20.42
CA LEU H 276 32.89 35.93 -19.83
C LEU H 276 33.19 36.07 -18.33
N ARG H 277 32.96 34.98 -17.60
CA ARG H 277 33.04 34.97 -16.14
C ARG H 277 34.46 34.67 -15.69
N LEU H 278 34.96 35.46 -14.72
CA LEU H 278 36.37 35.38 -14.34
C LEU H 278 36.71 34.05 -13.70
N LEU H 279 35.87 33.58 -12.78
CA LEU H 279 36.27 32.48 -11.90
C LEU H 279 36.28 31.14 -12.62
N TYR H 280 35.32 30.92 -13.51
CA TYR H 280 35.18 29.57 -14.05
C TYR H 280 35.19 29.56 -15.56
N GLU H 281 35.56 30.67 -16.20
CA GLU H 281 35.88 30.66 -17.62
C GLU H 281 37.26 31.26 -17.86
N CYS H 282 37.46 32.51 -17.45
CA CYS H 282 38.68 33.21 -17.83
C CYS H 282 39.89 32.65 -17.08
N ASN H 283 39.80 32.55 -15.75
CA ASN H 283 40.96 32.10 -14.99
C ASN H 283 41.46 30.71 -15.38
N PRO H 284 40.64 29.65 -15.41
CA PRO H 284 41.19 28.34 -15.78
C PRO H 284 41.80 28.35 -17.18
N MET H 285 41.17 29.05 -18.13
CA MET H 285 41.77 29.17 -19.45
C MET H 285 43.04 30.02 -19.41
N ALA H 286 43.05 31.09 -18.61
CA ALA H 286 44.28 31.86 -18.48
C ALA H 286 45.39 31.00 -17.89
N TYR H 287 45.05 30.17 -16.91
CA TYR H 287 46.04 29.31 -16.27
C TYR H 287 46.57 28.25 -17.23
N VAL H 288 45.66 27.61 -17.98
CA VAL H 288 46.08 26.68 -19.02
C VAL H 288 46.97 27.38 -20.03
N MET H 289 46.55 28.55 -20.51
CA MET H 289 47.34 29.29 -21.47
C MET H 289 48.73 29.61 -20.92
N GLU H 290 48.81 30.09 -19.67
CA GLU H 290 50.12 30.46 -19.12
C GLU H 290 50.99 29.24 -18.87
N LYS H 291 50.41 28.13 -18.41
CA LYS H 291 51.22 26.92 -18.32
C LYS H 291 51.70 26.39 -19.67
N ALA H 292 51.03 26.75 -20.77
CA ALA H 292 51.46 26.30 -22.08
C ALA H 292 52.39 27.27 -22.79
N GLY H 293 52.85 28.32 -22.10
CA GLY H 293 53.69 29.33 -22.69
C GLY H 293 52.93 30.43 -23.39
N GLY H 294 51.62 30.51 -23.17
CA GLY H 294 50.82 31.56 -23.73
C GLY H 294 50.56 32.70 -22.75
N MET H 295 49.64 33.56 -23.15
CA MET H 295 49.30 34.75 -22.40
C MET H 295 47.79 34.89 -22.36
N ALA H 296 47.32 35.65 -21.38
CA ALA H 296 45.91 35.95 -21.21
C ALA H 296 45.82 37.28 -20.48
N THR H 297 45.26 38.29 -21.14
CA THR H 297 45.17 39.63 -20.59
C THR H 297 43.73 40.12 -20.68
N THR H 298 43.40 41.07 -19.80
CA THR H 298 42.18 41.85 -19.88
C THR H 298 42.34 43.12 -20.72
N GLY H 299 43.56 43.41 -21.16
CA GLY H 299 43.85 44.70 -21.77
C GLY H 299 44.62 45.56 -20.79
N LYS H 300 44.16 45.59 -19.53
CA LYS H 300 44.82 46.35 -18.49
C LYS H 300 45.77 45.52 -17.66
N GLU H 301 45.54 44.22 -17.54
CA GLU H 301 46.36 43.40 -16.67
C GLU H 301 46.18 41.94 -17.05
N ALA H 302 47.10 41.11 -16.57
CA ALA H 302 46.94 39.67 -16.71
C ALA H 302 45.68 39.22 -15.98
N VAL H 303 44.92 38.32 -16.65
CA VAL H 303 43.70 37.76 -16.08
C VAL H 303 43.97 37.14 -14.71
N LEU H 304 45.07 36.41 -14.59
CA LEU H 304 45.38 35.75 -13.34
C LEU H 304 45.69 36.73 -12.20
N ASP H 305 45.93 38.00 -12.48
CA ASP H 305 46.23 38.96 -11.42
C ASP H 305 45.00 39.72 -10.95
N VAL H 306 43.85 39.56 -11.63
CA VAL H 306 42.63 40.21 -11.17
C VAL H 306 42.23 39.65 -9.81
N ILE H 307 42.00 40.53 -8.85
CA ILE H 307 41.49 40.14 -7.54
C ILE H 307 39.97 40.22 -7.61
N PRO H 308 39.26 39.10 -7.56
CA PRO H 308 37.80 39.15 -7.68
C PRO H 308 37.11 39.62 -6.41
N THR H 309 35.96 40.26 -6.61
CA THR H 309 35.11 40.68 -5.51
C THR H 309 33.73 40.05 -5.54
N ASP H 310 33.35 39.43 -6.66
CA ASP H 310 32.10 38.70 -6.81
C ASP H 310 32.38 37.40 -7.56
N ILE H 311 31.76 36.30 -7.10
CA ILE H 311 32.05 35.02 -7.71
C ILE H 311 31.58 34.95 -9.16
N HIS H 312 30.64 35.83 -9.56
CA HIS H 312 30.12 35.86 -10.92
C HIS H 312 30.56 37.09 -11.70
N GLN H 313 31.61 37.77 -11.26
CA GLN H 313 32.03 38.98 -11.96
C GLN H 313 32.62 38.62 -13.32
N ARG H 314 32.50 39.56 -14.24
CA ARG H 314 32.97 39.39 -15.61
C ARG H 314 34.34 40.03 -15.79
N ALA H 315 35.03 39.60 -16.85
CA ALA H 315 36.32 40.11 -17.25
C ALA H 315 36.48 40.02 -18.76
N PRO H 316 37.06 41.02 -19.39
CA PRO H 316 37.47 40.85 -20.79
C PRO H 316 38.64 39.89 -20.82
N VAL H 317 38.76 39.16 -21.92
CA VAL H 317 39.86 38.21 -22.04
C VAL H 317 40.40 38.23 -23.46
N ILE H 318 41.72 38.32 -23.59
CA ILE H 318 42.46 38.17 -24.85
C ILE H 318 43.55 37.15 -24.56
N LEU H 319 43.54 36.02 -25.24
CA LEU H 319 44.50 34.98 -24.89
C LEU H 319 44.99 34.28 -26.14
N GLY H 320 46.08 33.57 -25.95
CA GLY H 320 46.68 32.80 -27.02
C GLY H 320 48.19 32.93 -27.07
N SER H 321 48.69 32.83 -28.29
CA SER H 321 50.11 32.89 -28.56
C SER H 321 50.68 34.20 -28.05
N PRO H 322 51.82 34.17 -27.37
CA PRO H 322 52.34 35.41 -26.75
C PRO H 322 52.63 36.51 -27.74
N ASP H 323 53.21 36.20 -28.92
CA ASP H 323 53.49 37.26 -29.90
C ASP H 323 52.21 37.94 -30.35
N ASP H 324 51.11 37.18 -30.44
CA ASP H 324 49.84 37.77 -30.87
C ASP H 324 49.21 38.57 -29.75
N VAL H 325 49.22 38.05 -28.52
CA VAL H 325 48.65 38.79 -27.41
C VAL H 325 49.45 40.07 -27.15
N LEU H 326 50.78 40.00 -27.27
CA LEU H 326 51.60 41.20 -27.07
C LEU H 326 51.34 42.22 -28.17
N GLU H 327 51.16 41.76 -29.40
CA GLU H 327 50.81 42.68 -30.47
C GLU H 327 49.47 43.34 -30.19
N PHE H 328 48.50 42.59 -29.69
CA PHE H 328 47.23 43.21 -29.32
C PHE H 328 47.44 44.24 -28.21
N LEU H 329 48.30 43.93 -27.23
CA LEU H 329 48.56 44.87 -26.15
C LEU H 329 49.21 46.15 -26.67
N LYS H 330 50.09 46.04 -27.67
CA LYS H 330 50.66 47.23 -28.31
C LYS H 330 49.58 48.12 -28.91
N VAL H 331 48.62 47.54 -29.66
CA VAL H 331 47.54 48.36 -30.21
C VAL H 331 46.64 48.89 -29.10
N TYR H 332 46.37 48.07 -28.09
CA TYR H 332 45.51 48.51 -26.99
C TYR H 332 46.11 49.74 -26.31
N GLU H 333 47.44 49.77 -26.11
CA GLU H 333 48.07 50.94 -25.49
C GLU H 333 48.06 52.14 -26.42
N LYS H 334 48.11 51.92 -27.74
CA LYS H 334 47.97 53.03 -28.68
C LYS H 334 46.72 53.85 -28.40
N HIS H 335 45.62 53.18 -28.07
CA HIS H 335 44.36 53.86 -27.79
C HIS H 335 44.13 54.15 -26.32
N SER H 336 45.18 54.27 -25.53
CA SER H 336 45.01 54.41 -24.09
C SER H 336 45.33 55.80 -23.58
C5 94V I . -20.34 13.43 49.23
C10 94V I . -16.36 15.16 48.02
C2 94V I . -18.27 14.59 49.37
C4 94V I . -20.29 14.33 50.21
C15 94V I . -13.67 13.36 45.71
C14 94V I . -13.23 14.38 46.55
C16 94V I . -12.04 14.19 47.27
C17 94V I . -12.95 12.19 45.60
C18 94V I . -11.33 13.01 47.15
C19 94V I . -11.78 12.02 46.31
N3 94V I . -19.10 15.01 50.29
N7 94V I . -17.03 15.14 49.22
N9 94V I . -15.12 15.75 48.00
O11 94V I . -16.84 14.66 47.00
O12 94V I . -15.09 15.85 45.53
O13 94V I . -13.35 16.98 46.84
S1 94V I . -18.89 13.36 48.32
S8 94V I . -14.20 15.85 46.64
BR6 94V I . -21.77 12.30 48.77
CL20 94V I . -11.43 15.41 48.34
C5 94V J . -37.43 -18.25 2.34
C10 94V J . -33.73 -20.69 1.25
C2 94V J . -36.00 -19.78 1.18
C4 94V J . -38.00 -18.90 1.31
C15 94V J . -30.16 -19.43 1.63
C14 94V J . -30.36 -20.43 0.70
C16 94V J . -29.77 -20.32 -0.56
C17 94V J . -29.38 -18.32 1.30
C18 94V J . -29.00 -19.22 -0.88
C19 94V J . -28.81 -18.23 0.05
N3 94V J . -37.18 -19.78 0.64
N7 94V J . -35.00 -20.60 0.69
N9 94V J . -32.88 -21.56 0.67
O11 94V J . -33.38 -20.03 2.23
O12 94V J . -31.44 -21.82 2.63
O13 94V J . -30.87 -22.99 0.54
S1 94V J . -35.80 -18.72 2.54
S8 94V J . -31.35 -21.82 1.21
BR6 94V J . -38.21 -16.98 3.48
CL20 94V J . -29.99 -21.55 -1.77
C5 94V K . -21.81 16.34 47.58
C10 94V K . -25.05 15.98 50.74
C2 94V K . -23.01 16.71 49.61
C4 94V K . -21.12 16.98 48.53
C15 94V K . -28.59 15.13 49.75
C14 94V K . -28.45 15.84 50.93
C16 94V K . -29.27 16.96 51.16
C17 94V K . -29.53 15.52 48.82
C18 94V K . -30.20 17.35 50.23
C19 94V K . -30.33 16.63 49.06
N3 94V K . -21.80 17.19 49.71
N7 94V K . -23.90 16.77 50.68
N9 94V K . -25.85 16.12 51.83
O11 94V K . -25.38 15.18 49.86
O12 94V K . -26.87 13.93 51.71
O13 94V K . -27.70 15.53 53.41
S1 94V K . -23.39 15.96 48.11
S8 94V K . -27.22 15.27 52.08
BR6 94V K . -21.25 15.87 45.84
CL20 94V K . -29.15 17.87 52.57
C5 94V L . -38.29 -20.96 4.65
C10 94V L . -42.68 -19.94 3.98
C2 94V L . -40.53 -21.09 3.81
C4 94V L . -38.45 -21.75 3.58
C15 94V L . -45.08 -18.77 6.77
C14 94V L . -45.66 -19.31 5.63
C16 94V L . -46.70 -20.24 5.76
C17 94V L . -45.54 -19.16 8.02
C18 94V L . -47.16 -20.61 7.02
C19 94V L . -46.57 -20.07 8.14
N3 94V L . -39.74 -21.83 3.09
N7 94V L . -41.87 -20.97 3.50
N9 94V L . -43.97 -19.94 3.58
O11 94V L . -42.28 -19.06 4.75
O12 94V L . -44.28 -17.57 4.32
O13 94V L . -46.09 -18.75 3.12
S1 94V L . -39.78 -20.24 5.12
S8 94V L . -45.02 -18.77 4.07
BR6 94V L . -36.72 -20.60 5.61
CL20 94V L . -47.47 -20.95 4.35
C5 94V M . 12.93 -4.48 -49.44
C10 94V M . 10.25 -7.91 -48.08
C2 94V M . 11.27 -6.20 -49.54
C4 94V M . 12.15 -4.46 -50.55
C15 94V M . 11.34 -10.69 -45.50
C14 94V M . 10.33 -10.97 -46.40
C16 94V M . 10.35 -12.17 -47.10
C17 94V M . 12.35 -11.60 -45.30
C18 94V M . 11.37 -13.08 -46.89
C19 94V M . 12.37 -12.78 -45.99
N3 94V M . 11.19 -5.44 -50.60
N7 94V M . 10.41 -7.28 -49.34
N9 94V M . 9.34 -8.94 -48.00
O11 94V M . 10.86 -7.57 -47.06
O12 94V M . 9.14 -8.82 -45.52
O13 94V M . 7.82 -10.45 -46.82
S1 94V M . 12.51 -5.77 -48.40
S8 94V M . 9.04 -9.76 -46.60
BR6 94V M . 14.35 -3.34 -48.99
CL20 94V M . 9.11 -12.58 -48.24
C5 94V N . 45.65 7.95 -1.91
C10 94V N . 47.21 3.92 -0.41
C2 94V N . 46.74 6.32 -0.55
C4 94V N . 46.59 8.44 -1.09
C15 94V N . 45.29 0.57 -0.81
C14 94V N . 46.21 0.65 0.22
C16 94V N . 45.87 0.16 1.48
C17 94V N . 44.03 0.03 -0.59
C18 94V N . 44.61 -0.39 1.70
C19 94V N . 43.70 -0.45 0.67
N3 94V N . 47.23 7.51 -0.30
N7 94V N . 47.24 5.21 0.12
N9 94V N . 47.76 2.91 0.37
O11 94V N . 46.73 3.67 -1.50
O12 94V N . 47.92 1.41 -1.57
O13 94V N . 48.80 0.68 0.61
S1 94V N . 45.49 6.25 -1.75
S8 94V N . 47.80 1.36 -0.15
BR6 94V N . 44.58 8.88 -3.14
CL20 94V N . 46.97 0.22 2.79
C5 94V O . 10.36 -2.38 -47.97
C10 94V O . 11.57 0.59 -51.24
C2 94V O . 10.35 -1.18 -50.04
C4 94V O . 9.64 -2.95 -48.95
C15 94V O . 13.06 4.16 -50.52
C14 94V O . 12.38 3.91 -51.71
C16 94V O . 11.42 4.82 -52.15
C17 94V O . 12.77 5.28 -49.77
C18 94V O . 11.13 5.94 -51.39
C19 94V O . 11.81 6.17 -50.21
N3 94V O . 9.64 -2.27 -50.14
N7 94V O . 10.53 -0.33 -51.13
N9 94V O . 11.63 1.35 -52.38
O11 94V O . 12.42 0.73 -50.37
O12 94V O . 14.02 1.94 -52.02
O13 94V O . 12.81 2.77 -54.00
S1 94V O . 11.10 -0.92 -48.49
S8 94V O . 12.82 2.45 -52.61
BR6 94V O . 10.61 -2.99 -46.21
CL20 94V O . 10.56 4.58 -53.61
C5 94V P . 48.71 7.96 -4.11
C10 94V P . 48.71 12.49 -3.65
C2 94V P . 49.28 10.13 -3.32
C4 94V P . 49.30 7.97 -2.90
C15 94V P . 48.37 14.99 -6.61
C14 94V P . 48.95 15.48 -5.45
C16 94V P . 50.11 16.26 -5.54
C17 94V P . 48.92 15.29 -7.83
C18 94V P . 50.65 16.56 -6.77
C19 94V P . 50.06 16.07 -7.92
N3 94V P . 49.63 9.22 -2.44
N7 94V P . 49.50 11.48 -3.07
N9 94V P . 49.01 13.78 -3.31
O11 94V P . 47.77 12.26 -4.41
O12 94V P . 46.85 14.62 -4.21
O13 94V P . 48.36 16.11 -2.97
S1 94V P . 48.53 9.53 -4.75
S8 94V P . 48.18 15.05 -3.91
BR6 94V P . 48.10 6.47 -5.08
CL20 94V P . 50.90 16.90 -4.12
#